data_4LNO
#
_entry.id   4LNO
#
_cell.length_a   209.860
_cell.length_b   138.940
_cell.length_c   144.730
_cell.angle_alpha   90.00
_cell.angle_beta   125.17
_cell.angle_gamma   90.00
#
_symmetry.space_group_name_H-M   'C 1 2 1'
#
loop_
_entity.id
_entity.type
_entity.pdbx_description
1 polymer 'Glutamine synthetase'
2 non-polymer 'MAGNESIUM ION'
3 non-polymer GLUTAMINE
4 water water
#
_entity_poly.entity_id   1
_entity_poly.type   'polypeptide(L)'
_entity_poly.pdbx_seq_one_letter_code
;AKYTREDIEKLVKEENVKYIRLQFTDILGTIKNVEIPVSQLGKALDNKVMFDGSSIEGFVRIEESDMYLYPDLNTFVIFP
WTAEKGKVARFICDIYNPDGTPFEGDPRNNLKRILKEMEDLGFSDFNLGPEPEFFLFKLDEKGEPTLELNDKGGYFDLAP
TDLGENCRRDIVLELEEMGFEIEASHHEVAPGQHEIDFKYAGAVRSCDDIQTFKLVVKTIARKHGLHATFMPKPLFGVNG
SGMHCNLSLFKNGVNAFFDENADLQLSETAKHFIAGIVKHATSFTAVTNPTVNSYKRLVPGYEAPCYVAWSAQNRSPLIR
IPASRGISTRVEVRSVDPAANPYLALSVLLAAGLDGIKNKLEAPAPIDRNIYVMSKEERMENGIVDLPATLAEALEEFKS
NEVMVKALGEHLFEHFIEAKEIEWDMFRTQVHPWEREQYMSQY
;
_entity_poly.pdbx_strand_id   A,B,C,D,E,F
#
# COMPACT_ATOMS: atom_id res chain seq x y z
N ALA A 1 29.91 -21.68 -38.18
CA ALA A 1 28.57 -21.46 -37.57
C ALA A 1 28.70 -20.85 -36.18
N LYS A 2 27.70 -21.09 -35.34
CA LYS A 2 27.67 -20.59 -33.97
C LYS A 2 26.80 -21.48 -33.09
N TYR A 3 25.93 -22.25 -33.72
CA TYR A 3 25.02 -23.15 -33.02
C TYR A 3 24.56 -24.29 -33.91
N THR A 4 24.61 -25.51 -33.40
CA THR A 4 24.15 -26.67 -34.16
C THR A 4 22.82 -27.06 -33.51
N ARG A 5 21.97 -27.76 -34.26
CA ARG A 5 20.69 -28.15 -33.71
C ARG A 5 20.83 -28.90 -32.39
N GLU A 6 21.96 -29.59 -32.23
CA GLU A 6 22.22 -30.33 -31.02
C GLU A 6 22.49 -29.35 -29.87
N ASP A 7 23.20 -28.28 -30.17
CA ASP A 7 23.49 -27.28 -29.13
C ASP A 7 22.21 -26.56 -28.73
N ILE A 8 21.40 -26.19 -29.72
CA ILE A 8 20.14 -25.49 -29.50
C ILE A 8 19.24 -26.31 -28.61
N GLU A 9 19.07 -27.57 -28.97
CA GLU A 9 18.24 -28.47 -28.20
C GLU A 9 18.73 -28.61 -26.76
N LYS A 10 20.04 -28.73 -26.57
CA LYS A 10 20.59 -28.87 -25.24
C LYS A 10 20.41 -27.57 -24.44
N LEU A 11 20.46 -26.44 -25.16
CA LEU A 11 20.28 -25.13 -24.53
C LEU A 11 18.84 -24.87 -24.09
N VAL A 12 17.89 -25.31 -24.91
CA VAL A 12 16.47 -25.12 -24.60
C VAL A 12 16.06 -26.00 -23.42
N LYS A 13 16.62 -27.21 -23.35
CA LYS A 13 16.29 -28.14 -22.29
C LYS A 13 17.01 -27.78 -20.99
N GLU A 14 18.32 -27.59 -21.08
CA GLU A 14 19.14 -27.24 -19.93
C GLU A 14 18.67 -25.99 -19.22
N GLU A 15 18.31 -24.97 -20.01
CA GLU A 15 17.86 -23.71 -19.43
C GLU A 15 16.35 -23.60 -19.25
N ASN A 16 15.69 -24.76 -19.19
CA ASN A 16 14.24 -24.88 -19.01
C ASN A 16 13.43 -23.83 -19.77
N VAL A 17 13.54 -23.86 -21.09
CA VAL A 17 12.81 -22.94 -21.94
C VAL A 17 11.44 -23.54 -22.22
N LYS A 18 10.40 -22.72 -22.10
CA LYS A 18 9.04 -23.19 -22.34
C LYS A 18 8.34 -22.41 -23.45
N TYR A 19 8.95 -21.31 -23.87
CA TYR A 19 8.32 -20.48 -24.88
C TYR A 19 9.28 -20.03 -25.96
N ILE A 20 8.91 -20.22 -27.22
CA ILE A 20 9.78 -19.84 -28.32
C ILE A 20 9.14 -18.83 -29.27
N ARG A 21 9.84 -17.72 -29.52
CA ARG A 21 9.37 -16.68 -30.45
C ARG A 21 10.14 -16.72 -31.77
N LEU A 22 9.44 -16.98 -32.85
CA LEU A 22 10.08 -17.02 -34.15
C LEU A 22 9.88 -15.62 -34.71
N GLN A 23 10.88 -14.77 -34.59
CA GLN A 23 10.68 -13.42 -35.08
C GLN A 23 11.17 -13.18 -36.49
N PHE A 24 10.75 -12.04 -37.02
CA PHE A 24 11.07 -11.60 -38.35
C PHE A 24 10.62 -10.15 -38.51
N THR A 25 10.89 -9.55 -39.66
CA THR A 25 10.56 -8.14 -39.90
C THR A 25 9.68 -7.95 -41.11
N ASP A 26 8.72 -7.03 -41.00
CA ASP A 26 7.82 -6.75 -42.11
C ASP A 26 8.45 -5.62 -42.93
N ILE A 27 7.76 -5.20 -44.00
CA ILE A 27 8.28 -4.14 -44.86
C ILE A 27 8.43 -2.82 -44.12
N LEU A 28 7.55 -2.57 -43.18
CA LEU A 28 7.62 -1.34 -42.40
C LEU A 28 8.65 -1.38 -41.31
N GLY A 29 9.43 -2.46 -41.23
CA GLY A 29 10.45 -2.57 -40.20
C GLY A 29 9.91 -3.01 -38.85
N THR A 30 8.59 -3.18 -38.77
CA THR A 30 7.94 -3.59 -37.54
C THR A 30 8.34 -5.03 -37.20
N ILE A 31 8.71 -5.25 -35.95
CA ILE A 31 9.12 -6.57 -35.47
C ILE A 31 7.90 -7.45 -35.35
N LYS A 32 7.95 -8.60 -36.01
CA LYS A 32 6.84 -9.57 -36.01
C LYS A 32 7.29 -10.87 -35.31
N ASN A 33 6.36 -11.80 -35.10
CA ASN A 33 6.71 -13.12 -34.55
C ASN A 33 5.51 -14.05 -34.42
N VAL A 34 5.80 -15.33 -34.39
CA VAL A 34 4.78 -16.35 -34.21
C VAL A 34 5.33 -17.22 -33.09
N GLU A 35 4.67 -17.14 -31.93
CA GLU A 35 5.07 -17.90 -30.76
C GLU A 35 4.52 -19.30 -30.70
N ILE A 36 5.40 -20.22 -30.34
CA ILE A 36 5.06 -21.63 -30.22
C ILE A 36 5.57 -22.16 -28.89
N PRO A 37 4.91 -23.17 -28.31
CA PRO A 37 5.33 -23.76 -27.03
C PRO A 37 6.61 -24.54 -27.26
N VAL A 38 7.43 -24.67 -26.22
CA VAL A 38 8.70 -25.40 -26.37
C VAL A 38 8.46 -26.80 -26.93
N SER A 39 7.26 -27.32 -26.73
CA SER A 39 6.91 -28.63 -27.24
C SER A 39 6.76 -28.62 -28.77
N GLN A 40 7.12 -27.51 -29.40
CA GLN A 40 7.01 -27.41 -30.87
C GLN A 40 8.38 -27.08 -31.45
N LEU A 41 9.39 -27.10 -30.59
CA LEU A 41 10.74 -26.80 -31.01
C LEU A 41 11.14 -27.62 -32.22
N GLY A 42 10.86 -28.92 -32.15
CA GLY A 42 11.20 -29.80 -33.25
C GLY A 42 10.68 -29.27 -34.57
N LYS A 43 9.36 -29.16 -34.67
CA LYS A 43 8.73 -28.69 -35.89
C LYS A 43 9.32 -27.37 -36.38
N ALA A 44 9.74 -26.51 -35.43
CA ALA A 44 10.34 -25.23 -35.79
C ALA A 44 11.67 -25.45 -36.49
N LEU A 45 12.59 -26.14 -35.82
CA LEU A 45 13.92 -26.43 -36.35
C LEU A 45 13.81 -27.21 -37.66
N ASP A 46 12.73 -27.97 -37.81
CA ASP A 46 12.51 -28.72 -39.03
C ASP A 46 11.96 -27.82 -40.14
N ASN A 47 11.81 -26.53 -39.87
CA ASN A 47 11.30 -25.61 -40.88
C ASN A 47 9.92 -26.04 -41.37
N LYS A 48 9.04 -26.45 -40.45
CA LYS A 48 7.71 -26.86 -40.84
C LYS A 48 6.63 -25.90 -40.37
N VAL A 49 6.99 -24.98 -39.48
CA VAL A 49 6.02 -24.01 -38.97
C VAL A 49 5.54 -23.03 -40.04
N MET A 50 4.22 -22.89 -40.15
CA MET A 50 3.64 -21.98 -41.13
C MET A 50 2.89 -20.77 -40.55
N PHE A 51 2.71 -19.74 -41.37
CA PHE A 51 2.02 -18.54 -40.94
C PHE A 51 1.62 -17.76 -42.19
N ASP A 52 0.77 -16.75 -42.01
CA ASP A 52 0.28 -15.94 -43.12
C ASP A 52 1.33 -14.92 -43.52
N GLY A 53 2.05 -15.27 -44.58
CA GLY A 53 3.10 -14.42 -45.08
C GLY A 53 2.62 -13.05 -45.50
N SER A 54 1.31 -12.85 -45.65
CA SER A 54 0.86 -11.54 -46.08
C SER A 54 1.26 -10.50 -45.03
N SER A 55 1.50 -10.95 -43.81
CA SER A 55 1.87 -10.07 -42.71
C SER A 55 3.16 -9.29 -42.96
N ILE A 56 4.03 -9.84 -43.80
CA ILE A 56 5.28 -9.18 -44.14
C ILE A 56 5.03 -7.84 -44.82
N GLU A 57 3.97 -7.74 -45.61
CA GLU A 57 3.69 -6.50 -46.33
C GLU A 57 2.93 -5.47 -45.50
N GLY A 58 2.85 -5.72 -44.19
CA GLY A 58 2.16 -4.79 -43.30
C GLY A 58 0.68 -4.61 -43.57
N PHE A 59 0.20 -3.40 -43.31
CA PHE A 59 -1.20 -3.05 -43.47
C PHE A 59 -1.67 -2.95 -44.91
N VAL A 60 -0.79 -3.21 -45.87
CA VAL A 60 -1.25 -3.14 -47.24
C VAL A 60 -1.60 -4.53 -47.74
N ARG A 61 -1.46 -5.53 -46.86
CA ARG A 61 -1.78 -6.91 -47.22
C ARG A 61 -3.20 -7.03 -47.77
N ILE A 62 -3.41 -7.97 -48.69
CA ILE A 62 -4.73 -8.13 -49.30
C ILE A 62 -5.27 -9.54 -49.10
N GLU A 63 -4.48 -10.54 -49.48
CA GLU A 63 -4.92 -11.92 -49.37
C GLU A 63 -4.00 -12.76 -48.52
N GLU A 64 -4.59 -13.61 -47.67
CA GLU A 64 -3.82 -14.50 -46.82
C GLU A 64 -3.03 -15.51 -47.66
N SER A 65 -1.72 -15.63 -47.43
CA SER A 65 -0.88 -16.55 -48.17
C SER A 65 0.03 -17.37 -47.25
N ASP A 66 -0.16 -18.69 -47.23
CA ASP A 66 0.67 -19.55 -46.37
C ASP A 66 2.14 -19.53 -46.72
N MET A 67 2.99 -19.49 -45.68
CA MET A 67 4.42 -19.48 -45.87
C MET A 67 5.12 -20.19 -44.69
N TYR A 68 6.37 -20.60 -44.92
CA TYR A 68 7.13 -21.29 -43.89
C TYR A 68 8.09 -20.35 -43.17
N LEU A 69 8.60 -20.83 -42.04
CA LEU A 69 9.53 -20.07 -41.22
C LEU A 69 10.82 -20.87 -40.98
N TYR A 70 11.94 -20.40 -41.53
CA TYR A 70 13.22 -21.09 -41.36
C TYR A 70 14.09 -20.41 -40.31
N PRO A 71 14.02 -20.88 -39.06
CA PRO A 71 14.83 -20.26 -38.02
C PRO A 71 16.35 -20.30 -38.26
N ASP A 72 17.00 -19.18 -37.97
CA ASP A 72 18.45 -19.04 -38.11
C ASP A 72 19.03 -19.49 -36.79
N LEU A 73 19.56 -20.71 -36.73
CA LEU A 73 20.10 -21.22 -35.49
C LEU A 73 21.09 -20.26 -34.85
N ASN A 74 21.73 -19.44 -35.65
CA ASN A 74 22.72 -18.51 -35.12
C ASN A 74 22.10 -17.32 -34.41
N THR A 75 20.84 -17.00 -34.73
CA THR A 75 20.18 -15.87 -34.09
C THR A 75 19.43 -16.33 -32.85
N PHE A 76 19.88 -17.41 -32.23
CA PHE A 76 19.22 -17.91 -31.02
C PHE A 76 19.61 -17.13 -29.79
N VAL A 77 18.65 -16.77 -28.96
CA VAL A 77 18.95 -16.02 -27.74
C VAL A 77 17.83 -16.23 -26.70
N ILE A 78 18.18 -16.10 -25.43
CA ILE A 78 17.22 -16.26 -24.33
C ILE A 78 17.09 -14.93 -23.62
N PHE A 79 15.87 -14.49 -23.36
CA PHE A 79 15.66 -13.22 -22.66
C PHE A 79 15.82 -13.44 -21.17
N PRO A 80 16.83 -12.81 -20.56
CA PRO A 80 17.13 -12.91 -19.12
C PRO A 80 15.98 -12.54 -18.19
N TRP A 81 15.53 -11.30 -18.28
CA TRP A 81 14.45 -10.80 -17.43
C TRP A 81 13.23 -11.72 -17.39
N THR A 82 13.05 -12.48 -18.45
CA THR A 82 11.92 -13.40 -18.51
C THR A 82 12.38 -14.70 -17.89
N ALA A 83 12.19 -14.83 -16.59
CA ALA A 83 12.61 -16.04 -15.88
C ALA A 83 11.43 -16.89 -15.43
N GLU A 84 11.65 -17.64 -14.36
CA GLU A 84 10.64 -18.52 -13.78
C GLU A 84 10.30 -19.70 -14.69
N LYS A 85 9.04 -20.12 -14.66
CA LYS A 85 8.57 -21.23 -15.49
C LYS A 85 8.83 -20.90 -16.96
N GLY A 86 8.11 -19.89 -17.43
CA GLY A 86 8.22 -19.48 -18.82
C GLY A 86 9.48 -18.80 -19.30
N LYS A 87 10.58 -19.56 -19.39
CA LYS A 87 11.83 -19.00 -19.90
C LYS A 87 11.59 -18.80 -21.38
N VAL A 88 11.82 -17.59 -21.87
CA VAL A 88 11.59 -17.30 -23.29
C VAL A 88 12.86 -17.13 -24.11
N ALA A 89 12.89 -17.84 -25.23
CA ALA A 89 13.99 -17.83 -26.20
C ALA A 89 13.38 -17.50 -27.55
N ARG A 90 14.19 -17.07 -28.50
CA ARG A 90 13.65 -16.75 -29.81
C ARG A 90 14.63 -17.10 -30.92
N PHE A 91 14.09 -17.15 -32.14
CA PHE A 91 14.85 -17.43 -33.34
C PHE A 91 14.46 -16.40 -34.37
N ILE A 92 15.44 -15.81 -35.05
CA ILE A 92 15.09 -14.87 -36.11
C ILE A 92 15.01 -15.80 -37.32
N CYS A 93 13.86 -15.81 -38.00
CA CYS A 93 13.64 -16.69 -39.14
C CYS A 93 13.64 -15.99 -40.48
N ASP A 94 13.74 -16.80 -41.53
CA ASP A 94 13.69 -16.31 -42.89
C ASP A 94 12.39 -16.81 -43.44
N ILE A 95 11.83 -16.06 -44.37
CA ILE A 95 10.56 -16.43 -44.94
C ILE A 95 10.70 -17.19 -46.25
N TYR A 96 10.18 -18.41 -46.28
CA TYR A 96 10.22 -19.24 -47.49
C TYR A 96 8.79 -19.50 -48.00
N ASN A 97 8.65 -19.62 -49.32
CA ASN A 97 7.35 -19.90 -49.96
C ASN A 97 7.06 -21.37 -49.81
N PRO A 98 5.78 -21.74 -49.90
CA PRO A 98 5.41 -23.15 -49.76
C PRO A 98 6.20 -24.15 -50.59
N ASP A 99 6.93 -23.67 -51.59
CA ASP A 99 7.72 -24.52 -52.48
C ASP A 99 9.23 -24.46 -52.18
N GLY A 100 9.58 -24.12 -50.94
CA GLY A 100 10.97 -24.06 -50.53
C GLY A 100 11.79 -22.88 -51.05
N THR A 101 11.16 -22.02 -51.82
CA THR A 101 11.81 -20.85 -52.41
C THR A 101 11.73 -19.67 -51.46
N PRO A 102 12.86 -18.97 -51.26
CA PRO A 102 12.81 -17.82 -50.36
C PRO A 102 11.83 -16.77 -50.91
N PHE A 103 11.12 -16.12 -49.98
CA PHE A 103 10.14 -15.10 -50.34
C PHE A 103 10.82 -13.78 -50.69
N GLU A 104 10.59 -13.29 -51.90
CA GLU A 104 11.16 -12.03 -52.38
C GLU A 104 10.70 -10.79 -51.58
N GLY A 105 9.53 -10.89 -50.96
CA GLY A 105 9.00 -9.78 -50.18
C GLY A 105 9.64 -9.57 -48.82
N ASP A 106 10.37 -10.57 -48.35
CA ASP A 106 11.06 -10.51 -47.05
C ASP A 106 12.33 -9.69 -47.11
N PRO A 107 12.39 -8.62 -46.31
CA PRO A 107 13.55 -7.73 -46.26
C PRO A 107 14.88 -8.40 -45.96
N ARG A 108 14.94 -9.19 -44.89
CA ARG A 108 16.19 -9.86 -44.51
C ARG A 108 16.73 -10.63 -45.71
N ASN A 109 15.83 -11.06 -46.58
CA ASN A 109 16.24 -11.79 -47.76
C ASN A 109 16.86 -10.83 -48.75
N ASN A 110 16.20 -9.70 -48.95
CA ASN A 110 16.67 -8.69 -49.89
C ASN A 110 18.08 -8.24 -49.56
N LEU A 111 18.35 -8.05 -48.28
CA LEU A 111 19.67 -7.62 -47.87
C LEU A 111 20.71 -8.65 -48.34
N LYS A 112 20.41 -9.93 -48.12
CA LYS A 112 21.30 -11.02 -48.51
C LYS A 112 21.60 -10.97 -50.00
N ARG A 113 20.58 -10.67 -50.81
CA ARG A 113 20.71 -10.54 -52.25
C ARG A 113 21.70 -9.44 -52.58
N ILE A 114 21.55 -8.30 -51.93
CA ILE A 114 22.44 -7.19 -52.21
C ILE A 114 23.84 -7.52 -51.76
N LEU A 115 23.96 -8.34 -50.73
CA LEU A 115 25.27 -8.74 -50.24
C LEU A 115 25.86 -9.70 -51.23
N LYS A 116 25.01 -10.42 -51.93
CA LYS A 116 25.47 -11.37 -52.93
C LYS A 116 26.10 -10.58 -54.06
N GLU A 117 25.57 -9.39 -54.34
CA GLU A 117 26.15 -8.57 -55.40
C GLU A 117 27.51 -8.09 -54.91
N MET A 118 27.56 -7.77 -53.62
CA MET A 118 28.77 -7.29 -52.97
C MET A 118 29.89 -8.33 -53.09
N GLU A 119 29.55 -9.60 -52.95
CA GLU A 119 30.53 -10.67 -53.07
C GLU A 119 30.94 -10.87 -54.52
N ASP A 120 30.00 -10.74 -55.43
CA ASP A 120 30.31 -10.91 -56.84
C ASP A 120 31.20 -9.76 -57.30
N LEU A 121 31.30 -8.73 -56.47
CA LEU A 121 32.14 -7.60 -56.81
C LEU A 121 33.55 -7.85 -56.29
N GLY A 122 33.73 -8.98 -55.61
CA GLY A 122 35.05 -9.31 -55.11
C GLY A 122 35.28 -9.00 -53.65
N PHE A 123 34.24 -8.54 -52.97
CA PHE A 123 34.35 -8.20 -51.55
C PHE A 123 33.85 -9.34 -50.65
N SER A 124 34.32 -9.33 -49.39
CA SER A 124 33.93 -10.35 -48.43
C SER A 124 32.87 -9.93 -47.42
N ASP A 125 33.18 -8.93 -46.61
CA ASP A 125 32.25 -8.48 -45.59
C ASP A 125 31.86 -7.02 -45.74
N PHE A 126 30.72 -6.68 -45.14
CA PHE A 126 30.20 -5.32 -45.14
C PHE A 126 29.70 -5.10 -43.74
N ASN A 127 30.53 -4.46 -42.92
CA ASN A 127 30.21 -4.20 -41.53
C ASN A 127 29.41 -2.91 -41.31
N LEU A 128 28.66 -2.87 -40.21
CA LEU A 128 27.86 -1.70 -39.90
C LEU A 128 27.97 -1.41 -38.43
N GLY A 129 28.06 -0.13 -38.13
CA GLY A 129 28.16 0.33 -36.75
C GLY A 129 26.99 1.23 -36.43
N PRO A 130 25.88 0.67 -35.93
CA PRO A 130 24.70 1.46 -35.60
C PRO A 130 24.91 2.43 -34.44
N GLU A 131 24.23 3.57 -34.51
CA GLU A 131 24.25 4.59 -33.44
C GLU A 131 22.81 5.00 -33.16
N PRO A 132 21.94 4.02 -32.81
CA PRO A 132 20.53 4.31 -32.53
C PRO A 132 20.26 5.20 -31.32
N GLU A 133 19.52 6.28 -31.57
CA GLU A 133 19.13 7.24 -30.54
C GLU A 133 17.66 7.02 -30.22
N PHE A 134 17.27 7.25 -28.99
CA PHE A 134 15.88 7.06 -28.63
C PHE A 134 15.55 7.98 -27.50
N PHE A 135 14.25 8.19 -27.28
CA PHE A 135 13.77 9.05 -26.21
C PHE A 135 13.03 8.22 -25.16
N LEU A 136 13.06 8.67 -23.91
CA LEU A 136 12.36 7.98 -22.84
C LEU A 136 11.34 8.94 -22.23
N PHE A 137 10.06 8.62 -22.40
CA PHE A 137 8.99 9.43 -21.85
C PHE A 137 8.36 8.67 -20.68
N LYS A 138 7.70 9.41 -19.80
CA LYS A 138 7.06 8.84 -18.64
C LYS A 138 5.65 8.39 -18.99
N LEU A 139 5.16 7.47 -18.18
CA LEU A 139 3.83 6.90 -18.34
C LEU A 139 2.89 7.42 -17.25
N ASP A 140 1.62 7.55 -17.57
CA ASP A 140 0.63 8.04 -16.60
C ASP A 140 0.06 6.85 -15.81
N GLU A 141 -1.14 7.00 -15.25
CA GLU A 141 -1.77 5.92 -14.46
C GLU A 141 -2.22 4.79 -15.39
N LYS A 142 -2.85 5.17 -16.49
CA LYS A 142 -3.33 4.20 -17.47
C LYS A 142 -2.20 3.53 -18.26
N GLY A 143 -0.96 3.76 -17.86
CA GLY A 143 0.15 3.17 -18.59
C GLY A 143 0.36 3.82 -19.94
N GLU A 144 -0.35 4.92 -20.18
CA GLU A 144 -0.24 5.65 -21.43
C GLU A 144 0.96 6.60 -21.43
N PRO A 145 1.70 6.64 -22.54
CA PRO A 145 2.85 7.52 -22.59
C PRO A 145 2.44 8.99 -22.55
N THR A 146 3.27 9.80 -21.91
CA THR A 146 3.03 11.24 -21.82
C THR A 146 4.22 11.93 -22.48
N LEU A 147 4.17 13.26 -22.60
CA LEU A 147 5.27 14.02 -23.22
C LEU A 147 6.31 14.50 -22.21
N GLU A 148 6.29 13.90 -21.03
CA GLU A 148 7.24 14.26 -19.98
C GLU A 148 8.44 13.33 -20.09
N LEU A 149 9.58 13.93 -20.43
CA LEU A 149 10.86 13.25 -20.59
C LEU A 149 11.30 12.65 -19.28
N ASN A 150 12.10 11.58 -19.34
CA ASN A 150 12.53 10.94 -18.11
C ASN A 150 13.71 11.61 -17.37
N ASP A 151 14.24 12.71 -17.90
CA ASP A 151 15.34 13.40 -17.22
C ASP A 151 15.72 14.70 -17.89
N LYS A 152 16.42 15.57 -17.17
CA LYS A 152 16.82 16.83 -17.77
C LYS A 152 18.31 16.78 -18.14
N GLY A 153 18.75 15.65 -18.70
CA GLY A 153 20.15 15.50 -19.08
C GLY A 153 20.52 16.06 -20.46
N GLY A 154 21.81 16.39 -20.60
CA GLY A 154 22.33 16.94 -21.84
C GLY A 154 23.35 16.03 -22.51
N TYR A 155 24.01 16.57 -23.52
CA TYR A 155 25.00 15.82 -24.30
C TYR A 155 26.17 15.22 -23.52
N PHE A 156 26.13 13.90 -23.35
CA PHE A 156 27.20 13.16 -22.64
C PHE A 156 27.23 13.43 -21.14
N ASP A 157 26.13 13.96 -20.62
CA ASP A 157 26.05 14.21 -19.18
C ASP A 157 25.87 12.85 -18.54
N LEU A 158 26.15 12.78 -17.24
CA LEU A 158 25.97 11.54 -16.51
C LEU A 158 24.46 11.49 -16.22
N ALA A 159 23.69 11.07 -17.24
CA ALA A 159 22.23 10.95 -17.19
C ALA A 159 21.83 10.13 -15.98
N PRO A 160 20.59 10.30 -15.49
CA PRO A 160 20.08 9.58 -14.33
C PRO A 160 21.12 8.88 -13.46
N THR A 161 21.63 9.59 -12.47
CA THR A 161 22.62 9.04 -11.54
C THR A 161 22.27 7.60 -11.13
N ASP A 162 23.27 6.75 -10.91
CA ASP A 162 23.00 5.36 -10.51
C ASP A 162 22.06 5.34 -9.31
N LEU A 163 20.79 5.26 -9.61
CA LEU A 163 19.78 5.29 -8.56
C LEU A 163 19.02 3.97 -8.46
N GLY A 164 19.71 2.87 -8.73
CA GLY A 164 19.05 1.58 -8.67
C GLY A 164 17.97 1.46 -9.71
N GLU A 165 17.69 2.56 -10.42
CA GLU A 165 16.68 2.63 -11.47
C GLU A 165 17.17 3.52 -12.61
N ASN A 166 18.16 3.04 -13.35
CA ASN A 166 18.71 3.80 -14.47
C ASN A 166 18.42 3.00 -15.72
N CYS A 167 17.44 3.45 -16.49
CA CYS A 167 17.05 2.70 -17.68
C CYS A 167 18.14 2.42 -18.69
N ARG A 168 18.90 3.45 -19.05
CA ARG A 168 19.98 3.27 -20.02
C ARG A 168 21.06 2.30 -19.52
N ARG A 169 21.41 2.43 -18.24
CA ARG A 169 22.43 1.55 -17.67
C ARG A 169 21.91 0.13 -17.67
N ASP A 170 20.66 -0.03 -17.23
CA ASP A 170 20.02 -1.34 -17.14
C ASP A 170 19.81 -2.02 -18.49
N ILE A 171 19.45 -1.24 -19.52
CA ILE A 171 19.26 -1.85 -20.83
C ILE A 171 20.58 -2.44 -21.29
N VAL A 172 21.65 -1.67 -21.15
CA VAL A 172 22.95 -2.17 -21.60
C VAL A 172 23.33 -3.41 -20.81
N LEU A 173 22.95 -3.43 -19.55
CA LEU A 173 23.21 -4.57 -18.68
C LEU A 173 22.46 -5.82 -19.18
N GLU A 174 21.21 -5.64 -19.60
CA GLU A 174 20.44 -6.77 -20.10
C GLU A 174 21.00 -7.28 -21.41
N LEU A 175 21.35 -6.39 -22.31
CA LEU A 175 21.90 -6.80 -23.60
C LEU A 175 23.23 -7.55 -23.43
N GLU A 176 23.98 -7.13 -22.43
CA GLU A 176 25.27 -7.72 -22.14
C GLU A 176 25.13 -9.19 -21.77
N GLU A 177 23.94 -9.57 -21.34
CA GLU A 177 23.70 -10.95 -20.94
C GLU A 177 22.96 -11.71 -22.04
N MET A 178 23.13 -11.23 -23.28
CA MET A 178 22.49 -11.84 -24.43
C MET A 178 23.51 -11.99 -25.54
N GLY A 179 24.75 -11.60 -25.26
CA GLY A 179 25.79 -11.72 -26.26
C GLY A 179 25.96 -10.42 -26.99
N PHE A 180 25.39 -9.36 -26.45
CA PHE A 180 25.50 -8.05 -27.07
C PHE A 180 26.76 -7.33 -26.64
N GLU A 181 27.66 -7.09 -27.60
CA GLU A 181 28.89 -6.39 -27.29
C GLU A 181 28.72 -4.90 -27.56
N ILE A 182 28.16 -4.18 -26.62
CA ILE A 182 27.97 -2.75 -26.77
C ILE A 182 29.31 -2.03 -26.71
N GLU A 183 29.49 -1.06 -27.60
CA GLU A 183 30.71 -0.27 -27.64
C GLU A 183 30.71 0.68 -26.44
N ALA A 184 29.71 1.54 -26.37
CA ALA A 184 29.59 2.48 -25.26
C ALA A 184 28.27 3.25 -25.38
N SER A 185 27.73 3.68 -24.26
CA SER A 185 26.48 4.41 -24.33
C SER A 185 26.71 5.73 -23.65
N HIS A 186 25.81 6.67 -23.91
CA HIS A 186 25.86 8.01 -23.33
C HIS A 186 24.53 8.72 -23.45
N HIS A 187 24.37 9.80 -22.70
CA HIS A 187 23.14 10.59 -22.77
C HIS A 187 23.24 11.49 -24.03
N GLU A 188 22.14 11.63 -24.78
CA GLU A 188 22.16 12.46 -25.99
C GLU A 188 21.99 13.95 -25.74
N VAL A 189 21.85 14.73 -26.80
CA VAL A 189 21.73 16.19 -26.67
C VAL A 189 20.46 16.69 -25.98
N ALA A 190 19.32 16.24 -26.48
CA ALA A 190 18.02 16.63 -25.96
C ALA A 190 17.73 15.92 -24.63
N PRO A 191 16.96 16.56 -23.76
CA PRO A 191 16.60 15.99 -22.44
C PRO A 191 15.82 14.70 -22.62
N GLY A 192 16.18 13.70 -21.84
CA GLY A 192 15.50 12.43 -21.95
C GLY A 192 15.89 11.64 -23.20
N GLN A 193 16.91 12.10 -23.93
CA GLN A 193 17.35 11.39 -25.14
C GLN A 193 18.58 10.53 -24.80
N HIS A 194 18.64 9.30 -25.32
CA HIS A 194 19.76 8.41 -25.01
C HIS A 194 20.28 7.71 -26.23
N GLU A 195 21.53 7.26 -26.15
CA GLU A 195 22.14 6.56 -27.26
C GLU A 195 22.99 5.42 -26.78
N ILE A 196 22.92 4.32 -27.50
CA ILE A 196 23.70 3.14 -27.21
C ILE A 196 24.26 2.66 -28.54
N ASP A 197 25.58 2.65 -28.66
CA ASP A 197 26.23 2.25 -29.89
C ASP A 197 26.75 0.81 -29.76
N PHE A 198 26.53 -0.03 -30.78
CA PHE A 198 27.01 -1.41 -30.74
C PHE A 198 28.38 -1.43 -31.36
N LYS A 199 29.02 -2.60 -31.32
CA LYS A 199 30.32 -2.80 -31.93
C LYS A 199 30.00 -2.97 -33.41
N TYR A 200 30.93 -3.54 -34.16
CA TYR A 200 30.68 -3.69 -35.59
C TYR A 200 30.40 -5.13 -35.93
N ALA A 201 29.48 -5.35 -36.87
CA ALA A 201 29.16 -6.70 -37.29
C ALA A 201 28.72 -6.66 -38.76
N GLY A 202 28.55 -7.84 -39.36
CA GLY A 202 28.15 -7.90 -40.76
C GLY A 202 26.78 -7.32 -40.98
N ALA A 203 26.33 -7.22 -42.23
CA ALA A 203 25.02 -6.64 -42.48
C ALA A 203 23.88 -7.38 -41.76
N VAL A 204 23.58 -8.60 -42.19
CA VAL A 204 22.50 -9.35 -41.55
C VAL A 204 22.64 -9.35 -40.03
N ARG A 205 23.79 -9.76 -39.51
CA ARG A 205 23.97 -9.78 -38.07
C ARG A 205 23.69 -8.43 -37.44
N SER A 206 24.26 -7.38 -37.99
CA SER A 206 24.05 -6.06 -37.42
C SER A 206 22.57 -5.67 -37.37
N CYS A 207 21.88 -5.82 -38.50
CA CYS A 207 20.47 -5.49 -38.56
C CYS A 207 19.64 -6.33 -37.58
N ASP A 208 19.93 -7.63 -37.49
CA ASP A 208 19.20 -8.49 -36.57
C ASP A 208 19.31 -7.88 -35.16
N ASP A 209 20.51 -7.40 -34.82
CA ASP A 209 20.76 -6.79 -33.50
C ASP A 209 19.98 -5.47 -33.33
N ILE A 210 19.83 -4.74 -34.43
CA ILE A 210 19.09 -3.48 -34.37
C ILE A 210 17.65 -3.77 -34.08
N GLN A 211 17.09 -4.75 -34.77
CA GLN A 211 15.71 -5.13 -34.54
C GLN A 211 15.57 -5.63 -33.09
N THR A 212 16.55 -6.39 -32.63
CA THR A 212 16.50 -6.92 -31.27
C THR A 212 16.66 -5.83 -30.23
N PHE A 213 17.54 -4.89 -30.51
CA PHE A 213 17.81 -3.77 -29.62
C PHE A 213 16.53 -2.99 -29.32
N LYS A 214 15.88 -2.51 -30.36
CA LYS A 214 14.63 -1.77 -30.19
C LYS A 214 13.67 -2.54 -29.28
N LEU A 215 13.58 -3.86 -29.47
CA LEU A 215 12.68 -4.67 -28.66
C LEU A 215 13.14 -4.61 -27.23
N VAL A 216 14.40 -4.98 -27.00
CA VAL A 216 14.92 -4.98 -25.64
C VAL A 216 14.73 -3.62 -24.97
N VAL A 217 14.98 -2.54 -25.71
CA VAL A 217 14.85 -1.20 -25.16
C VAL A 217 13.40 -0.92 -24.73
N LYS A 218 12.48 -1.13 -25.65
CA LYS A 218 11.08 -0.89 -25.35
C LYS A 218 10.63 -1.72 -24.15
N THR A 219 11.03 -2.98 -24.15
CA THR A 219 10.67 -3.90 -23.07
C THR A 219 11.19 -3.52 -21.69
N ILE A 220 12.49 -3.23 -21.58
CA ILE A 220 13.05 -2.84 -20.29
C ILE A 220 12.48 -1.50 -19.88
N ALA A 221 12.50 -0.53 -20.79
CA ALA A 221 11.95 0.78 -20.47
C ALA A 221 10.55 0.69 -19.87
N ARG A 222 9.71 -0.16 -20.45
CA ARG A 222 8.36 -0.31 -19.95
C ARG A 222 8.41 -0.73 -18.48
N LYS A 223 9.24 -1.73 -18.19
CA LYS A 223 9.35 -2.23 -16.82
C LYS A 223 9.73 -1.12 -15.85
N HIS A 224 10.35 -0.07 -16.36
CA HIS A 224 10.76 1.03 -15.51
C HIS A 224 9.69 2.10 -15.39
N GLY A 225 8.49 1.81 -15.85
CA GLY A 225 7.44 2.81 -15.78
C GLY A 225 7.69 3.89 -16.83
N LEU A 226 8.42 3.53 -17.88
CA LEU A 226 8.75 4.45 -18.96
C LEU A 226 8.32 3.98 -20.35
N HIS A 227 8.50 4.84 -21.34
CA HIS A 227 8.16 4.51 -22.72
C HIS A 227 9.25 4.93 -23.67
N ALA A 228 9.91 3.95 -24.27
CA ALA A 228 10.98 4.23 -25.22
C ALA A 228 10.38 4.52 -26.59
N THR A 229 10.91 5.51 -27.30
CA THR A 229 10.41 5.83 -28.65
C THR A 229 11.53 6.10 -29.67
N PHE A 230 11.43 5.47 -30.85
CA PHE A 230 12.45 5.69 -31.87
C PHE A 230 11.93 6.63 -32.95
N MET A 231 10.88 7.37 -32.61
CA MET A 231 10.28 8.31 -33.52
C MET A 231 11.36 9.33 -33.92
N PRO A 232 11.52 9.58 -35.22
CA PRO A 232 12.54 10.54 -35.66
C PRO A 232 12.50 11.89 -34.91
N LYS A 233 11.32 12.51 -34.84
CA LYS A 233 11.17 13.81 -34.19
C LYS A 233 9.86 13.87 -33.41
N PRO A 234 9.85 13.40 -32.14
CA PRO A 234 8.64 13.43 -31.32
C PRO A 234 8.30 14.81 -30.76
N LEU A 235 9.30 15.67 -30.62
CA LEU A 235 9.08 17.00 -30.09
C LEU A 235 9.67 18.10 -30.97
N PHE A 236 8.85 19.09 -31.24
CA PHE A 236 9.27 20.22 -32.04
C PHE A 236 10.30 21.06 -31.31
N GLY A 237 11.23 21.63 -32.07
CA GLY A 237 12.26 22.49 -31.49
C GLY A 237 13.18 21.80 -30.52
N VAL A 238 13.28 20.49 -30.64
CA VAL A 238 14.16 19.72 -29.78
C VAL A 238 14.79 18.72 -30.73
N ASN A 239 16.05 18.40 -30.49
CA ASN A 239 16.78 17.45 -31.33
C ASN A 239 16.02 16.16 -31.65
N GLY A 240 16.10 15.71 -32.90
CA GLY A 240 15.44 14.47 -33.25
C GLY A 240 16.40 13.32 -33.02
N SER A 241 15.94 12.10 -33.26
CA SER A 241 16.78 10.92 -33.09
C SER A 241 17.21 10.35 -34.43
N GLY A 242 18.50 10.05 -34.56
CA GLY A 242 18.96 9.50 -35.80
C GLY A 242 19.66 8.21 -35.47
N MET A 243 19.86 7.36 -36.48
CA MET A 243 20.58 6.11 -36.27
C MET A 243 21.71 6.11 -37.28
N HIS A 244 22.72 6.92 -37.01
CA HIS A 244 23.89 7.01 -37.89
C HIS A 244 24.40 5.62 -38.17
N CYS A 245 24.81 5.38 -39.41
CA CYS A 245 25.35 4.09 -39.82
C CYS A 245 26.77 4.22 -40.27
N ASN A 246 27.68 3.62 -39.51
CA ASN A 246 29.09 3.61 -39.85
C ASN A 246 29.27 2.38 -40.72
N LEU A 247 29.66 2.58 -41.97
CA LEU A 247 29.86 1.51 -42.93
C LEU A 247 31.34 1.27 -43.20
N SER A 248 31.67 0.06 -43.63
CA SER A 248 33.05 -0.32 -43.96
C SER A 248 33.08 -1.59 -44.81
N LEU A 249 33.71 -1.50 -45.98
CA LEU A 249 33.82 -2.65 -46.89
C LEU A 249 35.13 -3.44 -46.69
N PHE A 250 35.03 -4.76 -46.79
CA PHE A 250 36.20 -5.65 -46.63
C PHE A 250 36.42 -6.52 -47.87
N LYS A 251 37.68 -6.61 -48.29
CA LYS A 251 38.06 -7.43 -49.43
C LYS A 251 39.11 -8.41 -48.96
N ASN A 252 38.76 -9.68 -48.84
CA ASN A 252 39.73 -10.68 -48.39
C ASN A 252 40.04 -10.48 -46.91
N GLY A 253 39.01 -10.14 -46.13
CA GLY A 253 39.17 -9.92 -44.70
C GLY A 253 39.95 -8.68 -44.35
N VAL A 254 40.13 -7.78 -45.30
CA VAL A 254 40.87 -6.56 -45.02
C VAL A 254 40.06 -5.32 -45.37
N ASN A 255 40.06 -4.35 -44.46
CA ASN A 255 39.34 -3.11 -44.67
C ASN A 255 39.75 -2.47 -45.99
N ALA A 256 38.87 -2.58 -46.98
CA ALA A 256 39.15 -2.02 -48.29
C ALA A 256 39.03 -0.50 -48.33
N PHE A 257 38.74 0.10 -47.19
CA PHE A 257 38.57 1.56 -47.14
C PHE A 257 39.80 2.31 -46.67
N PHE A 258 40.75 1.58 -46.10
CA PHE A 258 41.98 2.15 -45.58
C PHE A 258 43.09 2.16 -46.61
N ASP A 259 43.93 3.19 -46.55
CA ASP A 259 45.05 3.33 -47.47
C ASP A 259 46.13 4.15 -46.77
N GLU A 260 47.20 3.49 -46.34
CA GLU A 260 48.30 4.16 -45.66
C GLU A 260 48.79 5.42 -46.36
N ASN A 261 49.33 5.25 -47.56
CA ASN A 261 49.85 6.37 -48.32
C ASN A 261 48.80 6.88 -49.30
N ALA A 262 47.87 7.69 -48.80
CA ALA A 262 46.83 8.23 -49.67
C ALA A 262 46.25 9.50 -49.07
N ASP A 263 45.70 10.36 -49.93
CA ASP A 263 45.09 11.61 -49.49
C ASP A 263 44.11 11.28 -48.37
N LEU A 264 44.31 11.90 -47.21
CA LEU A 264 43.45 11.67 -46.04
C LEU A 264 43.41 10.18 -45.68
N GLN A 265 44.42 9.43 -46.09
CA GLN A 265 44.49 7.98 -45.84
C GLN A 265 43.19 7.25 -46.19
N LEU A 266 42.70 7.47 -47.41
CA LEU A 266 41.48 6.84 -47.90
C LEU A 266 41.68 6.32 -49.31
N SER A 267 41.71 4.99 -49.43
CA SER A 267 41.88 4.32 -50.71
C SER A 267 40.90 4.81 -51.75
N GLU A 268 41.10 4.36 -52.99
CA GLU A 268 40.22 4.73 -54.11
C GLU A 268 38.85 4.11 -53.91
N THR A 269 38.83 2.81 -53.59
CA THR A 269 37.57 2.12 -53.36
C THR A 269 36.72 2.93 -52.40
N ALA A 270 37.34 3.48 -51.35
CA ALA A 270 36.61 4.27 -50.37
C ALA A 270 36.09 5.53 -51.03
N LYS A 271 36.93 6.16 -51.83
CA LYS A 271 36.50 7.36 -52.52
C LYS A 271 35.29 7.05 -53.38
N HIS A 272 35.39 5.98 -54.16
CA HIS A 272 34.29 5.61 -55.04
C HIS A 272 32.98 5.33 -54.30
N PHE A 273 33.10 4.71 -53.13
CA PHE A 273 31.96 4.36 -52.28
C PHE A 273 31.28 5.66 -51.88
N ILE A 274 32.08 6.65 -51.50
CA ILE A 274 31.54 7.95 -51.12
C ILE A 274 30.83 8.60 -52.31
N ALA A 275 31.33 8.36 -53.50
CA ALA A 275 30.71 8.92 -54.70
C ALA A 275 29.35 8.29 -54.95
N GLY A 276 29.28 6.98 -54.76
CA GLY A 276 28.03 6.26 -55.00
C GLY A 276 26.93 6.71 -54.06
N ILE A 277 27.30 6.99 -52.83
CA ILE A 277 26.32 7.45 -51.87
C ILE A 277 25.92 8.87 -52.19
N VAL A 278 26.88 9.70 -52.59
CA VAL A 278 26.55 11.07 -52.90
C VAL A 278 25.63 11.16 -54.12
N LYS A 279 25.70 10.16 -54.99
CA LYS A 279 24.88 10.15 -56.20
C LYS A 279 23.41 9.81 -55.94
N HIS A 280 23.20 8.81 -55.09
CA HIS A 280 21.85 8.34 -54.76
C HIS A 280 21.32 8.79 -53.42
N ALA A 281 22.05 9.65 -52.73
CA ALA A 281 21.64 10.13 -51.44
C ALA A 281 20.19 10.62 -51.45
N THR A 282 19.87 11.56 -52.34
CA THR A 282 18.51 12.08 -52.42
C THR A 282 17.48 11.03 -52.83
N SER A 283 17.94 9.93 -53.41
CA SER A 283 17.04 8.86 -53.84
C SER A 283 16.77 7.77 -52.84
N PHE A 284 17.70 7.48 -51.94
CA PHE A 284 17.43 6.43 -50.97
C PHE A 284 16.91 6.99 -49.66
N THR A 285 16.74 8.31 -49.61
CA THR A 285 16.23 8.98 -48.42
C THR A 285 14.86 8.43 -48.07
N ALA A 286 14.04 8.11 -49.07
CA ALA A 286 12.73 7.59 -48.76
C ALA A 286 12.78 6.31 -47.93
N VAL A 287 13.83 5.51 -48.08
CA VAL A 287 13.94 4.27 -47.34
C VAL A 287 14.59 4.43 -45.97
N THR A 288 15.60 5.29 -45.90
CA THR A 288 16.30 5.50 -44.65
C THR A 288 15.49 6.38 -43.69
N ASN A 289 14.50 7.08 -44.26
CA ASN A 289 13.60 7.99 -43.55
C ASN A 289 12.22 7.67 -44.12
N PRO A 290 11.69 6.50 -43.75
CA PRO A 290 10.40 5.99 -44.21
C PRO A 290 9.11 6.64 -43.75
N THR A 291 9.16 7.33 -42.62
CA THR A 291 7.96 7.96 -42.09
C THR A 291 7.86 9.42 -42.50
N VAL A 292 6.70 10.01 -42.24
CA VAL A 292 6.43 11.41 -42.54
C VAL A 292 7.22 12.27 -41.56
N ASN A 293 7.19 11.85 -40.30
CA ASN A 293 7.87 12.54 -39.22
C ASN A 293 9.38 12.54 -39.41
N SER A 294 9.87 11.59 -40.17
CA SER A 294 11.29 11.51 -40.39
C SER A 294 11.86 12.78 -41.00
N TYR A 295 11.00 13.56 -41.67
CA TYR A 295 11.45 14.80 -42.32
C TYR A 295 11.31 16.04 -41.44
N LYS A 296 10.68 15.90 -40.28
CA LYS A 296 10.58 17.04 -39.38
C LYS A 296 11.92 17.02 -38.62
N ARG A 297 12.67 15.92 -38.77
CA ARG A 297 13.98 15.77 -38.13
C ARG A 297 15.04 16.36 -39.02
N LEU A 298 14.83 16.17 -40.32
CA LEU A 298 15.72 16.65 -41.35
C LEU A 298 15.50 18.14 -41.58
N VAL A 299 15.83 18.90 -40.56
CA VAL A 299 15.69 20.35 -40.57
C VAL A 299 16.97 20.94 -39.97
N PRO A 300 17.45 22.05 -40.53
CA PRO A 300 18.67 22.69 -40.03
C PRO A 300 18.61 23.11 -38.56
N GLY A 301 19.77 23.05 -37.90
CA GLY A 301 19.86 23.44 -36.50
C GLY A 301 19.76 22.32 -35.47
N TYR A 302 19.76 21.07 -35.90
CA TYR A 302 19.66 19.99 -34.93
C TYR A 302 20.60 18.85 -35.21
N GLU A 303 21.79 19.21 -35.68
CA GLU A 303 22.83 18.25 -36.00
C GLU A 303 22.34 17.07 -36.86
N ALA A 304 21.40 17.35 -37.75
CA ALA A 304 20.87 16.33 -38.65
C ALA A 304 21.16 16.76 -40.08
N PRO A 305 21.55 15.81 -40.94
CA PRO A 305 21.87 16.08 -42.34
C PRO A 305 20.73 16.75 -43.08
N CYS A 306 21.06 17.81 -43.80
CA CYS A 306 20.08 18.55 -44.58
C CYS A 306 20.52 18.71 -46.03
N TYR A 307 21.81 18.50 -46.30
CA TYR A 307 22.38 18.63 -47.65
C TYR A 307 23.32 17.45 -47.98
N VAL A 308 23.41 17.08 -49.25
CA VAL A 308 24.29 16.00 -49.63
C VAL A 308 25.73 16.49 -49.67
N ALA A 309 26.56 15.98 -48.76
CA ALA A 309 27.96 16.40 -48.71
C ALA A 309 28.75 15.51 -47.74
N TRP A 310 30.04 15.31 -48.00
CA TRP A 310 30.83 14.50 -47.09
C TRP A 310 32.01 15.29 -46.50
N SER A 311 32.22 15.18 -45.20
CA SER A 311 33.30 15.88 -44.51
C SER A 311 33.86 15.04 -43.37
N ALA A 312 34.82 15.60 -42.65
CA ALA A 312 35.40 14.89 -41.52
C ALA A 312 35.20 15.75 -40.26
N GLN A 313 34.94 17.04 -40.48
CA GLN A 313 34.74 17.97 -39.38
C GLN A 313 33.78 19.07 -39.83
N ASN A 314 32.51 18.94 -39.46
CA ASN A 314 31.50 19.94 -39.82
C ASN A 314 30.32 19.96 -38.88
N ARG A 315 29.45 20.96 -39.03
CA ARG A 315 28.29 21.06 -38.15
C ARG A 315 27.44 19.79 -38.17
N SER A 316 27.08 19.33 -39.37
CA SER A 316 26.27 18.12 -39.52
C SER A 316 26.21 17.63 -40.97
N PRO A 317 27.27 16.93 -41.40
CA PRO A 317 27.34 16.43 -42.76
C PRO A 317 26.52 15.15 -42.96
N LEU A 318 26.19 14.88 -44.22
CA LEU A 318 25.42 13.68 -44.55
C LEU A 318 26.35 12.49 -44.38
N ILE A 319 27.58 12.66 -44.85
CA ILE A 319 28.61 11.64 -44.79
C ILE A 319 29.77 12.17 -43.96
N ARG A 320 30.29 11.32 -43.08
CA ARG A 320 31.39 11.72 -42.23
C ARG A 320 32.41 10.62 -42.16
N ILE A 321 33.69 10.98 -42.15
CA ILE A 321 34.74 9.97 -42.05
C ILE A 321 35.45 10.18 -40.72
N PRO A 322 35.18 9.30 -39.74
CA PRO A 322 35.78 9.37 -38.40
C PRO A 322 37.31 9.44 -38.43
N ALA A 323 37.89 9.98 -37.36
CA ALA A 323 39.33 10.13 -37.23
C ALA A 323 40.07 8.83 -37.43
N SER A 324 39.81 7.89 -36.54
CA SER A 324 40.47 6.60 -36.58
C SER A 324 40.59 6.02 -37.99
N ARG A 325 41.66 5.24 -38.19
CA ARG A 325 41.91 4.56 -39.45
C ARG A 325 42.14 3.08 -39.24
N GLY A 326 42.97 2.49 -40.09
CA GLY A 326 43.25 1.07 -40.00
C GLY A 326 41.98 0.27 -40.29
N ILE A 327 41.76 -0.81 -39.55
CA ILE A 327 40.56 -1.60 -39.77
C ILE A 327 39.30 -0.88 -39.28
N SER A 328 39.50 0.35 -38.81
CA SER A 328 38.40 1.15 -38.32
C SER A 328 38.02 2.21 -39.35
N THR A 329 38.61 2.13 -40.53
CA THR A 329 38.29 3.10 -41.56
C THR A 329 36.86 2.90 -42.04
N ARG A 330 36.05 3.95 -41.93
CA ARG A 330 34.67 3.83 -42.30
C ARG A 330 33.99 5.10 -42.77
N VAL A 331 32.91 4.95 -43.53
CA VAL A 331 32.12 6.08 -44.00
C VAL A 331 30.84 6.11 -43.16
N GLU A 332 30.58 7.23 -42.52
CA GLU A 332 29.38 7.31 -41.70
C GLU A 332 28.28 8.08 -42.42
N VAL A 333 27.09 7.48 -42.51
CA VAL A 333 25.93 8.13 -43.13
C VAL A 333 25.01 8.47 -41.98
N ARG A 334 24.83 9.77 -41.79
CA ARG A 334 24.04 10.32 -40.71
C ARG A 334 22.60 10.68 -41.00
N SER A 335 22.15 10.41 -42.21
CA SER A 335 20.77 10.73 -42.59
C SER A 335 19.80 9.68 -42.06
N VAL A 336 20.26 8.43 -41.95
CA VAL A 336 19.42 7.33 -41.48
C VAL A 336 18.87 7.59 -40.07
N ASP A 337 17.59 7.30 -39.85
CA ASP A 337 17.04 7.44 -38.49
C ASP A 337 16.56 6.06 -38.04
N PRO A 338 16.26 5.93 -36.75
CA PRO A 338 15.80 4.67 -36.17
C PRO A 338 14.46 4.13 -36.66
N ALA A 339 13.73 4.91 -37.44
CA ALA A 339 12.43 4.45 -37.95
C ALA A 339 12.63 3.59 -39.18
N ALA A 340 13.79 3.69 -39.78
CA ALA A 340 14.07 2.92 -40.98
C ALA A 340 14.14 1.42 -40.74
N ASN A 341 13.82 0.67 -41.79
CA ASN A 341 13.86 -0.78 -41.73
C ASN A 341 15.34 -1.14 -41.94
N PRO A 342 16.02 -1.61 -40.89
CA PRO A 342 17.43 -1.97 -41.00
C PRO A 342 17.82 -2.68 -42.29
N TYR A 343 17.20 -3.81 -42.57
CA TYR A 343 17.56 -4.55 -43.77
C TYR A 343 17.37 -3.78 -45.07
N LEU A 344 16.26 -3.04 -45.18
CA LEU A 344 15.99 -2.27 -46.40
C LEU A 344 16.96 -1.09 -46.52
N ALA A 345 17.23 -0.46 -45.37
CA ALA A 345 18.15 0.68 -45.31
C ALA A 345 19.52 0.27 -45.81
N LEU A 346 20.01 -0.88 -45.32
CA LEU A 346 21.34 -1.35 -45.72
C LEU A 346 21.33 -1.73 -47.21
N SER A 347 20.25 -2.34 -47.67
CA SER A 347 20.13 -2.74 -49.07
C SER A 347 20.41 -1.56 -50.00
N VAL A 348 19.67 -0.46 -49.87
CA VAL A 348 19.88 0.71 -50.71
C VAL A 348 21.25 1.34 -50.47
N LEU A 349 21.65 1.45 -49.21
CA LEU A 349 22.95 2.05 -48.93
C LEU A 349 24.06 1.26 -49.60
N LEU A 350 24.08 -0.05 -49.38
CA LEU A 350 25.12 -0.89 -49.97
C LEU A 350 25.01 -0.80 -51.49
N ALA A 351 23.78 -0.83 -52.01
CA ALA A 351 23.58 -0.76 -53.45
C ALA A 351 24.21 0.51 -53.99
N ALA A 352 23.85 1.64 -53.42
CA ALA A 352 24.38 2.90 -53.87
C ALA A 352 25.91 2.91 -53.79
N GLY A 353 26.46 2.36 -52.71
CA GLY A 353 27.91 2.31 -52.54
C GLY A 353 28.61 1.44 -53.56
N LEU A 354 27.98 0.31 -53.91
CA LEU A 354 28.56 -0.60 -54.88
C LEU A 354 28.35 0.01 -56.26
N ASP A 355 27.32 0.82 -56.41
CA ASP A 355 27.09 1.44 -57.70
C ASP A 355 28.27 2.33 -58.02
N GLY A 356 28.83 2.96 -57.01
CA GLY A 356 29.96 3.85 -57.22
C GLY A 356 31.27 3.15 -57.49
N ILE A 357 31.51 2.03 -56.81
CA ILE A 357 32.73 1.26 -56.97
C ILE A 357 32.76 0.55 -58.33
N LYS A 358 31.67 -0.12 -58.69
CA LYS A 358 31.59 -0.83 -59.96
C LYS A 358 31.74 0.16 -61.11
N ASN A 359 31.13 1.33 -61.02
CA ASN A 359 31.23 2.33 -62.07
C ASN A 359 32.35 3.35 -61.79
N LYS A 360 33.16 3.07 -60.78
CA LYS A 360 34.28 3.94 -60.43
C LYS A 360 33.94 5.44 -60.44
N LEU A 361 32.73 5.75 -59.96
CA LEU A 361 32.24 7.13 -59.88
C LEU A 361 33.24 8.05 -59.20
N GLU A 362 33.39 9.26 -59.74
CA GLU A 362 34.33 10.23 -59.20
C GLU A 362 33.69 10.95 -58.01
N ALA A 363 34.36 10.89 -56.87
CA ALA A 363 33.88 11.54 -55.65
C ALA A 363 34.15 13.04 -55.70
N PRO A 364 33.18 13.85 -55.24
CA PRO A 364 33.28 15.31 -55.23
C PRO A 364 34.21 15.75 -54.12
N ALA A 365 34.64 17.00 -54.19
CA ALA A 365 35.54 17.55 -53.18
C ALA A 365 34.90 17.57 -51.81
N PRO A 366 35.65 17.14 -50.78
CA PRO A 366 35.09 17.13 -49.44
C PRO A 366 34.71 18.57 -49.09
N ILE A 367 33.46 18.76 -48.70
CA ILE A 367 32.97 20.09 -48.36
C ILE A 367 33.06 20.43 -46.87
N ASP A 368 34.18 21.02 -46.48
CA ASP A 368 34.37 21.44 -45.09
C ASP A 368 33.56 22.74 -45.02
N ARG A 369 34.20 23.85 -44.69
CA ARG A 369 33.46 25.11 -44.66
C ARG A 369 32.18 24.91 -43.85
N ASN A 370 31.19 25.75 -44.13
CA ASN A 370 29.91 25.67 -43.42
C ASN A 370 28.76 25.94 -44.38
N ILE A 371 28.01 24.89 -44.66
CA ILE A 371 26.87 24.94 -45.56
C ILE A 371 25.64 25.60 -44.93
N TYR A 372 25.50 25.47 -43.61
CA TYR A 372 24.35 26.02 -42.91
C TYR A 372 24.32 27.53 -42.74
N VAL A 373 24.92 28.24 -43.70
CA VAL A 373 24.98 29.70 -43.68
C VAL A 373 25.06 30.24 -45.10
N MET A 374 25.18 29.33 -46.06
CA MET A 374 25.26 29.71 -47.47
C MET A 374 23.85 29.82 -48.06
N SER A 375 23.64 30.85 -48.88
CA SER A 375 22.33 31.04 -49.52
C SER A 375 22.05 29.79 -50.35
N LYS A 376 20.77 29.54 -50.64
CA LYS A 376 20.42 28.36 -51.42
C LYS A 376 21.03 28.39 -52.82
N GLU A 377 21.02 29.56 -53.48
CA GLU A 377 21.59 29.69 -54.81
C GLU A 377 23.06 29.31 -54.74
N GLU A 378 23.79 30.02 -53.88
CA GLU A 378 25.21 29.78 -53.66
C GLU A 378 25.48 28.32 -53.32
N ARG A 379 24.65 27.78 -52.43
CA ARG A 379 24.77 26.40 -52.00
C ARG A 379 24.66 25.47 -53.21
N MET A 380 23.87 25.87 -54.20
CA MET A 380 23.70 25.06 -55.40
C MET A 380 24.81 25.35 -56.41
N GLU A 381 25.34 26.57 -56.38
CA GLU A 381 26.41 26.96 -57.29
C GLU A 381 27.57 25.96 -57.13
N ASN A 382 27.63 25.35 -55.95
CA ASN A 382 28.65 24.36 -55.60
C ASN A 382 27.99 22.99 -55.56
N GLY A 383 28.79 21.94 -55.55
CA GLY A 383 28.24 20.60 -55.52
C GLY A 383 27.54 20.32 -54.21
N ILE A 384 26.40 20.98 -53.98
CA ILE A 384 25.63 20.79 -52.75
C ILE A 384 24.11 20.91 -52.96
N VAL A 385 23.42 19.79 -52.84
CA VAL A 385 21.99 19.73 -53.02
C VAL A 385 21.34 19.32 -51.71
N ASP A 386 20.19 19.91 -51.42
CA ASP A 386 19.49 19.57 -50.20
C ASP A 386 18.63 18.33 -50.34
N LEU A 387 18.56 17.54 -49.27
CA LEU A 387 17.76 16.32 -49.25
C LEU A 387 16.26 16.61 -49.44
N PRO A 388 15.45 15.57 -49.73
CA PRO A 388 13.99 15.74 -49.93
C PRO A 388 13.36 16.40 -48.71
N ALA A 389 12.47 17.35 -48.95
CA ALA A 389 11.84 18.09 -47.86
C ALA A 389 10.72 17.31 -47.19
N THR A 390 9.97 16.53 -47.97
CA THR A 390 8.88 15.74 -47.39
C THR A 390 8.90 14.31 -47.90
N LEU A 391 8.12 13.45 -47.26
CA LEU A 391 8.07 12.05 -47.65
C LEU A 391 7.66 11.93 -49.12
N ALA A 392 6.81 12.84 -49.56
CA ALA A 392 6.33 12.85 -50.93
C ALA A 392 7.51 13.13 -51.88
N GLU A 393 8.29 14.17 -51.55
CA GLU A 393 9.43 14.54 -52.37
C GLU A 393 10.41 13.39 -52.48
N ALA A 394 10.63 12.71 -51.36
CA ALA A 394 11.56 11.60 -51.31
C ALA A 394 11.07 10.43 -52.15
N LEU A 395 9.78 10.14 -52.07
CA LEU A 395 9.22 9.02 -52.81
C LEU A 395 9.32 9.22 -54.32
N GLU A 396 9.05 10.43 -54.79
CA GLU A 396 9.16 10.66 -56.22
C GLU A 396 10.59 10.40 -56.68
N GLU A 397 11.56 10.98 -55.98
CA GLU A 397 12.97 10.81 -56.34
C GLU A 397 13.34 9.34 -56.38
N PHE A 398 12.92 8.62 -55.36
CA PHE A 398 13.19 7.20 -55.22
C PHE A 398 12.62 6.42 -56.40
N LYS A 399 11.45 6.85 -56.89
CA LYS A 399 10.80 6.20 -58.01
C LYS A 399 11.49 6.47 -59.33
N SER A 400 12.37 7.44 -59.36
CA SER A 400 13.07 7.78 -60.58
C SER A 400 14.48 7.18 -60.67
N ASN A 401 14.97 6.66 -59.56
CA ASN A 401 16.30 6.09 -59.50
C ASN A 401 16.27 4.59 -59.78
N GLU A 402 16.62 4.20 -61.00
CA GLU A 402 16.58 2.79 -61.41
C GLU A 402 17.27 1.80 -60.48
N VAL A 403 18.53 2.10 -60.12
CA VAL A 403 19.27 1.19 -59.25
C VAL A 403 18.64 1.13 -57.86
N MET A 404 18.24 2.28 -57.33
CA MET A 404 17.62 2.30 -56.01
C MET A 404 16.35 1.44 -56.04
N VAL A 405 15.62 1.49 -57.15
CA VAL A 405 14.41 0.69 -57.27
C VAL A 405 14.75 -0.80 -57.34
N LYS A 406 15.75 -1.14 -58.14
CA LYS A 406 16.19 -2.51 -58.32
C LYS A 406 16.96 -2.96 -57.08
N ALA A 407 17.11 -2.05 -56.13
CA ALA A 407 17.83 -2.39 -54.91
C ALA A 407 16.91 -3.02 -53.88
N LEU A 408 15.61 -2.78 -54.01
CA LEU A 408 14.68 -3.37 -53.07
C LEU A 408 14.02 -4.62 -53.58
N GLY A 409 13.78 -4.68 -54.88
CA GLY A 409 13.12 -5.84 -55.43
C GLY A 409 11.72 -5.46 -55.86
N GLU A 410 11.31 -5.99 -57.01
CA GLU A 410 10.01 -5.70 -57.57
C GLU A 410 8.89 -5.80 -56.52
N HIS A 411 8.82 -6.92 -55.81
CA HIS A 411 7.77 -7.12 -54.79
C HIS A 411 7.87 -6.19 -53.59
N LEU A 412 9.10 -5.94 -53.11
CA LEU A 412 9.30 -5.03 -51.97
C LEU A 412 9.03 -3.60 -52.39
N PHE A 413 9.58 -3.19 -53.53
CA PHE A 413 9.38 -1.84 -53.98
C PHE A 413 7.91 -1.52 -54.16
N GLU A 414 7.17 -2.46 -54.75
CA GLU A 414 5.76 -2.24 -54.99
C GLU A 414 5.03 -1.89 -53.72
N HIS A 415 4.99 -2.84 -52.79
CA HIS A 415 4.29 -2.63 -51.54
C HIS A 415 4.79 -1.44 -50.72
N PHE A 416 6.09 -1.16 -50.79
CA PHE A 416 6.66 -0.05 -50.06
C PHE A 416 6.00 1.26 -50.51
N ILE A 417 6.08 1.52 -51.82
CA ILE A 417 5.51 2.72 -52.40
C ILE A 417 4.05 2.88 -52.04
N GLU A 418 3.33 1.76 -52.04
CA GLU A 418 1.92 1.77 -51.72
C GLU A 418 1.75 2.21 -50.28
N ALA A 419 2.47 1.55 -49.39
CA ALA A 419 2.38 1.84 -47.97
C ALA A 419 2.62 3.32 -47.66
N LYS A 420 3.71 3.88 -48.19
CA LYS A 420 4.03 5.26 -47.93
C LYS A 420 3.08 6.25 -48.60
N GLU A 421 2.65 5.96 -49.83
CA GLU A 421 1.74 6.87 -50.51
C GLU A 421 0.40 6.95 -49.78
N ILE A 422 -0.08 5.81 -49.31
CA ILE A 422 -1.33 5.74 -48.57
C ILE A 422 -1.08 6.46 -47.25
N GLU A 423 0.12 6.26 -46.70
CA GLU A 423 0.49 6.90 -45.44
C GLU A 423 0.55 8.41 -45.59
N TRP A 424 1.28 8.88 -46.60
CA TRP A 424 1.40 10.31 -46.83
C TRP A 424 0.07 10.99 -47.08
N ASP A 425 -0.79 10.30 -47.82
CA ASP A 425 -2.10 10.84 -48.15
C ASP A 425 -2.89 11.08 -46.88
N MET A 426 -2.79 10.16 -45.93
CA MET A 426 -3.50 10.36 -44.68
C MET A 426 -3.07 11.65 -43.99
N PHE A 427 -1.76 11.88 -43.97
CA PHE A 427 -1.17 13.05 -43.34
C PHE A 427 -1.50 14.37 -44.04
N ARG A 428 -1.64 14.31 -45.35
CA ARG A 428 -1.91 15.51 -46.12
C ARG A 428 -3.36 15.94 -46.05
N THR A 429 -4.26 15.00 -45.84
CA THR A 429 -5.65 15.37 -45.81
C THR A 429 -6.13 15.78 -44.43
N GLN A 430 -5.32 15.46 -43.43
CA GLN A 430 -5.61 15.76 -42.03
C GLN A 430 -5.58 17.25 -41.72
N VAL A 431 -6.34 17.69 -40.72
CA VAL A 431 -6.30 19.10 -40.35
C VAL A 431 -5.72 19.21 -38.94
N HIS A 432 -4.49 19.70 -38.83
CA HIS A 432 -3.84 19.78 -37.52
C HIS A 432 -4.23 20.98 -36.65
N PRO A 433 -4.11 20.83 -35.32
CA PRO A 433 -4.46 21.93 -34.41
C PRO A 433 -3.73 23.22 -34.80
N TRP A 434 -2.49 23.06 -35.26
CA TRP A 434 -1.65 24.18 -35.68
C TRP A 434 -2.39 25.04 -36.71
N GLU A 435 -3.08 24.37 -37.63
CA GLU A 435 -3.82 25.03 -38.68
C GLU A 435 -4.95 25.91 -38.13
N ARG A 436 -5.69 25.39 -37.15
CA ARG A 436 -6.78 26.16 -36.55
C ARG A 436 -6.21 27.31 -35.72
N GLU A 437 -5.09 27.06 -35.04
CA GLU A 437 -4.46 28.08 -34.22
C GLU A 437 -3.95 29.25 -35.05
N GLN A 438 -3.68 28.96 -36.32
CA GLN A 438 -3.14 29.97 -37.21
C GLN A 438 -4.15 30.58 -38.15
N TYR A 439 -5.24 29.85 -38.41
CA TYR A 439 -6.19 30.36 -39.36
C TYR A 439 -7.60 30.59 -38.85
N MET A 440 -7.99 29.81 -37.85
CA MET A 440 -9.32 29.89 -37.28
C MET A 440 -9.78 31.32 -36.97
N SER A 441 -8.86 32.14 -36.48
CA SER A 441 -9.13 33.53 -36.12
C SER A 441 -8.61 34.59 -37.11
N GLN A 442 -7.41 34.40 -37.64
CA GLN A 442 -6.81 35.33 -38.59
C GLN A 442 -7.68 35.44 -39.86
N TYR A 443 -8.46 34.39 -40.13
CA TYR A 443 -9.34 34.34 -41.29
C TYR A 443 -10.80 34.10 -40.88
N ALA B 1 51.80 5.70 -7.71
CA ALA B 1 50.56 5.08 -8.28
C ALA B 1 49.79 4.30 -7.20
N LYS B 2 48.49 4.56 -7.11
CA LYS B 2 47.59 3.93 -6.15
C LYS B 2 47.07 2.58 -6.67
N TYR B 3 46.93 2.49 -7.98
CA TYR B 3 46.43 1.27 -8.60
C TYR B 3 47.16 0.95 -9.89
N THR B 4 47.75 -0.24 -9.94
CA THR B 4 48.46 -0.70 -11.12
C THR B 4 47.37 -1.31 -12.01
N ARG B 5 47.58 -1.34 -13.33
CA ARG B 5 46.55 -1.91 -14.20
C ARG B 5 46.10 -3.30 -13.76
N GLU B 6 46.99 -4.06 -13.13
CA GLU B 6 46.63 -5.40 -12.66
C GLU B 6 45.70 -5.30 -11.46
N ASP B 7 45.98 -4.34 -10.58
CA ASP B 7 45.17 -4.15 -9.39
C ASP B 7 43.73 -3.88 -9.79
N ILE B 8 43.56 -3.11 -10.87
CA ILE B 8 42.23 -2.78 -11.36
C ILE B 8 41.57 -4.03 -11.90
N GLU B 9 42.19 -4.67 -12.90
CA GLU B 9 41.63 -5.87 -13.49
C GLU B 9 41.21 -6.89 -12.44
N LYS B 10 41.96 -6.97 -11.34
CA LYS B 10 41.65 -7.91 -10.28
C LYS B 10 40.49 -7.39 -9.43
N LEU B 11 40.40 -6.06 -9.32
CA LEU B 11 39.34 -5.42 -8.56
C LEU B 11 38.00 -5.51 -9.26
N VAL B 12 38.00 -5.38 -10.59
CA VAL B 12 36.78 -5.45 -11.35
C VAL B 12 36.27 -6.89 -11.34
N LYS B 13 37.18 -7.86 -11.37
CA LYS B 13 36.77 -9.26 -11.37
C LYS B 13 36.23 -9.69 -10.02
N GLU B 14 37.00 -9.40 -8.97
CA GLU B 14 36.61 -9.79 -7.62
C GLU B 14 35.36 -9.07 -7.13
N GLU B 15 35.25 -7.78 -7.41
CA GLU B 15 34.11 -6.97 -6.98
C GLU B 15 32.93 -7.08 -7.95
N ASN B 16 33.04 -7.98 -8.93
CA ASN B 16 32.01 -8.21 -9.94
C ASN B 16 31.44 -6.93 -10.55
N VAL B 17 32.31 -6.05 -10.99
CA VAL B 17 31.87 -4.82 -11.61
C VAL B 17 31.20 -5.20 -12.92
N LYS B 18 30.07 -4.57 -13.20
CA LYS B 18 29.35 -4.87 -14.42
C LYS B 18 29.24 -3.65 -15.30
N TYR B 19 29.37 -2.48 -14.70
CA TYR B 19 29.24 -1.22 -15.43
C TYR B 19 30.36 -0.23 -15.12
N ILE B 20 31.06 0.26 -16.13
CA ILE B 20 32.14 1.21 -15.87
C ILE B 20 31.88 2.56 -16.53
N ARG B 21 31.86 3.63 -15.73
CA ARG B 21 31.64 4.97 -16.23
C ARG B 21 32.95 5.69 -16.36
N LEU B 22 33.23 6.20 -17.56
CA LEU B 22 34.47 6.95 -17.77
C LEU B 22 34.11 8.41 -17.70
N GLN B 23 34.08 8.96 -16.49
CA GLN B 23 33.69 10.35 -16.31
C GLN B 23 34.79 11.41 -16.50
N PHE B 24 34.35 12.65 -16.71
CA PHE B 24 35.20 13.81 -16.94
C PHE B 24 34.36 15.08 -16.77
N THR B 25 34.96 16.25 -16.96
CA THR B 25 34.25 17.52 -16.78
C THR B 25 34.28 18.38 -18.02
N ASP B 26 33.23 19.15 -18.24
CA ASP B 26 33.21 20.02 -19.40
C ASP B 26 33.60 21.42 -18.96
N ILE B 27 33.56 22.37 -19.87
CA ILE B 27 33.95 23.74 -19.55
C ILE B 27 33.08 24.38 -18.44
N LEU B 28 31.80 24.03 -18.41
CA LEU B 28 30.86 24.57 -17.43
C LEU B 28 30.94 23.87 -16.08
N GLY B 29 31.93 22.98 -15.93
CA GLY B 29 32.09 22.27 -14.68
C GLY B 29 31.15 21.10 -14.55
N THR B 30 30.20 20.97 -15.47
CA THR B 30 29.25 19.86 -15.45
C THR B 30 29.95 18.51 -15.55
N ILE B 31 29.51 17.56 -14.75
CA ILE B 31 30.13 16.24 -14.78
C ILE B 31 29.59 15.40 -15.94
N LYS B 32 30.47 15.13 -16.89
CA LYS B 32 30.11 14.36 -18.07
C LYS B 32 30.58 12.91 -17.95
N ASN B 33 30.23 12.07 -18.92
CA ASN B 33 30.72 10.71 -18.88
C ASN B 33 30.33 9.87 -20.07
N VAL B 34 30.99 8.72 -20.19
CA VAL B 34 30.73 7.76 -21.25
C VAL B 34 30.80 6.37 -20.62
N GLU B 35 29.65 5.75 -20.39
CA GLU B 35 29.59 4.42 -19.78
C GLU B 35 29.86 3.26 -20.72
N ILE B 36 30.63 2.29 -20.24
CA ILE B 36 30.94 1.11 -21.05
C ILE B 36 30.65 -0.15 -20.25
N PRO B 37 30.35 -1.26 -20.94
CA PRO B 37 30.08 -2.51 -20.22
C PRO B 37 31.39 -2.97 -19.59
N VAL B 38 31.34 -3.86 -18.62
CA VAL B 38 32.57 -4.33 -18.01
C VAL B 38 33.42 -5.07 -19.06
N SER B 39 32.75 -5.54 -20.11
CA SER B 39 33.41 -6.28 -21.19
C SER B 39 34.16 -5.35 -22.12
N GLN B 40 34.30 -4.09 -21.72
CA GLN B 40 34.97 -3.10 -22.54
C GLN B 40 36.17 -2.54 -21.82
N LEU B 41 36.37 -2.98 -20.58
CA LEU B 41 37.47 -2.52 -19.75
C LEU B 41 38.80 -2.55 -20.47
N GLY B 42 39.05 -3.63 -21.19
CA GLY B 42 40.29 -3.78 -21.93
C GLY B 42 40.58 -2.58 -22.80
N LYS B 43 39.67 -2.30 -23.75
CA LYS B 43 39.84 -1.16 -24.65
C LYS B 43 39.91 0.13 -23.84
N ALA B 44 39.35 0.12 -22.65
CA ALA B 44 39.36 1.30 -21.80
C ALA B 44 40.74 1.57 -21.20
N LEU B 45 41.36 0.54 -20.63
CA LEU B 45 42.68 0.68 -20.02
C LEU B 45 43.73 0.92 -21.10
N ASP B 46 43.41 0.54 -22.32
CA ASP B 46 44.30 0.72 -23.45
C ASP B 46 44.22 2.16 -23.98
N ASN B 47 43.30 2.96 -23.44
CA ASN B 47 43.12 4.36 -23.87
C ASN B 47 42.68 4.43 -25.32
N LYS B 48 41.98 3.40 -25.77
CA LYS B 48 41.55 3.35 -27.15
C LYS B 48 40.08 3.73 -27.30
N VAL B 49 39.40 3.92 -26.17
CA VAL B 49 37.98 4.30 -26.19
C VAL B 49 37.80 5.74 -26.63
N MET B 50 37.01 5.93 -27.67
CA MET B 50 36.82 7.26 -28.17
C MET B 50 35.44 7.84 -27.85
N PHE B 51 35.28 9.14 -28.11
CA PHE B 51 34.02 9.83 -27.86
C PHE B 51 34.05 11.22 -28.52
N ASP B 52 32.91 11.89 -28.54
CA ASP B 52 32.83 13.20 -29.14
C ASP B 52 33.31 14.27 -28.18
N GLY B 53 34.60 14.56 -28.23
CA GLY B 53 35.18 15.54 -27.36
C GLY B 53 34.63 16.94 -27.47
N SER B 54 33.83 17.20 -28.48
CA SER B 54 33.29 18.54 -28.59
C SER B 54 32.27 18.75 -27.48
N SER B 55 31.99 17.69 -26.73
CA SER B 55 31.01 17.76 -25.65
C SER B 55 31.58 18.51 -24.46
N ILE B 56 32.91 18.68 -24.46
CA ILE B 56 33.61 19.39 -23.39
C ILE B 56 33.28 20.89 -23.39
N GLU B 57 32.87 21.40 -24.54
CA GLU B 57 32.55 22.83 -24.70
C GLU B 57 31.11 23.11 -24.29
N GLY B 58 30.39 22.06 -23.91
CA GLY B 58 29.01 22.26 -23.49
C GLY B 58 28.10 22.68 -24.63
N PHE B 59 27.06 23.43 -24.30
CA PHE B 59 26.06 23.89 -25.26
C PHE B 59 26.59 24.92 -26.26
N VAL B 60 27.89 24.97 -26.41
CA VAL B 60 28.50 25.91 -27.33
C VAL B 60 29.11 25.15 -28.47
N ARG B 61 29.28 23.84 -28.30
CA ARG B 61 29.87 23.04 -29.36
C ARG B 61 29.24 23.29 -30.72
N ILE B 62 30.03 23.16 -31.78
CA ILE B 62 29.53 23.40 -33.11
C ILE B 62 29.65 22.20 -34.04
N GLU B 63 30.77 21.51 -33.97
CA GLU B 63 30.98 20.36 -34.85
C GLU B 63 31.56 19.23 -34.03
N GLU B 64 31.12 18.00 -34.25
CA GLU B 64 31.67 16.89 -33.47
C GLU B 64 33.07 16.52 -33.93
N SER B 65 33.96 16.28 -32.97
CA SER B 65 35.31 15.91 -33.29
C SER B 65 35.79 14.75 -32.41
N ASP B 66 36.17 13.63 -33.06
CA ASP B 66 36.65 12.46 -32.35
C ASP B 66 37.81 12.79 -31.42
N MET B 67 37.74 12.25 -30.20
CA MET B 67 38.78 12.51 -29.20
C MET B 67 38.95 11.26 -28.33
N TYR B 68 40.14 11.06 -27.78
CA TYR B 68 40.42 9.89 -26.96
C TYR B 68 40.13 10.07 -25.48
N LEU B 69 39.99 8.93 -24.80
CA LEU B 69 39.69 8.91 -23.39
C LEU B 69 40.72 8.11 -22.60
N TYR B 70 41.57 8.80 -21.85
CA TYR B 70 42.63 8.16 -21.05
C TYR B 70 42.30 8.08 -19.56
N PRO B 71 41.84 6.93 -19.11
CA PRO B 71 41.49 6.73 -17.71
C PRO B 71 42.67 6.84 -16.73
N ASP B 72 42.38 7.37 -15.54
CA ASP B 72 43.38 7.55 -14.50
C ASP B 72 43.11 6.51 -13.42
N LEU B 73 43.84 5.40 -13.50
CA LEU B 73 43.68 4.27 -12.58
C LEU B 73 43.72 4.66 -11.10
N ASN B 74 44.26 5.83 -10.81
CA ASN B 74 44.33 6.26 -9.42
C ASN B 74 42.97 6.69 -8.92
N THR B 75 42.10 7.08 -9.84
CA THR B 75 40.76 7.55 -9.48
C THR B 75 39.72 6.44 -9.52
N PHE B 76 40.14 5.19 -9.67
CA PHE B 76 39.19 4.09 -9.73
C PHE B 76 38.37 3.97 -8.46
N VAL B 77 37.06 3.99 -8.59
CA VAL B 77 36.22 3.90 -7.40
C VAL B 77 35.05 2.98 -7.70
N ILE B 78 34.43 2.45 -6.65
CA ILE B 78 33.29 1.59 -6.84
C ILE B 78 32.17 2.16 -5.97
N PHE B 79 31.12 2.65 -6.64
CA PHE B 79 29.94 3.24 -5.98
C PHE B 79 29.28 2.14 -5.17
N PRO B 80 29.31 2.25 -3.84
CA PRO B 80 28.73 1.25 -2.94
C PRO B 80 27.22 1.03 -2.98
N TRP B 81 26.47 2.09 -3.19
CA TRP B 81 25.02 1.99 -3.23
C TRP B 81 24.52 1.13 -4.39
N THR B 82 25.25 1.11 -5.50
CA THR B 82 24.84 0.29 -6.62
C THR B 82 25.28 -1.14 -6.32
N ALA B 83 24.40 -2.13 -6.48
CA ALA B 83 24.83 -3.48 -6.17
C ALA B 83 23.97 -4.53 -6.81
N GLU B 84 24.15 -5.76 -6.35
CA GLU B 84 23.40 -6.93 -6.85
C GLU B 84 23.50 -7.09 -8.38
N LYS B 85 22.37 -6.90 -9.05
CA LYS B 85 22.27 -7.01 -10.52
C LYS B 85 23.58 -6.63 -11.20
N GLY B 86 24.16 -5.52 -10.77
CA GLY B 86 25.40 -5.09 -11.36
C GLY B 86 26.03 -3.96 -10.59
N LYS B 87 27.32 -4.11 -10.32
CA LYS B 87 28.11 -3.11 -9.61
C LYS B 87 28.64 -2.09 -10.60
N VAL B 88 28.67 -0.83 -10.20
CA VAL B 88 29.17 0.21 -11.08
C VAL B 88 30.40 0.89 -10.48
N ALA B 89 31.41 1.08 -11.34
CA ALA B 89 32.67 1.72 -10.98
C ALA B 89 32.94 2.87 -11.97
N ARG B 90 33.78 3.83 -11.58
CA ARG B 90 34.10 4.96 -12.45
C ARG B 90 35.59 5.08 -12.66
N PHE B 91 35.96 5.98 -13.55
CA PHE B 91 37.35 6.21 -13.91
C PHE B 91 37.50 7.62 -14.44
N ILE B 92 37.83 8.60 -13.61
CA ILE B 92 37.98 9.96 -14.16
C ILE B 92 39.07 9.90 -15.26
N CYS B 93 38.78 10.40 -16.46
CA CYS B 93 39.74 10.34 -17.57
C CYS B 93 40.28 11.67 -18.00
N ASP B 94 41.30 11.61 -18.84
CA ASP B 94 41.90 12.79 -19.41
C ASP B 94 41.61 12.75 -20.88
N ILE B 95 41.21 13.88 -21.45
CA ILE B 95 40.92 13.93 -22.86
C ILE B 95 42.21 14.11 -23.65
N TYR B 96 42.37 13.28 -24.68
CA TYR B 96 43.53 13.32 -25.56
C TYR B 96 43.09 13.42 -27.01
N ASN B 97 43.81 14.20 -27.81
CA ASN B 97 43.52 14.37 -29.25
C ASN B 97 43.82 13.08 -29.99
N PRO B 98 43.22 12.90 -31.18
CA PRO B 98 43.47 11.68 -31.93
C PRO B 98 44.95 11.34 -32.13
N ASP B 99 45.79 12.37 -32.32
CA ASP B 99 47.22 12.16 -32.53
C ASP B 99 47.96 11.66 -31.28
N GLY B 100 47.42 11.94 -30.10
CA GLY B 100 48.03 11.49 -28.85
C GLY B 100 48.36 12.61 -27.88
N THR B 101 48.21 13.85 -28.34
CA THR B 101 48.50 14.99 -27.51
C THR B 101 47.26 15.39 -26.73
N PRO B 102 47.45 15.93 -25.51
CA PRO B 102 46.37 16.38 -24.63
C PRO B 102 45.53 17.47 -25.29
N PHE B 103 44.23 17.45 -25.05
CA PHE B 103 43.36 18.46 -25.63
C PHE B 103 43.43 19.73 -24.75
N GLU B 104 43.83 20.85 -25.36
CA GLU B 104 43.96 22.15 -24.67
C GLU B 104 42.65 22.67 -24.11
N GLY B 105 41.54 22.10 -24.56
CA GLY B 105 40.23 22.55 -24.08
C GLY B 105 39.75 21.83 -22.84
N ASP B 106 40.48 20.80 -22.40
CA ASP B 106 40.09 20.05 -21.20
C ASP B 106 40.51 20.74 -19.93
N PRO B 107 39.55 21.09 -19.06
CA PRO B 107 39.85 21.77 -17.80
C PRO B 107 40.87 21.05 -16.93
N ARG B 108 40.67 19.74 -16.72
CA ARG B 108 41.60 19.00 -15.88
C ARG B 108 43.03 19.13 -16.41
N ASN B 109 43.16 19.40 -17.71
CA ASN B 109 44.48 19.57 -18.30
C ASN B 109 45.00 20.95 -17.95
N ASN B 110 44.13 21.95 -18.07
CA ASN B 110 44.55 23.30 -17.77
C ASN B 110 45.15 23.35 -16.37
N LEU B 111 44.52 22.67 -15.42
CA LEU B 111 45.04 22.67 -14.06
C LEU B 111 46.46 22.12 -14.00
N LYS B 112 46.72 20.99 -14.66
CA LYS B 112 48.08 20.42 -14.65
C LYS B 112 49.09 21.39 -15.22
N ARG B 113 48.71 22.12 -16.26
CA ARG B 113 49.60 23.10 -16.86
C ARG B 113 50.04 24.16 -15.86
N ILE B 114 49.04 24.76 -15.21
CA ILE B 114 49.29 25.77 -14.20
C ILE B 114 50.10 25.14 -13.08
N LEU B 115 49.79 23.90 -12.75
CA LEU B 115 50.52 23.21 -11.69
C LEU B 115 51.96 22.99 -12.11
N LYS B 116 52.17 22.92 -13.42
CA LYS B 116 53.52 22.74 -13.94
C LYS B 116 54.26 24.06 -13.78
N GLU B 117 53.52 25.17 -13.82
CA GLU B 117 54.10 26.49 -13.64
C GLU B 117 54.56 26.63 -12.19
N MET B 118 53.81 25.98 -11.32
CA MET B 118 54.11 25.99 -9.90
C MET B 118 55.38 25.20 -9.59
N GLU B 119 55.53 24.03 -10.21
CA GLU B 119 56.71 23.19 -9.97
C GLU B 119 57.96 23.86 -10.53
N ASP B 120 57.82 24.52 -11.68
CA ASP B 120 58.94 25.20 -12.31
C ASP B 120 59.34 26.43 -11.51
N LEU B 121 58.63 26.65 -10.42
CA LEU B 121 58.92 27.79 -9.56
C LEU B 121 59.56 27.30 -8.28
N GLY B 122 59.72 25.98 -8.18
CA GLY B 122 60.35 25.41 -7.00
C GLY B 122 59.41 24.83 -5.96
N PHE B 123 58.13 24.77 -6.28
CA PHE B 123 57.13 24.26 -5.34
C PHE B 123 56.75 22.81 -5.62
N SER B 124 56.64 22.04 -4.54
CA SER B 124 56.31 20.62 -4.61
C SER B 124 54.84 20.35 -4.91
N ASP B 125 53.98 20.70 -3.97
CA ASP B 125 52.55 20.45 -4.12
C ASP B 125 51.72 21.67 -3.76
N PHE B 126 50.47 21.64 -4.19
CA PHE B 126 49.50 22.72 -3.95
C PHE B 126 48.23 22.04 -3.45
N ASN B 127 47.99 22.18 -2.16
CA ASN B 127 46.84 21.55 -1.50
C ASN B 127 45.55 22.36 -1.57
N LEU B 128 44.44 21.70 -1.27
CA LEU B 128 43.17 22.38 -1.32
C LEU B 128 42.24 21.74 -0.32
N GLY B 129 41.63 22.54 0.54
CA GLY B 129 40.69 22.04 1.52
C GLY B 129 39.36 22.72 1.26
N PRO B 130 38.49 22.15 0.39
CA PRO B 130 37.19 22.75 0.08
C PRO B 130 36.15 22.63 1.18
N GLU B 131 35.17 23.52 1.14
CA GLU B 131 34.09 23.55 2.12
C GLU B 131 32.78 23.77 1.37
N PRO B 132 32.42 22.83 0.49
CA PRO B 132 31.19 22.96 -0.29
C PRO B 132 29.89 22.95 0.53
N GLU B 133 29.01 23.91 0.25
CA GLU B 133 27.74 24.00 0.96
C GLU B 133 26.64 23.65 -0.04
N PHE B 134 25.48 23.24 0.46
CA PHE B 134 24.37 22.91 -0.43
C PHE B 134 23.05 22.83 0.30
N PHE B 135 21.96 22.97 -0.46
CA PHE B 135 20.63 22.90 0.12
C PHE B 135 19.95 21.62 -0.32
N LEU B 136 19.04 21.16 0.52
CA LEU B 136 18.28 19.97 0.20
C LEU B 136 16.80 20.39 0.22
N PHE B 137 16.07 20.08 -0.85
CA PHE B 137 14.63 20.40 -0.94
C PHE B 137 13.81 19.13 -1.08
N LYS B 138 12.52 19.24 -0.81
CA LYS B 138 11.65 18.07 -0.95
C LYS B 138 11.19 17.89 -2.38
N LEU B 139 10.84 16.64 -2.70
CA LEU B 139 10.34 16.30 -4.03
C LEU B 139 8.83 16.18 -3.94
N ASP B 140 8.12 16.67 -4.94
CA ASP B 140 6.66 16.56 -4.92
C ASP B 140 6.21 15.19 -5.40
N GLU B 141 4.97 15.07 -5.84
CA GLU B 141 4.42 13.80 -6.34
C GLU B 141 5.18 13.31 -7.59
N LYS B 142 5.25 14.17 -8.61
CA LYS B 142 5.95 13.84 -9.85
C LYS B 142 7.46 13.74 -9.61
N GLY B 143 7.89 13.93 -8.38
CA GLY B 143 9.31 13.83 -8.09
C GLY B 143 10.10 15.03 -8.58
N GLU B 144 9.44 16.18 -8.61
CA GLU B 144 10.06 17.42 -9.05
C GLU B 144 10.51 18.26 -7.87
N PRO B 145 11.52 19.10 -8.07
CA PRO B 145 12.05 19.97 -7.02
C PRO B 145 11.01 20.95 -6.51
N THR B 146 11.08 21.25 -5.23
CA THR B 146 10.15 22.17 -4.59
C THR B 146 10.92 23.19 -3.76
N LEU B 147 10.28 24.28 -3.36
CA LEU B 147 10.96 25.29 -2.56
C LEU B 147 10.91 24.94 -1.08
N GLU B 148 10.37 23.76 -0.79
CA GLU B 148 10.25 23.27 0.57
C GLU B 148 11.60 22.70 1.03
N LEU B 149 12.13 23.25 2.12
CA LEU B 149 13.42 22.83 2.68
C LEU B 149 13.26 21.58 3.52
N ASN B 150 14.28 20.73 3.50
CA ASN B 150 14.21 19.48 4.24
C ASN B 150 14.10 19.63 5.75
N ASP B 151 14.68 20.67 6.32
CA ASP B 151 14.61 20.89 7.77
C ASP B 151 14.42 22.34 8.16
N LYS B 152 14.74 22.63 9.41
CA LYS B 152 14.62 23.98 9.93
C LYS B 152 15.79 24.31 10.85
N GLY B 153 16.87 23.54 10.70
CA GLY B 153 18.06 23.72 11.52
C GLY B 153 18.80 25.02 11.30
N GLY B 154 19.65 25.37 12.26
CA GLY B 154 20.42 26.60 12.17
C GLY B 154 21.88 26.30 11.95
N TYR B 155 22.72 27.28 12.24
CA TYR B 155 24.15 27.12 12.06
C TYR B 155 24.76 26.23 13.13
N PHE B 156 25.19 25.04 12.71
CA PHE B 156 25.80 24.05 13.59
C PHE B 156 24.85 23.35 14.55
N ASP B 157 23.57 23.34 14.21
CA ASP B 157 22.57 22.69 15.05
C ASP B 157 22.54 21.18 14.80
N LEU B 158 21.83 20.46 15.67
CA LEU B 158 21.70 19.02 15.49
C LEU B 158 20.64 18.86 14.42
N ALA B 159 21.07 19.03 13.16
CA ALA B 159 20.22 18.92 11.98
C ALA B 159 19.60 17.53 11.94
N PRO B 160 18.44 17.40 11.28
CA PRO B 160 17.74 16.13 11.18
C PRO B 160 18.20 15.06 12.17
N THR B 161 17.51 14.97 13.31
CA THR B 161 17.81 13.98 14.33
C THR B 161 18.08 12.60 13.70
N ASP B 162 18.91 11.78 14.33
CA ASP B 162 19.21 10.45 13.79
C ASP B 162 17.95 9.58 13.60
N LEU B 163 17.30 9.72 12.45
CA LEU B 163 16.12 8.94 12.11
C LEU B 163 16.54 8.03 10.96
N GLY B 164 15.60 7.74 10.06
CA GLY B 164 15.94 6.89 8.93
C GLY B 164 16.42 7.77 7.78
N GLU B 165 16.20 9.08 7.91
CA GLU B 165 16.60 10.01 6.87
C GLU B 165 18.01 10.55 7.11
N ASN B 166 18.09 11.72 7.72
CA ASN B 166 19.38 12.34 7.96
C ASN B 166 20.31 12.14 6.77
N CYS B 167 19.90 12.75 5.66
CA CYS B 167 20.62 12.70 4.40
C CYS B 167 22.09 13.13 4.51
N ARG B 168 22.36 14.12 5.35
CA ARG B 168 23.73 14.60 5.54
C ARG B 168 24.64 13.54 6.14
N ARG B 169 24.13 12.80 7.10
CA ARG B 169 24.93 11.74 7.73
C ARG B 169 25.21 10.66 6.69
N ASP B 170 24.13 10.18 6.07
CA ASP B 170 24.18 9.14 5.06
C ASP B 170 25.13 9.40 3.91
N ILE B 171 25.23 10.66 3.50
CA ILE B 171 26.15 11.00 2.43
C ILE B 171 27.57 10.77 2.93
N VAL B 172 27.86 11.28 4.14
CA VAL B 172 29.20 11.14 4.71
C VAL B 172 29.58 9.68 4.89
N LEU B 173 28.61 8.85 5.25
CA LEU B 173 28.89 7.44 5.42
C LEU B 173 29.21 6.81 4.06
N GLU B 174 28.43 7.15 3.05
CA GLU B 174 28.64 6.60 1.71
C GLU B 174 30.01 7.01 1.17
N LEU B 175 30.41 8.26 1.42
CA LEU B 175 31.70 8.75 0.95
C LEU B 175 32.86 8.03 1.61
N GLU B 176 32.69 7.71 2.90
CA GLU B 176 33.71 7.02 3.67
C GLU B 176 33.96 5.63 3.12
N GLU B 177 32.90 4.96 2.69
CA GLU B 177 33.01 3.62 2.12
C GLU B 177 33.72 3.68 0.77
N MET B 178 33.58 4.80 0.08
CA MET B 178 34.20 5.03 -1.23
C MET B 178 35.65 5.48 -1.11
N GLY B 179 36.13 5.60 0.12
CA GLY B 179 37.50 6.01 0.30
C GLY B 179 37.66 7.50 0.49
N PHE B 180 36.55 8.18 0.71
CA PHE B 180 36.57 9.63 0.92
C PHE B 180 36.89 9.94 2.37
N GLU B 181 38.01 10.60 2.61
CA GLU B 181 38.38 10.99 3.97
C GLU B 181 37.81 12.38 4.23
N ILE B 182 36.74 12.42 5.00
CA ILE B 182 36.06 13.67 5.33
C ILE B 182 36.54 14.20 6.66
N GLU B 183 36.62 15.52 6.78
CA GLU B 183 37.07 16.13 8.04
C GLU B 183 35.90 16.20 9.00
N ALA B 184 34.82 16.83 8.56
CA ALA B 184 33.64 16.98 9.39
C ALA B 184 32.52 17.64 8.60
N SER B 185 31.32 17.57 9.16
CA SER B 185 30.13 18.17 8.55
C SER B 185 29.23 18.79 9.61
N HIS B 186 28.29 19.62 9.17
CA HIS B 186 27.40 20.30 10.09
C HIS B 186 26.28 20.99 9.36
N HIS B 187 25.24 21.36 10.09
CA HIS B 187 24.15 22.05 9.47
C HIS B 187 24.57 23.52 9.29
N GLU B 188 24.27 24.12 8.13
CA GLU B 188 24.64 25.52 7.87
C GLU B 188 23.67 26.56 8.39
N VAL B 189 24.04 27.82 8.21
CA VAL B 189 23.22 28.91 8.70
C VAL B 189 21.75 28.87 8.32
N ALA B 190 21.48 28.76 7.03
CA ALA B 190 20.12 28.73 6.51
C ALA B 190 19.47 27.35 6.65
N PRO B 191 18.15 27.32 6.81
CA PRO B 191 17.41 26.06 6.93
C PRO B 191 17.53 25.21 5.68
N GLY B 192 17.85 23.94 5.87
CA GLY B 192 17.98 23.05 4.74
C GLY B 192 19.33 23.09 4.09
N GLN B 193 20.22 23.90 4.65
CA GLN B 193 21.57 24.04 4.14
C GLN B 193 22.55 23.14 4.90
N HIS B 194 23.49 22.55 4.18
CA HIS B 194 24.43 21.63 4.79
C HIS B 194 25.83 21.83 4.28
N GLU B 195 26.79 21.35 5.05
CA GLU B 195 28.18 21.48 4.67
C GLU B 195 28.97 20.27 5.09
N ILE B 196 29.92 19.88 4.25
CA ILE B 196 30.79 18.75 4.49
C ILE B 196 32.20 19.18 4.05
N ASP B 197 33.16 19.14 4.97
CA ASP B 197 34.51 19.56 4.65
C ASP B 197 35.44 18.38 4.53
N PHE B 198 36.31 18.38 3.51
CA PHE B 198 37.24 17.27 3.35
C PHE B 198 38.58 17.65 3.96
N LYS B 199 39.49 16.67 4.01
CA LYS B 199 40.82 16.91 4.50
C LYS B 199 41.54 17.48 3.30
N TYR B 200 42.63 18.19 3.51
CA TYR B 200 43.36 18.79 2.40
C TYR B 200 43.88 17.70 1.44
N ALA B 201 44.11 18.06 0.19
CA ALA B 201 44.64 17.11 -0.79
C ALA B 201 45.21 17.88 -1.96
N GLY B 202 46.04 17.23 -2.76
CA GLY B 202 46.64 17.86 -3.92
C GLY B 202 45.61 18.50 -4.83
N ALA B 203 46.03 19.46 -5.65
CA ALA B 203 45.10 20.16 -6.54
C ALA B 203 44.19 19.27 -7.36
N VAL B 204 44.76 18.51 -8.28
CA VAL B 204 43.93 17.65 -9.12
C VAL B 204 43.12 16.66 -8.30
N ARG B 205 43.71 16.11 -7.25
CA ARG B 205 42.94 15.15 -6.48
C ARG B 205 41.76 15.79 -5.80
N SER B 206 41.99 16.93 -5.15
CA SER B 206 40.93 17.62 -4.46
C SER B 206 39.79 18.01 -5.39
N CYS B 207 40.14 18.50 -6.57
CA CYS B 207 39.13 18.87 -7.54
C CYS B 207 38.40 17.59 -7.98
N ASP B 208 39.13 16.48 -8.12
CA ASP B 208 38.48 15.24 -8.55
C ASP B 208 37.38 14.85 -7.55
N ASP B 209 37.69 14.99 -6.25
CA ASP B 209 36.73 14.66 -5.19
C ASP B 209 35.56 15.65 -5.14
N ILE B 210 35.81 16.90 -5.49
CA ILE B 210 34.73 17.88 -5.50
C ILE B 210 33.73 17.48 -6.58
N GLN B 211 34.24 16.96 -7.69
CA GLN B 211 33.36 16.53 -8.76
C GLN B 211 32.60 15.30 -8.30
N THR B 212 33.33 14.33 -7.77
CA THR B 212 32.68 13.12 -7.30
C THR B 212 31.72 13.38 -6.14
N PHE B 213 32.08 14.36 -5.31
CA PHE B 213 31.27 14.72 -4.15
C PHE B 213 29.87 15.16 -4.56
N LYS B 214 29.80 16.11 -5.48
CA LYS B 214 28.53 16.64 -5.95
C LYS B 214 27.66 15.51 -6.47
N LEU B 215 28.29 14.63 -7.26
CA LEU B 215 27.61 13.48 -7.82
C LEU B 215 27.03 12.64 -6.69
N VAL B 216 27.85 12.31 -5.70
CA VAL B 216 27.37 11.50 -4.61
C VAL B 216 26.27 12.21 -3.82
N VAL B 217 26.48 13.49 -3.52
CA VAL B 217 25.47 14.22 -2.78
C VAL B 217 24.16 14.23 -3.53
N LYS B 218 24.17 14.66 -4.79
CA LYS B 218 22.93 14.70 -5.54
C LYS B 218 22.26 13.34 -5.67
N THR B 219 23.07 12.30 -5.85
CA THR B 219 22.55 10.93 -5.97
C THR B 219 21.90 10.42 -4.68
N ILE B 220 22.65 10.39 -3.59
CA ILE B 220 22.12 9.91 -2.30
C ILE B 220 20.89 10.73 -1.90
N ALA B 221 20.97 12.04 -2.07
CA ALA B 221 19.84 12.92 -1.75
C ALA B 221 18.56 12.54 -2.50
N ARG B 222 18.68 12.12 -3.76
CA ARG B 222 17.51 11.75 -4.56
C ARG B 222 16.96 10.42 -4.09
N LYS B 223 17.78 9.64 -3.40
CA LYS B 223 17.32 8.37 -2.87
C LYS B 223 16.48 8.60 -1.63
N HIS B 224 16.76 9.70 -0.93
CA HIS B 224 16.03 10.03 0.28
C HIS B 224 14.79 10.88 0.02
N GLY B 225 14.36 10.97 -1.24
CA GLY B 225 13.21 11.78 -1.56
C GLY B 225 13.51 13.26 -1.53
N LEU B 226 14.80 13.59 -1.44
CA LEU B 226 15.21 14.99 -1.41
C LEU B 226 15.87 15.38 -2.73
N HIS B 227 16.18 16.67 -2.85
CA HIS B 227 16.83 17.24 -4.01
C HIS B 227 17.96 18.18 -3.59
N ALA B 228 19.19 17.76 -3.83
CA ALA B 228 20.39 18.52 -3.48
C ALA B 228 20.75 19.55 -4.55
N THR B 229 21.18 20.75 -4.13
CA THR B 229 21.55 21.79 -5.09
C THR B 229 22.75 22.67 -4.68
N PHE B 230 23.71 22.81 -5.59
CA PHE B 230 24.89 23.63 -5.29
C PHE B 230 24.76 25.00 -5.93
N MET B 231 23.52 25.40 -6.17
CA MET B 231 23.19 26.68 -6.77
C MET B 231 23.66 27.73 -5.76
N PRO B 232 24.45 28.71 -6.20
CA PRO B 232 24.95 29.76 -5.30
C PRO B 232 23.89 30.42 -4.40
N LYS B 233 22.72 30.72 -4.93
CA LYS B 233 21.71 31.40 -4.12
C LYS B 233 20.30 31.00 -4.58
N PRO B 234 19.78 29.87 -4.07
CA PRO B 234 18.45 29.38 -4.42
C PRO B 234 17.30 30.27 -3.99
N LEU B 235 17.35 30.68 -2.73
CA LEU B 235 16.29 31.50 -2.17
C LEU B 235 16.76 32.87 -1.79
N PHE B 236 16.01 33.85 -2.21
CA PHE B 236 16.32 35.21 -1.91
C PHE B 236 16.07 35.41 -0.43
N GLY B 237 16.83 36.30 0.19
CA GLY B 237 16.61 36.57 1.59
C GLY B 237 17.29 35.61 2.53
N VAL B 238 17.67 34.43 2.06
CA VAL B 238 18.35 33.49 2.94
C VAL B 238 19.79 33.39 2.47
N ASN B 239 20.63 32.79 3.30
CA ASN B 239 22.05 32.63 2.99
C ASN B 239 22.26 31.88 1.66
N GLY B 240 23.35 32.21 0.97
CA GLY B 240 23.68 31.54 -0.26
C GLY B 240 24.66 30.43 0.09
N SER B 241 25.15 29.71 -0.90
CA SER B 241 26.10 28.62 -0.65
C SER B 241 27.44 28.90 -1.31
N GLY B 242 28.51 28.83 -0.54
CA GLY B 242 29.81 29.07 -1.12
C GLY B 242 30.63 27.79 -1.00
N MET B 243 31.80 27.77 -1.63
CA MET B 243 32.68 26.61 -1.53
C MET B 243 34.05 27.18 -1.24
N HIS B 244 34.22 27.71 -0.04
CA HIS B 244 35.49 28.28 0.39
C HIS B 244 36.64 27.36 0.11
N CYS B 245 37.74 27.95 -0.32
CA CYS B 245 38.91 27.19 -0.68
C CYS B 245 40.16 27.53 0.13
N ASN B 246 40.55 26.60 1.01
CA ASN B 246 41.74 26.76 1.83
C ASN B 246 42.91 26.25 1.03
N LEU B 247 43.83 27.16 0.69
CA LEU B 247 44.99 26.81 -0.10
C LEU B 247 46.27 26.83 0.74
N SER B 248 47.28 26.10 0.30
CA SER B 248 48.57 26.09 0.97
C SER B 248 49.64 25.60 -0.02
N LEU B 249 50.72 26.36 -0.15
CA LEU B 249 51.79 25.98 -1.06
C LEU B 249 52.87 25.18 -0.33
N PHE B 250 53.33 24.10 -0.94
CA PHE B 250 54.38 23.27 -0.35
C PHE B 250 55.69 23.32 -1.15
N LYS B 251 56.79 23.37 -0.41
CA LYS B 251 58.12 23.40 -1.02
C LYS B 251 58.99 22.37 -0.31
N ASN B 252 59.45 21.38 -1.06
CA ASN B 252 60.29 20.34 -0.50
C ASN B 252 59.54 19.58 0.60
N GLY B 253 58.21 19.65 0.55
CA GLY B 253 57.41 18.94 1.53
C GLY B 253 57.18 19.73 2.79
N VAL B 254 57.23 21.05 2.68
CA VAL B 254 57.01 21.87 3.85
C VAL B 254 56.11 23.04 3.51
N ASN B 255 55.17 23.30 4.41
CA ASN B 255 54.23 24.39 4.23
C ASN B 255 55.06 25.68 4.03
N ALA B 256 55.09 26.19 2.80
CA ALA B 256 55.84 27.40 2.51
C ALA B 256 55.16 28.67 3.00
N PHE B 257 54.05 28.51 3.70
CA PHE B 257 53.30 29.67 4.20
C PHE B 257 53.59 29.97 5.67
N PHE B 258 54.16 28.97 6.34
CA PHE B 258 54.48 29.06 7.77
C PHE B 258 55.87 29.65 8.07
N ASP B 259 55.91 30.60 9.01
CA ASP B 259 57.15 31.22 9.44
C ASP B 259 56.97 31.58 10.92
N GLU B 260 57.28 30.61 11.80
CA GLU B 260 57.13 30.79 13.24
C GLU B 260 57.67 32.12 13.77
N ASN B 261 58.86 32.47 13.32
CA ASN B 261 59.52 33.70 13.71
C ASN B 261 58.82 34.95 13.20
N ALA B 262 58.22 34.88 12.02
CA ALA B 262 57.54 36.02 11.42
C ALA B 262 56.22 36.32 12.14
N ASP B 263 55.79 37.57 12.09
CA ASP B 263 54.54 37.96 12.74
C ASP B 263 53.37 37.16 12.14
N LEU B 264 52.41 36.81 12.98
CA LEU B 264 51.26 36.01 12.54
C LEU B 264 51.76 34.68 12.01
N GLN B 265 53.04 34.41 12.22
CA GLN B 265 53.66 33.18 11.75
C GLN B 265 53.42 32.94 10.26
N LEU B 266 53.43 34.02 9.48
CA LEU B 266 53.24 33.92 8.04
C LEU B 266 54.51 34.38 7.34
N SER B 267 55.08 33.48 6.56
CA SER B 267 56.30 33.71 5.80
C SER B 267 56.11 34.72 4.67
N GLU B 268 57.22 35.19 4.11
CA GLU B 268 57.21 36.15 3.01
C GLU B 268 56.48 35.57 1.82
N THR B 269 56.72 34.28 1.57
CA THR B 269 56.07 33.58 0.47
C THR B 269 54.54 33.70 0.61
N ALA B 270 54.03 33.41 1.80
CA ALA B 270 52.60 33.48 2.06
C ALA B 270 52.04 34.88 1.82
N LYS B 271 52.72 35.91 2.32
CA LYS B 271 52.23 37.27 2.12
C LYS B 271 52.16 37.69 0.67
N HIS B 272 53.08 37.17 -0.14
CA HIS B 272 53.10 37.49 -1.57
C HIS B 272 51.94 36.81 -2.27
N PHE B 273 51.60 35.62 -1.78
CA PHE B 273 50.50 34.84 -2.31
C PHE B 273 49.26 35.72 -2.18
N ILE B 274 49.03 36.20 -0.96
CA ILE B 274 47.90 37.06 -0.68
C ILE B 274 47.82 38.22 -1.68
N ALA B 275 48.95 38.88 -1.89
CA ALA B 275 49.01 40.00 -2.82
C ALA B 275 48.51 39.55 -4.18
N GLY B 276 48.90 38.34 -4.57
CA GLY B 276 48.51 37.80 -5.86
C GLY B 276 47.00 37.72 -6.03
N ILE B 277 46.36 37.10 -5.05
CA ILE B 277 44.92 36.95 -5.08
C ILE B 277 44.23 38.30 -4.94
N VAL B 278 44.82 39.22 -4.19
CA VAL B 278 44.22 40.53 -4.02
C VAL B 278 44.27 41.34 -5.31
N LYS B 279 45.29 41.10 -6.12
CA LYS B 279 45.47 41.82 -7.38
C LYS B 279 44.57 41.29 -8.51
N HIS B 280 44.28 40.00 -8.48
CA HIS B 280 43.48 39.35 -9.51
C HIS B 280 42.07 38.95 -9.12
N ALA B 281 41.76 39.08 -7.84
CA ALA B 281 40.44 38.73 -7.32
C ALA B 281 39.28 39.19 -8.17
N THR B 282 39.17 40.50 -8.40
CA THR B 282 38.07 41.02 -9.23
C THR B 282 38.13 40.46 -10.64
N SER B 283 39.27 39.94 -11.04
CA SER B 283 39.40 39.39 -12.39
C SER B 283 39.07 37.91 -12.51
N PHE B 284 39.31 37.14 -11.46
CA PHE B 284 39.00 35.72 -11.55
C PHE B 284 37.63 35.37 -10.99
N THR B 285 36.83 36.38 -10.70
CA THR B 285 35.51 36.14 -10.14
C THR B 285 34.57 35.52 -11.17
N ALA B 286 34.77 35.86 -12.44
CA ALA B 286 33.95 35.32 -13.49
C ALA B 286 34.11 33.79 -13.50
N VAL B 287 35.26 33.30 -13.08
CA VAL B 287 35.53 31.86 -13.07
C VAL B 287 35.06 31.15 -11.80
N THR B 288 35.37 31.75 -10.65
CA THR B 288 35.01 31.21 -9.34
C THR B 288 33.52 31.39 -9.03
N ASN B 289 32.86 32.23 -9.82
CA ASN B 289 31.42 32.53 -9.67
C ASN B 289 30.94 32.68 -11.12
N PRO B 290 30.92 31.58 -11.87
CA PRO B 290 30.52 31.46 -13.28
C PRO B 290 29.09 31.66 -13.71
N THR B 291 28.17 31.68 -12.77
CA THR B 291 26.77 31.81 -13.15
C THR B 291 26.25 33.19 -12.83
N VAL B 292 25.10 33.48 -13.42
CA VAL B 292 24.43 34.75 -13.19
C VAL B 292 24.03 34.84 -11.73
N ASN B 293 23.35 33.80 -11.27
CA ASN B 293 22.88 33.70 -9.89
C ASN B 293 24.01 33.73 -8.88
N SER B 294 25.22 33.42 -9.33
CA SER B 294 26.36 33.47 -8.43
C SER B 294 26.48 34.83 -7.78
N TYR B 295 26.11 35.86 -8.52
CA TYR B 295 26.23 37.21 -8.00
C TYR B 295 25.08 37.61 -7.09
N LYS B 296 24.07 36.76 -7.00
CA LYS B 296 22.94 37.06 -6.14
C LYS B 296 23.38 36.66 -4.73
N ARG B 297 24.46 35.88 -4.64
CA ARG B 297 25.01 35.45 -3.34
C ARG B 297 26.04 36.47 -2.85
N LEU B 298 26.69 37.13 -3.81
CA LEU B 298 27.72 38.15 -3.56
C LEU B 298 27.06 39.49 -3.27
N VAL B 299 26.23 39.48 -2.25
CA VAL B 299 25.51 40.67 -1.80
C VAL B 299 25.78 40.74 -0.32
N PRO B 300 25.77 41.95 0.25
CA PRO B 300 26.02 42.08 1.68
C PRO B 300 24.93 41.53 2.58
N GLY B 301 25.33 41.16 3.79
CA GLY B 301 24.42 40.65 4.80
C GLY B 301 24.18 39.15 4.88
N TYR B 302 25.06 38.36 4.29
CA TYR B 302 24.90 36.92 4.28
C TYR B 302 26.23 36.20 4.44
N GLU B 303 27.19 36.90 5.05
CA GLU B 303 28.51 36.32 5.30
C GLU B 303 29.21 35.83 4.04
N ALA B 304 29.16 36.63 2.99
CA ALA B 304 29.81 36.28 1.74
C ALA B 304 30.62 37.48 1.27
N PRO B 305 31.83 37.22 0.75
CA PRO B 305 32.75 38.24 0.26
C PRO B 305 32.12 39.24 -0.71
N CYS B 306 32.31 40.53 -0.44
CA CYS B 306 31.79 41.55 -1.33
C CYS B 306 32.89 42.53 -1.72
N TYR B 307 33.95 42.62 -0.91
CA TYR B 307 35.06 43.51 -1.21
C TYR B 307 36.40 42.77 -1.07
N VAL B 308 37.37 43.14 -1.89
CA VAL B 308 38.68 42.50 -1.88
C VAL B 308 39.48 42.93 -0.65
N ALA B 309 39.68 42.01 0.28
CA ALA B 309 40.41 42.33 1.49
C ALA B 309 40.64 41.06 2.29
N TRP B 310 41.64 41.06 3.16
CA TRP B 310 41.89 39.88 3.97
C TRP B 310 42.18 40.20 5.44
N SER B 311 41.86 39.26 6.31
CA SER B 311 42.11 39.41 7.75
C SER B 311 42.06 38.07 8.47
N ALA B 312 42.34 38.08 9.77
CA ALA B 312 42.32 36.85 10.55
C ALA B 312 40.92 36.64 11.13
N GLN B 313 40.25 37.75 11.43
CA GLN B 313 38.91 37.71 11.98
C GLN B 313 38.11 38.90 11.48
N ASN B 314 37.02 38.62 10.76
CA ASN B 314 36.14 39.67 10.24
C ASN B 314 34.76 39.10 9.90
N ARG B 315 33.82 39.98 9.59
CA ARG B 315 32.47 39.55 9.25
C ARG B 315 32.38 38.60 8.05
N SER B 316 33.29 38.79 7.09
CA SER B 316 33.33 37.92 5.91
C SER B 316 34.36 38.43 4.91
N PRO B 317 35.65 38.17 5.19
CA PRO B 317 36.73 38.61 4.33
C PRO B 317 36.83 37.78 3.05
N LEU B 318 37.30 38.40 1.98
CA LEU B 318 37.47 37.72 0.71
C LEU B 318 38.49 36.62 0.97
N ILE B 319 39.52 36.97 1.69
CA ILE B 319 40.57 36.02 2.02
C ILE B 319 40.70 35.93 3.55
N ARG B 320 40.53 34.73 4.07
CA ARG B 320 40.62 34.55 5.51
C ARG B 320 41.79 33.65 5.78
N ILE B 321 42.38 33.83 6.96
CA ILE B 321 43.51 33.04 7.38
C ILE B 321 43.22 32.33 8.70
N PRO B 322 42.90 31.02 8.63
CA PRO B 322 42.60 30.19 9.80
C PRO B 322 43.59 30.35 10.96
N ALA B 323 43.15 29.98 12.16
CA ALA B 323 43.98 30.07 13.36
C ALA B 323 45.14 29.10 13.26
N SER B 324 44.81 27.81 13.19
CA SER B 324 45.82 26.77 13.11
C SER B 324 47.00 27.20 12.24
N ARG B 325 48.21 26.88 12.70
CA ARG B 325 49.42 27.25 11.96
C ARG B 325 50.28 26.01 11.69
N GLY B 326 51.58 26.23 11.51
CA GLY B 326 52.48 25.11 11.23
C GLY B 326 52.26 24.52 9.86
N ILE B 327 52.00 23.21 9.80
CA ILE B 327 51.79 22.48 8.54
C ILE B 327 50.39 22.79 7.98
N SER B 328 49.54 23.35 8.84
CA SER B 328 48.19 23.70 8.46
C SER B 328 48.09 25.15 7.98
N THR B 329 49.18 25.91 8.07
CA THR B 329 49.12 27.32 7.65
C THR B 329 48.50 27.40 6.26
N ARG B 330 47.48 28.22 6.11
CA ARG B 330 46.82 28.28 4.81
C ARG B 330 46.04 29.54 4.54
N VAL B 331 45.77 29.83 3.27
CA VAL B 331 44.98 31.01 2.95
C VAL B 331 43.63 30.57 2.37
N GLU B 332 42.55 31.11 2.93
CA GLU B 332 41.22 30.74 2.49
C GLU B 332 40.54 31.80 1.65
N VAL B 333 40.16 31.42 0.44
CA VAL B 333 39.46 32.32 -0.46
C VAL B 333 38.00 31.96 -0.26
N ARG B 334 37.22 32.95 0.20
CA ARG B 334 35.82 32.71 0.49
C ARG B 334 34.84 33.16 -0.58
N SER B 335 35.33 33.69 -1.70
CA SER B 335 34.45 34.17 -2.76
C SER B 335 33.91 33.05 -3.64
N VAL B 336 34.72 32.01 -3.83
CA VAL B 336 34.36 30.86 -4.67
C VAL B 336 33.06 30.21 -4.23
N ASP B 337 32.27 29.75 -5.18
CA ASP B 337 31.03 29.06 -4.83
C ASP B 337 31.05 27.66 -5.47
N PRO B 338 30.18 26.76 -5.00
CA PRO B 338 30.10 25.40 -5.51
C PRO B 338 29.70 25.25 -6.98
N ALA B 339 29.19 26.32 -7.60
CA ALA B 339 28.78 26.25 -9.01
C ALA B 339 30.01 26.36 -9.91
N ALA B 340 31.08 26.88 -9.33
CA ALA B 340 32.33 27.05 -10.07
C ALA B 340 32.93 25.73 -10.53
N ASN B 341 33.64 25.78 -11.65
CA ASN B 341 34.31 24.60 -12.19
C ASN B 341 35.55 24.40 -11.30
N PRO B 342 35.55 23.39 -10.41
CA PRO B 342 36.69 23.14 -9.52
C PRO B 342 38.06 23.26 -10.17
N TYR B 343 38.24 22.62 -11.33
CA TYR B 343 39.52 22.67 -12.03
C TYR B 343 39.88 24.07 -12.53
N LEU B 344 38.94 24.73 -13.20
CA LEU B 344 39.15 26.09 -13.71
C LEU B 344 39.33 27.08 -12.57
N ALA B 345 38.66 26.84 -11.45
CA ALA B 345 38.79 27.73 -10.31
C ALA B 345 40.20 27.68 -9.71
N LEU B 346 40.76 26.47 -9.55
CA LEU B 346 42.11 26.33 -9.01
C LEU B 346 43.12 26.91 -9.99
N SER B 347 42.94 26.59 -11.27
CA SER B 347 43.84 27.11 -12.29
C SER B 347 44.02 28.62 -12.13
N VAL B 348 42.92 29.33 -12.04
CA VAL B 348 42.97 30.78 -11.92
C VAL B 348 43.56 31.25 -10.58
N LEU B 349 43.15 30.63 -9.49
CA LEU B 349 43.65 30.98 -8.17
C LEU B 349 45.14 30.76 -8.09
N LEU B 350 45.59 29.56 -8.48
CA LEU B 350 47.01 29.23 -8.45
C LEU B 350 47.79 30.28 -9.28
N ALA B 351 47.28 30.64 -10.45
CA ALA B 351 47.95 31.62 -11.29
C ALA B 351 48.02 32.97 -10.57
N ALA B 352 46.93 33.37 -9.92
CA ALA B 352 46.94 34.64 -9.21
C ALA B 352 47.97 34.57 -8.10
N GLY B 353 47.99 33.46 -7.39
CA GLY B 353 48.94 33.29 -6.31
C GLY B 353 50.37 33.26 -6.80
N LEU B 354 50.65 32.39 -7.77
CA LEU B 354 52.00 32.29 -8.30
C LEU B 354 52.45 33.59 -8.93
N ASP B 355 51.49 34.44 -9.26
CA ASP B 355 51.83 35.72 -9.88
C ASP B 355 52.55 36.58 -8.86
N GLY B 356 51.94 36.73 -7.69
CA GLY B 356 52.53 37.53 -6.63
C GLY B 356 53.88 37.01 -6.18
N ILE B 357 54.01 35.68 -6.05
CA ILE B 357 55.27 35.07 -5.62
C ILE B 357 56.43 35.40 -6.56
N LYS B 358 56.19 35.28 -7.85
CA LYS B 358 57.22 35.58 -8.85
C LYS B 358 57.57 37.06 -8.89
N ASN B 359 56.55 37.91 -9.01
CA ASN B 359 56.80 39.34 -9.06
C ASN B 359 56.93 40.00 -7.69
N LYS B 360 57.09 39.19 -6.66
CA LYS B 360 57.27 39.67 -5.29
C LYS B 360 56.27 40.75 -4.89
N LEU B 361 55.07 40.70 -5.46
CA LEU B 361 54.03 41.67 -5.17
C LEU B 361 53.88 41.87 -3.66
N GLU B 362 53.73 43.12 -3.24
CA GLU B 362 53.58 43.45 -1.83
C GLU B 362 52.12 43.35 -1.39
N ALA B 363 51.87 42.66 -0.29
CA ALA B 363 50.50 42.50 0.22
C ALA B 363 50.02 43.71 1.02
N PRO B 364 48.73 44.06 0.87
CA PRO B 364 48.19 45.19 1.61
C PRO B 364 48.01 44.89 3.09
N ALA B 365 47.57 45.89 3.84
CA ALA B 365 47.37 45.74 5.27
C ALA B 365 46.03 45.06 5.54
N PRO B 366 46.02 44.17 6.53
CA PRO B 366 44.78 43.46 6.86
C PRO B 366 43.68 44.44 7.27
N ILE B 367 42.43 44.00 7.14
CA ILE B 367 41.29 44.82 7.53
C ILE B 367 40.47 44.04 8.56
N ASP B 368 40.63 44.41 9.83
CA ASP B 368 39.92 43.72 10.89
C ASP B 368 38.69 44.50 11.33
N ARG B 369 38.68 45.78 11.01
CA ARG B 369 37.57 46.63 11.38
C ARG B 369 36.38 46.37 10.45
N ASN B 370 35.17 46.53 10.98
CA ASN B 370 33.98 46.30 10.20
C ASN B 370 34.00 47.15 8.94
N ILE B 371 33.96 46.46 7.80
CA ILE B 371 33.99 47.11 6.49
C ILE B 371 32.59 47.29 5.91
N TYR B 372 31.62 46.54 6.42
CA TYR B 372 30.25 46.63 5.91
C TYR B 372 29.46 47.83 6.42
N VAL B 373 30.13 48.70 7.18
CA VAL B 373 29.48 49.89 7.72
C VAL B 373 30.04 51.14 7.05
N MET B 374 30.94 50.93 6.10
CA MET B 374 31.55 52.03 5.38
C MET B 374 30.86 52.27 4.05
N SER B 375 30.92 53.51 3.57
CA SER B 375 30.31 53.88 2.29
C SER B 375 31.28 53.55 1.16
N LYS B 376 30.79 53.57 -0.07
CA LYS B 376 31.63 53.29 -1.23
C LYS B 376 32.78 54.30 -1.29
N GLU B 377 32.51 55.51 -0.81
CA GLU B 377 33.52 56.54 -0.80
C GLU B 377 34.56 56.20 0.26
N GLU B 378 34.11 56.07 1.50
CA GLU B 378 34.99 55.76 2.62
C GLU B 378 35.80 54.48 2.32
N ARG B 379 35.28 53.65 1.42
CA ARG B 379 35.92 52.39 1.04
C ARG B 379 37.15 52.67 0.18
N MET B 380 37.00 53.63 -0.72
CA MET B 380 38.05 54.04 -1.64
C MET B 380 39.27 54.58 -0.89
N GLU B 381 39.03 55.54 0.00
CA GLU B 381 40.09 56.18 0.79
C GLU B 381 40.98 55.13 1.46
N ASN B 382 40.38 53.96 1.72
CA ASN B 382 41.09 52.87 2.34
C ASN B 382 41.59 51.84 1.35
N GLY B 383 41.37 52.14 0.06
CA GLY B 383 41.82 51.27 -1.00
C GLY B 383 41.14 49.91 -1.02
N ILE B 384 39.82 49.91 -0.85
CA ILE B 384 39.06 48.69 -0.83
C ILE B 384 38.13 48.61 -2.03
N VAL B 385 38.57 47.87 -3.04
CA VAL B 385 37.79 47.73 -4.25
C VAL B 385 36.67 46.71 -4.06
N ASP B 386 35.62 46.86 -4.85
CA ASP B 386 34.49 45.96 -4.78
C ASP B 386 34.57 44.89 -5.84
N LEU B 387 34.00 43.73 -5.55
CA LEU B 387 33.99 42.64 -6.50
C LEU B 387 32.93 42.94 -7.58
N PRO B 388 32.98 42.24 -8.73
CA PRO B 388 31.97 42.49 -9.77
C PRO B 388 30.57 42.15 -9.28
N ALA B 389 29.61 43.05 -9.54
CA ALA B 389 28.23 42.88 -9.10
C ALA B 389 27.40 41.96 -9.99
N THR B 390 27.84 41.77 -11.22
CA THR B 390 27.15 40.89 -12.16
C THR B 390 28.13 40.09 -13.00
N LEU B 391 27.61 39.04 -13.62
CA LEU B 391 28.44 38.19 -14.47
C LEU B 391 29.02 39.05 -15.60
N ALA B 392 28.21 39.99 -16.09
CA ALA B 392 28.63 40.89 -17.16
C ALA B 392 29.91 41.66 -16.79
N GLU B 393 29.90 42.25 -15.61
CA GLU B 393 31.05 43.02 -15.11
C GLU B 393 32.25 42.12 -14.88
N ALA B 394 32.00 40.94 -14.33
CA ALA B 394 33.08 40.00 -14.04
C ALA B 394 33.77 39.57 -15.33
N LEU B 395 33.00 39.48 -16.40
CA LEU B 395 33.54 39.09 -17.70
C LEU B 395 34.41 40.19 -18.31
N GLU B 396 34.02 41.44 -18.16
CA GLU B 396 34.84 42.49 -18.75
C GLU B 396 36.18 42.57 -18.04
N GLU B 397 36.14 42.45 -16.71
CA GLU B 397 37.36 42.49 -15.92
C GLU B 397 38.29 41.34 -16.22
N PHE B 398 37.71 40.14 -16.29
CA PHE B 398 38.46 38.93 -16.55
C PHE B 398 39.22 39.06 -17.87
N LYS B 399 38.57 39.66 -18.86
CA LYS B 399 39.18 39.83 -20.16
C LYS B 399 40.24 40.91 -20.15
N SER B 400 40.24 41.74 -19.12
CA SER B 400 41.23 42.80 -19.00
C SER B 400 42.54 42.28 -18.43
N ASN B 401 42.46 41.24 -17.61
CA ASN B 401 43.62 40.67 -16.98
C ASN B 401 44.36 39.70 -17.91
N GLU B 402 45.60 40.03 -18.25
CA GLU B 402 46.38 39.18 -19.14
C GLU B 402 46.76 37.82 -18.53
N VAL B 403 47.17 37.84 -17.26
CA VAL B 403 47.58 36.64 -16.51
C VAL B 403 46.42 35.67 -16.29
N MET B 404 45.27 36.20 -15.86
CA MET B 404 44.09 35.37 -15.63
C MET B 404 43.61 34.75 -16.93
N VAL B 405 43.67 35.53 -18.01
CA VAL B 405 43.27 35.01 -19.30
C VAL B 405 44.24 33.91 -19.70
N LYS B 406 45.54 34.12 -19.48
CA LYS B 406 46.51 33.08 -19.84
C LYS B 406 46.46 31.90 -18.88
N ALA B 407 45.76 32.06 -17.76
CA ALA B 407 45.65 30.97 -16.79
C ALA B 407 44.67 29.90 -17.24
N LEU B 408 43.92 30.16 -18.31
CA LEU B 408 42.95 29.18 -18.79
C LEU B 408 43.29 28.56 -20.14
N GLY B 409 43.98 29.31 -20.98
CA GLY B 409 44.33 28.79 -22.28
C GLY B 409 43.47 29.44 -23.33
N GLU B 410 44.08 29.79 -24.44
CA GLU B 410 43.38 30.43 -25.54
C GLU B 410 42.07 29.70 -25.87
N HIS B 411 42.13 28.37 -26.02
CA HIS B 411 40.95 27.57 -26.35
C HIS B 411 39.85 27.66 -25.30
N LEU B 412 40.17 27.26 -24.08
CA LEU B 412 39.20 27.28 -22.98
C LEU B 412 38.64 28.68 -22.77
N PHE B 413 39.52 29.66 -22.74
CA PHE B 413 39.10 31.03 -22.53
C PHE B 413 38.00 31.42 -23.52
N GLU B 414 38.33 31.27 -24.79
CA GLU B 414 37.46 31.59 -25.91
C GLU B 414 36.05 31.02 -25.73
N HIS B 415 35.99 29.73 -25.43
CA HIS B 415 34.71 29.07 -25.23
C HIS B 415 33.99 29.52 -23.97
N PHE B 416 34.73 29.66 -22.87
CA PHE B 416 34.16 30.10 -21.60
C PHE B 416 33.44 31.44 -21.81
N ILE B 417 34.16 32.39 -22.37
CA ILE B 417 33.59 33.71 -22.62
C ILE B 417 32.34 33.62 -23.51
N GLU B 418 32.39 32.77 -24.53
CA GLU B 418 31.25 32.65 -25.43
C GLU B 418 30.01 32.14 -24.73
N ALA B 419 30.18 31.08 -23.95
CA ALA B 419 29.08 30.48 -23.23
C ALA B 419 28.47 31.48 -22.25
N LYS B 420 29.31 32.00 -21.35
CA LYS B 420 28.84 32.95 -20.34
C LYS B 420 28.19 34.16 -20.98
N GLU B 421 28.79 34.65 -22.06
CA GLU B 421 28.25 35.81 -22.75
C GLU B 421 26.80 35.54 -23.18
N ILE B 422 26.54 34.34 -23.70
CA ILE B 422 25.21 33.96 -24.12
C ILE B 422 24.30 33.80 -22.90
N GLU B 423 24.88 33.27 -21.83
CA GLU B 423 24.16 33.06 -20.59
C GLU B 423 23.59 34.39 -20.09
N TRP B 424 24.44 35.40 -20.04
CA TRP B 424 24.04 36.72 -19.59
C TRP B 424 22.95 37.35 -20.45
N ASP B 425 23.13 37.25 -21.76
CA ASP B 425 22.18 37.81 -22.69
C ASP B 425 20.79 37.25 -22.50
N MET B 426 20.70 35.95 -22.30
CA MET B 426 19.40 35.36 -22.09
C MET B 426 18.77 35.97 -20.85
N PHE B 427 19.52 35.96 -19.77
CA PHE B 427 19.09 36.51 -18.51
C PHE B 427 18.67 37.98 -18.60
N ARG B 428 19.44 38.79 -19.30
CA ARG B 428 19.10 40.19 -19.38
C ARG B 428 17.92 40.54 -20.27
N THR B 429 17.72 39.74 -21.31
CA THR B 429 16.63 40.00 -22.24
C THR B 429 15.33 39.42 -21.71
N GLN B 430 15.43 38.69 -20.61
CA GLN B 430 14.30 38.03 -19.97
C GLN B 430 13.41 38.99 -19.17
N VAL B 431 12.11 38.71 -19.08
CA VAL B 431 11.24 39.59 -18.27
C VAL B 431 10.75 38.82 -17.06
N HIS B 432 11.32 39.10 -15.90
CA HIS B 432 10.97 38.38 -14.68
C HIS B 432 9.71 38.88 -13.99
N PRO B 433 9.01 37.97 -13.31
CA PRO B 433 7.77 38.36 -12.63
C PRO B 433 7.95 39.59 -11.73
N TRP B 434 9.11 39.71 -11.10
CA TRP B 434 9.41 40.83 -10.23
C TRP B 434 9.17 42.14 -10.95
N GLU B 435 9.62 42.20 -12.20
CA GLU B 435 9.47 43.40 -13.02
C GLU B 435 8.02 43.73 -13.26
N ARG B 436 7.19 42.69 -13.35
CA ARG B 436 5.77 42.86 -13.59
C ARG B 436 5.04 43.21 -12.31
N GLU B 437 5.45 42.58 -11.21
CA GLU B 437 4.83 42.87 -9.93
C GLU B 437 5.13 44.30 -9.52
N GLN B 438 6.20 44.85 -10.08
CA GLN B 438 6.65 46.20 -9.76
C GLN B 438 6.26 47.29 -10.73
N TYR B 439 5.97 46.92 -11.97
CA TYR B 439 5.65 47.92 -12.97
C TYR B 439 4.30 47.78 -13.64
N MET B 440 3.80 46.56 -13.72
CA MET B 440 2.53 46.27 -14.39
C MET B 440 1.41 47.22 -13.98
N SER B 441 1.24 47.41 -12.68
CA SER B 441 0.20 48.30 -12.18
C SER B 441 0.64 49.73 -11.95
N GLN B 442 1.90 49.92 -11.56
CA GLN B 442 2.46 51.24 -11.30
C GLN B 442 2.55 52.10 -12.55
N TYR B 443 2.77 51.45 -13.69
CA TYR B 443 2.88 52.15 -14.96
C TYR B 443 1.80 51.69 -15.93
N ALA C 1 36.85 9.47 34.84
CA ALA C 1 36.65 8.68 36.09
C ALA C 1 35.69 7.52 35.86
N LYS C 2 35.33 7.32 34.58
CA LYS C 2 34.39 6.26 34.16
C LYS C 2 34.82 5.59 32.87
N TYR C 3 34.98 6.39 31.83
CA TYR C 3 35.40 5.91 30.52
C TYR C 3 36.78 6.47 30.24
N THR C 4 37.76 5.58 30.13
CA THR C 4 39.13 6.00 29.84
C THR C 4 39.28 6.08 28.32
N ARG C 5 40.38 6.66 27.87
CA ARG C 5 40.64 6.77 26.45
C ARG C 5 40.73 5.38 25.83
N GLU C 6 41.39 4.47 26.51
CA GLU C 6 41.57 3.12 26.01
C GLU C 6 40.22 2.41 25.91
N ASP C 7 39.32 2.72 26.82
CA ASP C 7 38.00 2.10 26.87
C ASP C 7 37.13 2.47 25.67
N ILE C 8 37.16 3.76 25.30
CA ILE C 8 36.37 4.27 24.20
C ILE C 8 36.81 3.70 22.87
N GLU C 9 38.08 3.84 22.58
CA GLU C 9 38.64 3.34 21.35
C GLU C 9 38.16 1.90 21.10
N LYS C 10 38.05 1.12 22.17
CA LYS C 10 37.61 -0.27 22.04
C LYS C 10 36.09 -0.41 21.77
N LEU C 11 35.30 0.33 22.56
CA LEU C 11 33.83 0.34 22.40
C LEU C 11 33.41 0.74 21.00
N VAL C 12 34.00 1.82 20.48
CA VAL C 12 33.70 2.28 19.13
C VAL C 12 33.84 1.13 18.13
N LYS C 13 34.92 0.35 18.24
CA LYS C 13 35.16 -0.77 17.33
C LYS C 13 34.29 -1.98 17.65
N GLU C 14 34.16 -2.29 18.94
CA GLU C 14 33.36 -3.43 19.35
C GLU C 14 31.88 -3.20 19.05
N GLU C 15 31.45 -1.95 19.12
CA GLU C 15 30.06 -1.61 18.86
C GLU C 15 29.82 -1.19 17.40
N ASN C 16 30.88 -1.20 16.60
CA ASN C 16 30.84 -0.85 15.18
C ASN C 16 30.16 0.51 14.95
N VAL C 17 30.72 1.51 15.59
CA VAL C 17 30.22 2.85 15.45
C VAL C 17 30.79 3.38 14.14
N LYS C 18 29.97 4.14 13.42
CA LYS C 18 30.38 4.72 12.15
C LYS C 18 30.28 6.23 12.12
N TYR C 19 29.55 6.81 13.05
CA TYR C 19 29.36 8.26 13.08
C TYR C 19 29.50 8.81 14.49
N ILE C 20 30.37 9.78 14.66
CA ILE C 20 30.57 10.35 15.98
C ILE C 20 30.01 11.77 16.00
N ARG C 21 29.27 12.13 17.04
CA ARG C 21 28.76 13.51 17.13
C ARG C 21 29.42 14.22 18.30
N LEU C 22 30.10 15.31 17.99
CA LEU C 22 30.75 16.08 19.02
C LEU C 22 29.76 17.18 19.34
N GLN C 23 28.85 16.91 20.28
CA GLN C 23 27.85 17.93 20.59
C GLN C 23 28.16 18.84 21.78
N PHE C 24 27.59 20.03 21.70
CA PHE C 24 27.77 21.03 22.73
C PHE C 24 26.49 21.84 22.81
N THR C 25 26.59 23.05 23.34
CA THR C 25 25.41 23.90 23.52
C THR C 25 25.71 25.39 23.37
N ASP C 26 24.81 26.10 22.69
CA ASP C 26 24.99 27.54 22.52
C ASP C 26 24.30 28.32 23.66
N ILE C 27 24.35 29.64 23.55
CA ILE C 27 23.75 30.54 24.53
C ILE C 27 22.28 30.28 24.77
N LEU C 28 21.54 29.95 23.71
CA LEU C 28 20.10 29.69 23.82
C LEU C 28 19.77 28.29 24.35
N GLY C 29 20.79 27.52 24.70
CA GLY C 29 20.53 26.17 25.19
C GLY C 29 20.19 25.20 24.08
N THR C 30 20.37 25.62 22.83
CA THR C 30 20.11 24.80 21.65
C THR C 30 21.20 23.74 21.42
N ILE C 31 20.79 22.48 21.24
CA ILE C 31 21.74 21.38 21.01
C ILE C 31 22.49 21.58 19.70
N LYS C 32 23.77 21.91 19.82
CA LYS C 32 24.63 22.15 18.66
C LYS C 32 25.54 20.93 18.44
N ASN C 33 26.20 20.87 17.30
CA ASN C 33 27.12 19.76 17.08
C ASN C 33 27.86 19.77 15.77
N VAL C 34 28.98 19.08 15.77
CA VAL C 34 29.79 18.93 14.59
C VAL C 34 30.06 17.43 14.46
N GLU C 35 29.50 16.82 13.41
CA GLU C 35 29.68 15.40 13.22
C GLU C 35 30.93 15.04 12.42
N ILE C 36 31.55 13.93 12.79
CA ILE C 36 32.74 13.46 12.12
C ILE C 36 32.66 11.96 11.86
N PRO C 37 33.33 11.47 10.79
CA PRO C 37 33.27 10.03 10.53
C PRO C 37 34.03 9.33 11.65
N VAL C 38 33.83 8.03 11.83
CA VAL C 38 34.50 7.29 12.88
C VAL C 38 36.00 7.22 12.59
N SER C 39 36.34 7.52 11.33
CA SER C 39 37.73 7.54 10.90
C SER C 39 38.38 8.84 11.35
N GLN C 40 37.76 9.52 12.31
CA GLN C 40 38.29 10.79 12.81
C GLN C 40 38.36 10.78 14.33
N LEU C 41 38.07 9.62 14.90
CA LEU C 41 38.07 9.46 16.34
C LEU C 41 39.40 9.85 16.99
N GLY C 42 40.50 9.48 16.34
CA GLY C 42 41.81 9.81 16.85
C GLY C 42 42.00 11.31 17.02
N LYS C 43 41.67 12.07 15.98
CA LYS C 43 41.82 13.52 16.06
C LYS C 43 40.83 14.09 17.08
N ALA C 44 39.69 13.42 17.23
CA ALA C 44 38.68 13.87 18.16
C ALA C 44 39.20 13.78 19.60
N LEU C 45 39.66 12.59 19.97
CA LEU C 45 40.16 12.35 21.31
C LEU C 45 41.47 13.14 21.57
N ASP C 46 42.09 13.65 20.52
CA ASP C 46 43.31 14.42 20.68
C ASP C 46 43.01 15.91 20.83
N ASN C 47 41.73 16.26 20.89
CA ASN C 47 41.32 17.66 21.03
C ASN C 47 41.88 18.56 19.94
N LYS C 48 41.94 18.02 18.72
CA LYS C 48 42.48 18.76 17.59
C LYS C 48 41.41 19.12 16.56
N VAL C 49 40.16 18.77 16.85
CA VAL C 49 39.06 19.08 15.94
C VAL C 49 38.58 20.51 16.16
N MET C 50 38.76 21.32 15.14
CA MET C 50 38.36 22.72 15.20
C MET C 50 36.96 22.93 14.62
N PHE C 51 36.38 24.09 14.91
CA PHE C 51 35.06 24.43 14.42
C PHE C 51 34.84 25.91 14.68
N ASP C 52 33.79 26.48 14.09
CA ASP C 52 33.49 27.91 14.29
C ASP C 52 32.79 28.11 15.61
N GLY C 53 33.57 28.44 16.63
CA GLY C 53 33.00 28.64 17.94
C GLY C 53 32.07 29.83 18.04
N SER C 54 32.03 30.70 17.03
CA SER C 54 31.15 31.85 17.17
C SER C 54 29.70 31.39 17.09
N SER C 55 29.51 30.13 16.75
CA SER C 55 28.18 29.54 16.59
C SER C 55 27.54 29.37 17.95
N ILE C 56 28.35 29.45 18.98
CA ILE C 56 27.84 29.29 20.33
C ILE C 56 27.02 30.49 20.74
N GLU C 57 27.31 31.63 20.14
CA GLU C 57 26.59 32.87 20.46
C GLU C 57 25.21 32.89 19.82
N GLY C 58 24.90 31.88 19.01
CA GLY C 58 23.58 31.84 18.39
C GLY C 58 23.36 32.76 17.19
N PHE C 59 22.12 33.20 17.02
CA PHE C 59 21.81 34.08 15.87
C PHE C 59 22.42 35.46 15.99
N VAL C 60 23.31 35.69 16.96
CA VAL C 60 23.92 37.01 17.11
C VAL C 60 25.40 37.01 16.72
N ARG C 61 25.76 36.02 15.91
CA ARG C 61 27.11 35.88 15.40
C ARG C 61 27.48 37.06 14.53
N ILE C 62 28.74 37.45 14.56
CA ILE C 62 29.17 38.58 13.76
C ILE C 62 30.39 38.20 12.92
N GLU C 63 31.29 37.42 13.49
CA GLU C 63 32.49 37.02 12.76
C GLU C 63 32.78 35.57 13.11
N GLU C 64 33.21 34.79 12.14
CA GLU C 64 33.53 33.40 12.42
C GLU C 64 34.88 33.33 13.12
N SER C 65 34.88 32.76 14.32
CA SER C 65 36.07 32.60 15.14
C SER C 65 36.38 31.14 15.45
N ASP C 66 37.58 30.69 15.08
CA ASP C 66 37.98 29.30 15.31
C ASP C 66 38.13 28.91 16.78
N MET C 67 37.74 27.69 17.12
CA MET C 67 37.86 27.21 18.48
C MET C 67 38.01 25.71 18.46
N TYR C 68 38.46 25.14 19.59
CA TYR C 68 38.65 23.70 19.69
C TYR C 68 37.53 22.99 20.43
N LEU C 69 37.44 21.69 20.21
CA LEU C 69 36.43 20.90 20.86
C LEU C 69 37.08 19.76 21.65
N TYR C 70 36.93 19.84 22.97
CA TYR C 70 37.48 18.83 23.86
C TYR C 70 36.41 17.88 24.36
N PRO C 71 36.35 16.67 23.80
CA PRO C 71 35.35 15.71 24.25
C PRO C 71 35.54 15.18 25.67
N ASP C 72 34.41 15.06 26.38
CA ASP C 72 34.38 14.56 27.74
C ASP C 72 34.14 13.04 27.66
N LEU C 73 35.19 12.24 27.80
CA LEU C 73 35.04 10.80 27.68
C LEU C 73 33.94 10.18 28.55
N ASN C 74 33.58 10.86 29.61
CA ASN C 74 32.55 10.34 30.50
C ASN C 74 31.15 10.46 29.90
N THR C 75 31.00 11.29 28.86
CA THR C 75 29.69 11.50 28.25
C THR C 75 29.44 10.63 27.03
N PHE C 76 30.34 9.69 26.78
CA PHE C 76 30.23 8.78 25.64
C PHE C 76 28.93 8.01 25.74
N VAL C 77 28.18 8.02 24.65
CA VAL C 77 26.90 7.33 24.56
C VAL C 77 26.71 6.78 23.15
N ILE C 78 25.99 5.68 23.01
CA ILE C 78 25.72 5.12 21.69
C ILE C 78 24.20 5.14 21.50
N PHE C 79 23.74 5.87 20.50
CA PHE C 79 22.30 5.94 20.23
C PHE C 79 21.84 4.58 19.73
N PRO C 80 20.98 3.90 20.49
CA PRO C 80 20.46 2.57 20.14
C PRO C 80 19.54 2.50 18.94
N TRP C 81 18.55 3.37 18.90
CA TRP C 81 17.61 3.38 17.78
C TRP C 81 18.32 3.37 16.43
N THR C 82 19.52 3.92 16.38
CA THR C 82 20.27 3.95 15.13
C THR C 82 20.99 2.63 14.97
N ALA C 83 21.09 2.11 13.76
CA ALA C 83 21.80 0.85 13.60
C ALA C 83 22.25 0.62 12.18
N GLU C 84 22.13 -0.62 11.72
CA GLU C 84 22.51 -1.02 10.37
C GLU C 84 23.86 -0.45 9.90
N LYS C 85 23.87 0.04 8.65
CA LYS C 85 25.05 0.62 8.01
C LYS C 85 26.04 1.12 9.05
N GLY C 86 25.61 2.07 9.86
CA GLY C 86 26.51 2.56 10.87
C GLY C 86 25.79 3.03 12.13
N LYS C 87 26.40 2.75 13.27
CA LYS C 87 25.84 3.17 14.54
C LYS C 87 26.37 4.56 14.85
N VAL C 88 25.58 5.32 15.60
CA VAL C 88 25.95 6.66 15.96
C VAL C 88 26.24 6.81 17.45
N ALA C 89 27.39 7.42 17.76
CA ALA C 89 27.79 7.67 19.14
C ALA C 89 27.97 9.16 19.31
N ARG C 90 27.77 9.66 20.53
CA ARG C 90 27.92 11.09 20.76
C ARG C 90 28.95 11.33 21.86
N PHE C 91 29.53 12.51 21.82
CA PHE C 91 30.54 12.97 22.76
C PHE C 91 30.19 14.41 23.11
N ILE C 92 29.86 14.69 24.36
CA ILE C 92 29.58 16.09 24.73
C ILE C 92 30.94 16.74 24.96
N CYS C 93 31.23 17.82 24.24
CA CYS C 93 32.52 18.48 24.36
C CYS C 93 32.54 19.78 25.10
N ASP C 94 33.75 20.26 25.32
CA ASP C 94 33.96 21.54 25.96
C ASP C 94 34.69 22.39 24.95
N ILE C 95 34.32 23.66 24.88
CA ILE C 95 34.96 24.53 23.93
C ILE C 95 36.19 25.24 24.50
N TYR C 96 37.30 25.13 23.77
CA TYR C 96 38.56 25.77 24.16
C TYR C 96 39.02 26.72 23.06
N ASN C 97 39.67 27.81 23.46
CA ASN C 97 40.18 28.78 22.49
C ASN C 97 41.40 28.20 21.81
N PRO C 98 41.84 28.82 20.71
CA PRO C 98 43.02 28.35 19.99
C PRO C 98 44.25 28.22 20.86
N ASP C 99 44.33 29.04 21.91
CA ASP C 99 45.48 29.01 22.82
C ASP C 99 45.33 28.02 23.97
N GLY C 100 44.58 26.94 23.75
CA GLY C 100 44.43 25.95 24.81
C GLY C 100 43.59 26.34 26.03
N THR C 101 43.23 27.61 26.13
CA THR C 101 42.44 28.09 27.26
C THR C 101 40.94 27.87 26.99
N PRO C 102 40.16 27.53 28.03
CA PRO C 102 38.72 27.30 27.82
C PRO C 102 37.97 28.56 27.39
N PHE C 103 36.92 28.38 26.61
CA PHE C 103 36.16 29.52 26.13
C PHE C 103 35.14 29.97 27.18
N GLU C 104 35.23 31.24 27.56
CA GLU C 104 34.34 31.82 28.58
C GLU C 104 32.88 31.84 28.12
N GLY C 105 32.67 32.00 26.82
CA GLY C 105 31.33 32.03 26.27
C GLY C 105 30.60 30.71 26.37
N ASP C 106 31.34 29.61 26.51
CA ASP C 106 30.76 28.27 26.62
C ASP C 106 29.98 28.13 27.93
N PRO C 107 28.66 27.88 27.85
CA PRO C 107 27.82 27.72 29.03
C PRO C 107 28.27 26.61 29.99
N ARG C 108 28.56 25.42 29.45
CA ARG C 108 29.00 24.29 30.27
C ARG C 108 30.22 24.71 31.07
N ASN C 109 31.04 25.54 30.47
CA ASN C 109 32.23 26.01 31.17
C ASN C 109 31.78 26.84 32.37
N ASN C 110 30.88 27.80 32.12
CA ASN C 110 30.37 28.69 33.14
C ASN C 110 29.84 27.95 34.36
N LEU C 111 29.08 26.89 34.13
CA LEU C 111 28.53 26.12 35.25
C LEU C 111 29.69 25.66 36.11
N LYS C 112 30.72 25.14 35.46
CA LYS C 112 31.91 24.67 36.15
C LYS C 112 32.51 25.76 37.04
N ARG C 113 32.62 26.96 36.49
CA ARG C 113 33.16 28.10 37.22
C ARG C 113 32.32 28.41 38.46
N ILE C 114 31.01 28.26 38.34
CA ILE C 114 30.10 28.50 39.46
C ILE C 114 30.26 27.37 40.48
N LEU C 115 30.48 26.15 39.98
CA LEU C 115 30.66 25.00 40.86
C LEU C 115 31.97 25.09 41.62
N LYS C 116 32.92 25.84 41.07
CA LYS C 116 34.23 26.02 41.70
C LYS C 116 34.05 26.98 42.87
N GLU C 117 33.05 27.84 42.78
CA GLU C 117 32.81 28.79 43.86
C GLU C 117 32.15 27.99 44.98
N MET C 118 31.36 26.99 44.62
CA MET C 118 30.68 26.16 45.60
C MET C 118 31.70 25.38 46.40
N GLU C 119 32.70 24.85 45.71
CA GLU C 119 33.74 24.07 46.34
C GLU C 119 34.56 24.96 47.27
N ASP C 120 34.65 26.24 46.95
CA ASP C 120 35.42 27.13 47.80
C ASP C 120 34.69 27.49 49.07
N LEU C 121 33.37 27.32 49.08
CA LEU C 121 32.59 27.60 50.27
C LEU C 121 32.64 26.37 51.18
N GLY C 122 33.33 25.33 50.72
CA GLY C 122 33.47 24.12 51.51
C GLY C 122 32.54 22.97 51.13
N PHE C 123 31.69 23.20 50.14
CA PHE C 123 30.74 22.17 49.74
C PHE C 123 31.33 21.21 48.72
N SER C 124 30.86 19.96 48.73
CA SER C 124 31.37 18.93 47.84
C SER C 124 30.62 18.75 46.54
N ASP C 125 29.29 18.75 46.62
CA ASP C 125 28.48 18.54 45.43
C ASP C 125 27.24 19.39 45.38
N PHE C 126 26.65 19.41 44.19
CA PHE C 126 25.43 20.15 43.95
C PHE C 126 24.59 19.32 42.99
N ASN C 127 23.76 18.45 43.57
CA ASN C 127 22.91 17.55 42.79
C ASN C 127 21.61 18.18 42.30
N LEU C 128 21.28 17.94 41.04
CA LEU C 128 20.08 18.48 40.43
C LEU C 128 19.14 17.37 40.01
N GLY C 129 17.87 17.54 40.37
CA GLY C 129 16.84 16.57 40.02
C GLY C 129 15.79 17.30 39.20
N PRO C 130 15.89 17.27 37.85
CA PRO C 130 14.98 17.91 36.90
C PRO C 130 13.69 17.13 36.68
N GLU C 131 12.60 17.86 36.47
CA GLU C 131 11.27 17.29 36.23
C GLU C 131 10.75 17.84 34.92
N PRO C 132 11.42 17.56 33.79
CA PRO C 132 11.03 18.05 32.47
C PRO C 132 9.67 17.57 31.96
N GLU C 133 8.85 18.52 31.51
CA GLU C 133 7.53 18.25 30.96
C GLU C 133 7.50 18.66 29.49
N PHE C 134 6.57 18.12 28.73
CA PHE C 134 6.49 18.44 27.33
C PHE C 134 5.20 17.97 26.73
N PHE C 135 4.92 18.50 25.55
CA PHE C 135 3.71 18.18 24.81
C PHE C 135 4.02 17.38 23.57
N LEU C 136 3.07 16.55 23.17
CA LEU C 136 3.22 15.77 21.96
C LEU C 136 2.02 16.12 21.07
N PHE C 137 2.32 16.54 19.84
CA PHE C 137 1.27 16.89 18.88
C PHE C 137 1.35 15.96 17.68
N LYS C 138 0.27 15.92 16.92
CA LYS C 138 0.21 15.08 15.75
C LYS C 138 0.83 15.77 14.55
N LEU C 139 1.43 14.98 13.68
CA LEU C 139 2.05 15.52 12.46
C LEU C 139 1.14 15.32 11.27
N ASP C 140 1.01 16.34 10.42
CA ASP C 140 0.16 16.18 9.24
C ASP C 140 0.85 15.34 8.15
N GLU C 141 0.43 15.48 6.90
CA GLU C 141 1.02 14.71 5.81
C GLU C 141 2.46 15.14 5.49
N LYS C 142 2.64 16.43 5.24
CA LYS C 142 3.95 16.97 4.91
C LYS C 142 4.92 16.92 6.10
N GLY C 143 4.54 16.23 7.18
CA GLY C 143 5.42 16.13 8.34
C GLY C 143 5.45 17.36 9.23
N GLU C 144 4.49 18.27 9.01
CA GLU C 144 4.38 19.51 9.78
C GLU C 144 3.49 19.32 11.02
N PRO C 145 3.94 19.87 12.15
CA PRO C 145 3.19 19.77 13.41
C PRO C 145 1.83 20.41 13.29
N THR C 146 0.87 19.84 14.00
CA THR C 146 -0.48 20.39 14.00
C THR C 146 -0.75 20.82 15.42
N LEU C 147 -1.99 21.22 15.71
CA LEU C 147 -2.34 21.62 17.06
C LEU C 147 -3.06 20.48 17.78
N GLU C 148 -3.12 19.32 17.11
CA GLU C 148 -3.76 18.13 17.67
C GLU C 148 -2.84 17.40 18.63
N LEU C 149 -3.37 17.04 19.79
CA LEU C 149 -2.60 16.35 20.82
C LEU C 149 -2.59 14.84 20.57
N ASN C 150 -1.52 14.16 21.01
CA ASN C 150 -1.42 12.73 20.79
C ASN C 150 -2.50 11.94 21.51
N ASP C 151 -2.87 12.36 22.71
CA ASP C 151 -3.90 11.68 23.49
C ASP C 151 -4.87 12.62 24.19
N LYS C 152 -5.62 12.10 25.16
CA LYS C 152 -6.55 12.93 25.92
C LYS C 152 -6.47 12.56 27.39
N GLY C 153 -5.31 12.06 27.79
CA GLY C 153 -5.12 11.67 29.16
C GLY C 153 -5.01 12.84 30.13
N GLY C 154 -5.30 12.55 31.40
CA GLY C 154 -5.23 13.58 32.42
C GLY C 154 -3.97 13.47 33.25
N TYR C 155 -4.01 14.03 34.45
CA TYR C 155 -2.88 14.03 35.37
C TYR C 155 -2.68 12.67 36.04
N PHE C 156 -1.62 11.98 35.66
CA PHE C 156 -1.29 10.67 36.21
C PHE C 156 -2.18 9.54 35.71
N ASP C 157 -2.83 9.75 34.58
CA ASP C 157 -3.70 8.73 34.02
C ASP C 157 -2.87 7.71 33.27
N LEU C 158 -3.52 6.65 32.82
CA LEU C 158 -2.83 5.64 32.06
C LEU C 158 -3.12 5.93 30.57
N ALA C 159 -2.45 6.93 30.03
CA ALA C 159 -2.63 7.33 28.65
C ALA C 159 -1.28 7.59 27.98
N PRO C 160 -1.09 7.03 26.77
CA PRO C 160 -2.10 6.21 26.10
C PRO C 160 -2.05 4.75 26.56
N THR C 161 -3.08 3.98 26.22
CA THR C 161 -3.11 2.56 26.58
C THR C 161 -1.85 1.91 26.00
N ASP C 162 -1.47 0.75 26.51
CA ASP C 162 -0.27 0.07 26.02
C ASP C 162 -0.43 -0.51 24.61
N LEU C 163 -0.80 0.33 23.65
CA LEU C 163 -0.95 -0.10 22.27
C LEU C 163 0.44 -0.43 21.77
N GLY C 164 0.56 -0.69 20.48
CA GLY C 164 1.85 -1.01 19.91
C GLY C 164 2.67 0.27 19.85
N GLU C 165 1.95 1.40 19.92
CA GLU C 165 2.56 2.73 19.85
C GLU C 165 2.34 3.51 21.16
N ASN C 166 3.44 3.77 21.86
CA ASN C 166 3.40 4.53 23.11
C ASN C 166 4.68 5.32 23.21
N CYS C 167 4.61 6.59 22.84
CA CYS C 167 5.77 7.44 22.85
C CYS C 167 6.50 7.58 24.17
N ARG C 168 5.75 8.00 25.18
CA ARG C 168 6.33 8.19 26.51
C ARG C 168 7.09 6.94 26.95
N ARG C 169 6.43 5.78 26.86
CA ARG C 169 7.04 4.52 27.25
C ARG C 169 8.37 4.28 26.51
N ASP C 170 8.30 4.26 25.18
CA ASP C 170 9.46 4.04 24.32
C ASP C 170 10.59 5.02 24.60
N ILE C 171 10.26 6.26 24.94
CA ILE C 171 11.32 7.21 25.25
C ILE C 171 12.10 6.72 26.45
N VAL C 172 11.39 6.21 27.45
CA VAL C 172 12.00 5.70 28.67
C VAL C 172 12.79 4.41 28.41
N LEU C 173 12.26 3.54 27.57
CA LEU C 173 12.98 2.32 27.25
C LEU C 173 14.31 2.65 26.56
N GLU C 174 14.30 3.59 25.62
CA GLU C 174 15.53 3.97 24.92
C GLU C 174 16.53 4.58 25.86
N LEU C 175 16.03 5.44 26.76
CA LEU C 175 16.85 6.12 27.76
C LEU C 175 17.57 5.13 28.64
N GLU C 176 16.85 4.09 29.01
CA GLU C 176 17.37 3.03 29.87
C GLU C 176 18.55 2.31 29.21
N GLU C 177 18.35 1.76 28.03
CA GLU C 177 19.45 1.08 27.36
C GLU C 177 20.41 2.12 26.80
N MET C 178 20.62 3.19 27.55
CA MET C 178 21.49 4.26 27.11
C MET C 178 22.27 4.78 28.30
N GLY C 179 22.06 4.18 29.47
CA GLY C 179 22.77 4.61 30.66
C GLY C 179 21.96 5.50 31.57
N PHE C 180 20.76 5.87 31.15
CA PHE C 180 19.91 6.72 31.96
C PHE C 180 19.24 5.98 33.11
N GLU C 181 19.04 6.68 34.21
CA GLU C 181 18.38 6.07 35.35
C GLU C 181 17.14 6.91 35.70
N ILE C 182 16.06 6.69 34.96
CA ILE C 182 14.82 7.41 35.19
C ILE C 182 14.21 7.00 36.51
N GLU C 183 13.65 7.98 37.21
CA GLU C 183 13.01 7.74 38.49
C GLU C 183 11.65 7.14 38.21
N ALA C 184 10.86 7.88 37.44
CA ALA C 184 9.52 7.47 37.08
C ALA C 184 8.94 8.48 36.08
N SER C 185 7.87 8.10 35.41
CA SER C 185 7.23 9.02 34.48
C SER C 185 5.72 8.87 34.62
N HIS C 186 4.98 9.83 34.10
CA HIS C 186 3.53 9.84 34.19
C HIS C 186 2.96 10.81 33.17
N HIS C 187 1.64 10.78 33.02
CA HIS C 187 0.92 11.66 32.11
C HIS C 187 0.68 12.97 32.89
N GLU C 188 0.88 14.12 32.26
CA GLU C 188 0.66 15.40 32.97
C GLU C 188 -0.78 15.89 32.96
N VAL C 189 -1.02 16.95 33.73
CA VAL C 189 -2.36 17.54 33.87
C VAL C 189 -3.14 17.73 32.58
N ALA C 190 -2.53 18.46 31.65
CA ALA C 190 -3.17 18.76 30.38
C ALA C 190 -3.06 17.60 29.41
N PRO C 191 -4.05 17.46 28.53
CA PRO C 191 -4.02 16.37 27.55
C PRO C 191 -2.83 16.44 26.60
N GLY C 192 -2.30 15.27 26.23
CA GLY C 192 -1.17 15.25 25.33
C GLY C 192 0.09 15.78 25.95
N GLN C 193 0.09 15.87 27.28
CA GLN C 193 1.25 16.36 28.04
C GLN C 193 1.91 15.20 28.81
N HIS C 194 3.23 15.12 28.78
CA HIS C 194 3.90 14.03 29.45
C HIS C 194 5.06 14.52 30.29
N GLU C 195 5.57 13.66 31.15
CA GLU C 195 6.71 14.01 31.97
C GLU C 195 7.55 12.79 32.30
N ILE C 196 8.85 13.02 32.45
CA ILE C 196 9.80 11.98 32.83
C ILE C 196 10.78 12.60 33.80
N ASP C 197 10.88 12.00 34.98
CA ASP C 197 11.77 12.51 36.02
C ASP C 197 13.01 11.63 36.12
N PHE C 198 14.18 12.26 36.28
CA PHE C 198 15.44 11.54 36.38
C PHE C 198 15.82 11.41 37.85
N LYS C 199 16.95 10.75 38.10
CA LYS C 199 17.47 10.61 39.46
C LYS C 199 18.34 11.83 39.65
N TYR C 200 18.90 11.98 40.84
CA TYR C 200 19.74 13.12 41.12
C TYR C 200 21.17 12.89 40.60
N ALA C 201 21.76 13.91 39.99
CA ALA C 201 23.14 13.79 39.48
C ALA C 201 23.86 15.12 39.71
N GLY C 202 25.17 15.15 39.51
CA GLY C 202 25.88 16.40 39.72
C GLY C 202 25.41 17.47 38.77
N ALA C 203 25.46 18.73 39.18
CA ALA C 203 24.99 19.80 38.28
C ALA C 203 25.41 19.54 36.83
N VAL C 204 26.70 19.45 36.59
CA VAL C 204 27.17 19.24 35.24
C VAL C 204 26.56 18.05 34.52
N ARG C 205 26.63 16.87 35.15
CA ARG C 205 26.09 15.67 34.53
C ARG C 205 24.59 15.76 34.30
N SER C 206 23.89 16.27 35.29
CA SER C 206 22.44 16.38 35.20
C SER C 206 22.01 17.27 34.03
N CYS C 207 22.71 18.39 33.85
CA CYS C 207 22.42 19.29 32.74
C CYS C 207 22.76 18.56 31.44
N ASP C 208 23.85 17.79 31.43
CA ASP C 208 24.22 17.06 30.22
C ASP C 208 23.07 16.15 29.80
N ASP C 209 22.47 15.48 30.79
CA ASP C 209 21.35 14.57 30.60
C ASP C 209 20.11 15.31 30.05
N ILE C 210 19.79 16.48 30.62
CA ILE C 210 18.65 17.28 30.17
C ILE C 210 18.75 17.54 28.67
N GLN C 211 19.93 17.93 28.22
CA GLN C 211 20.13 18.17 26.80
C GLN C 211 19.83 16.89 26.04
N THR C 212 20.54 15.81 26.36
CA THR C 212 20.32 14.52 25.69
C THR C 212 18.88 14.06 25.74
N PHE C 213 18.23 14.34 26.87
CA PHE C 213 16.85 13.97 27.04
C PHE C 213 15.98 14.58 25.95
N LYS C 214 16.11 15.89 25.76
CA LYS C 214 15.30 16.53 24.75
C LYS C 214 15.62 15.99 23.37
N LEU C 215 16.86 15.54 23.20
CA LEU C 215 17.27 14.99 21.92
C LEU C 215 16.51 13.68 21.72
N VAL C 216 16.67 12.76 22.66
CA VAL C 216 15.98 11.49 22.59
C VAL C 216 14.47 11.69 22.45
N VAL C 217 13.88 12.54 23.28
CA VAL C 217 12.44 12.76 23.19
C VAL C 217 12.00 13.25 21.81
N LYS C 218 12.53 14.40 21.38
CA LYS C 218 12.14 14.93 20.08
C LYS C 218 12.32 13.89 18.97
N THR C 219 13.43 13.16 19.02
CA THR C 219 13.72 12.12 18.02
C THR C 219 12.78 10.92 18.04
N ILE C 220 12.57 10.33 19.20
CA ILE C 220 11.67 9.18 19.32
C ILE C 220 10.25 9.58 18.96
N ALA C 221 9.84 10.80 19.32
CA ALA C 221 8.48 11.26 18.99
C ALA C 221 8.28 11.37 17.47
N ARG C 222 9.28 11.90 16.78
CA ARG C 222 9.19 12.03 15.34
C ARG C 222 9.10 10.66 14.71
N LYS C 223 9.65 9.66 15.38
CA LYS C 223 9.61 8.31 14.84
C LYS C 223 8.23 7.67 15.05
N HIS C 224 7.43 8.23 15.94
CA HIS C 224 6.08 7.73 16.21
C HIS C 224 5.03 8.59 15.49
N GLY C 225 5.49 9.40 14.54
CA GLY C 225 4.59 10.27 13.79
C GLY C 225 4.04 11.40 14.64
N LEU C 226 4.84 11.82 15.61
CA LEU C 226 4.42 12.86 16.52
C LEU C 226 5.49 13.94 16.58
N HIS C 227 5.15 15.03 17.27
CA HIS C 227 6.06 16.14 17.41
C HIS C 227 6.15 16.57 18.85
N ALA C 228 7.34 16.43 19.42
CA ALA C 228 7.57 16.79 20.82
C ALA C 228 8.00 18.26 20.90
N THR C 229 7.53 18.95 21.94
CA THR C 229 7.89 20.35 22.14
C THR C 229 8.07 20.74 23.61
N PHE C 230 9.10 21.51 23.90
CA PHE C 230 9.35 21.93 25.26
C PHE C 230 9.03 23.41 25.37
N MET C 231 8.12 23.87 24.49
CA MET C 231 7.73 25.27 24.51
C MET C 231 6.92 25.45 25.78
N PRO C 232 7.30 26.42 26.62
CA PRO C 232 6.59 26.68 27.87
C PRO C 232 5.06 26.65 27.83
N LYS C 233 4.47 27.35 26.87
CA LYS C 233 3.01 27.42 26.78
C LYS C 233 2.55 27.44 25.31
N PRO C 234 2.46 26.26 24.69
CA PRO C 234 2.02 26.11 23.30
C PRO C 234 0.55 26.38 23.08
N LEU C 235 -0.24 26.26 24.14
CA LEU C 235 -1.67 26.50 24.04
C LEU C 235 -2.27 27.34 25.15
N PHE C 236 -3.05 28.32 24.73
CA PHE C 236 -3.70 29.19 25.65
C PHE C 236 -4.81 28.42 26.32
N GLY C 237 -4.96 28.61 27.62
CA GLY C 237 -6.02 27.94 28.34
C GLY C 237 -5.70 26.57 28.90
N VAL C 238 -4.59 25.97 28.50
CA VAL C 238 -4.22 24.67 29.05
C VAL C 238 -2.93 24.87 29.81
N ASN C 239 -2.61 23.92 30.67
CA ASN C 239 -1.38 24.01 31.48
C ASN C 239 -0.16 24.18 30.62
N GLY C 240 0.89 24.73 31.21
CA GLY C 240 2.14 24.91 30.49
C GLY C 240 3.15 23.86 30.93
N SER C 241 4.31 23.81 30.30
CA SER C 241 5.33 22.85 30.69
C SER C 241 6.43 23.54 31.47
N GLY C 242 6.68 23.03 32.66
CA GLY C 242 7.71 23.60 33.49
C GLY C 242 8.76 22.53 33.67
N MET C 243 9.92 22.92 34.16
CA MET C 243 11.00 21.97 34.41
C MET C 243 11.51 22.25 35.81
N HIS C 244 10.74 21.81 36.80
CA HIS C 244 11.12 22.00 38.19
C HIS C 244 12.49 21.45 38.45
N CYS C 245 13.24 22.15 39.31
CA CYS C 245 14.58 21.74 39.66
C CYS C 245 14.71 21.46 41.13
N ASN C 246 14.97 20.20 41.44
CA ASN C 246 15.15 19.78 42.81
C ASN C 246 16.62 19.87 43.13
N LEU C 247 16.96 20.91 43.88
CA LEU C 247 18.35 21.17 44.25
C LEU C 247 18.71 20.64 45.63
N SER C 248 19.94 20.16 45.79
CA SER C 248 20.38 19.67 47.09
C SER C 248 21.89 19.88 47.21
N LEU C 249 22.33 20.50 48.29
CA LEU C 249 23.74 20.75 48.53
C LEU C 249 24.36 19.65 49.37
N PHE C 250 25.59 19.27 49.05
CA PHE C 250 26.31 18.25 49.80
C PHE C 250 27.65 18.77 50.32
N LYS C 251 27.88 18.56 51.62
CA LYS C 251 29.12 18.97 52.26
C LYS C 251 29.78 17.72 52.80
N ASN C 252 31.04 17.50 52.41
CA ASN C 252 31.79 16.32 52.86
C ASN C 252 31.13 15.03 52.39
N GLY C 253 30.40 15.11 51.29
CA GLY C 253 29.74 13.93 50.76
C GLY C 253 28.41 13.63 51.43
N VAL C 254 28.05 14.42 52.44
CA VAL C 254 26.79 14.24 53.16
C VAL C 254 25.83 15.38 52.82
N ASN C 255 24.53 15.10 52.87
CA ASN C 255 23.51 16.11 52.57
C ASN C 255 23.63 17.26 53.56
N ALA C 256 23.82 18.46 53.04
CA ALA C 256 23.98 19.63 53.89
C ALA C 256 22.65 20.30 54.20
N PHE C 257 21.61 19.88 53.50
CA PHE C 257 20.30 20.50 53.72
C PHE C 257 19.51 19.83 54.82
N PHE C 258 19.94 18.61 55.18
CA PHE C 258 19.26 17.85 56.21
C PHE C 258 19.70 18.22 57.61
N ASP C 259 18.78 18.08 58.55
CA ASP C 259 19.04 18.39 59.94
C ASP C 259 17.97 17.74 60.80
N GLU C 260 18.38 16.74 61.58
CA GLU C 260 17.48 15.99 62.45
C GLU C 260 16.71 16.84 63.47
N ASN C 261 17.44 17.44 64.41
CA ASN C 261 16.87 18.27 65.47
C ASN C 261 16.65 19.70 65.02
N ALA C 262 16.00 19.88 63.88
CA ALA C 262 15.78 21.24 63.39
C ALA C 262 14.36 21.47 62.92
N ASP C 263 13.91 22.71 63.02
CA ASP C 263 12.57 23.08 62.58
C ASP C 263 12.36 22.60 61.14
N LEU C 264 11.31 21.81 60.93
CA LEU C 264 10.99 21.28 59.62
C LEU C 264 12.09 20.32 59.17
N GLN C 265 13.05 20.11 60.05
CA GLN C 265 14.19 19.24 59.78
C GLN C 265 15.09 19.80 58.69
N LEU C 266 15.16 21.13 58.62
CA LEU C 266 15.99 21.80 57.63
C LEU C 266 17.17 22.49 58.33
N SER C 267 18.36 22.24 57.82
CA SER C 267 19.58 22.80 58.38
C SER C 267 19.68 24.30 58.17
N GLU C 268 20.64 24.92 58.85
CA GLU C 268 20.86 26.36 58.73
C GLU C 268 21.26 26.69 57.31
N THR C 269 22.25 25.95 56.79
CA THR C 269 22.70 26.17 55.44
C THR C 269 21.55 25.99 54.46
N ALA C 270 20.55 25.19 54.83
CA ALA C 270 19.40 24.98 53.95
C ALA C 270 18.54 26.23 53.96
N LYS C 271 18.22 26.70 55.16
CA LYS C 271 17.41 27.90 55.31
C LYS C 271 18.07 29.06 54.59
N HIS C 272 19.40 29.08 54.58
CA HIS C 272 20.11 30.15 53.91
C HIS C 272 19.96 30.07 52.41
N PHE C 273 20.06 28.84 51.91
CA PHE C 273 19.94 28.56 50.49
C PHE C 273 18.59 29.11 50.02
N ILE C 274 17.54 28.77 50.77
CA ILE C 274 16.19 29.23 50.46
C ILE C 274 16.18 30.76 50.41
N ALA C 275 16.88 31.37 51.34
CA ALA C 275 16.92 32.84 51.39
C ALA C 275 17.55 33.43 50.15
N GLY C 276 18.62 32.77 49.67
CA GLY C 276 19.36 33.22 48.51
C GLY C 276 18.51 33.26 47.27
N ILE C 277 17.74 32.19 47.06
CA ILE C 277 16.88 32.09 45.91
C ILE C 277 15.72 33.09 45.99
N VAL C 278 15.23 33.37 47.18
CA VAL C 278 14.12 34.32 47.32
C VAL C 278 14.58 35.74 47.00
N LYS C 279 15.83 36.04 47.34
CA LYS C 279 16.39 37.37 47.10
C LYS C 279 16.62 37.68 45.62
N HIS C 280 17.09 36.68 44.86
CA HIS C 280 17.39 36.84 43.43
C HIS C 280 16.37 36.24 42.48
N ALA C 281 15.40 35.51 43.02
CA ALA C 281 14.37 34.90 42.20
C ALA C 281 13.83 35.78 41.08
N THR C 282 13.50 37.04 41.38
CA THR C 282 13.00 37.96 40.36
C THR C 282 14.10 38.37 39.37
N SER C 283 15.34 38.29 39.81
CA SER C 283 16.47 38.64 38.95
C SER C 283 16.95 37.54 38.00
N PHE C 284 16.64 36.27 38.29
CA PHE C 284 17.08 35.19 37.40
C PHE C 284 15.96 34.57 36.56
N THR C 285 14.78 35.19 36.61
CA THR C 285 13.65 34.68 35.86
C THR C 285 13.96 34.79 34.36
N ALA C 286 14.80 35.74 33.99
CA ALA C 286 15.13 35.91 32.59
C ALA C 286 15.95 34.77 32.03
N VAL C 287 16.63 34.03 32.89
CA VAL C 287 17.46 32.92 32.49
C VAL C 287 16.77 31.56 32.60
N THR C 288 15.96 31.41 33.64
CA THR C 288 15.22 30.18 33.88
C THR C 288 13.97 30.14 32.99
N ASN C 289 13.62 31.30 32.45
CA ASN C 289 12.46 31.47 31.57
C ASN C 289 12.93 32.46 30.52
N PRO C 290 13.82 31.98 29.65
CA PRO C 290 14.43 32.76 28.58
C PRO C 290 13.62 33.19 27.35
N THR C 291 12.46 32.59 27.12
CA THR C 291 11.71 32.97 25.94
C THR C 291 10.57 33.91 26.27
N VAL C 292 10.05 34.55 25.23
CA VAL C 292 8.93 35.45 25.40
C VAL C 292 7.71 34.65 25.87
N ASN C 293 7.46 33.52 25.21
CA ASN C 293 6.35 32.65 25.54
C ASN C 293 6.47 32.05 26.94
N SER C 294 7.66 32.07 27.51
CA SER C 294 7.88 31.55 28.86
C SER C 294 6.99 32.29 29.88
N TYR C 295 6.73 33.57 29.63
CA TYR C 295 5.91 34.37 30.54
C TYR C 295 4.41 34.17 30.31
N LYS C 296 4.07 33.32 29.35
CA LYS C 296 2.66 33.03 29.08
C LYS C 296 2.30 31.80 29.91
N ARG C 297 3.32 31.20 30.50
CA ARG C 297 3.14 30.02 31.37
C ARG C 297 3.06 30.52 32.78
N LEU C 298 3.77 31.61 33.03
CA LEU C 298 3.82 32.24 34.34
C LEU C 298 2.59 33.09 34.60
N VAL C 299 1.43 32.45 34.52
CA VAL C 299 0.15 33.09 34.72
C VAL C 299 -0.66 32.23 35.69
N PRO C 300 -1.37 32.88 36.63
CA PRO C 300 -2.17 32.13 37.60
C PRO C 300 -3.25 31.27 36.99
N GLY C 301 -3.44 30.12 37.62
CA GLY C 301 -4.46 29.17 37.18
C GLY C 301 -4.00 27.91 36.49
N TYR C 302 -2.70 27.71 36.39
CA TYR C 302 -2.19 26.52 35.70
C TYR C 302 -1.08 25.87 36.48
N GLU C 303 -1.12 26.04 37.80
CA GLU C 303 -0.13 25.42 38.68
C GLU C 303 1.32 25.82 38.36
N ALA C 304 1.55 27.08 38.00
CA ALA C 304 2.91 27.54 37.73
C ALA C 304 3.19 28.74 38.62
N PRO C 305 4.42 28.86 39.12
CA PRO C 305 4.85 29.94 40.00
C PRO C 305 4.49 31.33 39.50
N CYS C 306 4.05 32.20 40.39
CA CYS C 306 3.72 33.57 39.98
C CYS C 306 4.25 34.57 41.01
N TYR C 307 4.40 34.12 42.26
CA TYR C 307 4.90 35.01 43.31
C TYR C 307 6.08 34.36 44.02
N VAL C 308 7.03 35.18 44.43
CA VAL C 308 8.20 34.69 45.11
C VAL C 308 7.88 34.28 46.53
N ALA C 309 7.97 32.98 46.81
CA ALA C 309 7.69 32.46 48.13
C ALA C 309 7.99 30.97 48.18
N TRP C 310 8.16 30.44 49.39
CA TRP C 310 8.43 29.01 49.56
C TRP C 310 7.47 28.38 50.59
N SER C 311 7.22 27.09 50.42
CA SER C 311 6.30 26.35 51.29
C SER C 311 6.51 24.84 51.17
N ALA C 312 5.84 24.08 52.03
CA ALA C 312 5.94 22.61 51.97
C ALA C 312 4.67 22.07 51.30
N GLN C 313 3.59 22.84 51.36
CA GLN C 313 2.32 22.44 50.79
C GLN C 313 1.52 23.68 50.41
N ASN C 314 1.44 23.96 49.11
CA ASN C 314 0.70 25.11 48.65
C ASN C 314 0.23 24.85 47.23
N ARG C 315 -0.65 25.72 46.75
CA ARG C 315 -1.20 25.62 45.40
C ARG C 315 -0.17 25.63 44.27
N SER C 316 0.74 26.62 44.27
CA SER C 316 1.79 26.75 43.25
C SER C 316 2.95 27.63 43.72
N PRO C 317 3.72 27.16 44.72
CA PRO C 317 4.85 27.89 45.27
C PRO C 317 6.06 27.92 44.34
N LEU C 318 6.81 29.01 44.42
CA LEU C 318 8.00 29.18 43.61
C LEU C 318 9.05 28.20 44.13
N ILE C 319 9.04 28.03 45.44
CA ILE C 319 9.96 27.12 46.11
C ILE C 319 9.14 26.13 46.92
N ARG C 320 9.54 24.86 46.85
CA ARG C 320 8.84 23.80 47.57
C ARG C 320 9.86 22.87 48.21
N ILE C 321 9.55 22.40 49.41
CA ILE C 321 10.43 21.49 50.11
C ILE C 321 9.68 20.18 50.22
N PRO C 322 10.05 19.18 49.42
CA PRO C 322 9.41 17.85 49.44
C PRO C 322 9.44 17.19 50.81
N ALA C 323 8.64 16.14 50.97
CA ALA C 323 8.57 15.42 52.23
C ALA C 323 9.87 14.77 52.63
N SER C 324 10.20 13.71 51.91
CA SER C 324 11.41 12.94 52.17
C SER C 324 12.56 13.80 52.65
N ARG C 325 13.34 13.26 53.60
CA ARG C 325 14.50 13.94 54.14
C ARG C 325 15.75 13.07 54.06
N GLY C 326 16.76 13.39 54.88
CA GLY C 326 17.99 12.64 54.84
C GLY C 326 18.71 13.03 53.56
N ILE C 327 19.23 12.05 52.82
CA ILE C 327 19.93 12.39 51.59
C ILE C 327 18.96 12.90 50.55
N SER C 328 17.68 12.66 50.80
CA SER C 328 16.62 13.10 49.91
C SER C 328 16.12 14.49 50.23
N THR C 329 16.75 15.18 51.18
CA THR C 329 16.33 16.53 51.55
C THR C 329 16.75 17.48 50.45
N ARG C 330 15.82 18.31 49.99
CA ARG C 330 16.17 19.23 48.92
C ARG C 330 15.14 20.33 48.75
N VAL C 331 15.53 21.38 48.03
CA VAL C 331 14.66 22.52 47.75
C VAL C 331 14.31 22.51 46.25
N GLU C 332 13.04 22.77 45.95
CA GLU C 332 12.57 22.75 44.58
C GLU C 332 12.14 24.11 44.05
N VAL C 333 12.75 24.54 42.95
CA VAL C 333 12.36 25.81 42.31
C VAL C 333 11.46 25.40 41.14
N ARG C 334 10.19 25.81 41.20
CA ARG C 334 9.19 25.46 40.20
C ARG C 334 9.05 26.46 39.06
N SER C 335 9.74 27.59 39.15
CA SER C 335 9.65 28.60 38.10
C SER C 335 10.34 28.24 36.78
N VAL C 336 11.46 27.53 36.89
CA VAL C 336 12.24 27.11 35.71
C VAL C 336 11.39 26.36 34.69
N ASP C 337 11.67 26.54 33.40
CA ASP C 337 10.91 25.77 32.41
C ASP C 337 11.90 25.04 31.52
N PRO C 338 11.42 24.08 30.71
CA PRO C 338 12.28 23.30 29.81
C PRO C 338 12.93 24.05 28.67
N ALA C 339 12.48 25.28 28.43
CA ALA C 339 13.04 26.09 27.34
C ALA C 339 14.33 26.75 27.82
N ALA C 340 14.55 26.73 29.12
CA ALA C 340 15.72 27.34 29.70
C ALA C 340 17.00 26.58 29.44
N ASN C 341 18.09 27.31 29.22
CA ASN C 341 19.39 26.67 29.00
C ASN C 341 19.82 26.06 30.35
N PRO C 342 19.77 24.73 30.49
CA PRO C 342 20.14 24.05 31.74
C PRO C 342 21.42 24.48 32.44
N TYR C 343 22.50 24.64 31.68
CA TYR C 343 23.79 25.04 32.24
C TYR C 343 23.73 26.45 32.82
N LEU C 344 23.14 27.38 32.08
CA LEU C 344 23.02 28.74 32.57
C LEU C 344 22.00 28.81 33.71
N ALA C 345 20.95 27.99 33.63
CA ALA C 345 19.92 27.97 34.66
C ALA C 345 20.46 27.49 36.00
N LEU C 346 21.25 26.42 35.97
CA LEU C 346 21.84 25.88 37.19
C LEU C 346 22.90 26.82 37.74
N SER C 347 23.57 27.53 36.86
CA SER C 347 24.62 28.45 37.30
C SER C 347 24.03 29.63 38.05
N VAL C 348 22.98 30.19 37.49
CA VAL C 348 22.33 31.34 38.09
C VAL C 348 21.62 30.93 39.38
N LEU C 349 21.13 29.70 39.43
CA LEU C 349 20.45 29.20 40.62
C LEU C 349 21.41 28.93 41.77
N LEU C 350 22.53 28.29 41.46
CA LEU C 350 23.54 27.95 42.46
C LEU C 350 24.15 29.23 43.00
N ALA C 351 24.55 30.13 42.11
CA ALA C 351 25.14 31.38 42.55
C ALA C 351 24.17 32.09 43.50
N ALA C 352 22.89 32.08 43.14
CA ALA C 352 21.90 32.72 43.99
C ALA C 352 21.91 32.08 45.38
N GLY C 353 21.88 30.76 45.42
CA GLY C 353 21.89 30.06 46.69
C GLY C 353 23.15 30.35 47.49
N LEU C 354 24.31 30.17 46.88
CA LEU C 354 25.55 30.43 47.60
C LEU C 354 25.63 31.83 48.14
N ASP C 355 25.03 32.78 47.44
CA ASP C 355 25.05 34.16 47.90
C ASP C 355 24.33 34.22 49.23
N GLY C 356 23.34 33.38 49.41
CA GLY C 356 22.61 33.39 50.67
C GLY C 356 23.35 32.68 51.78
N ILE C 357 24.12 31.66 51.39
CA ILE C 357 24.91 30.85 52.33
C ILE C 357 26.05 31.69 52.90
N LYS C 358 26.89 32.20 52.02
CA LYS C 358 28.02 33.01 52.44
C LYS C 358 27.59 34.32 53.12
N ASN C 359 26.38 34.81 52.88
CA ASN C 359 25.94 36.05 53.52
C ASN C 359 24.92 35.80 54.64
N LYS C 360 24.73 34.53 55.00
CA LYS C 360 23.80 34.14 56.05
C LYS C 360 22.42 34.79 55.88
N LEU C 361 22.08 35.14 54.64
CA LEU C 361 20.79 35.78 54.37
C LEU C 361 19.68 35.06 55.14
N GLU C 362 18.78 35.83 55.76
CA GLU C 362 17.68 35.25 56.53
C GLU C 362 16.48 34.91 55.66
N ALA C 363 16.07 33.64 55.67
CA ALA C 363 14.94 33.18 54.88
C ALA C 363 13.61 33.70 55.42
N PRO C 364 12.69 34.08 54.54
CA PRO C 364 11.38 34.58 54.94
C PRO C 364 10.50 33.47 55.44
N ALA C 365 9.49 33.82 56.23
CA ALA C 365 8.56 32.83 56.77
C ALA C 365 7.82 32.18 55.64
N PRO C 366 7.70 30.85 55.69
CA PRO C 366 6.99 30.14 54.63
C PRO C 366 5.51 30.54 54.60
N ILE C 367 4.98 30.72 53.40
CA ILE C 367 3.59 31.08 53.23
C ILE C 367 2.78 29.85 52.87
N ASP C 368 1.93 29.40 53.78
CA ASP C 368 1.11 28.22 53.54
C ASP C 368 -0.30 28.60 53.08
N ARG C 369 -0.61 29.89 53.17
CA ARG C 369 -1.90 30.40 52.77
C ARG C 369 -2.14 30.31 51.27
N ASN C 370 -3.32 30.77 50.87
CA ASN C 370 -3.71 30.79 49.47
C ASN C 370 -3.39 32.18 48.92
N ILE C 371 -2.39 32.25 48.04
CA ILE C 371 -1.99 33.52 47.45
C ILE C 371 -2.89 33.91 46.27
N TYR C 372 -3.38 32.90 45.53
CA TYR C 372 -4.25 33.14 44.37
C TYR C 372 -5.34 34.16 44.70
N VAL C 373 -5.91 34.07 45.90
CA VAL C 373 -6.97 34.99 46.30
C VAL C 373 -6.47 36.30 46.89
N MET C 374 -5.23 36.32 47.36
CA MET C 374 -4.67 37.54 47.91
C MET C 374 -4.42 38.60 46.84
N SER C 375 -5.09 39.74 46.97
CA SER C 375 -4.92 40.83 46.03
C SER C 375 -3.49 41.36 46.05
N LYS C 376 -3.19 42.32 45.18
CA LYS C 376 -1.87 42.91 45.12
C LYS C 376 -1.47 43.55 46.46
N GLU C 377 -2.26 44.53 46.91
CA GLU C 377 -1.96 45.20 48.17
C GLU C 377 -1.73 44.20 49.30
N GLU C 378 -2.54 43.15 49.32
CA GLU C 378 -2.40 42.13 50.35
C GLU C 378 -1.01 41.50 50.29
N ARG C 379 -0.57 41.11 49.10
CA ARG C 379 0.75 40.49 48.93
C ARG C 379 1.85 41.48 49.26
N MET C 380 1.58 42.76 48.98
CA MET C 380 2.55 43.81 49.26
C MET C 380 2.72 43.91 50.77
N GLU C 381 1.60 43.94 51.49
CA GLU C 381 1.61 44.06 52.95
C GLU C 381 2.25 42.84 53.62
N ASN C 382 2.66 41.86 52.82
CA ASN C 382 3.28 40.67 53.37
C ASN C 382 4.59 40.33 52.68
N GLY C 383 5.15 41.32 51.98
CA GLY C 383 6.41 41.13 51.30
C GLY C 383 6.38 40.01 50.29
N ILE C 384 5.26 39.89 49.57
CA ILE C 384 5.12 38.85 48.56
C ILE C 384 5.20 39.44 47.17
N VAL C 385 6.40 39.44 46.61
CA VAL C 385 6.64 39.99 45.28
C VAL C 385 6.21 38.99 44.21
N ASP C 386 5.87 39.51 43.03
CA ASP C 386 5.49 38.63 41.95
C ASP C 386 6.50 38.72 40.82
N LEU C 387 6.87 37.56 40.27
CA LEU C 387 7.83 37.48 39.19
C LEU C 387 7.48 38.45 38.05
N PRO C 388 8.46 38.75 37.17
CA PRO C 388 8.22 39.65 36.03
C PRO C 388 7.23 39.01 35.07
N ALA C 389 6.28 39.80 34.57
CA ALA C 389 5.24 39.33 33.67
C ALA C 389 5.70 39.19 32.22
N THR C 390 6.73 39.93 31.85
CA THR C 390 7.24 39.85 30.48
C THR C 390 8.74 39.62 30.41
N LEU C 391 9.19 39.20 29.24
CA LEU C 391 10.61 38.95 29.01
C LEU C 391 11.36 40.27 29.21
N ALA C 392 10.78 41.36 28.71
CA ALA C 392 11.41 42.67 28.85
C ALA C 392 11.57 42.99 30.34
N GLU C 393 10.48 42.85 31.07
CA GLU C 393 10.47 43.12 32.50
C GLU C 393 11.52 42.25 33.22
N ALA C 394 11.65 41.00 32.79
CA ALA C 394 12.61 40.14 33.44
C ALA C 394 14.04 40.53 33.10
N LEU C 395 14.26 41.06 31.91
CA LEU C 395 15.60 41.44 31.51
C LEU C 395 16.10 42.67 32.27
N GLU C 396 15.21 43.58 32.61
CA GLU C 396 15.64 44.76 33.32
C GLU C 396 16.07 44.36 34.73
N GLU C 397 15.29 43.50 35.37
CA GLU C 397 15.63 43.04 36.72
C GLU C 397 16.95 42.31 36.75
N PHE C 398 17.17 41.45 35.77
CA PHE C 398 18.39 40.69 35.70
C PHE C 398 19.60 41.62 35.61
N LYS C 399 19.54 42.61 34.73
CA LYS C 399 20.65 43.53 34.59
C LYS C 399 20.86 44.32 35.86
N SER C 400 19.81 44.47 36.66
CA SER C 400 19.96 45.23 37.89
C SER C 400 20.59 44.44 39.01
N ASN C 401 21.00 43.21 38.73
CA ASN C 401 21.58 42.38 39.76
C ASN C 401 23.01 41.97 39.41
N GLU C 402 23.98 42.48 40.16
CA GLU C 402 25.35 42.14 39.83
C GLU C 402 25.74 40.71 40.18
N VAL C 403 25.25 40.21 41.31
CA VAL C 403 25.62 38.86 41.69
C VAL C 403 25.13 37.89 40.64
N MET C 404 23.99 38.22 40.01
CA MET C 404 23.39 37.41 38.96
C MET C 404 24.10 37.65 37.64
N VAL C 405 24.49 38.88 37.38
CA VAL C 405 25.21 39.20 36.15
C VAL C 405 26.54 38.46 36.16
N LYS C 406 27.26 38.54 37.28
CA LYS C 406 28.55 37.87 37.40
C LYS C 406 28.37 36.36 37.35
N ALA C 407 27.17 35.87 37.59
CA ALA C 407 26.93 34.43 37.54
C ALA C 407 27.04 33.93 36.11
N LEU C 408 26.93 34.82 35.13
CA LEU C 408 27.07 34.38 33.75
C LEU C 408 28.38 34.77 33.10
N GLY C 409 29.01 35.83 33.61
CA GLY C 409 30.26 36.28 33.03
C GLY C 409 30.03 37.40 32.00
N GLU C 410 30.99 38.31 31.82
CA GLU C 410 30.78 39.38 30.86
C GLU C 410 30.37 38.87 29.48
N HIS C 411 31.16 37.99 28.88
CA HIS C 411 30.87 37.47 27.54
C HIS C 411 29.48 36.86 27.37
N LEU C 412 29.16 35.84 28.16
CA LEU C 412 27.85 35.20 28.08
C LEU C 412 26.76 36.21 28.37
N PHE C 413 26.93 37.00 29.42
CA PHE C 413 25.89 37.96 29.78
C PHE C 413 25.58 38.88 28.61
N GLU C 414 26.62 39.57 28.13
CA GLU C 414 26.46 40.50 27.02
C GLU C 414 25.66 39.94 25.86
N HIS C 415 26.01 38.74 25.41
CA HIS C 415 25.33 38.09 24.30
C HIS C 415 23.91 37.68 24.66
N PHE C 416 23.73 37.15 25.86
CA PHE C 416 22.41 36.73 26.29
C PHE C 416 21.46 37.93 26.17
N ILE C 417 21.85 39.05 26.75
CA ILE C 417 21.04 40.26 26.73
C ILE C 417 20.76 40.75 25.32
N GLU C 418 21.79 40.71 24.48
CA GLU C 418 21.66 41.15 23.12
C GLU C 418 20.62 40.28 22.42
N ALA C 419 20.78 38.97 22.51
CA ALA C 419 19.85 38.05 21.86
C ALA C 419 18.42 38.24 22.33
N LYS C 420 18.22 38.33 23.65
CA LYS C 420 16.88 38.49 24.18
C LYS C 420 16.24 39.85 23.87
N GLU C 421 16.99 40.93 23.92
CA GLU C 421 16.35 42.21 23.62
C GLU C 421 15.89 42.25 22.17
N ILE C 422 16.61 41.54 21.31
CA ILE C 422 16.27 41.47 19.89
C ILE C 422 14.96 40.69 19.78
N GLU C 423 14.92 39.54 20.44
CA GLU C 423 13.76 38.67 20.44
C GLU C 423 12.51 39.43 20.87
N TRP C 424 12.62 40.15 21.98
CA TRP C 424 11.48 40.91 22.47
C TRP C 424 11.05 41.97 21.47
N ASP C 425 12.02 42.67 20.90
CA ASP C 425 11.74 43.73 19.95
C ASP C 425 10.94 43.19 18.77
N MET C 426 11.30 42.00 18.31
CA MET C 426 10.59 41.39 17.20
C MET C 426 9.15 41.09 17.59
N PHE C 427 8.97 40.63 18.82
CA PHE C 427 7.65 40.30 19.34
C PHE C 427 6.77 41.52 19.56
N ARG C 428 7.32 42.56 20.19
CA ARG C 428 6.53 43.75 20.48
C ARG C 428 6.03 44.51 19.24
N THR C 429 6.76 44.39 18.13
CA THR C 429 6.40 45.08 16.90
C THR C 429 5.47 44.24 16.03
N GLN C 430 5.36 42.96 16.36
CA GLN C 430 4.51 42.06 15.61
C GLN C 430 3.05 42.40 15.81
N VAL C 431 2.25 42.24 14.76
CA VAL C 431 0.80 42.48 14.89
C VAL C 431 0.11 41.11 14.89
N HIS C 432 -0.39 40.67 16.04
CA HIS C 432 -1.02 39.34 16.11
C HIS C 432 -2.48 39.31 15.72
N PRO C 433 -2.93 38.19 15.14
CA PRO C 433 -4.33 38.09 14.73
C PRO C 433 -5.30 38.60 15.81
N TRP C 434 -5.04 38.22 17.05
CA TRP C 434 -5.84 38.61 18.20
C TRP C 434 -6.12 40.11 18.19
N GLU C 435 -5.14 40.89 17.78
CA GLU C 435 -5.31 42.33 17.72
C GLU C 435 -6.36 42.74 16.71
N ARG C 436 -6.39 42.08 15.56
CA ARG C 436 -7.40 42.40 14.55
C ARG C 436 -8.76 41.88 14.94
N GLU C 437 -8.80 40.70 15.55
CA GLU C 437 -10.08 40.11 15.95
C GLU C 437 -10.71 41.02 16.98
N GLN C 438 -9.88 41.75 17.69
CA GLN C 438 -10.36 42.65 18.73
C GLN C 438 -10.55 44.08 18.30
N TYR C 439 -9.78 44.53 17.33
CA TYR C 439 -9.89 45.94 16.96
C TYR C 439 -10.36 46.27 15.56
N MET C 440 -9.95 45.45 14.60
CA MET C 440 -10.28 45.69 13.22
C MET C 440 -11.74 46.04 12.94
N SER C 441 -12.63 45.56 13.79
CA SER C 441 -14.06 45.83 13.62
C SER C 441 -14.61 46.81 14.67
N GLN C 442 -14.11 46.71 15.90
CA GLN C 442 -14.59 47.57 16.96
C GLN C 442 -14.14 49.02 16.74
N TYR C 443 -13.09 49.20 15.93
CA TYR C 443 -12.55 50.53 15.63
C TYR C 443 -12.50 50.75 14.13
N ALA D 1 -0.70 -15.70 49.81
CA ALA D 1 0.07 -14.77 48.94
C ALA D 1 0.45 -15.40 47.59
N LYS D 2 -0.44 -15.23 46.61
CA LYS D 2 -0.23 -15.75 45.27
C LYS D 2 1.18 -15.48 44.75
N TYR D 3 1.86 -14.49 45.33
CA TYR D 3 3.22 -14.13 44.93
C TYR D 3 4.06 -13.56 46.08
N THR D 4 5.34 -13.93 46.14
CA THR D 4 6.24 -13.43 47.17
C THR D 4 7.31 -12.57 46.50
N ARG D 5 7.92 -11.67 47.24
CA ARG D 5 8.92 -10.80 46.63
C ARG D 5 9.94 -11.60 45.81
N GLU D 6 10.19 -12.84 46.21
CA GLU D 6 11.14 -13.66 45.47
C GLU D 6 10.50 -14.20 44.22
N ASP D 7 9.20 -14.48 44.27
CA ASP D 7 8.48 -15.03 43.12
C ASP D 7 8.46 -14.01 41.98
N ILE D 8 8.28 -12.73 42.32
CA ILE D 8 8.23 -11.65 41.34
C ILE D 8 9.60 -11.29 40.81
N GLU D 9 10.55 -11.06 41.70
CA GLU D 9 11.89 -10.72 41.28
C GLU D 9 12.42 -11.72 40.24
N LYS D 10 11.97 -12.97 40.35
CA LYS D 10 12.37 -14.05 39.45
C LYS D 10 11.58 -13.93 38.13
N LEU D 11 10.27 -13.74 38.25
CA LEU D 11 9.36 -13.61 37.11
C LEU D 11 9.71 -12.46 36.19
N VAL D 12 10.02 -11.31 36.77
CA VAL D 12 10.38 -10.13 35.99
C VAL D 12 11.65 -10.33 35.17
N LYS D 13 12.52 -11.24 35.61
CA LYS D 13 13.77 -11.49 34.89
C LYS D 13 13.60 -12.49 33.74
N GLU D 14 12.86 -13.56 34.01
CA GLU D 14 12.64 -14.63 33.02
C GLU D 14 11.75 -14.13 31.88
N GLU D 15 10.74 -13.33 32.23
CA GLU D 15 9.81 -12.77 31.25
C GLU D 15 10.35 -11.53 30.56
N ASN D 16 11.56 -11.12 30.97
CA ASN D 16 12.23 -9.96 30.39
C ASN D 16 11.33 -8.72 30.42
N VAL D 17 10.88 -8.36 31.62
CA VAL D 17 10.03 -7.19 31.80
C VAL D 17 10.92 -5.97 31.75
N LYS D 18 10.49 -4.95 31.01
CA LYS D 18 11.30 -3.75 30.90
C LYS D 18 10.56 -2.53 31.40
N TYR D 19 9.29 -2.69 31.69
CA TYR D 19 8.48 -1.56 32.12
C TYR D 19 7.46 -1.96 33.18
N ILE D 20 7.43 -1.25 34.30
CA ILE D 20 6.51 -1.62 35.35
C ILE D 20 5.51 -0.51 35.68
N ARG D 21 4.21 -0.79 35.51
CA ARG D 21 3.15 0.18 35.80
C ARG D 21 2.58 0.01 37.21
N LEU D 22 2.82 0.99 38.06
CA LEU D 22 2.30 0.94 39.41
C LEU D 22 0.97 1.65 39.35
N GLN D 23 -0.09 0.90 39.05
CA GLN D 23 -1.41 1.50 38.91
C GLN D 23 -2.30 1.55 40.16
N PHE D 24 -3.27 2.46 40.10
CA PHE D 24 -4.22 2.68 41.18
C PHE D 24 -5.46 3.40 40.64
N THR D 25 -6.43 3.66 41.50
CA THR D 25 -7.67 4.30 41.05
C THR D 25 -7.98 5.59 41.79
N ASP D 26 -8.44 6.61 41.07
CA ASP D 26 -8.77 7.86 41.75
C ASP D 26 -10.25 7.91 42.12
N ILE D 27 -10.61 9.02 42.78
CA ILE D 27 -11.97 9.25 43.25
C ILE D 27 -13.05 9.02 42.19
N LEU D 28 -12.74 9.37 40.95
CA LEU D 28 -13.71 9.18 39.87
C LEU D 28 -13.66 7.78 39.27
N GLY D 29 -12.73 6.95 39.72
CA GLY D 29 -12.65 5.60 39.18
C GLY D 29 -11.73 5.49 37.97
N THR D 30 -11.05 6.59 37.65
CA THR D 30 -10.13 6.61 36.52
C THR D 30 -8.86 5.81 36.82
N ILE D 31 -8.41 5.03 35.83
CA ILE D 31 -7.23 4.21 35.99
C ILE D 31 -5.98 5.12 36.00
N LYS D 32 -5.50 5.44 37.20
CA LYS D 32 -4.32 6.28 37.38
C LYS D 32 -3.07 5.41 37.26
N ASN D 33 -1.89 6.02 37.24
CA ASN D 33 -0.68 5.23 37.08
C ASN D 33 0.61 6.05 37.08
N VAL D 34 1.69 5.44 37.52
CA VAL D 34 3.02 6.04 37.52
C VAL D 34 3.99 4.96 37.08
N GLU D 35 4.55 5.12 35.88
CA GLU D 35 5.46 4.13 35.31
C GLU D 35 6.90 4.26 35.74
N ILE D 36 7.58 3.13 35.90
CA ILE D 36 8.98 3.14 36.25
C ILE D 36 9.70 2.08 35.41
N PRO D 37 11.01 2.29 35.16
CA PRO D 37 11.74 1.31 34.37
C PRO D 37 11.99 0.07 35.23
N VAL D 38 12.21 -1.08 34.62
CA VAL D 38 12.43 -2.32 35.38
C VAL D 38 13.58 -2.19 36.39
N SER D 39 14.50 -1.27 36.10
CA SER D 39 15.65 -1.00 36.96
C SER D 39 15.22 -0.28 38.23
N GLN D 40 13.93 -0.03 38.36
CA GLN D 40 13.40 0.64 39.53
C GLN D 40 12.53 -0.32 40.34
N LEU D 41 12.49 -1.58 39.90
CA LEU D 41 11.69 -2.60 40.59
C LEU D 41 12.01 -2.71 42.08
N GLY D 42 13.30 -2.65 42.41
CA GLY D 42 13.69 -2.75 43.79
C GLY D 42 13.05 -1.69 44.66
N LYS D 43 13.24 -0.43 44.28
CA LYS D 43 12.69 0.67 45.05
C LYS D 43 11.19 0.53 45.17
N ALA D 44 10.55 0.03 44.12
CA ALA D 44 9.10 -0.16 44.14
C ALA D 44 8.66 -1.11 45.25
N LEU D 45 9.19 -2.34 45.24
CA LEU D 45 8.86 -3.38 46.23
C LEU D 45 9.14 -2.91 47.66
N ASP D 46 10.07 -1.97 47.79
CA ASP D 46 10.43 -1.41 49.08
C ASP D 46 9.43 -0.34 49.52
N ASN D 47 8.42 -0.08 48.69
CA ASN D 47 7.40 0.94 48.97
C ASN D 47 8.02 2.33 49.15
N LYS D 48 9.02 2.62 48.33
CA LYS D 48 9.69 3.90 48.42
C LYS D 48 9.37 4.86 47.27
N VAL D 49 8.61 4.38 46.28
CA VAL D 49 8.25 5.23 45.15
C VAL D 49 7.17 6.25 45.54
N MET D 50 7.48 7.51 45.29
CA MET D 50 6.57 8.60 45.61
C MET D 50 5.91 9.19 44.35
N PHE D 51 4.84 9.95 44.57
CA PHE D 51 4.08 10.56 43.49
C PHE D 51 3.13 11.54 44.14
N ASP D 52 2.47 12.34 43.33
CA ASP D 52 1.54 13.32 43.85
C ASP D 52 0.20 12.69 44.19
N GLY D 53 -0.07 12.65 45.48
CA GLY D 53 -1.31 12.06 45.98
C GLY D 53 -2.58 12.79 45.62
N SER D 54 -2.48 14.09 45.38
CA SER D 54 -3.67 14.87 45.05
C SER D 54 -4.26 14.40 43.72
N SER D 55 -3.53 13.53 43.02
CA SER D 55 -4.03 13.05 41.75
C SER D 55 -5.21 12.12 41.98
N ILE D 56 -5.35 11.64 43.22
CA ILE D 56 -6.42 10.72 43.57
C ILE D 56 -7.76 11.44 43.70
N GLU D 57 -7.70 12.73 43.89
CA GLU D 57 -8.94 13.48 44.03
C GLU D 57 -9.43 14.01 42.69
N GLY D 58 -8.70 13.68 41.61
CA GLY D 58 -9.12 14.10 40.28
C GLY D 58 -9.05 15.59 39.97
N PHE D 59 -9.83 16.02 39.00
CA PHE D 59 -9.84 17.42 38.58
C PHE D 59 -10.12 18.42 39.69
N VAL D 60 -10.48 17.95 40.88
CA VAL D 60 -10.75 18.88 41.98
C VAL D 60 -9.53 19.10 42.85
N ARG D 61 -8.38 18.69 42.34
CA ARG D 61 -7.11 18.89 43.03
C ARG D 61 -6.93 20.32 43.48
N ILE D 62 -5.91 20.58 44.30
CA ILE D 62 -5.67 21.94 44.73
C ILE D 62 -4.18 22.11 45.01
N GLU D 63 -3.63 21.21 45.81
CA GLU D 63 -2.22 21.28 46.18
C GLU D 63 -1.58 19.90 46.08
N GLU D 64 -0.34 19.85 45.60
CA GLU D 64 0.33 18.55 45.49
C GLU D 64 0.95 18.15 46.83
N SER D 65 0.82 16.89 47.19
CA SER D 65 1.40 16.38 48.43
C SER D 65 2.04 15.02 48.20
N ASP D 66 3.31 14.92 48.56
CA ASP D 66 4.04 13.67 48.39
C ASP D 66 3.38 12.51 49.11
N MET D 67 3.17 11.41 48.38
CA MET D 67 2.58 10.21 48.97
C MET D 67 3.36 9.00 48.44
N TYR D 68 3.28 7.92 49.19
CA TYR D 68 3.98 6.68 48.86
C TYR D 68 3.07 5.71 48.10
N LEU D 69 3.70 4.81 47.35
CA LEU D 69 2.97 3.82 46.57
C LEU D 69 3.37 2.43 47.03
N TYR D 70 2.43 1.71 47.61
CA TYR D 70 2.69 0.37 48.13
C TYR D 70 2.08 -0.69 47.24
N PRO D 71 2.90 -1.30 46.38
CA PRO D 71 2.44 -2.34 45.48
C PRO D 71 1.92 -3.60 46.16
N ASP D 72 0.84 -4.15 45.60
CA ASP D 72 0.23 -5.36 46.13
C ASP D 72 0.78 -6.53 45.32
N LEU D 73 1.78 -7.21 45.86
CA LEU D 73 2.42 -8.34 45.19
C LEU D 73 1.44 -9.34 44.58
N ASN D 74 0.22 -9.39 45.10
CA ASN D 74 -0.76 -10.33 44.57
C ASN D 74 -1.43 -9.87 43.29
N THR D 75 -1.28 -8.59 42.95
CA THR D 75 -1.88 -8.06 41.75
C THR D 75 -0.90 -8.01 40.57
N PHE D 76 0.23 -8.68 40.71
CA PHE D 76 1.21 -8.69 39.64
C PHE D 76 0.70 -9.36 38.39
N VAL D 77 0.72 -8.63 37.29
CA VAL D 77 0.25 -9.15 36.00
C VAL D 77 1.15 -8.66 34.85
N ILE D 78 1.34 -9.53 33.86
CA ILE D 78 2.14 -9.17 32.70
C ILE D 78 1.23 -9.11 31.48
N PHE D 79 1.13 -7.92 30.87
CA PHE D 79 0.30 -7.73 29.69
C PHE D 79 0.89 -8.47 28.50
N PRO D 80 0.13 -9.43 27.94
CA PRO D 80 0.51 -10.26 26.81
C PRO D 80 0.82 -9.49 25.52
N TRP D 81 -0.11 -8.66 25.06
CA TRP D 81 0.06 -7.92 23.82
C TRP D 81 1.42 -7.21 23.72
N THR D 82 1.91 -6.65 24.82
CA THR D 82 3.20 -5.98 24.81
C THR D 82 4.22 -7.01 24.34
N ALA D 83 5.14 -6.63 23.47
CA ALA D 83 6.11 -7.59 22.95
C ALA D 83 7.34 -7.81 23.83
N GLU D 84 8.26 -8.61 23.30
CA GLU D 84 9.51 -8.99 23.95
C GLU D 84 10.35 -7.81 24.45
N LYS D 85 10.86 -6.99 23.53
CA LYS D 85 11.70 -5.86 23.89
C LYS D 85 11.05 -5.03 24.95
N GLY D 86 9.83 -4.56 24.68
CA GLY D 86 9.14 -3.76 25.65
C GLY D 86 8.04 -4.50 26.37
N LYS D 87 8.39 -5.46 27.24
CA LYS D 87 7.39 -6.22 28.01
C LYS D 87 6.94 -5.46 29.26
N VAL D 88 5.65 -5.18 29.34
CA VAL D 88 5.08 -4.44 30.44
C VAL D 88 4.35 -5.30 31.47
N ALA D 89 4.48 -4.94 32.74
CA ALA D 89 3.84 -5.65 33.85
C ALA D 89 3.20 -4.59 34.76
N ARG D 90 2.22 -4.96 35.56
CA ARG D 90 1.58 -3.97 36.41
C ARG D 90 1.49 -4.40 37.85
N PHE D 91 1.43 -3.42 38.74
CA PHE D 91 1.33 -3.67 40.17
C PHE D 91 0.26 -2.75 40.74
N ILE D 92 -0.93 -3.25 41.07
CA ILE D 92 -1.95 -2.40 41.67
C ILE D 92 -1.30 -1.97 43.01
N CYS D 93 -1.41 -0.69 43.38
CA CYS D 93 -0.80 -0.22 44.64
C CYS D 93 -1.77 0.37 45.65
N ASP D 94 -1.25 0.58 46.85
CA ASP D 94 -2.01 1.16 47.94
C ASP D 94 -1.40 2.50 48.26
N ILE D 95 -2.22 3.51 48.33
CA ILE D 95 -1.68 4.83 48.60
C ILE D 95 -1.50 5.00 50.09
N TYR D 96 -0.31 5.43 50.48
CA TYR D 96 0.05 5.68 51.87
C TYR D 96 0.61 7.07 52.06
N ASN D 97 0.44 7.60 53.26
CA ASN D 97 0.94 8.93 53.61
C ASN D 97 2.42 8.85 53.90
N PRO D 98 3.12 9.97 53.80
CA PRO D 98 4.56 9.93 54.07
C PRO D 98 4.98 9.50 55.49
N ASP D 99 3.99 9.29 56.38
CA ASP D 99 4.28 8.87 57.77
C ASP D 99 3.89 7.41 58.03
N GLY D 100 3.86 6.61 56.95
CA GLY D 100 3.52 5.21 57.07
C GLY D 100 2.03 4.88 57.09
N THR D 101 1.20 5.85 57.47
CA THR D 101 -0.25 5.62 57.53
C THR D 101 -0.88 5.69 56.14
N PRO D 102 -1.87 4.82 55.88
CA PRO D 102 -2.53 4.81 54.56
C PRO D 102 -3.38 6.05 54.35
N PHE D 103 -3.44 6.49 53.10
CA PHE D 103 -4.23 7.66 52.72
C PHE D 103 -5.72 7.34 52.78
N GLU D 104 -6.43 8.02 53.68
CA GLU D 104 -7.87 7.79 53.86
C GLU D 104 -8.72 8.26 52.69
N GLY D 105 -8.09 9.00 51.76
CA GLY D 105 -8.80 9.49 50.59
C GLY D 105 -8.80 8.48 49.46
N ASP D 106 -7.99 7.44 49.63
CA ASP D 106 -7.82 6.35 48.66
C ASP D 106 -9.01 5.39 48.65
N PRO D 107 -9.69 5.28 47.50
CA PRO D 107 -10.86 4.43 47.29
C PRO D 107 -10.65 2.97 47.65
N ARG D 108 -9.54 2.39 47.20
CA ARG D 108 -9.21 0.98 47.46
C ARG D 108 -9.06 0.76 48.95
N ASN D 109 -8.66 1.81 49.66
CA ASN D 109 -8.52 1.71 51.10
C ASN D 109 -9.90 1.67 51.72
N ASN D 110 -10.76 2.61 51.31
CA ASN D 110 -12.12 2.70 51.83
C ASN D 110 -12.80 1.35 51.77
N LEU D 111 -12.70 0.68 50.62
CA LEU D 111 -13.34 -0.63 50.49
C LEU D 111 -12.75 -1.60 51.50
N LYS D 112 -11.46 -1.44 51.81
CA LYS D 112 -10.82 -2.33 52.79
C LYS D 112 -11.34 -2.04 54.20
N ARG D 113 -11.61 -0.76 54.47
CA ARG D 113 -12.12 -0.31 55.76
C ARG D 113 -13.51 -0.86 56.05
N ILE D 114 -14.34 -0.82 55.02
CA ILE D 114 -15.72 -1.31 55.09
C ILE D 114 -15.75 -2.82 55.25
N LEU D 115 -14.95 -3.54 54.46
CA LEU D 115 -14.92 -5.00 54.54
C LEU D 115 -14.49 -5.40 55.94
N LYS D 116 -13.73 -4.50 56.57
CA LYS D 116 -13.26 -4.74 57.92
C LYS D 116 -14.48 -4.82 58.83
N GLU D 117 -15.39 -3.86 58.74
CA GLU D 117 -16.60 -3.86 59.55
C GLU D 117 -17.33 -5.18 59.31
N MET D 118 -17.37 -5.61 58.05
CA MET D 118 -18.01 -6.87 57.71
C MET D 118 -17.46 -7.98 58.59
N GLU D 119 -16.16 -7.95 58.84
CA GLU D 119 -15.55 -8.98 59.66
C GLU D 119 -15.90 -8.78 61.12
N ASP D 120 -16.00 -7.53 61.55
CA ASP D 120 -16.38 -7.25 62.93
C ASP D 120 -17.83 -7.64 63.18
N LEU D 121 -18.42 -8.35 62.23
CA LEU D 121 -19.80 -8.79 62.36
C LEU D 121 -19.84 -10.31 62.19
N GLY D 122 -18.65 -10.92 62.14
CA GLY D 122 -18.56 -12.36 62.04
C GLY D 122 -18.61 -12.96 60.65
N PHE D 123 -18.33 -12.15 59.65
CA PHE D 123 -18.37 -12.63 58.28
C PHE D 123 -16.96 -12.78 57.69
N SER D 124 -16.80 -13.73 56.78
CA SER D 124 -15.51 -14.06 56.17
C SER D 124 -15.18 -13.39 54.84
N ASP D 125 -16.07 -13.55 53.87
CA ASP D 125 -15.87 -12.98 52.54
C ASP D 125 -17.15 -12.36 52.01
N PHE D 126 -16.96 -11.41 51.11
CA PHE D 126 -18.06 -10.71 50.47
C PHE D 126 -17.70 -10.75 48.99
N ASN D 127 -18.11 -11.81 48.30
CA ASN D 127 -17.81 -12.00 46.88
C ASN D 127 -18.63 -11.13 45.93
N LEU D 128 -18.11 -10.90 44.73
CA LEU D 128 -18.82 -10.07 43.77
C LEU D 128 -18.72 -10.62 42.37
N GLY D 129 -19.85 -10.71 41.70
CA GLY D 129 -19.88 -11.21 40.34
C GLY D 129 -20.45 -10.12 39.45
N PRO D 130 -19.58 -9.29 38.84
CA PRO D 130 -19.96 -8.19 37.96
C PRO D 130 -20.22 -8.64 36.54
N GLU D 131 -21.11 -7.89 35.88
CA GLU D 131 -21.46 -8.14 34.51
C GLU D 131 -21.36 -6.81 33.75
N PRO D 132 -20.14 -6.28 33.60
CA PRO D 132 -19.94 -5.01 32.89
C PRO D 132 -20.21 -5.07 31.39
N GLU D 133 -21.06 -4.15 30.92
CA GLU D 133 -21.42 -4.06 29.51
C GLU D 133 -20.69 -2.89 28.83
N PHE D 134 -20.56 -2.94 27.52
CA PHE D 134 -19.88 -1.86 26.85
C PHE D 134 -20.21 -1.77 25.37
N PHE D 135 -19.94 -0.61 24.80
CA PHE D 135 -20.22 -0.40 23.40
C PHE D 135 -18.93 -0.25 22.59
N LEU D 136 -18.94 -0.78 21.37
CA LEU D 136 -17.79 -0.66 20.50
C LEU D 136 -18.19 0.19 19.29
N PHE D 137 -17.49 1.29 19.09
CA PHE D 137 -17.79 2.13 17.95
C PHE D 137 -16.61 2.09 16.99
N LYS D 138 -16.88 2.32 15.71
CA LYS D 138 -15.83 2.30 14.70
C LYS D 138 -15.05 3.61 14.76
N LEU D 139 -13.78 3.54 14.38
CA LEU D 139 -12.90 4.71 14.38
C LEU D 139 -12.75 5.27 12.97
N ASP D 140 -12.70 6.60 12.87
CA ASP D 140 -12.56 7.23 11.58
C ASP D 140 -11.10 7.15 11.13
N GLU D 141 -10.74 7.93 10.12
CA GLU D 141 -9.37 7.93 9.58
C GLU D 141 -8.37 8.55 10.55
N LYS D 142 -8.88 9.26 11.55
CA LYS D 142 -8.02 9.91 12.50
C LYS D 142 -8.04 9.24 13.87
N GLY D 143 -8.53 8.00 13.93
CA GLY D 143 -8.58 7.31 15.21
C GLY D 143 -9.52 7.97 16.20
N GLU D 144 -10.50 8.69 15.68
CA GLU D 144 -11.48 9.38 16.52
C GLU D 144 -12.79 8.60 16.55
N PRO D 145 -13.38 8.47 17.74
CA PRO D 145 -14.64 7.75 17.85
C PRO D 145 -15.75 8.32 16.99
N THR D 146 -16.59 7.44 16.47
CA THR D 146 -17.73 7.87 15.65
C THR D 146 -18.97 7.21 16.22
N LEU D 147 -20.15 7.64 15.77
CA LEU D 147 -21.39 7.04 16.26
C LEU D 147 -21.72 5.73 15.56
N GLU D 148 -20.78 5.27 14.72
CA GLU D 148 -20.89 4.03 13.96
C GLU D 148 -20.55 2.84 14.85
N LEU D 149 -21.52 1.94 14.99
CA LEU D 149 -21.37 0.74 15.82
C LEU D 149 -20.50 -0.31 15.16
N ASN D 150 -19.91 -1.19 15.95
CA ASN D 150 -19.05 -2.21 15.37
C ASN D 150 -19.80 -3.31 14.62
N ASP D 151 -21.07 -3.51 14.95
CA ASP D 151 -21.84 -4.55 14.27
C ASP D 151 -23.31 -4.24 14.37
N LYS D 152 -24.15 -5.22 14.08
CA LYS D 152 -25.56 -5.00 14.17
C LYS D 152 -26.24 -6.22 14.74
N GLY D 153 -25.61 -6.78 15.77
CA GLY D 153 -26.16 -7.97 16.39
C GLY D 153 -27.15 -7.67 17.49
N GLY D 154 -27.86 -8.71 17.91
CA GLY D 154 -28.85 -8.58 18.97
C GLY D 154 -28.52 -9.37 20.22
N TYR D 155 -29.44 -9.37 21.17
CA TYR D 155 -29.26 -10.07 22.44
C TYR D 155 -28.98 -11.56 22.31
N PHE D 156 -27.72 -11.92 22.56
CA PHE D 156 -27.21 -13.30 22.50
C PHE D 156 -27.02 -13.81 21.07
N ASP D 157 -27.04 -12.90 20.10
CA ASP D 157 -26.82 -13.29 18.71
C ASP D 157 -25.38 -13.68 18.53
N LEU D 158 -25.10 -14.41 17.45
CA LEU D 158 -23.72 -14.77 17.21
C LEU D 158 -23.12 -13.55 16.49
N ALA D 159 -22.90 -12.49 17.27
CA ALA D 159 -22.34 -11.21 16.82
C ALA D 159 -20.97 -11.42 16.25
N PRO D 160 -20.50 -10.47 15.41
CA PRO D 160 -19.19 -10.58 14.79
C PRO D 160 -18.64 -12.00 14.64
N THR D 161 -18.91 -12.56 13.45
CA THR D 161 -18.46 -13.90 13.10
C THR D 161 -16.93 -14.01 13.29
N ASP D 162 -16.44 -15.24 13.43
CA ASP D 162 -15.01 -15.48 13.62
C ASP D 162 -14.21 -15.04 12.38
N LEU D 163 -13.92 -13.75 12.30
CA LEU D 163 -13.18 -13.16 11.19
C LEU D 163 -11.72 -12.93 11.58
N GLY D 164 -11.28 -13.57 12.66
CA GLY D 164 -9.91 -13.38 13.10
C GLY D 164 -9.74 -11.94 13.58
N GLU D 165 -10.87 -11.23 13.68
CA GLU D 165 -10.89 -9.83 14.11
C GLU D 165 -12.10 -9.56 15.03
N ASN D 166 -12.57 -10.61 15.69
CA ASN D 166 -13.69 -10.48 16.61
C ASN D 166 -13.15 -9.85 17.88
N CYS D 167 -13.72 -8.72 18.28
CA CYS D 167 -13.24 -8.05 19.46
C CYS D 167 -13.52 -8.77 20.77
N ARG D 168 -14.79 -9.00 21.08
CA ARG D 168 -15.18 -9.71 22.30
C ARG D 168 -14.29 -10.95 22.43
N ARG D 169 -14.29 -11.82 21.40
CA ARG D 169 -13.45 -13.02 21.45
C ARG D 169 -12.05 -12.67 21.93
N ASP D 170 -11.29 -11.95 21.10
CA ASP D 170 -9.92 -11.55 21.43
C ASP D 170 -9.74 -11.00 22.84
N ILE D 171 -10.63 -10.11 23.25
CA ILE D 171 -10.53 -9.55 24.60
C ILE D 171 -10.50 -10.69 25.61
N VAL D 172 -11.52 -11.54 25.56
CA VAL D 172 -11.62 -12.67 26.49
C VAL D 172 -10.40 -13.58 26.37
N LEU D 173 -9.93 -13.83 25.15
CA LEU D 173 -8.73 -14.65 24.96
C LEU D 173 -7.52 -14.01 25.69
N GLU D 174 -7.33 -12.71 25.53
CA GLU D 174 -6.22 -12.01 26.20
C GLU D 174 -6.35 -12.10 27.71
N LEU D 175 -7.58 -11.92 28.20
CA LEU D 175 -7.89 -12.00 29.63
C LEU D 175 -7.54 -13.36 30.23
N GLU D 176 -7.88 -14.42 29.50
CA GLU D 176 -7.61 -15.77 29.97
C GLU D 176 -6.10 -15.96 30.13
N GLU D 177 -5.36 -15.51 29.11
CA GLU D 177 -3.90 -15.63 29.09
C GLU D 177 -3.24 -14.76 30.15
N MET D 178 -4.06 -13.95 30.81
CA MET D 178 -3.59 -13.04 31.84
C MET D 178 -3.95 -13.56 33.25
N GLY D 179 -4.76 -14.60 33.31
CA GLY D 179 -5.14 -15.15 34.59
C GLY D 179 -6.56 -14.80 34.99
N PHE D 180 -7.33 -14.29 34.03
CA PHE D 180 -8.71 -13.92 34.29
C PHE D 180 -9.65 -15.11 34.12
N GLU D 181 -10.22 -15.59 35.21
CA GLU D 181 -11.15 -16.71 35.16
C GLU D 181 -12.52 -16.17 34.75
N ILE D 182 -12.71 -15.95 33.45
CA ILE D 182 -13.97 -15.45 32.91
C ILE D 182 -15.08 -16.50 32.96
N GLU D 183 -16.30 -16.07 33.24
CA GLU D 183 -17.43 -17.00 33.31
C GLU D 183 -18.06 -17.27 31.94
N ALA D 184 -18.26 -16.21 31.17
CA ALA D 184 -18.86 -16.34 29.85
C ALA D 184 -19.06 -14.94 29.27
N SER D 185 -19.43 -14.86 27.99
CA SER D 185 -19.66 -13.56 27.35
C SER D 185 -20.70 -13.77 26.28
N HIS D 186 -21.23 -12.66 25.76
CA HIS D 186 -22.26 -12.70 24.72
C HIS D 186 -22.56 -11.32 24.17
N HIS D 187 -23.23 -11.26 23.03
CA HIS D 187 -23.58 -9.97 22.44
C HIS D 187 -24.81 -9.42 23.20
N GLU D 188 -24.81 -8.12 23.52
CA GLU D 188 -25.94 -7.54 24.24
C GLU D 188 -27.15 -7.13 23.38
N VAL D 189 -28.20 -6.67 24.04
CA VAL D 189 -29.45 -6.24 23.41
C VAL D 189 -29.35 -5.24 22.26
N ALA D 190 -28.55 -4.19 22.47
CA ALA D 190 -28.38 -3.15 21.47
C ALA D 190 -27.29 -3.53 20.49
N PRO D 191 -27.32 -2.98 19.27
CA PRO D 191 -26.32 -3.26 18.24
C PRO D 191 -24.95 -2.77 18.67
N GLY D 192 -23.93 -3.60 18.48
CA GLY D 192 -22.60 -3.16 18.88
C GLY D 192 -22.34 -3.25 20.38
N GLN D 193 -23.29 -3.79 21.15
CA GLN D 193 -23.12 -3.90 22.61
C GLN D 193 -22.64 -5.29 23.05
N HIS D 194 -21.68 -5.32 23.95
CA HIS D 194 -21.13 -6.59 24.38
C HIS D 194 -21.04 -6.67 25.87
N GLU D 195 -20.93 -7.90 26.37
CA GLU D 195 -20.81 -8.15 27.78
C GLU D 195 -19.99 -9.38 28.14
N ILE D 196 -19.01 -9.17 29.01
CA ILE D 196 -18.17 -10.26 29.47
C ILE D 196 -18.37 -10.38 30.97
N ASP D 197 -18.68 -11.58 31.46
CA ASP D 197 -18.91 -11.81 32.88
C ASP D 197 -17.80 -12.64 33.55
N PHE D 198 -17.23 -12.17 34.66
CA PHE D 198 -16.19 -12.94 35.33
C PHE D 198 -16.81 -13.82 36.40
N LYS D 199 -15.97 -14.65 37.02
CA LYS D 199 -16.42 -15.52 38.09
C LYS D 199 -16.53 -14.65 39.31
N TYR D 200 -16.96 -15.24 40.41
CA TYR D 200 -17.10 -14.49 41.64
C TYR D 200 -15.72 -14.35 42.29
N ALA D 201 -15.53 -13.28 43.07
CA ALA D 201 -14.26 -13.06 43.75
C ALA D 201 -14.46 -12.12 44.93
N GLY D 202 -13.45 -12.04 45.79
CA GLY D 202 -13.54 -11.17 46.95
C GLY D 202 -13.70 -9.73 46.53
N ALA D 203 -14.46 -8.95 47.28
CA ALA D 203 -14.68 -7.56 46.92
C ALA D 203 -13.42 -6.85 46.39
N VAL D 204 -12.29 -7.01 47.07
CA VAL D 204 -11.09 -6.34 46.64
C VAL D 204 -10.55 -6.86 45.32
N ARG D 205 -10.41 -8.17 45.19
CA ARG D 205 -9.90 -8.75 43.97
C ARG D 205 -10.83 -8.42 42.82
N SER D 206 -12.14 -8.52 43.08
CA SER D 206 -13.12 -8.25 42.05
C SER D 206 -13.07 -6.81 41.53
N CYS D 207 -13.06 -5.83 42.41
CA CYS D 207 -12.97 -4.46 41.96
C CYS D 207 -11.65 -4.25 41.22
N ASP D 208 -10.62 -5.00 41.62
CA ASP D 208 -9.33 -4.88 40.95
C ASP D 208 -9.49 -5.41 39.52
N ASP D 209 -10.19 -6.53 39.36
CA ASP D 209 -10.38 -7.06 38.02
C ASP D 209 -11.25 -6.12 37.18
N ILE D 210 -12.21 -5.44 37.79
CA ILE D 210 -13.06 -4.52 37.04
C ILE D 210 -12.24 -3.42 36.39
N GLN D 211 -11.33 -2.83 37.16
CA GLN D 211 -10.45 -1.79 36.63
C GLN D 211 -9.58 -2.37 35.54
N THR D 212 -8.91 -3.48 35.84
CA THR D 212 -8.06 -4.11 34.84
C THR D 212 -8.85 -4.45 33.57
N PHE D 213 -10.06 -4.96 33.76
CA PHE D 213 -10.93 -5.32 32.65
C PHE D 213 -11.19 -4.15 31.70
N LYS D 214 -11.45 -2.96 32.25
CA LYS D 214 -11.71 -1.79 31.42
C LYS D 214 -10.47 -1.44 30.61
N LEU D 215 -9.31 -1.50 31.25
CA LEU D 215 -8.05 -1.21 30.59
C LEU D 215 -7.83 -2.18 29.43
N VAL D 216 -7.92 -3.47 29.71
CA VAL D 216 -7.73 -4.47 28.67
C VAL D 216 -8.70 -4.26 27.50
N VAL D 217 -9.99 -4.13 27.83
CA VAL D 217 -11.04 -3.92 26.82
C VAL D 217 -10.75 -2.68 25.96
N LYS D 218 -10.56 -1.53 26.58
CA LYS D 218 -10.26 -0.34 25.78
C LYS D 218 -9.05 -0.54 24.88
N THR D 219 -7.96 -1.02 25.47
CA THR D 219 -6.71 -1.29 24.75
C THR D 219 -6.88 -2.24 23.56
N ILE D 220 -7.32 -3.48 23.81
CA ILE D 220 -7.51 -4.45 22.74
C ILE D 220 -8.50 -3.92 21.68
N ALA D 221 -9.52 -3.20 22.12
CA ALA D 221 -10.50 -2.63 21.20
C ALA D 221 -9.87 -1.64 20.21
N ARG D 222 -9.03 -0.76 20.74
CA ARG D 222 -8.38 0.24 19.92
C ARG D 222 -7.45 -0.41 18.92
N LYS D 223 -6.88 -1.54 19.32
CA LYS D 223 -5.97 -2.27 18.44
C LYS D 223 -6.75 -2.93 17.31
N HIS D 224 -8.06 -2.72 17.26
CA HIS D 224 -8.90 -3.31 16.22
C HIS D 224 -9.66 -2.24 15.43
N GLY D 225 -9.16 -1.01 15.46
CA GLY D 225 -9.83 0.07 14.75
C GLY D 225 -11.17 0.40 15.38
N LEU D 226 -11.35 -0.02 16.63
CA LEU D 226 -12.60 0.23 17.34
C LEU D 226 -12.37 1.07 18.60
N HIS D 227 -13.46 1.58 19.16
CA HIS D 227 -13.40 2.38 20.36
C HIS D 227 -14.34 1.81 21.39
N ALA D 228 -13.80 1.29 22.47
CA ALA D 228 -14.61 0.71 23.53
C ALA D 228 -15.13 1.79 24.48
N THR D 229 -16.37 1.68 24.94
CA THR D 229 -16.91 2.67 25.87
C THR D 229 -17.80 2.12 26.96
N PHE D 230 -17.67 2.65 28.18
CA PHE D 230 -18.51 2.23 29.31
C PHE D 230 -19.49 3.32 29.71
N MET D 231 -19.82 4.18 28.76
CA MET D 231 -20.77 5.26 28.98
C MET D 231 -22.10 4.59 29.29
N PRO D 232 -22.75 4.97 30.39
CA PRO D 232 -24.04 4.37 30.76
C PRO D 232 -24.99 4.30 29.58
N LYS D 233 -25.15 5.44 28.90
CA LYS D 233 -26.03 5.50 27.75
C LYS D 233 -25.44 6.40 26.65
N PRO D 234 -24.69 5.81 25.72
CA PRO D 234 -24.07 6.54 24.62
C PRO D 234 -25.08 7.07 23.62
N LEU D 235 -26.07 6.25 23.30
CA LEU D 235 -27.07 6.65 22.32
C LEU D 235 -28.50 6.66 22.84
N PHE D 236 -29.18 7.78 22.60
CA PHE D 236 -30.57 7.88 23.00
C PHE D 236 -31.36 6.92 22.15
N GLY D 237 -32.33 6.25 22.78
CA GLY D 237 -33.15 5.31 22.04
C GLY D 237 -32.74 3.85 22.13
N VAL D 238 -31.45 3.57 22.30
CA VAL D 238 -31.01 2.19 22.41
C VAL D 238 -30.75 1.90 23.87
N ASN D 239 -30.62 0.63 24.20
CA ASN D 239 -30.35 0.22 25.58
C ASN D 239 -29.06 0.87 26.02
N GLY D 240 -28.94 1.08 27.32
CA GLY D 240 -27.73 1.64 27.87
C GLY D 240 -26.87 0.49 28.34
N SER D 241 -25.79 0.76 29.03
CA SER D 241 -24.93 -0.29 29.53
C SER D 241 -24.89 -0.24 31.05
N GLY D 242 -25.11 -1.39 31.69
CA GLY D 242 -25.07 -1.43 33.13
C GLY D 242 -24.00 -2.38 33.63
N MET D 243 -23.81 -2.45 34.94
CA MET D 243 -22.83 -3.37 35.54
C MET D 243 -23.51 -4.03 36.71
N HIS D 244 -24.46 -4.91 36.42
CA HIS D 244 -25.16 -5.62 37.48
C HIS D 244 -24.11 -6.22 38.39
N CYS D 245 -24.37 -6.10 39.68
CA CYS D 245 -23.48 -6.60 40.71
C CYS D 245 -24.10 -7.74 41.50
N ASN D 246 -23.55 -8.93 41.30
CA ASN D 246 -24.04 -10.09 42.00
C ASN D 246 -23.30 -10.18 43.32
N LEU D 247 -24.00 -9.89 44.40
CA LEU D 247 -23.42 -9.91 45.74
C LEU D 247 -23.76 -11.17 46.49
N SER D 248 -22.85 -11.63 47.35
CA SER D 248 -23.11 -12.80 48.20
C SER D 248 -22.20 -12.80 49.42
N LEU D 249 -22.79 -12.68 50.61
CA LEU D 249 -22.03 -12.67 51.87
C LEU D 249 -21.68 -14.08 52.31
N PHE D 250 -20.52 -14.20 52.97
CA PHE D 250 -20.06 -15.50 53.46
C PHE D 250 -19.72 -15.45 54.95
N LYS D 251 -19.97 -16.54 55.64
CA LYS D 251 -19.66 -16.66 57.06
C LYS D 251 -19.04 -18.03 57.34
N ASN D 252 -17.80 -18.03 57.83
CA ASN D 252 -17.09 -19.28 58.12
C ASN D 252 -16.77 -20.07 56.87
N GLY D 253 -16.88 -19.43 55.72
CA GLY D 253 -16.60 -20.13 54.46
C GLY D 253 -17.81 -20.70 53.77
N VAL D 254 -19.00 -20.49 54.32
CA VAL D 254 -20.19 -21.01 53.67
C VAL D 254 -21.09 -19.83 53.31
N ASN D 255 -21.86 -20.01 52.25
CA ASN D 255 -22.78 -18.99 51.76
C ASN D 255 -23.78 -18.66 52.85
N ALA D 256 -23.68 -17.46 53.40
CA ALA D 256 -24.59 -17.06 54.46
C ALA D 256 -25.96 -16.67 53.95
N PHE D 257 -26.16 -16.72 52.65
CA PHE D 257 -27.45 -16.35 52.08
C PHE D 257 -28.35 -17.55 51.83
N PHE D 258 -27.77 -18.75 51.89
CA PHE D 258 -28.53 -19.97 51.64
C PHE D 258 -29.23 -20.50 52.88
N ASP D 259 -30.42 -21.05 52.64
CA ASP D 259 -31.25 -21.64 53.67
C ASP D 259 -32.24 -22.58 52.97
N GLU D 260 -31.85 -23.85 52.87
CA GLU D 260 -32.65 -24.86 52.20
C GLU D 260 -34.09 -24.97 52.67
N ASN D 261 -34.30 -24.89 53.97
CA ASN D 261 -35.64 -25.00 54.53
C ASN D 261 -36.43 -23.71 54.49
N ALA D 262 -35.73 -22.59 54.58
CA ALA D 262 -36.40 -21.29 54.56
C ALA D 262 -37.28 -21.07 53.33
N ASP D 263 -38.15 -20.06 53.41
CA ASP D 263 -39.04 -19.73 52.32
C ASP D 263 -38.24 -19.10 51.18
N LEU D 264 -38.51 -19.55 49.96
CA LEU D 264 -37.86 -19.04 48.76
C LEU D 264 -36.39 -19.47 48.76
N GLN D 265 -36.05 -20.24 49.78
CA GLN D 265 -34.70 -20.77 49.99
C GLN D 265 -33.70 -19.71 50.40
N LEU D 266 -34.21 -18.51 50.72
CA LEU D 266 -33.35 -17.42 51.14
C LEU D 266 -33.27 -17.47 52.67
N SER D 267 -32.07 -17.21 53.20
CA SER D 267 -31.85 -17.22 54.64
C SER D 267 -32.27 -15.92 55.30
N GLU D 268 -32.16 -15.90 56.63
CA GLU D 268 -32.50 -14.72 57.41
C GLU D 268 -31.61 -13.56 56.98
N THR D 269 -30.31 -13.83 56.90
CA THR D 269 -29.32 -12.86 56.51
C THR D 269 -29.68 -12.26 55.14
N ALA D 270 -29.92 -13.12 54.17
CA ALA D 270 -30.28 -12.67 52.83
C ALA D 270 -31.43 -11.67 52.92
N LYS D 271 -32.52 -12.06 53.58
CA LYS D 271 -33.67 -11.19 53.70
C LYS D 271 -33.28 -9.83 54.27
N HIS D 272 -32.47 -9.84 55.32
CA HIS D 272 -32.02 -8.62 55.96
C HIS D 272 -31.17 -7.78 55.03
N PHE D 273 -30.28 -8.46 54.30
CA PHE D 273 -29.40 -7.80 53.35
C PHE D 273 -30.26 -7.04 52.35
N ILE D 274 -31.22 -7.75 51.75
CA ILE D 274 -32.16 -7.19 50.79
C ILE D 274 -32.84 -5.96 51.42
N ALA D 275 -33.09 -6.05 52.71
CA ALA D 275 -33.73 -4.96 53.42
C ALA D 275 -32.86 -3.71 53.43
N GLY D 276 -31.59 -3.87 53.80
CA GLY D 276 -30.67 -2.74 53.85
C GLY D 276 -30.48 -2.09 52.50
N ILE D 277 -30.29 -2.90 51.47
CA ILE D 277 -30.11 -2.36 50.15
C ILE D 277 -31.33 -1.53 49.71
N VAL D 278 -32.53 -1.93 50.15
CA VAL D 278 -33.75 -1.21 49.76
C VAL D 278 -33.82 0.14 50.47
N LYS D 279 -33.42 0.15 51.74
CA LYS D 279 -33.45 1.35 52.54
C LYS D 279 -32.55 2.46 52.01
N HIS D 280 -31.35 2.08 51.59
CA HIS D 280 -30.36 3.04 51.09
C HIS D 280 -30.25 3.13 49.58
N ALA D 281 -31.04 2.33 48.87
CA ALA D 281 -31.01 2.34 47.42
C ALA D 281 -30.98 3.75 46.85
N THR D 282 -32.01 4.54 47.11
CA THR D 282 -32.03 5.90 46.58
C THR D 282 -30.92 6.78 47.12
N SER D 283 -30.30 6.37 48.23
CA SER D 283 -29.21 7.16 48.78
C SER D 283 -27.85 6.79 48.13
N PHE D 284 -27.67 5.55 47.68
CA PHE D 284 -26.37 5.27 47.08
C PHE D 284 -26.32 5.30 45.56
N THR D 285 -27.41 5.74 44.97
CA THR D 285 -27.49 5.85 43.52
C THR D 285 -26.45 6.83 42.97
N ALA D 286 -26.07 7.82 43.76
CA ALA D 286 -25.09 8.81 43.29
C ALA D 286 -23.70 8.20 43.10
N VAL D 287 -23.38 7.15 43.86
CA VAL D 287 -22.09 6.49 43.77
C VAL D 287 -22.05 5.39 42.72
N THR D 288 -23.15 4.67 42.60
CA THR D 288 -23.26 3.60 41.63
C THR D 288 -23.56 4.16 40.23
N ASN D 289 -24.08 5.38 40.19
CA ASN D 289 -24.44 6.08 38.95
C ASN D 289 -23.91 7.48 39.16
N PRO D 290 -22.58 7.62 39.09
CA PRO D 290 -21.87 8.89 39.28
C PRO D 290 -21.97 10.02 38.28
N THR D 291 -22.19 9.68 37.02
CA THR D 291 -22.24 10.68 35.98
C THR D 291 -23.63 11.22 35.72
N VAL D 292 -23.68 12.30 34.96
CA VAL D 292 -24.94 12.90 34.56
C VAL D 292 -25.66 11.95 33.60
N ASN D 293 -24.91 11.36 32.69
CA ASN D 293 -25.44 10.43 31.69
C ASN D 293 -25.94 9.12 32.30
N SER D 294 -25.52 8.84 33.54
CA SER D 294 -25.94 7.62 34.21
C SER D 294 -27.46 7.60 34.37
N TYR D 295 -28.03 8.77 34.63
CA TYR D 295 -29.47 8.91 34.83
C TYR D 295 -30.25 9.00 33.52
N LYS D 296 -29.54 8.83 32.40
CA LYS D 296 -30.23 8.82 31.12
C LYS D 296 -30.46 7.35 30.80
N ARG D 297 -29.65 6.46 31.41
CA ARG D 297 -29.77 5.01 31.22
C ARG D 297 -30.96 4.53 32.04
N LEU D 298 -31.10 5.16 33.20
CA LEU D 298 -32.17 4.88 34.16
C LEU D 298 -33.49 5.52 33.73
N VAL D 299 -34.03 4.98 32.65
CA VAL D 299 -35.27 5.43 32.07
C VAL D 299 -36.08 4.21 31.65
N PRO D 300 -37.39 4.24 31.92
CA PRO D 300 -38.23 3.10 31.57
C PRO D 300 -38.19 2.64 30.10
N GLY D 301 -38.15 1.33 29.89
CA GLY D 301 -38.14 0.76 28.54
C GLY D 301 -36.83 0.21 27.99
N TYR D 302 -35.84 0.03 28.85
CA TYR D 302 -34.55 -0.45 28.38
C TYR D 302 -33.89 -1.42 29.35
N GLU D 303 -34.71 -2.24 30.01
CA GLU D 303 -34.17 -3.22 30.95
C GLU D 303 -33.26 -2.61 32.03
N ALA D 304 -33.60 -1.43 32.53
CA ALA D 304 -32.81 -0.81 33.59
C ALA D 304 -33.72 -0.41 34.73
N PRO D 305 -33.30 -0.67 35.97
CA PRO D 305 -34.08 -0.33 37.15
C PRO D 305 -34.47 1.14 37.20
N CYS D 306 -35.71 1.40 37.60
CA CYS D 306 -36.21 2.76 37.70
C CYS D 306 -36.87 2.96 39.06
N TYR D 307 -37.13 1.85 39.77
CA TYR D 307 -37.78 1.86 41.08
C TYR D 307 -37.05 0.98 42.09
N VAL D 308 -37.42 1.12 43.36
CA VAL D 308 -36.77 0.34 44.41
C VAL D 308 -37.61 -0.88 44.76
N ALA D 309 -37.25 -2.04 44.23
CA ALA D 309 -37.97 -3.28 44.49
C ALA D 309 -37.10 -4.49 44.21
N TRP D 310 -37.61 -5.68 44.49
CA TRP D 310 -36.84 -6.90 44.23
C TRP D 310 -37.75 -8.08 43.99
N SER D 311 -37.33 -8.99 43.12
CA SER D 311 -38.11 -10.18 42.84
C SER D 311 -37.27 -11.29 42.23
N ALA D 312 -37.89 -12.44 42.00
CA ALA D 312 -37.19 -13.58 41.41
C ALA D 312 -37.04 -13.29 39.91
N GLN D 313 -38.03 -12.62 39.34
CA GLN D 313 -37.98 -12.27 37.94
C GLN D 313 -39.12 -11.34 37.60
N ASN D 314 -38.77 -10.25 36.92
CA ASN D 314 -39.76 -9.26 36.50
C ASN D 314 -39.20 -8.59 35.25
N ARG D 315 -39.82 -7.50 34.81
CA ARG D 315 -39.33 -6.80 33.64
C ARG D 315 -37.88 -6.37 33.86
N SER D 316 -37.66 -5.59 34.91
CA SER D 316 -36.31 -5.11 35.26
C SER D 316 -36.25 -4.60 36.70
N PRO D 317 -36.15 -5.52 37.66
CA PRO D 317 -36.08 -5.18 39.09
C PRO D 317 -34.75 -4.53 39.49
N LEU D 318 -34.79 -3.75 40.56
CA LEU D 318 -33.57 -3.09 41.07
C LEU D 318 -32.70 -4.18 41.67
N ILE D 319 -33.37 -5.14 42.29
CA ILE D 319 -32.73 -6.29 42.94
C ILE D 319 -33.35 -7.60 42.47
N ARG D 320 -32.55 -8.40 41.78
CA ARG D 320 -33.01 -9.68 41.28
C ARG D 320 -32.38 -10.81 42.07
N ILE D 321 -33.12 -11.90 42.24
CA ILE D 321 -32.61 -13.07 42.95
C ILE D 321 -32.55 -14.22 41.95
N PRO D 322 -31.36 -14.50 41.41
CA PRO D 322 -31.17 -15.58 40.43
C PRO D 322 -31.58 -16.98 40.94
N ALA D 323 -31.90 -17.88 40.02
CA ALA D 323 -32.34 -19.22 40.41
C ALA D 323 -31.35 -19.96 41.28
N SER D 324 -30.20 -20.27 40.70
CA SER D 324 -29.14 -20.99 41.38
C SER D 324 -29.06 -20.72 42.86
N ARG D 325 -28.72 -21.76 43.63
CA ARG D 325 -28.58 -21.65 45.07
C ARG D 325 -27.31 -22.29 45.63
N GLY D 326 -27.33 -22.65 46.91
CA GLY D 326 -26.15 -23.22 47.53
C GLY D 326 -25.13 -22.10 47.67
N ILE D 327 -23.88 -22.37 47.33
CA ILE D 327 -22.87 -21.31 47.45
C ILE D 327 -23.04 -20.32 46.31
N SER D 328 -23.98 -20.64 45.41
CA SER D 328 -24.29 -19.77 44.28
C SER D 328 -25.44 -18.82 44.60
N THR D 329 -25.95 -18.89 45.82
CA THR D 329 -27.04 -18.01 46.24
C THR D 329 -26.49 -16.61 46.35
N ARG D 330 -27.17 -15.67 45.72
CA ARG D 330 -26.69 -14.30 45.73
C ARG D 330 -27.77 -13.30 45.40
N VAL D 331 -27.53 -12.05 45.76
CA VAL D 331 -28.47 -10.99 45.47
C VAL D 331 -27.84 -10.03 44.45
N GLU D 332 -28.55 -9.83 43.34
CA GLU D 332 -28.06 -8.96 42.28
C GLU D 332 -28.69 -7.55 42.30
N VAL D 333 -27.82 -6.55 42.14
CA VAL D 333 -28.19 -5.14 42.11
C VAL D 333 -27.86 -4.69 40.69
N ARG D 334 -28.91 -4.32 39.96
CA ARG D 334 -28.83 -3.93 38.56
C ARG D 334 -28.77 -2.44 38.27
N SER D 335 -28.86 -1.60 39.29
CA SER D 335 -28.80 -0.17 39.04
C SER D 335 -27.38 0.30 38.73
N VAL D 336 -26.38 -0.39 39.27
CA VAL D 336 -24.97 -0.03 39.08
C VAL D 336 -24.61 -0.01 37.59
N ASP D 337 -23.79 0.96 37.19
CA ASP D 337 -23.36 1.02 35.79
C ASP D 337 -21.84 0.91 35.71
N PRO D 338 -21.31 0.71 34.50
CA PRO D 338 -19.87 0.59 34.30
C PRO D 338 -19.03 1.84 34.58
N ALA D 339 -19.69 3.00 34.71
CA ALA D 339 -18.97 4.25 34.96
C ALA D 339 -18.65 4.41 36.45
N ALA D 340 -19.32 3.60 37.26
CA ALA D 340 -19.15 3.60 38.71
C ALA D 340 -17.75 3.14 39.16
N ASN D 341 -17.23 3.81 40.20
CA ASN D 341 -15.92 3.47 40.77
C ASN D 341 -16.17 2.14 41.50
N PRO D 342 -15.59 1.04 40.99
CA PRO D 342 -15.79 -0.27 41.59
C PRO D 342 -15.63 -0.29 43.09
N TYR D 343 -14.58 0.35 43.59
CA TYR D 343 -14.33 0.32 45.03
C TYR D 343 -15.39 1.10 45.81
N LEU D 344 -15.66 2.33 45.40
CA LEU D 344 -16.66 3.16 46.05
C LEU D 344 -18.03 2.50 45.92
N ALA D 345 -18.29 1.88 44.77
CA ALA D 345 -19.57 1.21 44.54
C ALA D 345 -19.78 0.08 45.56
N LEU D 346 -18.80 -0.80 45.74
CA LEU D 346 -18.98 -1.89 46.72
C LEU D 346 -18.94 -1.39 48.15
N SER D 347 -18.29 -0.26 48.38
CA SER D 347 -18.23 0.30 49.72
C SER D 347 -19.62 0.64 50.22
N VAL D 348 -20.42 1.33 49.40
CA VAL D 348 -21.75 1.71 49.85
C VAL D 348 -22.70 0.51 49.84
N LEU D 349 -22.53 -0.38 48.87
CA LEU D 349 -23.38 -1.55 48.79
C LEU D 349 -23.22 -2.44 50.01
N LEU D 350 -21.98 -2.74 50.37
CA LEU D 350 -21.70 -3.59 51.53
C LEU D 350 -22.28 -2.91 52.76
N ALA D 351 -22.08 -1.60 52.83
CA ALA D 351 -22.58 -0.82 53.95
C ALA D 351 -24.10 -0.94 54.05
N ALA D 352 -24.79 -0.60 52.97
CA ALA D 352 -26.25 -0.68 53.00
C ALA D 352 -26.68 -2.09 53.46
N GLY D 353 -25.92 -3.10 53.03
CA GLY D 353 -26.21 -4.48 53.40
C GLY D 353 -25.92 -4.78 54.85
N LEU D 354 -24.68 -4.52 55.28
CA LEU D 354 -24.26 -4.74 56.66
C LEU D 354 -25.13 -3.95 57.63
N ASP D 355 -25.72 -2.88 57.13
CA ASP D 355 -26.58 -2.04 57.95
C ASP D 355 -27.92 -2.71 58.10
N GLY D 356 -28.28 -3.51 57.12
CA GLY D 356 -29.56 -4.17 57.16
C GLY D 356 -29.57 -5.37 58.08
N ILE D 357 -28.40 -6.00 58.19
CA ILE D 357 -28.21 -7.19 59.02
C ILE D 357 -28.03 -6.81 60.48
N LYS D 358 -27.18 -5.82 60.73
CA LYS D 358 -26.90 -5.37 62.09
C LYS D 358 -28.17 -4.96 62.83
N ASN D 359 -29.04 -4.24 62.13
CA ASN D 359 -30.29 -3.80 62.73
C ASN D 359 -31.46 -4.69 62.34
N LYS D 360 -31.12 -5.85 61.75
CA LYS D 360 -32.11 -6.83 61.32
C LYS D 360 -33.34 -6.21 60.68
N LEU D 361 -33.14 -5.32 59.71
CA LEU D 361 -34.26 -4.67 59.06
C LEU D 361 -35.17 -5.67 58.34
N GLU D 362 -36.47 -5.39 58.38
CA GLU D 362 -37.48 -6.24 57.75
C GLU D 362 -37.48 -5.99 56.24
N ALA D 363 -37.45 -7.07 55.46
CA ALA D 363 -37.46 -6.96 54.01
C ALA D 363 -38.87 -6.73 53.48
N PRO D 364 -39.01 -5.88 52.45
CA PRO D 364 -40.32 -5.59 51.85
C PRO D 364 -40.90 -6.76 51.07
N ALA D 365 -42.16 -6.65 50.69
CA ALA D 365 -42.79 -7.71 49.93
C ALA D 365 -42.21 -7.76 48.54
N PRO D 366 -41.98 -8.98 48.02
CA PRO D 366 -41.43 -9.14 46.68
C PRO D 366 -42.42 -8.62 45.65
N ILE D 367 -41.94 -8.01 44.57
CA ILE D 367 -42.83 -7.49 43.53
C ILE D 367 -42.65 -8.25 42.21
N ASP D 368 -43.50 -9.24 41.99
CA ASP D 368 -43.42 -10.03 40.78
C ASP D 368 -44.36 -9.33 39.80
N ARG D 369 -45.32 -8.63 40.39
CA ARG D 369 -46.32 -7.88 39.66
C ARG D 369 -45.62 -6.88 38.74
N ASN D 370 -46.37 -6.27 37.83
CA ASN D 370 -45.80 -5.31 36.91
C ASN D 370 -45.85 -3.92 37.52
N ILE D 371 -44.72 -3.23 37.49
CA ILE D 371 -44.62 -1.89 38.04
C ILE D 371 -44.40 -0.83 36.97
N TYR D 372 -44.35 -1.26 35.71
CA TYR D 372 -44.15 -0.34 34.60
C TYR D 372 -45.45 -0.02 33.89
N VAL D 373 -46.55 0.00 34.64
CA VAL D 373 -47.87 0.30 34.08
C VAL D 373 -48.65 1.18 35.05
N MET D 374 -48.31 1.05 36.32
CA MET D 374 -48.95 1.81 37.39
C MET D 374 -48.41 3.24 37.36
N SER D 375 -49.31 4.23 37.32
CA SER D 375 -48.88 5.63 37.31
C SER D 375 -48.04 5.89 38.56
N LYS D 376 -47.44 7.08 38.64
CA LYS D 376 -46.63 7.42 39.81
C LYS D 376 -47.56 7.47 41.02
N GLU D 377 -48.81 7.80 40.77
CA GLU D 377 -49.82 7.87 41.83
C GLU D 377 -50.14 6.45 42.28
N GLU D 378 -50.18 5.54 41.30
CA GLU D 378 -50.46 4.14 41.55
C GLU D 378 -49.30 3.47 42.29
N ARG D 379 -48.07 3.73 41.83
CA ARG D 379 -46.88 3.16 42.46
C ARG D 379 -46.72 3.71 43.87
N MET D 380 -47.40 4.83 44.11
CA MET D 380 -47.35 5.49 45.41
C MET D 380 -47.98 4.63 46.50
N GLU D 381 -49.13 4.03 46.21
CA GLU D 381 -49.82 3.17 47.17
C GLU D 381 -48.87 2.20 47.87
N ASN D 382 -48.12 1.44 47.07
CA ASN D 382 -47.17 0.49 47.61
C ASN D 382 -45.87 1.22 47.93
N GLY D 383 -44.94 0.52 48.59
CA GLY D 383 -43.67 1.14 48.93
C GLY D 383 -42.79 1.32 47.70
N ILE D 384 -43.44 1.40 46.55
CA ILE D 384 -42.76 1.55 45.28
C ILE D 384 -42.21 2.97 45.13
N VAL D 385 -40.94 3.14 45.48
CA VAL D 385 -40.31 4.44 45.36
C VAL D 385 -39.34 4.37 44.19
N ASP D 386 -39.37 5.38 43.33
CA ASP D 386 -38.48 5.38 42.19
C ASP D 386 -37.17 6.08 42.52
N LEU D 387 -36.12 5.68 41.81
CA LEU D 387 -34.80 6.23 42.01
C LEU D 387 -34.76 7.72 41.60
N PRO D 388 -33.67 8.44 41.96
CA PRO D 388 -33.58 9.85 41.58
C PRO D 388 -33.38 9.98 40.07
N ALA D 389 -34.02 10.98 39.48
CA ALA D 389 -34.01 11.22 38.03
C ALA D 389 -32.76 11.88 37.48
N THR D 390 -32.08 12.63 38.35
CA THR D 390 -30.88 13.35 37.95
C THR D 390 -29.75 13.22 38.94
N LEU D 391 -28.55 13.54 38.47
CA LEU D 391 -27.40 13.48 39.33
C LEU D 391 -27.59 14.38 40.56
N ALA D 392 -28.18 15.56 40.36
CA ALA D 392 -28.40 16.49 41.49
C ALA D 392 -29.31 15.83 42.53
N GLU D 393 -30.35 15.20 42.02
CA GLU D 393 -31.34 14.53 42.84
C GLU D 393 -30.69 13.42 43.69
N ALA D 394 -29.78 12.67 43.09
CA ALA D 394 -29.12 11.59 43.81
C ALA D 394 -28.16 12.15 44.86
N LEU D 395 -27.46 13.23 44.52
CA LEU D 395 -26.53 13.86 45.44
C LEU D 395 -27.24 14.42 46.65
N GLU D 396 -28.45 14.93 46.48
CA GLU D 396 -29.14 15.44 47.64
C GLU D 396 -29.58 14.29 48.51
N GLU D 397 -29.93 13.17 47.88
CA GLU D 397 -30.34 12.01 48.65
C GLU D 397 -29.16 11.40 49.38
N PHE D 398 -28.04 11.32 48.67
CA PHE D 398 -26.82 10.73 49.21
C PHE D 398 -26.28 11.48 50.43
N LYS D 399 -26.37 12.81 50.40
CA LYS D 399 -25.89 13.62 51.50
C LYS D 399 -26.77 13.49 52.74
N SER D 400 -28.04 13.24 52.54
CA SER D 400 -28.97 13.12 53.66
C SER D 400 -28.97 11.74 54.34
N ASN D 401 -28.01 10.92 53.97
CA ASN D 401 -27.94 9.58 54.52
C ASN D 401 -26.64 9.36 55.27
N GLU D 402 -26.72 9.44 56.60
CA GLU D 402 -25.55 9.28 57.45
C GLU D 402 -24.78 7.98 57.19
N VAL D 403 -25.48 6.86 57.04
CA VAL D 403 -24.83 5.58 56.80
C VAL D 403 -24.01 5.55 55.52
N MET D 404 -24.60 6.06 54.45
CA MET D 404 -23.92 6.10 53.17
C MET D 404 -22.76 7.11 53.24
N VAL D 405 -22.95 8.21 53.95
CA VAL D 405 -21.89 9.21 54.07
C VAL D 405 -20.68 8.65 54.83
N LYS D 406 -20.95 8.00 55.96
CA LYS D 406 -19.89 7.42 56.78
C LYS D 406 -19.28 6.21 56.08
N ALA D 407 -20.02 5.64 55.14
CA ALA D 407 -19.55 4.49 54.39
C ALA D 407 -18.42 4.89 53.44
N LEU D 408 -18.34 6.17 53.12
CA LEU D 408 -17.30 6.66 52.23
C LEU D 408 -16.16 7.38 52.94
N GLY D 409 -16.37 7.73 54.20
CA GLY D 409 -15.33 8.43 54.93
C GLY D 409 -15.40 9.91 54.64
N GLU D 410 -15.21 10.71 55.68
CA GLU D 410 -15.27 12.16 55.57
C GLU D 410 -14.48 12.72 54.38
N HIS D 411 -13.19 12.43 54.33
CA HIS D 411 -12.33 12.93 53.26
C HIS D 411 -12.82 12.59 51.87
N LEU D 412 -12.95 11.29 51.60
CA LEU D 412 -13.41 10.82 50.29
C LEU D 412 -14.76 11.40 49.93
N PHE D 413 -15.64 11.52 50.92
CA PHE D 413 -16.98 12.05 50.68
C PHE D 413 -16.97 13.49 50.17
N GLU D 414 -16.41 14.39 50.98
CA GLU D 414 -16.38 15.80 50.62
C GLU D 414 -15.75 16.07 49.27
N HIS D 415 -14.83 15.22 48.84
CA HIS D 415 -14.21 15.42 47.55
C HIS D 415 -15.10 14.86 46.44
N PHE D 416 -15.81 13.79 46.76
CA PHE D 416 -16.72 13.18 45.80
C PHE D 416 -17.80 14.18 45.40
N ILE D 417 -18.47 14.76 46.40
CA ILE D 417 -19.53 15.73 46.18
C ILE D 417 -19.06 16.97 45.42
N GLU D 418 -17.88 17.46 45.78
CA GLU D 418 -17.33 18.66 45.14
C GLU D 418 -17.19 18.43 43.65
N ALA D 419 -16.67 17.26 43.29
CA ALA D 419 -16.50 16.92 41.88
C ALA D 419 -17.86 16.80 41.17
N LYS D 420 -18.79 16.07 41.77
CA LYS D 420 -20.09 15.89 41.15
C LYS D 420 -20.96 17.13 41.12
N GLU D 421 -20.89 17.97 42.15
CA GLU D 421 -21.70 19.18 42.13
C GLU D 421 -21.18 20.12 41.06
N ILE D 422 -19.88 20.05 40.82
CA ILE D 422 -19.28 20.88 39.79
C ILE D 422 -19.62 20.28 38.42
N GLU D 423 -19.51 18.96 38.32
CA GLU D 423 -19.80 18.26 37.08
C GLU D 423 -21.22 18.58 36.62
N TRP D 424 -22.17 18.39 37.51
CA TRP D 424 -23.55 18.66 37.19
C TRP D 424 -23.75 20.12 36.81
N ASP D 425 -23.11 21.02 37.55
CA ASP D 425 -23.28 22.45 37.29
C ASP D 425 -22.92 22.84 35.87
N MET D 426 -21.93 22.14 35.32
CA MET D 426 -21.53 22.40 33.96
C MET D 426 -22.67 22.01 33.01
N PHE D 427 -23.22 20.83 33.22
CA PHE D 427 -24.29 20.30 32.39
C PHE D 427 -25.58 21.12 32.38
N ARG D 428 -25.89 21.75 33.50
CA ARG D 428 -27.12 22.50 33.60
C ARG D 428 -27.04 23.87 32.95
N THR D 429 -25.82 24.36 32.77
CA THR D 429 -25.65 25.67 32.17
C THR D 429 -25.44 25.57 30.66
N GLN D 430 -25.19 24.36 30.17
CA GLN D 430 -24.98 24.16 28.74
C GLN D 430 -26.27 24.35 27.96
N VAL D 431 -26.14 24.76 26.71
CA VAL D 431 -27.32 24.93 25.85
C VAL D 431 -27.18 23.88 24.75
N HIS D 432 -27.93 22.80 24.86
CA HIS D 432 -27.82 21.71 23.89
C HIS D 432 -28.53 21.97 22.56
N PRO D 433 -28.04 21.34 21.48
CA PRO D 433 -28.66 21.53 20.16
C PRO D 433 -30.16 21.23 20.24
N TRP D 434 -30.49 20.18 20.98
CA TRP D 434 -31.88 19.77 21.18
C TRP D 434 -32.74 21.00 21.46
N GLU D 435 -32.26 21.86 22.35
CA GLU D 435 -33.01 23.05 22.74
C GLU D 435 -33.21 24.01 21.59
N ARG D 436 -32.19 24.16 20.75
CA ARG D 436 -32.33 25.03 19.60
C ARG D 436 -33.29 24.38 18.60
N GLU D 437 -33.19 23.07 18.43
CA GLU D 437 -34.06 22.35 17.49
C GLU D 437 -35.52 22.47 17.92
N GLN D 438 -35.73 22.72 19.20
CA GLN D 438 -37.07 22.83 19.75
C GLN D 438 -37.59 24.25 19.87
N TYR D 439 -36.75 25.13 20.40
CA TYR D 439 -37.12 26.51 20.66
C TYR D 439 -36.70 27.61 19.69
N MET D 440 -35.51 27.48 19.10
CA MET D 440 -34.98 28.48 18.19
C MET D 440 -36.00 28.97 17.15
N SER D 441 -36.82 28.07 16.62
CA SER D 441 -37.81 28.46 15.63
C SER D 441 -39.21 28.71 16.18
N GLN D 442 -39.63 27.88 17.13
CA GLN D 442 -40.96 28.01 17.71
C GLN D 442 -41.10 29.28 18.54
N TYR D 443 -39.96 29.84 18.93
CA TYR D 443 -39.92 31.06 19.73
C TYR D 443 -39.08 32.13 19.02
N ALA E 1 -24.14 -41.78 19.55
CA ALA E 1 -23.16 -41.10 20.44
C ALA E 1 -21.83 -40.93 19.70
N LYS E 2 -21.82 -40.01 18.73
CA LYS E 2 -20.63 -39.73 17.93
C LYS E 2 -19.42 -39.53 18.84
N TYR E 3 -19.51 -38.56 19.74
CA TYR E 3 -18.41 -38.28 20.67
C TYR E 3 -18.79 -38.56 22.12
N THR E 4 -17.79 -38.71 22.97
CA THR E 4 -18.03 -38.96 24.39
C THR E 4 -17.32 -37.86 25.20
N ARG E 5 -17.71 -37.73 26.46
CA ARG E 5 -17.10 -36.74 27.34
C ARG E 5 -15.57 -36.76 27.21
N GLU E 6 -14.97 -37.95 27.18
CA GLU E 6 -13.52 -38.09 27.06
C GLU E 6 -13.04 -37.80 25.64
N ASP E 7 -13.80 -38.23 24.64
CA ASP E 7 -13.40 -37.96 23.26
C ASP E 7 -13.39 -36.46 23.05
N ILE E 8 -14.28 -35.75 23.73
CA ILE E 8 -14.35 -34.30 23.57
C ILE E 8 -13.17 -33.63 24.28
N GLU E 9 -12.86 -34.12 25.47
CA GLU E 9 -11.76 -33.56 26.24
C GLU E 9 -10.41 -33.76 25.55
N LYS E 10 -10.20 -34.92 24.94
CA LYS E 10 -8.94 -35.21 24.27
C LYS E 10 -8.76 -34.30 23.06
N LEU E 11 -9.86 -34.09 22.34
CA LEU E 11 -9.85 -33.24 21.15
C LEU E 11 -9.55 -31.77 21.43
N VAL E 12 -10.27 -31.20 22.40
CA VAL E 12 -10.08 -29.80 22.73
C VAL E 12 -8.64 -29.54 23.09
N LYS E 13 -8.02 -30.49 23.78
CA LYS E 13 -6.64 -30.34 24.22
C LYS E 13 -5.65 -30.51 23.06
N GLU E 14 -5.78 -31.61 22.32
CA GLU E 14 -4.87 -31.88 21.20
C GLU E 14 -4.97 -30.83 20.10
N GLU E 15 -6.18 -30.36 19.83
CA GLU E 15 -6.39 -29.36 18.80
C GLU E 15 -6.20 -27.94 19.33
N ASN E 16 -5.80 -27.84 20.60
CA ASN E 16 -5.54 -26.56 21.26
C ASN E 16 -6.68 -25.55 21.07
N VAL E 17 -7.84 -25.89 21.60
CA VAL E 17 -8.99 -25.05 21.50
C VAL E 17 -8.92 -24.07 22.66
N LYS E 18 -9.23 -22.81 22.36
CA LYS E 18 -9.17 -21.78 23.38
C LYS E 18 -10.47 -21.00 23.50
N TYR E 19 -11.46 -21.34 22.69
CA TYR E 19 -12.74 -20.64 22.72
C TYR E 19 -13.87 -21.54 22.26
N ILE E 20 -14.86 -21.73 23.12
CA ILE E 20 -15.98 -22.61 22.80
C ILE E 20 -17.31 -21.85 22.66
N ARG E 21 -17.99 -22.06 21.55
CA ARG E 21 -19.26 -21.40 21.35
C ARG E 21 -20.40 -22.36 21.61
N LEU E 22 -21.17 -22.08 22.66
CA LEU E 22 -22.33 -22.90 22.99
C LEU E 22 -23.49 -22.26 22.24
N GLN E 23 -23.82 -22.79 21.05
CA GLN E 23 -24.88 -22.17 20.27
C GLN E 23 -26.26 -22.83 20.34
N PHE E 24 -27.29 -22.03 20.08
CA PHE E 24 -28.68 -22.47 20.09
C PHE E 24 -29.52 -21.62 19.12
N THR E 25 -30.79 -21.92 18.97
CA THR E 25 -31.62 -21.16 18.04
C THR E 25 -32.83 -20.56 18.73
N ASP E 26 -33.15 -19.31 18.43
CA ASP E 26 -34.31 -18.68 19.03
C ASP E 26 -35.57 -18.98 18.20
N ILE E 27 -36.66 -18.29 18.54
CA ILE E 27 -37.98 -18.45 17.90
C ILE E 27 -37.98 -17.99 16.43
N LEU E 28 -37.15 -17.02 16.09
CA LEU E 28 -37.07 -16.49 14.74
C LEU E 28 -36.08 -17.20 13.85
N GLY E 29 -35.54 -18.32 14.33
CA GLY E 29 -34.59 -19.06 13.55
C GLY E 29 -33.19 -18.46 13.58
N THR E 30 -33.04 -17.34 14.28
CA THR E 30 -31.73 -16.69 14.36
C THR E 30 -30.77 -17.51 15.21
N ILE E 31 -29.52 -17.61 14.76
CA ILE E 31 -28.50 -18.37 15.46
C ILE E 31 -27.96 -17.61 16.67
N LYS E 32 -28.37 -18.05 17.86
CA LYS E 32 -27.96 -17.43 19.13
C LYS E 32 -26.64 -18.05 19.58
N ASN E 33 -26.12 -17.61 20.71
CA ASN E 33 -24.83 -18.11 21.17
C ASN E 33 -24.41 -17.51 22.51
N VAL E 34 -23.73 -18.30 23.30
CA VAL E 34 -23.19 -17.89 24.59
C VAL E 34 -21.80 -18.51 24.59
N GLU E 35 -20.79 -17.67 24.45
CA GLU E 35 -19.40 -18.11 24.38
C GLU E 35 -18.65 -18.11 25.70
N ILE E 36 -17.82 -19.13 25.89
CA ILE E 36 -17.02 -19.30 27.09
C ILE E 36 -15.59 -19.72 26.76
N PRO E 37 -14.63 -19.40 27.63
CA PRO E 37 -13.23 -19.77 27.42
C PRO E 37 -12.99 -21.25 27.74
N VAL E 38 -12.09 -21.89 27.00
CA VAL E 38 -11.78 -23.32 27.15
C VAL E 38 -11.64 -23.75 28.60
N SER E 39 -11.25 -22.82 29.46
CA SER E 39 -11.08 -23.11 30.88
C SER E 39 -12.41 -23.48 31.52
N GLN E 40 -13.51 -23.26 30.79
CA GLN E 40 -14.84 -23.54 31.32
C GLN E 40 -15.50 -24.75 30.71
N LEU E 41 -14.79 -25.42 29.82
CA LEU E 41 -15.32 -26.59 29.15
C LEU E 41 -15.94 -27.57 30.13
N GLY E 42 -15.24 -27.81 31.24
CA GLY E 42 -15.72 -28.72 32.23
C GLY E 42 -17.12 -28.37 32.70
N LYS E 43 -17.30 -27.13 33.14
CA LYS E 43 -18.60 -26.68 33.63
C LYS E 43 -19.65 -26.74 32.52
N ALA E 44 -19.19 -26.65 31.28
CA ALA E 44 -20.09 -26.71 30.13
C ALA E 44 -20.65 -28.11 29.96
N LEU E 45 -19.73 -29.09 29.93
CA LEU E 45 -20.06 -30.51 29.77
C LEU E 45 -20.84 -31.05 30.97
N ASP E 46 -20.85 -30.28 32.06
CA ASP E 46 -21.57 -30.67 33.25
C ASP E 46 -23.01 -30.12 33.22
N ASN E 47 -23.32 -29.31 32.21
CA ASN E 47 -24.65 -28.72 32.05
C ASN E 47 -24.99 -27.71 33.12
N LYS E 48 -23.97 -27.01 33.61
CA LYS E 48 -24.20 -26.03 34.66
C LYS E 48 -24.20 -24.59 34.16
N VAL E 49 -23.64 -24.37 32.97
CA VAL E 49 -23.59 -23.03 32.40
C VAL E 49 -24.99 -22.43 32.18
N MET E 50 -25.29 -21.36 32.91
CA MET E 50 -26.58 -20.67 32.83
C MET E 50 -26.59 -19.51 31.83
N PHE E 51 -27.78 -19.11 31.39
CA PHE E 51 -27.90 -18.01 30.44
C PHE E 51 -29.34 -17.51 30.52
N ASP E 52 -29.58 -16.31 30.02
CA ASP E 52 -30.91 -15.77 30.05
C ASP E 52 -31.72 -16.45 28.96
N GLY E 53 -32.59 -17.37 29.36
CA GLY E 53 -33.39 -18.09 28.39
C GLY E 53 -34.45 -17.27 27.70
N SER E 54 -34.73 -16.06 28.19
CA SER E 54 -35.75 -15.25 27.54
C SER E 54 -35.28 -14.82 26.15
N SER E 55 -33.99 -15.02 25.88
CA SER E 55 -33.40 -14.65 24.59
C SER E 55 -33.82 -15.61 23.48
N ILE E 56 -34.59 -16.63 23.85
CA ILE E 56 -35.05 -17.62 22.88
C ILE E 56 -36.35 -17.19 22.23
N GLU E 57 -37.03 -16.24 22.86
CA GLU E 57 -38.29 -15.76 22.33
C GLU E 57 -38.06 -14.57 21.39
N GLY E 58 -36.80 -14.16 21.27
CA GLY E 58 -36.48 -13.06 20.38
C GLY E 58 -36.77 -11.67 20.92
N PHE E 59 -37.15 -10.76 20.03
CA PHE E 59 -37.44 -9.38 20.41
C PHE E 59 -38.75 -9.21 21.15
N VAL E 60 -39.32 -10.30 21.63
CA VAL E 60 -40.55 -10.20 22.40
C VAL E 60 -40.31 -10.47 23.87
N ARG E 61 -39.04 -10.51 24.26
CA ARG E 61 -38.65 -10.73 25.65
C ARG E 61 -39.37 -9.78 26.58
N ILE E 62 -39.61 -10.20 27.82
CA ILE E 62 -40.31 -9.35 28.76
C ILE E 62 -39.65 -9.42 30.14
N GLU E 63 -39.04 -10.55 30.45
CA GLU E 63 -38.39 -10.75 31.73
C GLU E 63 -37.20 -11.65 31.55
N GLU E 64 -36.23 -11.52 32.44
CA GLU E 64 -35.02 -12.34 32.40
C GLU E 64 -35.33 -13.63 33.16
N SER E 65 -35.08 -14.78 32.54
CA SER E 65 -35.30 -16.09 33.17
C SER E 65 -34.12 -17.01 32.95
N ASP E 66 -33.39 -17.26 34.03
CA ASP E 66 -32.23 -18.14 34.02
C ASP E 66 -32.55 -19.52 33.47
N MET E 67 -31.64 -20.06 32.68
CA MET E 67 -31.81 -21.38 32.09
C MET E 67 -30.45 -22.04 31.87
N TYR E 68 -30.46 -23.35 31.63
CA TYR E 68 -29.24 -24.10 31.40
C TYR E 68 -28.95 -24.43 29.94
N LEU E 69 -27.68 -24.67 29.63
CA LEU E 69 -27.31 -25.07 28.29
C LEU E 69 -26.82 -26.50 28.41
N TYR E 70 -27.43 -27.41 27.66
CA TYR E 70 -27.00 -28.80 27.68
C TYR E 70 -26.38 -29.11 26.34
N PRO E 71 -25.05 -29.02 26.25
CA PRO E 71 -24.34 -29.29 25.00
C PRO E 71 -24.56 -30.70 24.46
N ASP E 72 -24.62 -30.82 23.15
CA ASP E 72 -24.84 -32.08 22.47
C ASP E 72 -23.47 -32.53 22.00
N LEU E 73 -22.89 -33.51 22.68
CA LEU E 73 -21.56 -34.00 22.32
C LEU E 73 -21.44 -34.35 20.85
N ASN E 74 -22.55 -34.64 20.19
CA ASN E 74 -22.50 -35.00 18.79
C ASN E 74 -22.32 -33.82 17.83
N THR E 75 -22.76 -32.64 18.27
CA THR E 75 -22.68 -31.42 17.47
C THR E 75 -21.33 -30.74 17.60
N PHE E 76 -20.42 -31.34 18.36
CA PHE E 76 -19.08 -30.76 18.55
C PHE E 76 -18.37 -30.57 17.22
N VAL E 77 -17.96 -29.35 16.93
CA VAL E 77 -17.24 -29.09 15.67
C VAL E 77 -16.16 -28.03 15.92
N ILE E 78 -15.15 -27.98 15.06
CA ILE E 78 -14.10 -26.98 15.17
C ILE E 78 -14.05 -26.18 13.87
N PHE E 79 -14.01 -24.84 14.00
CA PHE E 79 -13.96 -23.92 12.86
C PHE E 79 -12.53 -23.83 12.35
N PRO E 80 -12.28 -24.36 11.15
CA PRO E 80 -10.94 -24.37 10.53
C PRO E 80 -10.35 -22.99 10.26
N TRP E 81 -11.16 -22.09 9.72
CA TRP E 81 -10.69 -20.76 9.40
C TRP E 81 -10.10 -20.07 10.63
N THR E 82 -10.71 -20.24 11.80
CA THR E 82 -10.17 -19.64 13.01
C THR E 82 -8.87 -20.38 13.23
N ALA E 83 -7.75 -19.69 13.40
CA ALA E 83 -6.53 -20.45 13.54
C ALA E 83 -5.63 -20.06 14.70
N GLU E 84 -4.46 -20.67 14.69
CA GLU E 84 -3.43 -20.44 15.70
C GLU E 84 -3.87 -20.59 17.15
N LYS E 85 -3.36 -19.69 18.00
CA LYS E 85 -3.63 -19.68 19.43
C LYS E 85 -5.12 -19.71 19.69
N GLY E 86 -5.85 -18.84 19.00
CA GLY E 86 -7.29 -18.77 19.19
C GLY E 86 -8.20 -19.67 18.38
N LYS E 87 -8.09 -21.00 18.54
CA LYS E 87 -8.97 -21.92 17.81
C LYS E 87 -10.33 -21.97 18.48
N VAL E 88 -11.40 -21.87 17.68
CA VAL E 88 -12.76 -21.89 18.19
C VAL E 88 -13.45 -23.21 17.89
N ALA E 89 -14.24 -23.68 18.85
CA ALA E 89 -15.00 -24.92 18.72
C ALA E 89 -16.45 -24.58 19.10
N ARG E 90 -17.41 -25.36 18.63
CA ARG E 90 -18.81 -25.09 18.95
C ARG E 90 -19.52 -26.32 19.53
N PHE E 91 -20.69 -26.07 20.10
CA PHE E 91 -21.53 -27.09 20.73
C PHE E 91 -22.97 -26.63 20.59
N ILE E 92 -23.77 -27.28 19.75
CA ILE E 92 -25.16 -26.84 19.66
C ILE E 92 -25.79 -27.38 20.94
N CYS E 93 -26.38 -26.51 21.76
CA CYS E 93 -26.97 -26.94 23.03
C CYS E 93 -28.47 -27.10 23.06
N ASP E 94 -28.95 -27.70 24.15
CA ASP E 94 -30.39 -27.83 24.35
C ASP E 94 -30.68 -27.02 25.60
N ILE E 95 -31.85 -26.38 25.61
CA ILE E 95 -32.21 -25.55 26.74
C ILE E 95 -33.06 -26.32 27.73
N TYR E 96 -32.69 -26.21 29.01
CA TYR E 96 -33.43 -26.87 30.09
C TYR E 96 -33.83 -25.87 31.16
N ASN E 97 -34.95 -26.11 31.81
CA ASN E 97 -35.42 -25.23 32.88
C ASN E 97 -34.59 -25.44 34.12
N PRO E 98 -34.55 -24.44 35.00
CA PRO E 98 -33.78 -24.53 36.23
C PRO E 98 -34.00 -25.83 37.00
N ASP E 99 -35.22 -26.35 36.93
CA ASP E 99 -35.59 -27.58 37.62
C ASP E 99 -35.00 -28.83 36.95
N GLY E 100 -34.66 -28.74 35.66
CA GLY E 100 -34.08 -29.88 34.96
C GLY E 100 -34.92 -30.39 33.81
N THR E 101 -36.06 -29.76 33.60
CA THR E 101 -36.97 -30.14 32.54
C THR E 101 -36.70 -29.27 31.29
N PRO E 102 -36.85 -29.87 30.10
CA PRO E 102 -36.65 -29.19 28.82
C PRO E 102 -37.53 -27.97 28.67
N PHE E 103 -36.97 -26.91 28.10
CA PHE E 103 -37.75 -25.69 27.90
C PHE E 103 -38.68 -25.81 26.70
N GLU E 104 -39.97 -25.60 26.93
CA GLU E 104 -40.99 -25.69 25.88
C GLU E 104 -40.72 -24.67 24.79
N GLY E 105 -40.30 -23.47 25.17
CA GLY E 105 -40.03 -22.43 24.20
C GLY E 105 -38.95 -22.76 23.18
N ASP E 106 -38.08 -23.72 23.48
CA ASP E 106 -37.00 -24.09 22.56
C ASP E 106 -37.48 -24.83 21.31
N PRO E 107 -37.28 -24.23 20.12
CA PRO E 107 -37.73 -24.85 18.87
C PRO E 107 -37.06 -26.18 18.56
N ARG E 108 -35.78 -26.33 18.89
CA ARG E 108 -35.08 -27.59 18.62
C ARG E 108 -35.74 -28.72 19.40
N ASN E 109 -36.19 -28.42 20.62
CA ASN E 109 -36.87 -29.43 21.42
C ASN E 109 -38.21 -29.74 20.82
N ASN E 110 -38.85 -28.72 20.24
CA ASN E 110 -40.16 -28.92 19.61
C ASN E 110 -40.05 -29.98 18.54
N LEU E 111 -39.00 -29.90 17.73
CA LEU E 111 -38.80 -30.89 16.69
C LEU E 111 -38.67 -32.28 17.33
N LYS E 112 -38.01 -32.35 18.48
CA LYS E 112 -37.88 -33.64 19.16
C LYS E 112 -39.24 -34.17 19.62
N ARG E 113 -40.11 -33.28 20.09
CA ARG E 113 -41.43 -33.68 20.57
C ARG E 113 -42.27 -34.27 19.45
N ILE E 114 -42.12 -33.68 18.27
CA ILE E 114 -42.85 -34.14 17.11
C ILE E 114 -42.22 -35.39 16.52
N LEU E 115 -40.92 -35.54 16.65
CA LEU E 115 -40.25 -36.73 16.12
C LEU E 115 -40.66 -37.91 16.97
N LYS E 116 -40.86 -37.66 18.26
CA LYS E 116 -41.26 -38.70 19.20
C LYS E 116 -42.65 -39.14 18.76
N GLU E 117 -43.44 -38.15 18.36
CA GLU E 117 -44.80 -38.38 17.89
C GLU E 117 -44.74 -39.28 16.64
N MET E 118 -43.63 -39.20 15.91
CA MET E 118 -43.44 -40.00 14.69
C MET E 118 -43.21 -41.47 15.05
N GLU E 119 -42.35 -41.71 16.04
CA GLU E 119 -42.01 -43.05 16.50
C GLU E 119 -43.22 -43.74 17.14
N ASP E 120 -44.17 -42.95 17.63
CA ASP E 120 -45.37 -43.53 18.22
C ASP E 120 -46.32 -44.02 17.14
N LEU E 121 -45.96 -43.81 15.89
CA LEU E 121 -46.78 -44.25 14.77
C LEU E 121 -46.12 -45.43 14.06
N GLY E 122 -44.89 -45.73 14.46
CA GLY E 122 -44.16 -46.84 13.87
C GLY E 122 -42.99 -46.51 12.97
N PHE E 123 -42.66 -45.23 12.88
CA PHE E 123 -41.56 -44.80 12.03
C PHE E 123 -40.26 -44.60 12.80
N SER E 124 -39.16 -44.98 12.17
CA SER E 124 -37.85 -44.91 12.77
C SER E 124 -37.11 -43.62 12.48
N ASP E 125 -37.03 -43.25 11.20
CA ASP E 125 -36.31 -42.04 10.84
C ASP E 125 -37.13 -41.12 9.92
N PHE E 126 -36.74 -39.85 9.92
CA PHE E 126 -37.38 -38.84 9.11
C PHE E 126 -36.26 -37.98 8.56
N ASN E 127 -35.69 -38.39 7.42
CA ASN E 127 -34.59 -37.67 6.82
C ASN E 127 -35.00 -36.41 6.07
N LEU E 128 -34.05 -35.49 5.90
CA LEU E 128 -34.34 -34.24 5.23
C LEU E 128 -33.13 -33.83 4.39
N GLY E 129 -33.35 -33.60 3.11
CA GLY E 129 -32.28 -33.18 2.22
C GLY E 129 -32.57 -31.75 1.79
N PRO E 130 -31.95 -30.75 2.45
CA PRO E 130 -32.17 -29.35 2.12
C PRO E 130 -31.43 -28.83 0.90
N GLU E 131 -32.03 -27.85 0.25
CA GLU E 131 -31.47 -27.21 -0.93
C GLU E 131 -31.43 -25.69 -0.70
N PRO E 132 -30.65 -25.24 0.29
CA PRO E 132 -30.54 -23.81 0.61
C PRO E 132 -29.90 -22.97 -0.50
N GLU E 133 -30.56 -21.86 -0.87
CA GLU E 133 -30.04 -20.94 -1.90
C GLU E 133 -29.76 -19.61 -1.23
N PHE E 134 -28.82 -18.85 -1.78
CA PHE E 134 -28.51 -17.55 -1.21
C PHE E 134 -27.96 -16.63 -2.27
N PHE E 135 -27.81 -15.35 -1.91
CA PHE E 135 -27.26 -14.38 -2.83
C PHE E 135 -25.99 -13.81 -2.21
N LEU E 136 -25.04 -13.42 -3.05
CA LEU E 136 -23.81 -12.81 -2.60
C LEU E 136 -23.74 -11.39 -3.16
N PHE E 137 -23.64 -10.39 -2.29
CA PHE E 137 -23.53 -9.01 -2.78
C PHE E 137 -22.14 -8.45 -2.48
N LYS E 138 -21.73 -7.43 -3.23
CA LYS E 138 -20.43 -6.84 -3.01
C LYS E 138 -20.54 -5.91 -1.80
N LEU E 139 -19.38 -5.58 -1.23
CA LEU E 139 -19.30 -4.70 -0.07
C LEU E 139 -18.70 -3.38 -0.47
N ASP E 140 -19.29 -2.28 0.00
CA ASP E 140 -18.79 -0.96 -0.35
C ASP E 140 -17.47 -0.61 0.34
N GLU E 141 -16.99 0.61 0.11
CA GLU E 141 -15.73 1.10 0.67
C GLU E 141 -15.69 0.76 2.16
N LYS E 142 -16.67 1.28 2.89
CA LYS E 142 -16.73 1.02 4.32
C LYS E 142 -16.80 -0.49 4.54
N GLY E 143 -18.01 -1.02 4.68
CA GLY E 143 -18.16 -2.45 4.88
C GLY E 143 -19.61 -2.85 4.78
N GLU E 144 -20.44 -1.91 4.33
CA GLU E 144 -21.87 -2.17 4.18
C GLU E 144 -22.19 -2.82 2.86
N PRO E 145 -23.15 -3.75 2.87
CA PRO E 145 -23.53 -4.44 1.64
C PRO E 145 -24.20 -3.50 0.64
N THR E 146 -23.98 -3.77 -0.64
CA THR E 146 -24.56 -2.96 -1.72
C THR E 146 -25.56 -3.83 -2.48
N LEU E 147 -26.08 -3.34 -3.61
CA LEU E 147 -27.02 -4.14 -4.41
C LEU E 147 -26.30 -4.83 -5.57
N GLU E 148 -24.98 -4.70 -5.63
CA GLU E 148 -24.17 -5.31 -6.68
C GLU E 148 -23.95 -6.79 -6.41
N LEU E 149 -24.18 -7.61 -7.43
CA LEU E 149 -24.03 -9.06 -7.32
C LEU E 149 -22.56 -9.43 -7.50
N ASN E 150 -22.12 -10.53 -6.88
CA ASN E 150 -20.73 -10.95 -7.01
C ASN E 150 -20.39 -11.45 -8.43
N ASP E 151 -21.40 -11.75 -9.25
CA ASP E 151 -21.14 -12.23 -10.62
C ASP E 151 -22.34 -12.05 -11.54
N LYS E 152 -22.26 -12.60 -12.75
CA LYS E 152 -23.36 -12.47 -13.70
C LYS E 152 -23.72 -13.84 -14.26
N GLY E 153 -23.46 -14.87 -13.44
CA GLY E 153 -23.74 -16.23 -13.86
C GLY E 153 -25.21 -16.60 -13.95
N GLY E 154 -25.45 -17.73 -14.63
CA GLY E 154 -26.80 -18.22 -14.79
C GLY E 154 -26.93 -19.60 -14.18
N TYR E 155 -28.10 -20.18 -14.39
CA TYR E 155 -28.43 -21.49 -13.89
C TYR E 155 -27.44 -22.54 -14.33
N PHE E 156 -26.70 -23.08 -13.35
CA PHE E 156 -25.68 -24.13 -13.56
C PHE E 156 -24.49 -23.72 -14.40
N ASP E 157 -24.19 -22.43 -14.42
CA ASP E 157 -23.06 -21.96 -15.19
C ASP E 157 -21.80 -22.16 -14.41
N LEU E 158 -20.67 -21.96 -15.08
CA LEU E 158 -19.40 -22.07 -14.38
C LEU E 158 -19.06 -20.64 -13.90
N ALA E 159 -19.65 -20.29 -12.76
CA ALA E 159 -19.50 -18.98 -12.10
C ALA E 159 -18.05 -18.76 -11.72
N PRO E 160 -17.69 -17.53 -11.28
CA PRO E 160 -16.31 -17.24 -10.90
C PRO E 160 -15.27 -18.33 -11.18
N THR E 161 -14.45 -18.07 -12.20
CA THR E 161 -13.38 -18.97 -12.59
C THR E 161 -12.47 -19.28 -11.40
N ASP E 162 -12.19 -20.57 -11.21
CA ASP E 162 -11.35 -21.06 -10.11
C ASP E 162 -10.20 -20.15 -9.69
N LEU E 163 -9.54 -19.53 -10.66
CA LEU E 163 -8.41 -18.68 -10.32
C LEU E 163 -8.80 -17.63 -9.29
N GLY E 164 -7.88 -17.40 -8.36
CA GLY E 164 -8.07 -16.44 -7.29
C GLY E 164 -8.93 -16.99 -6.16
N GLU E 165 -10.07 -16.33 -5.96
CA GLU E 165 -11.03 -16.70 -4.93
C GLU E 165 -12.44 -16.91 -5.50
N ASN E 166 -13.10 -17.93 -4.98
CA ASN E 166 -14.44 -18.27 -5.40
C ASN E 166 -15.16 -18.73 -4.16
N CYS E 167 -15.97 -17.82 -3.64
CA CYS E 167 -16.75 -18.06 -2.45
C CYS E 167 -17.41 -19.42 -2.35
N ARG E 168 -18.33 -19.70 -3.28
CA ARG E 168 -19.04 -20.96 -3.29
C ARG E 168 -18.08 -22.14 -3.12
N ARG E 169 -17.01 -22.11 -3.90
CA ARG E 169 -16.03 -23.17 -3.84
C ARG E 169 -15.40 -23.28 -2.46
N ASP E 170 -14.87 -22.14 -2.00
CA ASP E 170 -14.21 -22.02 -0.70
C ASP E 170 -15.13 -22.33 0.48
N ILE E 171 -16.44 -22.20 0.28
CA ILE E 171 -17.41 -22.51 1.33
C ILE E 171 -17.46 -24.03 1.45
N VAL E 172 -17.68 -24.70 0.33
CA VAL E 172 -17.76 -26.16 0.29
C VAL E 172 -16.54 -26.78 0.93
N LEU E 173 -15.37 -26.27 0.58
CA LEU E 173 -14.12 -26.79 1.15
C LEU E 173 -14.09 -26.67 2.68
N GLU E 174 -14.53 -25.55 3.22
CA GLU E 174 -14.56 -25.36 4.68
C GLU E 174 -15.56 -26.32 5.33
N LEU E 175 -16.71 -26.52 4.68
CA LEU E 175 -17.75 -27.41 5.19
C LEU E 175 -17.30 -28.85 5.25
N GLU E 176 -16.37 -29.23 4.38
CA GLU E 176 -15.87 -30.59 4.36
C GLU E 176 -14.94 -30.85 5.53
N GLU E 177 -14.05 -29.90 5.81
CA GLU E 177 -13.13 -30.05 6.94
C GLU E 177 -13.92 -30.32 8.21
N MET E 178 -14.94 -29.48 8.45
CA MET E 178 -15.80 -29.58 9.63
C MET E 178 -16.52 -30.91 9.65
N GLY E 179 -16.67 -31.52 8.49
CA GLY E 179 -17.34 -32.79 8.43
C GLY E 179 -18.70 -32.76 7.78
N PHE E 180 -18.85 -31.95 6.74
CA PHE E 180 -20.13 -31.90 6.06
C PHE E 180 -20.16 -32.88 4.90
N GLU E 181 -21.32 -33.48 4.68
CA GLU E 181 -21.48 -34.43 3.59
C GLU E 181 -22.29 -33.73 2.51
N ILE E 182 -21.66 -32.79 1.82
CA ILE E 182 -22.31 -32.05 0.76
C ILE E 182 -22.49 -32.90 -0.47
N GLU E 183 -23.67 -32.83 -1.08
CA GLU E 183 -23.96 -33.60 -2.28
C GLU E 183 -23.35 -32.93 -3.51
N ALA E 184 -23.60 -31.63 -3.64
CA ALA E 184 -23.09 -30.85 -4.76
C ALA E 184 -23.63 -29.43 -4.74
N SER E 185 -22.95 -28.55 -5.47
CA SER E 185 -23.37 -27.17 -5.56
C SER E 185 -23.31 -26.69 -7.00
N HIS E 186 -23.95 -25.55 -7.26
CA HIS E 186 -23.99 -24.96 -8.60
C HIS E 186 -24.39 -23.50 -8.49
N HIS E 187 -24.41 -22.82 -9.62
CA HIS E 187 -24.80 -21.43 -9.65
C HIS E 187 -26.31 -21.47 -9.93
N GLU E 188 -27.07 -20.59 -9.26
CA GLU E 188 -28.52 -20.53 -9.42
C GLU E 188 -29.02 -19.70 -10.60
N VAL E 189 -30.32 -19.70 -10.80
CA VAL E 189 -30.88 -18.98 -11.93
C VAL E 189 -30.48 -17.52 -12.08
N ALA E 190 -30.70 -16.76 -11.01
CA ALA E 190 -30.41 -15.34 -10.99
C ALA E 190 -28.91 -15.10 -10.80
N PRO E 191 -28.41 -14.01 -11.38
CA PRO E 191 -26.99 -13.68 -11.25
C PRO E 191 -26.60 -13.37 -9.81
N GLY E 192 -25.53 -14.01 -9.35
CA GLY E 192 -25.05 -13.80 -8.01
C GLY E 192 -25.68 -14.71 -6.99
N GLN E 193 -26.54 -15.61 -7.44
CA GLN E 193 -27.23 -16.54 -6.56
C GLN E 193 -26.54 -17.92 -6.53
N HIS E 194 -26.36 -18.51 -5.35
CA HIS E 194 -25.71 -19.81 -5.27
C HIS E 194 -26.51 -20.83 -4.47
N GLU E 195 -26.19 -22.10 -4.69
CA GLU E 195 -26.86 -23.19 -4.02
C GLU E 195 -25.92 -24.34 -3.66
N ILE E 196 -25.98 -24.75 -2.39
CA ILE E 196 -25.19 -25.86 -1.88
C ILE E 196 -26.16 -26.89 -1.30
N ASP E 197 -26.27 -28.03 -1.96
CA ASP E 197 -27.17 -29.08 -1.52
C ASP E 197 -26.55 -30.06 -0.54
N PHE E 198 -27.26 -30.34 0.54
CA PHE E 198 -26.78 -31.26 1.57
C PHE E 198 -27.17 -32.69 1.24
N LYS E 199 -26.69 -33.63 2.04
CA LYS E 199 -27.03 -35.01 1.82
C LYS E 199 -28.13 -35.35 2.82
N TYR E 200 -28.75 -36.52 2.62
CA TYR E 200 -29.82 -37.01 3.48
C TYR E 200 -29.34 -36.93 4.92
N ALA E 201 -30.23 -36.63 5.86
CA ALA E 201 -29.82 -36.57 7.26
C ALA E 201 -31.05 -36.57 8.15
N GLY E 202 -30.89 -37.04 9.38
CA GLY E 202 -32.02 -37.06 10.31
C GLY E 202 -32.53 -35.66 10.60
N ALA E 203 -33.82 -35.52 10.83
CA ALA E 203 -34.39 -34.21 11.09
C ALA E 203 -33.47 -33.28 11.90
N VAL E 204 -33.37 -33.55 13.19
CA VAL E 204 -32.55 -32.72 14.06
C VAL E 204 -31.15 -32.48 13.55
N ARG E 205 -30.46 -33.53 13.13
CA ARG E 205 -29.11 -33.31 12.64
C ARG E 205 -29.16 -32.43 11.40
N SER E 206 -30.02 -32.78 10.45
CA SER E 206 -30.13 -31.99 9.24
C SER E 206 -30.44 -30.53 9.51
N CYS E 207 -31.33 -30.30 10.46
CA CYS E 207 -31.68 -28.93 10.84
C CYS E 207 -30.49 -28.24 11.51
N ASP E 208 -29.72 -28.98 12.30
CA ASP E 208 -28.54 -28.40 12.94
C ASP E 208 -27.52 -27.96 11.90
N ASP E 209 -27.40 -28.74 10.83
CA ASP E 209 -26.47 -28.42 9.76
C ASP E 209 -26.93 -27.19 8.96
N ILE E 210 -28.23 -26.97 8.87
CA ILE E 210 -28.76 -25.81 8.16
C ILE E 210 -28.34 -24.54 8.91
N GLN E 211 -28.44 -24.58 10.24
CA GLN E 211 -28.04 -23.46 11.07
C GLN E 211 -26.53 -23.22 10.88
N THR E 212 -25.73 -24.26 11.00
CA THR E 212 -24.29 -24.10 10.83
C THR E 212 -23.92 -23.60 9.43
N PHE E 213 -24.64 -24.11 8.44
CA PHE E 213 -24.41 -23.74 7.04
C PHE E 213 -24.46 -22.24 6.83
N LYS E 214 -25.55 -21.64 7.33
CA LYS E 214 -25.74 -20.21 7.20
C LYS E 214 -24.56 -19.48 7.83
N LEU E 215 -24.12 -19.97 9.00
CA LEU E 215 -23.00 -19.40 9.76
C LEU E 215 -21.73 -19.49 8.92
N VAL E 216 -21.42 -20.67 8.41
CA VAL E 216 -20.24 -20.84 7.59
C VAL E 216 -20.39 -20.01 6.30
N VAL E 217 -21.58 -19.99 5.70
CA VAL E 217 -21.76 -19.20 4.49
C VAL E 217 -21.59 -17.71 4.75
N LYS E 218 -22.23 -17.20 5.79
CA LYS E 218 -22.10 -15.78 6.06
C LYS E 218 -20.67 -15.33 6.39
N THR E 219 -19.98 -16.11 7.24
CA THR E 219 -18.61 -15.83 7.69
C THR E 219 -17.57 -15.85 6.56
N ILE E 220 -17.51 -16.97 5.82
CA ILE E 220 -16.57 -17.12 4.72
C ILE E 220 -16.81 -16.05 3.66
N ALA E 221 -18.08 -15.76 3.41
CA ALA E 221 -18.43 -14.75 2.42
C ALA E 221 -17.85 -13.40 2.82
N ARG E 222 -17.97 -13.06 4.10
CA ARG E 222 -17.45 -11.78 4.56
C ARG E 222 -15.93 -11.74 4.46
N LYS E 223 -15.32 -12.92 4.58
CA LYS E 223 -13.88 -13.05 4.49
C LYS E 223 -13.42 -12.85 3.03
N HIS E 224 -14.34 -12.93 2.07
CA HIS E 224 -13.99 -12.70 0.65
C HIS E 224 -14.46 -11.34 0.18
N GLY E 225 -14.79 -10.46 1.12
CA GLY E 225 -15.27 -9.13 0.77
C GLY E 225 -16.66 -9.13 0.18
N LEU E 226 -17.43 -10.15 0.54
CA LEU E 226 -18.79 -10.30 0.03
C LEU E 226 -19.79 -10.38 1.18
N HIS E 227 -21.06 -10.30 0.84
CA HIS E 227 -22.14 -10.37 1.83
C HIS E 227 -23.17 -11.44 1.45
N ALA E 228 -23.24 -12.50 2.25
CA ALA E 228 -24.18 -13.57 1.99
C ALA E 228 -25.54 -13.26 2.63
N THR E 229 -26.61 -13.58 1.89
CA THR E 229 -27.97 -13.34 2.40
C THR E 229 -28.98 -14.42 2.04
N PHE E 230 -29.73 -14.86 3.03
CA PHE E 230 -30.74 -15.87 2.84
C PHE E 230 -32.13 -15.25 2.79
N MET E 231 -32.19 -13.96 2.48
CA MET E 231 -33.45 -13.26 2.38
C MET E 231 -34.19 -13.83 1.17
N PRO E 232 -35.46 -14.27 1.35
CA PRO E 232 -36.26 -14.84 0.27
C PRO E 232 -36.21 -14.09 -1.05
N LYS E 233 -36.54 -12.81 -1.01
CA LYS E 233 -36.53 -12.01 -2.22
C LYS E 233 -35.81 -10.67 -2.02
N PRO E 234 -34.49 -10.67 -2.26
CA PRO E 234 -33.66 -9.47 -2.12
C PRO E 234 -33.95 -8.42 -3.18
N LEU E 235 -34.19 -8.89 -4.41
CA LEU E 235 -34.42 -8.01 -5.54
C LEU E 235 -35.70 -8.27 -6.31
N PHE E 236 -36.42 -7.21 -6.60
CA PHE E 236 -37.65 -7.31 -7.35
C PHE E 236 -37.30 -7.62 -8.80
N GLY E 237 -38.04 -8.52 -9.42
CA GLY E 237 -37.75 -8.83 -10.81
C GLY E 237 -36.78 -9.97 -11.03
N VAL E 238 -35.90 -10.25 -10.07
CA VAL E 238 -34.97 -11.37 -10.28
C VAL E 238 -35.51 -12.54 -9.44
N ASN E 239 -34.97 -13.73 -9.70
CA ASN E 239 -35.38 -14.93 -8.97
C ASN E 239 -35.19 -14.74 -7.46
N GLY E 240 -36.01 -15.42 -6.66
CA GLY E 240 -35.86 -15.33 -5.21
C GLY E 240 -35.17 -16.59 -4.75
N SER E 241 -34.78 -16.66 -3.47
CA SER E 241 -34.12 -17.85 -2.95
C SER E 241 -35.06 -18.70 -2.11
N GLY E 242 -35.07 -20.00 -2.37
CA GLY E 242 -35.93 -20.86 -1.60
C GLY E 242 -35.07 -21.92 -0.95
N MET E 243 -35.68 -22.72 -0.08
CA MET E 243 -34.97 -23.81 0.58
C MET E 243 -35.79 -25.09 0.47
N HIS E 244 -35.75 -25.68 -0.71
CA HIS E 244 -36.51 -26.90 -0.92
C HIS E 244 -36.18 -27.96 0.12
N CYS E 245 -37.21 -28.65 0.59
CA CYS E 245 -37.03 -29.68 1.57
C CYS E 245 -37.46 -31.02 1.01
N ASN E 246 -36.48 -31.91 0.89
CA ASN E 246 -36.71 -33.26 0.41
C ASN E 246 -36.92 -34.13 1.62
N LEU E 247 -38.18 -34.42 1.92
CA LEU E 247 -38.52 -35.24 3.06
C LEU E 247 -38.61 -36.70 2.67
N SER E 248 -38.48 -37.59 3.66
CA SER E 248 -38.55 -39.06 3.48
C SER E 248 -38.76 -39.82 4.80
N LEU E 249 -39.83 -40.62 4.87
CA LEU E 249 -40.12 -41.40 6.06
C LEU E 249 -39.57 -42.83 6.00
N PHE E 250 -39.09 -43.33 7.13
CA PHE E 250 -38.52 -44.68 7.25
C PHE E 250 -39.23 -45.53 8.32
N LYS E 251 -39.29 -46.83 8.09
CA LYS E 251 -39.89 -47.73 9.06
C LYS E 251 -39.01 -48.96 9.17
N ASN E 252 -38.46 -49.17 10.36
CA ASN E 252 -37.57 -50.31 10.62
C ASN E 252 -36.24 -50.18 9.87
N GLY E 253 -35.96 -48.98 9.36
CA GLY E 253 -34.72 -48.77 8.65
C GLY E 253 -34.85 -48.81 7.13
N VAL E 254 -36.08 -48.83 6.63
CA VAL E 254 -36.31 -48.86 5.18
C VAL E 254 -37.18 -47.69 4.75
N ASN E 255 -36.92 -47.19 3.56
CA ASN E 255 -37.68 -46.07 3.01
C ASN E 255 -39.16 -46.42 2.92
N ALA E 256 -39.95 -45.90 3.84
CA ALA E 256 -41.38 -46.19 3.84
C ALA E 256 -42.15 -45.49 2.72
N PHE E 257 -41.44 -44.73 1.89
CA PHE E 257 -42.08 -44.02 0.79
C PHE E 257 -42.01 -44.74 -0.54
N PHE E 258 -41.25 -45.84 -0.57
CA PHE E 258 -41.09 -46.63 -1.79
C PHE E 258 -41.99 -47.84 -1.87
N ASP E 259 -42.50 -48.09 -3.08
CA ASP E 259 -43.35 -49.24 -3.36
C ASP E 259 -43.20 -49.60 -4.82
N GLU E 260 -42.26 -50.50 -5.10
CA GLU E 260 -41.98 -50.98 -6.46
C GLU E 260 -43.11 -51.89 -6.95
N ASN E 261 -44.28 -51.30 -7.16
CA ASN E 261 -45.46 -52.04 -7.63
C ASN E 261 -46.63 -51.09 -7.83
N ALA E 262 -46.71 -50.05 -7.00
CA ALA E 262 -47.80 -49.08 -7.12
C ALA E 262 -47.38 -47.95 -8.05
N ASP E 263 -48.36 -47.23 -8.57
CA ASP E 263 -48.12 -46.11 -9.50
C ASP E 263 -46.97 -45.21 -9.01
N LEU E 264 -46.13 -44.76 -9.94
CA LEU E 264 -45.04 -43.88 -9.57
C LEU E 264 -44.17 -44.52 -8.50
N GLN E 265 -44.33 -45.82 -8.30
CA GLN E 265 -43.57 -46.55 -7.32
C GLN E 265 -43.69 -45.90 -5.93
N LEU E 266 -44.83 -45.27 -5.68
CA LEU E 266 -45.05 -44.66 -4.38
C LEU E 266 -46.00 -45.53 -3.59
N SER E 267 -45.75 -45.60 -2.29
CA SER E 267 -46.56 -46.41 -1.39
C SER E 267 -47.80 -45.67 -0.89
N GLU E 268 -48.67 -46.39 -0.20
CA GLU E 268 -49.88 -45.79 0.35
C GLU E 268 -49.47 -44.77 1.42
N THR E 269 -48.42 -45.10 2.17
CA THR E 269 -47.92 -44.21 3.23
C THR E 269 -47.41 -42.90 2.61
N ALA E 270 -46.73 -43.00 1.47
CA ALA E 270 -46.18 -41.85 0.77
C ALA E 270 -47.29 -40.93 0.33
N LYS E 271 -48.32 -41.50 -0.30
CA LYS E 271 -49.43 -40.69 -0.77
C LYS E 271 -50.23 -40.09 0.38
N HIS E 272 -50.33 -40.81 1.49
CA HIS E 272 -51.05 -40.27 2.63
C HIS E 272 -50.29 -39.04 3.09
N PHE E 273 -48.96 -39.15 3.04
CA PHE E 273 -48.07 -38.07 3.41
C PHE E 273 -48.43 -36.88 2.50
N ILE E 274 -48.45 -37.12 1.20
CA ILE E 274 -48.78 -36.08 0.21
C ILE E 274 -50.08 -35.40 0.61
N ALA E 275 -51.06 -36.18 1.03
CA ALA E 275 -52.36 -35.62 1.42
C ALA E 275 -52.25 -34.69 2.61
N GLY E 276 -51.53 -35.13 3.63
CA GLY E 276 -51.36 -34.35 4.84
C GLY E 276 -50.74 -33.01 4.51
N ILE E 277 -49.71 -33.04 3.67
CA ILE E 277 -49.02 -31.84 3.26
C ILE E 277 -49.95 -30.90 2.51
N VAL E 278 -50.79 -31.45 1.63
CA VAL E 278 -51.72 -30.65 0.83
C VAL E 278 -52.83 -30.02 1.69
N LYS E 279 -53.33 -30.78 2.67
CA LYS E 279 -54.39 -30.31 3.56
C LYS E 279 -53.95 -29.15 4.44
N HIS E 280 -52.67 -29.15 4.82
CA HIS E 280 -52.14 -28.11 5.72
C HIS E 280 -51.21 -27.10 5.09
N ALA E 281 -50.88 -27.33 3.83
CA ALA E 281 -49.98 -26.44 3.11
C ALA E 281 -50.24 -24.96 3.38
N THR E 282 -51.44 -24.48 3.10
CA THR E 282 -51.76 -23.06 3.31
C THR E 282 -51.75 -22.66 4.77
N SER E 283 -51.81 -23.64 5.65
CA SER E 283 -51.82 -23.37 7.09
C SER E 283 -50.41 -23.27 7.68
N PHE E 284 -49.46 -24.05 7.17
CA PHE E 284 -48.13 -23.97 7.75
C PHE E 284 -47.18 -23.03 7.02
N THR E 285 -47.69 -22.38 5.98
CA THR E 285 -46.88 -21.43 5.24
C THR E 285 -46.34 -20.32 6.14
N ALA E 286 -47.11 -19.89 7.13
CA ALA E 286 -46.62 -18.84 8.02
C ALA E 286 -45.31 -19.27 8.70
N VAL E 287 -45.11 -20.57 8.87
CA VAL E 287 -43.90 -21.09 9.51
C VAL E 287 -42.73 -21.35 8.53
N THR E 288 -43.05 -21.87 7.34
CA THR E 288 -42.05 -22.17 6.31
C THR E 288 -41.62 -20.93 5.53
N ASN E 289 -42.34 -19.83 5.77
CA ASN E 289 -42.11 -18.52 5.14
C ASN E 289 -42.57 -17.49 6.19
N PRO E 290 -41.77 -17.33 7.25
CA PRO E 290 -42.04 -16.42 8.37
C PRO E 290 -41.95 -14.90 8.21
N THR E 291 -41.19 -14.45 7.23
CA THR E 291 -41.00 -13.01 7.01
C THR E 291 -41.99 -12.45 6.00
N VAL E 292 -42.14 -11.12 6.02
CA VAL E 292 -43.03 -10.43 5.09
C VAL E 292 -42.54 -10.65 3.67
N ASN E 293 -41.27 -10.35 3.44
CA ASN E 293 -40.58 -10.49 2.16
C ASN E 293 -40.66 -11.92 1.62
N SER E 294 -40.91 -12.87 2.51
CA SER E 294 -41.01 -14.26 2.07
C SER E 294 -42.13 -14.43 1.06
N TYR E 295 -43.08 -13.50 1.04
CA TYR E 295 -44.21 -13.58 0.14
C TYR E 295 -44.02 -12.79 -1.16
N LYS E 296 -42.87 -12.14 -1.29
CA LYS E 296 -42.60 -11.38 -2.50
C LYS E 296 -41.92 -12.38 -3.41
N ARG E 297 -41.53 -13.52 -2.83
CA ARG E 297 -40.88 -14.57 -3.59
C ARG E 297 -41.96 -15.49 -4.15
N LEU E 298 -43.03 -15.67 -3.37
CA LEU E 298 -44.15 -16.51 -3.78
C LEU E 298 -45.01 -15.77 -4.79
N VAL E 299 -44.38 -15.36 -5.87
CA VAL E 299 -45.04 -14.64 -6.95
C VAL E 299 -44.76 -15.42 -8.21
N PRO E 300 -45.78 -15.59 -9.05
CA PRO E 300 -45.64 -16.34 -10.30
C PRO E 300 -44.56 -15.80 -11.24
N GLY E 301 -43.96 -16.74 -11.99
CA GLY E 301 -42.92 -16.42 -12.97
C GLY E 301 -41.47 -16.55 -12.54
N TYR E 302 -41.23 -16.98 -11.32
CA TYR E 302 -39.88 -17.11 -10.80
C TYR E 302 -39.58 -18.50 -10.28
N GLU E 303 -40.30 -19.49 -10.81
CA GLU E 303 -40.10 -20.88 -10.40
C GLU E 303 -40.21 -21.06 -8.89
N ALA E 304 -41.26 -20.49 -8.30
CA ALA E 304 -41.51 -20.59 -6.87
C ALA E 304 -42.98 -20.96 -6.70
N PRO E 305 -43.28 -21.85 -5.75
CA PRO E 305 -44.65 -22.30 -5.49
C PRO E 305 -45.64 -21.17 -5.26
N CYS E 306 -46.81 -21.29 -5.86
CA CYS E 306 -47.86 -20.29 -5.68
C CYS E 306 -49.21 -20.95 -5.43
N TYR E 307 -49.31 -22.25 -5.74
CA TYR E 307 -50.56 -22.97 -5.54
C TYR E 307 -50.34 -24.34 -4.90
N VAL E 308 -51.31 -24.81 -4.13
CA VAL E 308 -51.13 -26.11 -3.50
C VAL E 308 -51.40 -27.24 -4.48
N ALA E 309 -50.33 -27.91 -4.91
CA ALA E 309 -50.47 -29.02 -5.86
C ALA E 309 -49.17 -29.80 -5.95
N TRP E 310 -49.24 -31.07 -6.35
CA TRP E 310 -48.04 -31.86 -6.48
C TRP E 310 -47.94 -32.51 -7.86
N SER E 311 -46.71 -32.68 -8.33
CA SER E 311 -46.45 -33.28 -9.63
C SER E 311 -45.04 -33.88 -9.66
N ALA E 312 -44.72 -34.59 -10.74
CA ALA E 312 -43.40 -35.20 -10.85
C ALA E 312 -42.55 -34.38 -11.81
N GLN E 313 -43.23 -33.58 -12.63
CA GLN E 313 -42.60 -32.74 -13.63
C GLN E 313 -43.53 -31.57 -13.92
N ASN E 314 -43.16 -30.39 -13.44
CA ASN E 314 -43.97 -29.22 -13.69
C ASN E 314 -43.20 -27.92 -13.51
N ARG E 315 -43.77 -26.84 -14.06
CA ARG E 315 -43.17 -25.51 -13.99
C ARG E 315 -42.58 -25.18 -12.64
N SER E 316 -43.43 -25.19 -11.62
CA SER E 316 -42.97 -24.90 -10.25
C SER E 316 -44.02 -25.31 -9.22
N PRO E 317 -44.20 -26.63 -9.03
CA PRO E 317 -45.16 -27.18 -8.08
C PRO E 317 -44.77 -27.01 -6.61
N LEU E 318 -45.77 -27.16 -5.73
CA LEU E 318 -45.54 -27.03 -4.30
C LEU E 318 -44.83 -28.26 -3.79
N ILE E 319 -45.33 -29.41 -4.25
CA ILE E 319 -44.78 -30.70 -3.88
C ILE E 319 -44.24 -31.35 -5.15
N ARG E 320 -43.02 -31.84 -5.10
CA ARG E 320 -42.44 -32.50 -6.25
C ARG E 320 -41.83 -33.82 -5.81
N ILE E 321 -42.05 -34.86 -6.60
CA ILE E 321 -41.51 -36.18 -6.29
C ILE E 321 -40.34 -36.48 -7.23
N PRO E 322 -39.10 -36.30 -6.76
CA PRO E 322 -37.88 -36.55 -7.55
C PRO E 322 -37.89 -37.89 -8.26
N ALA E 323 -37.15 -37.97 -9.36
CA ALA E 323 -37.07 -39.20 -10.14
C ALA E 323 -36.62 -40.39 -9.31
N SER E 324 -35.46 -40.25 -8.68
CA SER E 324 -34.87 -41.31 -7.84
C SER E 324 -35.90 -42.08 -7.02
N ARG E 325 -35.76 -43.39 -6.98
CA ARG E 325 -36.65 -44.24 -6.20
C ARG E 325 -35.86 -45.10 -5.23
N GLY E 326 -36.51 -46.13 -4.70
CA GLY E 326 -35.87 -47.01 -3.75
C GLY E 326 -35.64 -46.25 -2.45
N ILE E 327 -34.44 -46.35 -1.90
CA ILE E 327 -34.12 -45.66 -0.67
C ILE E 327 -34.10 -44.15 -0.90
N SER E 328 -34.11 -43.75 -2.16
CA SER E 328 -34.07 -42.34 -2.49
C SER E 328 -35.44 -41.72 -2.71
N THR E 329 -36.48 -42.53 -2.69
CA THR E 329 -37.82 -41.99 -2.89
C THR E 329 -38.10 -40.93 -1.85
N ARG E 330 -38.42 -39.73 -2.32
CA ARG E 330 -38.66 -38.63 -1.41
C ARG E 330 -39.70 -37.62 -1.89
N VAL E 331 -40.29 -36.89 -0.94
CA VAL E 331 -41.31 -35.89 -1.23
C VAL E 331 -40.70 -34.52 -1.05
N GLU E 332 -40.54 -33.77 -2.13
CA GLU E 332 -39.94 -32.46 -2.03
C GLU E 332 -40.97 -31.37 -1.83
N VAL E 333 -40.73 -30.52 -0.84
CA VAL E 333 -41.60 -29.38 -0.58
C VAL E 333 -40.81 -28.15 -0.98
N ARG E 334 -41.30 -27.47 -2.02
CA ARG E 334 -40.60 -26.31 -2.57
C ARG E 334 -41.00 -24.93 -2.04
N SER E 335 -42.03 -24.85 -1.22
CA SER E 335 -42.48 -23.57 -0.67
C SER E 335 -41.54 -22.98 0.38
N VAL E 336 -40.94 -23.85 1.17
CA VAL E 336 -40.00 -23.47 2.24
C VAL E 336 -38.87 -22.60 1.72
N ASP E 337 -38.47 -21.59 2.51
CA ASP E 337 -37.37 -20.73 2.09
C ASP E 337 -36.29 -20.63 3.17
N PRO E 338 -35.12 -20.10 2.81
CA PRO E 338 -33.99 -19.95 3.73
C PRO E 338 -34.26 -19.13 4.99
N ALA E 339 -35.26 -18.25 4.95
CA ALA E 339 -35.55 -17.43 6.13
C ALA E 339 -36.30 -18.22 7.18
N ALA E 340 -36.75 -19.40 6.81
CA ALA E 340 -37.49 -20.25 7.74
C ALA E 340 -36.62 -20.87 8.82
N ASN E 341 -37.18 -20.90 10.03
CA ASN E 341 -36.54 -21.49 11.20
C ASN E 341 -36.59 -22.99 10.94
N PRO E 342 -35.44 -23.60 10.57
CA PRO E 342 -35.38 -25.03 10.29
C PRO E 342 -36.11 -25.94 11.28
N TYR E 343 -35.83 -25.80 12.58
CA TYR E 343 -36.48 -26.64 13.59
C TYR E 343 -38.01 -26.54 13.55
N LEU E 344 -38.54 -25.32 13.51
CA LEU E 344 -39.98 -25.10 13.44
C LEU E 344 -40.52 -25.58 12.09
N ALA E 345 -39.84 -25.19 11.02
CA ALA E 345 -40.24 -25.60 9.66
C ALA E 345 -40.45 -27.10 9.52
N LEU E 346 -39.52 -27.89 10.03
CA LEU E 346 -39.67 -29.34 9.95
C LEU E 346 -40.77 -29.88 10.83
N SER E 347 -40.88 -29.32 12.03
CA SER E 347 -41.90 -29.76 12.96
C SER E 347 -43.27 -29.69 12.28
N VAL E 348 -43.60 -28.53 11.74
CA VAL E 348 -44.87 -28.32 11.08
C VAL E 348 -45.01 -29.21 9.84
N LEU E 349 -43.93 -29.42 9.13
CA LEU E 349 -43.98 -30.28 7.94
C LEU E 349 -44.18 -31.73 8.34
N LEU E 350 -43.61 -32.15 9.46
CA LEU E 350 -43.74 -33.53 9.90
C LEU E 350 -45.16 -33.77 10.40
N ALA E 351 -45.67 -32.82 11.17
CA ALA E 351 -47.01 -32.90 11.72
C ALA E 351 -48.04 -32.97 10.58
N ALA E 352 -47.84 -32.19 9.51
CA ALA E 352 -48.78 -32.22 8.40
C ALA E 352 -48.81 -33.62 7.78
N GLY E 353 -47.64 -34.11 7.37
CA GLY E 353 -47.55 -35.43 6.79
C GLY E 353 -48.16 -36.52 7.67
N LEU E 354 -47.65 -36.63 8.90
CA LEU E 354 -48.13 -37.63 9.85
C LEU E 354 -49.65 -37.57 10.05
N ASP E 355 -50.22 -36.39 9.92
CA ASP E 355 -51.65 -36.23 10.08
C ASP E 355 -52.35 -37.00 8.98
N GLY E 356 -51.83 -36.91 7.76
CA GLY E 356 -52.44 -37.62 6.66
C GLY E 356 -52.26 -39.12 6.76
N ILE E 357 -51.10 -39.54 7.24
CA ILE E 357 -50.81 -40.97 7.36
C ILE E 357 -51.67 -41.58 8.45
N LYS E 358 -51.70 -40.91 9.60
CA LYS E 358 -52.48 -41.38 10.74
C LYS E 358 -53.98 -41.44 10.42
N ASN E 359 -54.51 -40.44 9.71
CA ASN E 359 -55.94 -40.41 9.35
C ASN E 359 -56.19 -40.93 7.93
N LYS E 360 -55.17 -41.53 7.32
CA LYS E 360 -55.30 -42.08 5.98
C LYS E 360 -56.02 -41.11 5.03
N LEU E 361 -55.58 -39.87 4.99
CA LEU E 361 -56.18 -38.88 4.11
C LEU E 361 -55.91 -39.25 2.65
N GLU E 362 -56.90 -39.02 1.79
CA GLU E 362 -56.81 -39.31 0.36
C GLU E 362 -55.98 -38.22 -0.34
N ALA E 363 -54.99 -38.65 -1.12
CA ALA E 363 -54.13 -37.71 -1.85
C ALA E 363 -54.80 -37.23 -3.13
N PRO E 364 -54.74 -35.92 -3.40
CA PRO E 364 -55.36 -35.38 -4.61
C PRO E 364 -54.73 -35.97 -5.87
N ALA E 365 -55.25 -35.58 -7.02
CA ALA E 365 -54.72 -36.07 -8.27
C ALA E 365 -53.51 -35.27 -8.70
N PRO E 366 -52.50 -35.97 -9.23
CA PRO E 366 -51.30 -35.27 -9.67
C PRO E 366 -51.71 -34.21 -10.68
N ILE E 367 -50.82 -33.27 -10.97
CA ILE E 367 -51.14 -32.22 -11.92
C ILE E 367 -49.95 -31.84 -12.78
N ASP E 368 -49.78 -32.55 -13.89
CA ASP E 368 -48.70 -32.27 -14.81
C ASP E 368 -49.23 -31.21 -15.76
N ARG E 369 -50.39 -30.67 -15.37
CA ARG E 369 -51.10 -29.63 -16.09
C ARG E 369 -50.35 -28.31 -15.88
N ASN E 370 -50.92 -27.20 -16.33
CA ASN E 370 -50.26 -25.91 -16.14
C ASN E 370 -51.11 -24.92 -15.36
N ILE E 371 -50.70 -24.66 -14.12
CA ILE E 371 -51.40 -23.74 -13.24
C ILE E 371 -51.13 -22.30 -13.64
N TYR E 372 -49.94 -22.07 -14.21
CA TYR E 372 -49.54 -20.74 -14.64
C TYR E 372 -50.50 -20.05 -15.59
N VAL E 373 -51.01 -20.77 -16.59
CA VAL E 373 -51.93 -20.19 -17.55
C VAL E 373 -53.38 -20.15 -17.09
N MET E 374 -53.91 -21.31 -16.74
CA MET E 374 -55.30 -21.38 -16.29
C MET E 374 -55.56 -20.38 -15.18
N SER E 375 -56.58 -19.54 -15.39
CA SER E 375 -56.94 -18.52 -14.40
C SER E 375 -57.48 -19.18 -13.14
N LYS E 376 -57.93 -18.35 -12.21
CA LYS E 376 -58.46 -18.84 -10.94
C LYS E 376 -59.75 -19.62 -11.18
N GLU E 377 -60.37 -19.39 -12.34
CA GLU E 377 -61.61 -20.06 -12.69
C GLU E 377 -61.41 -21.57 -12.67
N GLU E 378 -60.41 -22.03 -13.41
CA GLU E 378 -60.09 -23.45 -13.47
C GLU E 378 -59.54 -23.90 -12.11
N ARG E 379 -58.69 -23.05 -11.51
CA ARG E 379 -58.10 -23.36 -10.20
C ARG E 379 -59.21 -23.62 -9.19
N MET E 380 -60.34 -22.97 -9.43
CA MET E 380 -61.50 -23.14 -8.56
C MET E 380 -62.19 -24.42 -9.01
N GLU E 381 -62.41 -24.55 -10.32
CA GLU E 381 -63.06 -25.74 -10.89
C GLU E 381 -62.30 -26.99 -10.47
N ASN E 382 -61.03 -26.80 -10.09
CA ASN E 382 -60.19 -27.90 -9.63
C ASN E 382 -59.84 -27.64 -8.19
N GLY E 383 -59.22 -28.62 -7.53
CA GLY E 383 -58.87 -28.43 -6.13
C GLY E 383 -57.62 -27.60 -5.95
N ILE E 384 -57.48 -26.59 -6.80
CA ILE E 384 -56.31 -25.74 -6.75
C ILE E 384 -56.51 -24.48 -5.93
N VAL E 385 -55.98 -24.50 -4.72
CA VAL E 385 -56.11 -23.35 -3.86
C VAL E 385 -54.78 -22.61 -3.87
N ASP E 386 -54.86 -21.31 -3.69
CA ASP E 386 -53.70 -20.45 -3.68
C ASP E 386 -53.11 -20.42 -2.28
N LEU E 387 -51.83 -20.12 -2.19
CA LEU E 387 -51.18 -20.02 -0.89
C LEU E 387 -51.44 -18.59 -0.39
N PRO E 388 -51.30 -18.36 0.92
CA PRO E 388 -51.53 -17.00 1.43
C PRO E 388 -50.63 -15.98 0.72
N ALA E 389 -51.22 -14.87 0.28
CA ALA E 389 -50.49 -13.82 -0.44
C ALA E 389 -49.61 -12.92 0.43
N THR E 390 -49.95 -12.82 1.72
CA THR E 390 -49.17 -11.99 2.64
C THR E 390 -48.91 -12.70 3.97
N LEU E 391 -47.96 -12.17 4.74
CA LEU E 391 -47.65 -12.77 6.01
C LEU E 391 -48.94 -12.80 6.85
N ALA E 392 -49.67 -11.67 6.85
CA ALA E 392 -50.94 -11.53 7.56
C ALA E 392 -51.91 -12.65 7.24
N GLU E 393 -52.11 -12.86 5.94
CA GLU E 393 -52.98 -13.89 5.42
C GLU E 393 -52.53 -15.26 5.92
N ALA E 394 -51.24 -15.52 5.86
CA ALA E 394 -50.73 -16.80 6.30
C ALA E 394 -50.88 -16.99 7.81
N LEU E 395 -50.78 -15.91 8.57
CA LEU E 395 -50.91 -15.99 10.01
C LEU E 395 -52.34 -16.26 10.46
N GLU E 396 -53.30 -15.84 9.64
CA GLU E 396 -54.69 -16.06 9.99
C GLU E 396 -55.03 -17.52 9.76
N GLU E 397 -54.46 -18.08 8.69
CA GLU E 397 -54.65 -19.49 8.32
C GLU E 397 -53.98 -20.40 9.34
N PHE E 398 -52.76 -20.06 9.74
CA PHE E 398 -52.04 -20.88 10.70
C PHE E 398 -52.84 -21.04 12.00
N LYS E 399 -53.38 -19.95 12.54
CA LYS E 399 -54.14 -20.01 13.78
C LYS E 399 -55.37 -20.93 13.70
N SER E 400 -56.10 -20.86 12.59
CA SER E 400 -57.27 -21.70 12.46
C SER E 400 -56.95 -23.21 12.50
N ASN E 401 -55.89 -23.63 11.80
CA ASN E 401 -55.50 -25.03 11.76
C ASN E 401 -55.09 -25.50 13.15
N GLU E 402 -55.79 -26.51 13.64
CA GLU E 402 -55.52 -27.02 14.97
C GLU E 402 -54.31 -27.94 15.09
N VAL E 403 -54.12 -28.83 14.13
CA VAL E 403 -52.99 -29.74 14.16
C VAL E 403 -51.68 -28.99 13.98
N MET E 404 -51.71 -27.95 13.14
CA MET E 404 -50.52 -27.13 12.88
C MET E 404 -50.15 -26.34 14.11
N VAL E 405 -51.16 -25.76 14.76
CA VAL E 405 -50.94 -24.99 15.97
C VAL E 405 -50.35 -25.87 17.06
N LYS E 406 -50.97 -27.03 17.29
CA LYS E 406 -50.49 -27.97 18.31
C LYS E 406 -49.15 -28.57 17.89
N ALA E 407 -48.75 -28.28 16.66
CA ALA E 407 -47.49 -28.80 16.17
C ALA E 407 -46.33 -27.97 16.74
N LEU E 408 -46.61 -26.73 17.15
CA LEU E 408 -45.57 -25.87 17.73
C LEU E 408 -45.61 -25.82 19.25
N GLY E 409 -46.76 -26.11 19.85
CA GLY E 409 -46.87 -26.08 21.29
C GLY E 409 -47.36 -24.73 21.80
N GLU E 410 -47.96 -24.73 22.98
CA GLU E 410 -48.49 -23.52 23.62
C GLU E 410 -47.51 -22.35 23.61
N HIS E 411 -46.38 -22.53 24.31
CA HIS E 411 -45.34 -21.51 24.45
C HIS E 411 -44.77 -21.02 23.10
N LEU E 412 -44.29 -21.93 22.25
CA LEU E 412 -43.75 -21.52 20.95
C LEU E 412 -44.78 -20.76 20.12
N PHE E 413 -45.94 -21.37 19.92
CA PHE E 413 -47.00 -20.75 19.15
C PHE E 413 -47.26 -19.32 19.62
N GLU E 414 -47.63 -19.18 20.90
CA GLU E 414 -47.94 -17.86 21.45
C GLU E 414 -47.00 -16.77 21.01
N HIS E 415 -45.71 -17.02 21.16
CA HIS E 415 -44.69 -16.03 20.82
C HIS E 415 -44.48 -15.86 19.32
N PHE E 416 -44.48 -16.97 18.58
CA PHE E 416 -44.32 -16.85 17.16
C PHE E 416 -45.32 -15.84 16.61
N ILE E 417 -46.61 -16.04 16.89
CA ILE E 417 -47.65 -15.11 16.42
C ILE E 417 -47.45 -13.67 16.89
N GLU E 418 -47.10 -13.51 18.16
CA GLU E 418 -46.88 -12.18 18.72
C GLU E 418 -45.76 -11.48 17.97
N ALA E 419 -44.67 -12.20 17.70
CA ALA E 419 -43.54 -11.61 16.99
C ALA E 419 -43.91 -11.21 15.56
N LYS E 420 -44.59 -12.11 14.85
CA LYS E 420 -44.97 -11.83 13.46
C LYS E 420 -46.04 -10.77 13.29
N GLU E 421 -47.03 -10.79 14.17
CA GLU E 421 -48.11 -9.80 14.10
C GLU E 421 -47.51 -8.40 14.20
N ILE E 422 -46.54 -8.25 15.08
CA ILE E 422 -45.87 -6.97 15.28
C ILE E 422 -45.04 -6.67 14.03
N GLU E 423 -44.35 -7.70 13.54
CA GLU E 423 -43.52 -7.58 12.36
C GLU E 423 -44.38 -7.05 11.22
N TRP E 424 -45.49 -7.72 10.97
CA TRP E 424 -46.41 -7.34 9.91
C TRP E 424 -46.92 -5.92 10.09
N ASP E 425 -47.38 -5.62 11.30
CA ASP E 425 -47.91 -4.31 11.61
C ASP E 425 -46.87 -3.24 11.35
N MET E 426 -45.62 -3.54 11.65
CA MET E 426 -44.58 -2.57 11.39
C MET E 426 -44.50 -2.27 9.90
N PHE E 427 -44.61 -3.32 9.08
CA PHE E 427 -44.57 -3.23 7.63
C PHE E 427 -45.79 -2.56 6.99
N ARG E 428 -46.97 -2.83 7.53
CA ARG E 428 -48.21 -2.28 6.98
C ARG E 428 -48.36 -0.79 7.22
N THR E 429 -47.75 -0.28 8.28
CA THR E 429 -47.88 1.14 8.56
C THR E 429 -46.71 1.92 7.97
N GLN E 430 -45.80 1.22 7.30
CA GLN E 430 -44.63 1.88 6.73
C GLN E 430 -44.95 2.59 5.40
N VAL E 431 -44.32 3.73 5.13
CA VAL E 431 -44.58 4.38 3.85
C VAL E 431 -43.35 4.17 2.94
N HIS E 432 -43.51 3.30 1.93
CA HIS E 432 -42.39 2.98 1.04
C HIS E 432 -42.19 3.99 -0.10
N PRO E 433 -40.93 4.15 -0.53
CA PRO E 433 -40.68 5.09 -1.62
C PRO E 433 -41.62 4.83 -2.80
N TRP E 434 -41.81 3.56 -3.14
CA TRP E 434 -42.67 3.16 -4.24
C TRP E 434 -44.02 3.87 -4.15
N GLU E 435 -44.53 4.01 -2.94
CA GLU E 435 -45.81 4.66 -2.73
C GLU E 435 -45.80 6.13 -3.18
N ARG E 436 -44.71 6.85 -2.90
CA ARG E 436 -44.61 8.25 -3.29
C ARG E 436 -44.37 8.38 -4.79
N GLU E 437 -43.54 7.52 -5.35
CA GLU E 437 -43.28 7.60 -6.79
C GLU E 437 -44.56 7.35 -7.57
N GLN E 438 -45.53 6.70 -6.93
CA GLN E 438 -46.81 6.38 -7.59
C GLN E 438 -47.91 7.37 -7.29
N TYR E 439 -47.79 8.06 -6.17
CA TYR E 439 -48.83 8.98 -5.73
C TYR E 439 -48.44 10.44 -5.51
N MET E 440 -47.24 10.64 -4.99
CA MET E 440 -46.72 11.97 -4.68
C MET E 440 -47.13 13.01 -5.72
N SER E 441 -46.94 12.72 -6.99
CA SER E 441 -47.31 13.70 -7.99
C SER E 441 -48.57 13.36 -8.76
N GLN E 442 -48.97 12.09 -8.74
CA GLN E 442 -50.17 11.66 -9.43
C GLN E 442 -51.44 12.17 -8.77
N TYR E 443 -51.33 12.50 -7.49
CA TYR E 443 -52.43 12.99 -6.66
C TYR E 443 -52.09 14.32 -6.00
N ALA F 1 -8.12 -45.73 -25.30
CA ALA F 1 -8.44 -45.07 -24.00
C ALA F 1 -7.25 -44.26 -23.52
N LYS F 2 -7.43 -43.59 -22.38
CA LYS F 2 -6.37 -42.77 -21.79
C LYS F 2 -6.33 -42.90 -20.28
N TYR F 3 -7.49 -43.11 -19.67
CA TYR F 3 -7.56 -43.23 -18.22
C TYR F 3 -8.50 -44.34 -17.80
N THR F 4 -8.19 -44.94 -16.65
CA THR F 4 -9.00 -46.00 -16.10
C THR F 4 -9.50 -45.44 -14.78
N ARG F 5 -10.63 -45.95 -14.28
CA ARG F 5 -11.16 -45.45 -13.02
C ARG F 5 -10.07 -45.47 -11.94
N GLU F 6 -9.10 -46.38 -12.07
CA GLU F 6 -8.00 -46.50 -11.09
C GLU F 6 -6.97 -45.40 -11.33
N ASP F 7 -6.71 -45.10 -12.60
CA ASP F 7 -5.76 -44.05 -12.96
C ASP F 7 -6.23 -42.73 -12.35
N ILE F 8 -7.53 -42.46 -12.47
CA ILE F 8 -8.14 -41.24 -11.94
C ILE F 8 -8.09 -41.27 -10.42
N GLU F 9 -8.43 -42.42 -9.87
CA GLU F 9 -8.42 -42.59 -8.44
C GLU F 9 -7.05 -42.23 -7.86
N LYS F 10 -5.99 -42.79 -8.46
CA LYS F 10 -4.63 -42.54 -7.98
C LYS F 10 -4.25 -41.07 -8.15
N LEU F 11 -4.55 -40.53 -9.33
CA LEU F 11 -4.26 -39.14 -9.64
C LEU F 11 -4.89 -38.18 -8.64
N VAL F 12 -6.20 -38.31 -8.41
CA VAL F 12 -6.89 -37.43 -7.48
C VAL F 12 -6.34 -37.60 -6.07
N LYS F 13 -5.78 -38.77 -5.76
CA LYS F 13 -5.25 -39.02 -4.44
C LYS F 13 -3.83 -38.45 -4.30
N GLU F 14 -3.04 -38.56 -5.36
CA GLU F 14 -1.67 -38.04 -5.36
C GLU F 14 -1.60 -36.54 -5.64
N GLU F 15 -2.52 -36.05 -6.47
CA GLU F 15 -2.55 -34.64 -6.82
C GLU F 15 -3.35 -33.81 -5.81
N ASN F 16 -3.75 -34.45 -4.72
CA ASN F 16 -4.52 -33.81 -3.67
C ASN F 16 -5.63 -32.91 -4.21
N VAL F 17 -6.50 -33.49 -5.03
CA VAL F 17 -7.63 -32.79 -5.61
C VAL F 17 -8.72 -32.72 -4.53
N LYS F 18 -9.33 -31.54 -4.37
CA LYS F 18 -10.38 -31.36 -3.38
C LYS F 18 -11.71 -30.99 -4.00
N TYR F 19 -11.67 -30.38 -5.17
CA TYR F 19 -12.88 -29.97 -5.84
C TYR F 19 -12.96 -30.58 -7.22
N ILE F 20 -14.11 -31.14 -7.56
CA ILE F 20 -14.31 -31.76 -8.87
C ILE F 20 -15.46 -31.11 -9.63
N ARG F 21 -15.16 -30.55 -10.80
CA ARG F 21 -16.17 -29.91 -11.65
C ARG F 21 -16.64 -30.88 -12.71
N LEU F 22 -17.93 -31.19 -12.71
CA LEU F 22 -18.47 -32.06 -13.73
C LEU F 22 -19.05 -31.12 -14.78
N GLN F 23 -18.28 -30.73 -15.79
CA GLN F 23 -18.84 -29.80 -16.78
C GLN F 23 -19.48 -30.37 -18.03
N PHE F 24 -20.35 -29.57 -18.62
CA PHE F 24 -21.05 -29.92 -19.83
C PHE F 24 -21.41 -28.65 -20.61
N THR F 25 -22.23 -28.78 -21.63
CA THR F 25 -22.57 -27.61 -22.44
C THR F 25 -24.02 -27.55 -22.78
N ASP F 26 -24.59 -26.36 -22.61
CA ASP F 26 -25.99 -26.14 -22.91
C ASP F 26 -26.17 -25.85 -24.39
N ILE F 27 -27.41 -25.57 -24.78
CA ILE F 27 -27.70 -25.32 -26.17
C ILE F 27 -27.02 -24.07 -26.72
N LEU F 28 -26.79 -23.09 -25.85
CA LEU F 28 -26.15 -21.84 -26.25
C LEU F 28 -24.62 -21.92 -26.25
N GLY F 29 -24.08 -23.13 -26.20
CA GLY F 29 -22.64 -23.29 -26.19
C GLY F 29 -22.03 -22.82 -24.90
N THR F 30 -22.85 -22.43 -23.94
CA THR F 30 -22.33 -21.97 -22.66
C THR F 30 -21.79 -23.09 -21.78
N ILE F 31 -20.59 -22.88 -21.26
CA ILE F 31 -19.98 -23.87 -20.41
C ILE F 31 -20.66 -23.88 -19.02
N LYS F 32 -21.24 -25.04 -18.70
CA LYS F 32 -21.95 -25.25 -17.44
C LYS F 32 -21.26 -26.34 -16.65
N ASN F 33 -21.73 -26.58 -15.43
CA ASN F 33 -21.22 -27.66 -14.59
C ASN F 33 -21.87 -27.73 -13.22
N VAL F 34 -21.70 -28.88 -12.58
CA VAL F 34 -22.20 -29.09 -11.24
C VAL F 34 -20.95 -29.47 -10.44
N GLU F 35 -20.67 -28.69 -9.39
CA GLU F 35 -19.51 -28.95 -8.57
C GLU F 35 -19.83 -29.82 -7.36
N ILE F 36 -18.95 -30.78 -7.11
CA ILE F 36 -19.08 -31.72 -6.01
C ILE F 36 -17.74 -31.83 -5.30
N PRO F 37 -17.75 -32.18 -3.99
CA PRO F 37 -16.48 -32.31 -3.24
C PRO F 37 -15.77 -33.59 -3.72
N VAL F 38 -14.45 -33.69 -3.46
CA VAL F 38 -13.69 -34.87 -3.88
C VAL F 38 -14.24 -36.13 -3.22
N SER F 39 -14.88 -35.97 -2.07
CA SER F 39 -15.46 -37.09 -1.34
C SER F 39 -16.64 -37.69 -2.10
N GLN F 40 -17.12 -36.99 -3.12
CA GLN F 40 -18.23 -37.49 -3.91
C GLN F 40 -17.72 -38.12 -5.20
N LEU F 41 -16.41 -38.15 -5.39
CA LEU F 41 -15.80 -38.70 -6.60
C LEU F 41 -16.36 -40.06 -6.99
N GLY F 42 -16.44 -40.98 -6.03
CA GLY F 42 -16.97 -42.31 -6.31
C GLY F 42 -18.33 -42.25 -6.95
N LYS F 43 -19.26 -41.52 -6.32
CA LYS F 43 -20.60 -41.38 -6.84
C LYS F 43 -20.53 -40.77 -8.25
N ALA F 44 -19.56 -39.89 -8.46
CA ALA F 44 -19.42 -39.27 -9.76
C ALA F 44 -19.06 -40.32 -10.80
N LEU F 45 -17.94 -40.99 -10.58
CA LEU F 45 -17.46 -42.03 -11.49
C LEU F 45 -18.53 -43.12 -11.66
N ASP F 46 -19.35 -43.32 -10.64
CA ASP F 46 -20.40 -44.32 -10.72
C ASP F 46 -21.62 -43.84 -11.54
N ASN F 47 -21.53 -42.65 -12.12
CA ASN F 47 -22.64 -42.13 -12.94
C ASN F 47 -23.96 -42.04 -12.17
N LYS F 48 -23.86 -41.70 -10.88
CA LYS F 48 -25.05 -41.60 -10.03
C LYS F 48 -25.41 -40.15 -9.70
N VAL F 49 -24.44 -39.26 -9.78
CA VAL F 49 -24.65 -37.83 -9.50
C VAL F 49 -25.70 -37.27 -10.46
N MET F 50 -26.75 -36.66 -9.91
CA MET F 50 -27.79 -36.09 -10.76
C MET F 50 -27.79 -34.56 -10.76
N PHE F 51 -28.65 -34.00 -11.61
CA PHE F 51 -28.79 -32.55 -11.75
C PHE F 51 -30.01 -32.25 -12.61
N ASP F 52 -30.44 -30.99 -12.59
CA ASP F 52 -31.59 -30.53 -13.34
C ASP F 52 -31.24 -30.32 -14.81
N GLY F 53 -31.49 -31.39 -15.58
CA GLY F 53 -31.20 -31.39 -16.99
C GLY F 53 -31.89 -30.33 -17.83
N SER F 54 -32.86 -29.60 -17.27
CA SER F 54 -33.48 -28.57 -18.07
C SER F 54 -32.49 -27.45 -18.30
N SER F 55 -31.43 -27.41 -17.49
CA SER F 55 -30.40 -26.38 -17.58
C SER F 55 -29.71 -26.37 -18.93
N ILE F 56 -29.85 -27.46 -19.66
CA ILE F 56 -29.26 -27.63 -20.99
C ILE F 56 -29.92 -26.71 -22.03
N GLU F 57 -31.19 -26.41 -21.83
CA GLU F 57 -31.92 -25.58 -22.78
C GLU F 57 -31.67 -24.08 -22.61
N GLY F 58 -31.05 -23.69 -21.51
CA GLY F 58 -30.77 -22.28 -21.30
C GLY F 58 -31.93 -21.49 -20.71
N PHE F 59 -32.07 -20.25 -21.15
CA PHE F 59 -33.12 -19.36 -20.65
C PHE F 59 -34.50 -19.76 -21.16
N VAL F 60 -34.56 -20.81 -21.96
CA VAL F 60 -35.85 -21.27 -22.46
C VAL F 60 -36.42 -22.40 -21.61
N ARG F 61 -35.75 -22.68 -20.50
CA ARG F 61 -36.20 -23.70 -19.55
C ARG F 61 -37.63 -23.51 -19.15
N ILE F 62 -38.35 -24.59 -18.94
CA ILE F 62 -39.73 -24.49 -18.53
C ILE F 62 -39.99 -25.28 -17.26
N GLU F 63 -39.59 -26.54 -17.28
CA GLU F 63 -39.82 -27.42 -16.16
C GLU F 63 -38.57 -28.17 -15.74
N GLU F 64 -38.34 -28.24 -14.43
CA GLU F 64 -37.18 -28.94 -13.87
C GLU F 64 -37.29 -30.46 -14.07
N SER F 65 -36.26 -31.08 -14.66
CA SER F 65 -36.29 -32.53 -14.86
C SER F 65 -34.96 -33.21 -14.50
N ASP F 66 -35.00 -34.19 -13.59
CA ASP F 66 -33.80 -34.89 -13.19
C ASP F 66 -33.11 -35.63 -14.32
N MET F 67 -31.78 -35.60 -14.27
CA MET F 67 -30.92 -36.28 -15.24
C MET F 67 -29.60 -36.69 -14.60
N TYR F 68 -28.88 -37.59 -15.26
CA TYR F 68 -27.61 -38.07 -14.76
C TYR F 68 -26.45 -37.52 -15.55
N LEU F 69 -25.29 -37.52 -14.91
CA LEU F 69 -24.05 -37.05 -15.50
C LEU F 69 -23.07 -38.22 -15.59
N TYR F 70 -22.60 -38.49 -16.81
CA TYR F 70 -21.65 -39.57 -17.03
C TYR F 70 -20.30 -38.96 -17.37
N PRO F 71 -19.39 -38.95 -16.40
CA PRO F 71 -18.06 -38.39 -16.62
C PRO F 71 -17.30 -39.20 -17.65
N ASP F 72 -16.60 -38.49 -18.54
CA ASP F 72 -15.79 -39.09 -19.56
C ASP F 72 -14.39 -39.16 -18.97
N LEU F 73 -13.99 -40.34 -18.49
CA LEU F 73 -12.67 -40.48 -17.89
C LEU F 73 -11.53 -39.83 -18.71
N ASN F 74 -11.68 -39.78 -20.03
CA ASN F 74 -10.64 -39.21 -20.86
C ASN F 74 -10.51 -37.69 -20.82
N THR F 75 -11.61 -37.01 -20.48
CA THR F 75 -11.60 -35.55 -20.41
C THR F 75 -11.10 -35.05 -19.05
N PHE F 76 -10.54 -35.95 -18.24
CA PHE F 76 -10.05 -35.57 -16.93
C PHE F 76 -8.83 -34.66 -16.99
N VAL F 77 -8.94 -33.51 -16.36
CA VAL F 77 -7.83 -32.56 -16.35
C VAL F 77 -7.71 -31.92 -15.00
N ILE F 78 -6.52 -31.43 -14.68
CA ILE F 78 -6.32 -30.77 -13.41
C ILE F 78 -5.83 -29.33 -13.65
N PHE F 79 -6.66 -28.36 -13.26
CA PHE F 79 -6.33 -26.93 -13.42
C PHE F 79 -5.14 -26.60 -12.54
N PRO F 80 -4.01 -26.21 -13.17
CA PRO F 80 -2.76 -25.86 -12.49
C PRO F 80 -2.83 -24.66 -11.57
N TRP F 81 -3.38 -23.56 -12.08
CA TRP F 81 -3.46 -22.34 -11.31
C TRP F 81 -4.10 -22.50 -9.92
N THR F 82 -5.04 -23.42 -9.78
CA THR F 82 -5.72 -23.63 -8.49
C THR F 82 -4.72 -23.92 -7.39
N ALA F 83 -4.85 -23.21 -6.27
CA ALA F 83 -3.92 -23.40 -5.17
C ALA F 83 -3.81 -24.83 -4.66
N GLU F 84 -2.60 -25.20 -4.24
CA GLU F 84 -2.28 -26.52 -3.69
C GLU F 84 -3.31 -27.02 -2.67
N LYS F 85 -3.71 -26.11 -1.76
CA LYS F 85 -4.68 -26.43 -0.71
C LYS F 85 -6.03 -26.84 -1.29
N GLY F 86 -6.42 -26.21 -2.40
CA GLY F 86 -7.68 -26.56 -3.03
C GLY F 86 -7.53 -26.84 -4.52
N LYS F 87 -6.92 -27.98 -4.87
CA LYS F 87 -6.73 -28.35 -6.27
C LYS F 87 -8.09 -28.68 -6.89
N VAL F 88 -8.33 -28.18 -8.09
CA VAL F 88 -9.59 -28.42 -8.79
C VAL F 88 -9.34 -29.27 -10.02
N ALA F 89 -10.18 -30.28 -10.23
CA ALA F 89 -10.10 -31.19 -11.39
C ALA F 89 -11.47 -31.08 -12.10
N ARG F 90 -11.55 -31.47 -13.37
CA ARG F 90 -12.83 -31.39 -14.08
C ARG F 90 -13.10 -32.66 -14.82
N PHE F 91 -14.31 -32.78 -15.34
CA PHE F 91 -14.74 -33.95 -16.07
C PHE F 91 -15.81 -33.53 -17.04
N ILE F 92 -15.56 -33.56 -18.34
CA ILE F 92 -16.60 -33.20 -19.28
C ILE F 92 -17.54 -34.42 -19.33
N CYS F 93 -18.70 -34.31 -18.71
CA CYS F 93 -19.67 -35.42 -18.66
C CYS F 93 -20.66 -35.45 -19.78
N ASP F 94 -21.38 -36.55 -19.86
CA ASP F 94 -22.42 -36.73 -20.86
C ASP F 94 -23.75 -36.76 -20.14
N ILE F 95 -24.78 -36.24 -20.79
CA ILE F 95 -26.09 -36.17 -20.19
C ILE F 95 -26.92 -37.39 -20.55
N TYR F 96 -27.49 -38.02 -19.51
CA TYR F 96 -28.35 -39.18 -19.68
C TYR F 96 -29.68 -39.00 -18.94
N ASN F 97 -30.69 -39.73 -19.40
CA ASN F 97 -32.01 -39.69 -18.82
C ASN F 97 -32.07 -40.62 -17.63
N PRO F 98 -33.07 -40.41 -16.76
CA PRO F 98 -33.23 -41.23 -15.56
C PRO F 98 -33.23 -42.75 -15.82
N ASP F 99 -33.60 -43.15 -17.05
CA ASP F 99 -33.64 -44.56 -17.44
C ASP F 99 -32.35 -45.07 -18.08
N GLY F 100 -31.28 -44.30 -17.98
CA GLY F 100 -30.01 -44.72 -18.56
C GLY F 100 -29.82 -44.51 -20.05
N THR F 101 -30.67 -43.69 -20.65
CA THR F 101 -30.54 -43.43 -22.08
C THR F 101 -29.99 -42.03 -22.40
N PRO F 102 -29.20 -41.89 -23.49
CA PRO F 102 -28.63 -40.58 -23.86
C PRO F 102 -29.68 -39.53 -24.10
N PHE F 103 -29.57 -38.41 -23.39
CA PHE F 103 -30.53 -37.32 -23.56
C PHE F 103 -30.39 -36.71 -24.95
N GLU F 104 -31.48 -36.72 -25.72
CA GLU F 104 -31.46 -36.19 -27.09
C GLU F 104 -31.15 -34.68 -27.17
N GLY F 105 -31.43 -33.95 -26.10
CA GLY F 105 -31.15 -32.52 -26.11
C GLY F 105 -29.70 -32.15 -25.87
N ASP F 106 -28.89 -33.10 -25.39
CA ASP F 106 -27.46 -32.84 -25.13
C ASP F 106 -26.73 -32.57 -26.43
N PRO F 107 -26.13 -31.37 -26.54
CA PRO F 107 -25.39 -30.97 -27.73
C PRO F 107 -24.21 -31.88 -28.03
N ARG F 108 -23.47 -32.28 -26.98
CA ARG F 108 -22.31 -33.15 -27.16
C ARG F 108 -22.74 -34.50 -27.68
N ASN F 109 -23.99 -34.85 -27.43
CA ASN F 109 -24.54 -36.12 -27.87
C ASN F 109 -24.78 -36.05 -29.36
N ASN F 110 -25.44 -34.98 -29.78
CA ASN F 110 -25.76 -34.76 -31.18
C ASN F 110 -24.55 -34.88 -32.06
N LEU F 111 -23.44 -34.34 -31.62
CA LEU F 111 -22.22 -34.43 -32.42
C LEU F 111 -21.86 -35.90 -32.59
N LYS F 112 -21.98 -36.67 -31.51
CA LYS F 112 -21.68 -38.10 -31.54
C LYS F 112 -22.54 -38.84 -32.56
N ARG F 113 -23.80 -38.45 -32.65
CA ARG F 113 -24.77 -39.03 -33.59
C ARG F 113 -24.35 -38.75 -35.02
N ILE F 114 -24.16 -37.49 -35.33
CA ILE F 114 -23.74 -37.12 -36.66
C ILE F 114 -22.45 -37.84 -37.04
N LEU F 115 -21.61 -38.08 -36.05
CA LEU F 115 -20.36 -38.78 -36.33
C LEU F 115 -20.61 -40.24 -36.70
N LYS F 116 -21.73 -40.80 -36.25
CA LYS F 116 -22.08 -42.18 -36.57
C LYS F 116 -22.42 -42.29 -38.05
N GLU F 117 -23.12 -41.29 -38.56
CA GLU F 117 -23.49 -41.29 -39.97
C GLU F 117 -22.18 -41.20 -40.76
N MET F 118 -21.17 -40.57 -40.16
CA MET F 118 -19.87 -40.47 -40.81
C MET F 118 -19.22 -41.84 -40.84
N GLU F 119 -19.35 -42.61 -39.75
CA GLU F 119 -18.79 -43.94 -39.70
C GLU F 119 -19.55 -44.91 -40.58
N ASP F 120 -20.86 -44.67 -40.75
CA ASP F 120 -21.66 -45.55 -41.58
C ASP F 120 -21.26 -45.43 -43.05
N LEU F 121 -21.05 -44.20 -43.51
CA LEU F 121 -20.63 -43.94 -44.89
C LEU F 121 -19.19 -44.43 -45.11
N GLY F 122 -18.59 -44.99 -44.08
CA GLY F 122 -17.24 -45.52 -44.20
C GLY F 122 -16.05 -44.63 -43.90
N PHE F 123 -16.17 -43.79 -42.88
CA PHE F 123 -15.07 -42.89 -42.52
C PHE F 123 -14.61 -43.09 -41.08
N SER F 124 -13.30 -43.08 -40.90
CA SER F 124 -12.68 -43.31 -39.60
C SER F 124 -12.77 -42.17 -38.61
N ASP F 125 -12.21 -41.04 -39.01
CA ASP F 125 -12.19 -39.88 -38.15
C ASP F 125 -12.49 -38.60 -38.93
N PHE F 126 -12.83 -37.58 -38.15
CA PHE F 126 -13.15 -36.25 -38.65
C PHE F 126 -12.46 -35.26 -37.71
N ASN F 127 -11.31 -34.74 -38.16
CA ASN F 127 -10.52 -33.80 -37.40
C ASN F 127 -10.92 -32.35 -37.54
N LEU F 128 -10.54 -31.56 -36.55
CA LEU F 128 -10.86 -30.14 -36.56
C LEU F 128 -9.69 -29.34 -36.01
N GLY F 129 -9.21 -28.37 -36.75
CA GLY F 129 -8.13 -27.52 -36.30
C GLY F 129 -8.66 -26.09 -36.23
N PRO F 130 -9.31 -25.70 -35.12
CA PRO F 130 -9.88 -24.36 -34.92
C PRO F 130 -8.84 -23.27 -34.70
N GLU F 131 -9.25 -22.05 -35.04
CA GLU F 131 -8.42 -20.86 -34.91
C GLU F 131 -9.17 -19.81 -34.08
N PRO F 132 -9.34 -20.06 -32.78
CA PRO F 132 -10.06 -19.11 -31.93
C PRO F 132 -9.43 -17.72 -31.84
N GLU F 133 -10.23 -16.69 -32.07
CA GLU F 133 -9.75 -15.31 -31.94
C GLU F 133 -10.53 -14.71 -30.77
N PHE F 134 -9.94 -13.72 -30.11
CA PHE F 134 -10.62 -13.09 -29.00
C PHE F 134 -9.97 -11.76 -28.70
N PHE F 135 -10.74 -10.87 -28.07
CA PHE F 135 -10.21 -9.56 -27.69
C PHE F 135 -10.00 -9.54 -26.19
N LEU F 136 -9.10 -8.64 -25.77
CA LEU F 136 -8.79 -8.47 -24.37
C LEU F 136 -9.01 -7.00 -23.99
N PHE F 137 -9.93 -6.75 -23.06
CA PHE F 137 -10.21 -5.39 -22.61
C PHE F 137 -9.71 -5.16 -21.18
N LYS F 138 -9.62 -3.89 -20.78
CA LYS F 138 -9.15 -3.58 -19.45
C LYS F 138 -10.29 -3.57 -18.47
N LEU F 139 -9.97 -3.86 -17.21
CA LEU F 139 -10.96 -3.86 -16.14
C LEU F 139 -10.85 -2.56 -15.35
N ASP F 140 -11.99 -1.92 -15.12
CA ASP F 140 -12.01 -0.67 -14.37
C ASP F 140 -11.75 -0.91 -12.87
N GLU F 141 -12.26 -0.01 -12.03
CA GLU F 141 -12.09 -0.12 -10.59
C GLU F 141 -12.89 -1.29 -9.98
N LYS F 142 -14.12 -1.48 -10.43
CA LYS F 142 -14.96 -2.56 -9.92
C LYS F 142 -14.85 -3.85 -10.74
N GLY F 143 -13.70 -4.07 -11.37
CA GLY F 143 -13.52 -5.27 -12.17
C GLY F 143 -14.48 -5.34 -13.33
N GLU F 144 -15.03 -4.19 -13.69
CA GLU F 144 -15.97 -4.15 -14.80
C GLU F 144 -15.24 -3.90 -16.11
N PRO F 145 -15.65 -4.62 -17.17
CA PRO F 145 -15.01 -4.45 -18.47
C PRO F 145 -15.11 -3.01 -18.97
N THR F 146 -14.22 -2.62 -19.88
CA THR F 146 -14.22 -1.28 -20.46
C THR F 146 -13.89 -1.43 -21.95
N LEU F 147 -14.08 -0.38 -22.75
CA LEU F 147 -13.75 -0.45 -24.18
C LEU F 147 -12.24 -0.33 -24.43
N GLU F 148 -11.48 -0.13 -23.34
CA GLU F 148 -10.03 0.01 -23.44
C GLU F 148 -9.35 -1.33 -23.75
N LEU F 149 -8.60 -1.37 -24.84
CA LEU F 149 -7.91 -2.59 -25.25
C LEU F 149 -6.66 -2.81 -24.40
N ASN F 150 -6.10 -4.03 -24.46
CA ASN F 150 -4.91 -4.35 -23.69
C ASN F 150 -3.59 -3.97 -24.38
N ASP F 151 -3.61 -3.67 -25.68
CA ASP F 151 -2.39 -3.28 -26.41
C ASP F 151 -2.69 -2.64 -27.76
N LYS F 152 -1.68 -2.02 -28.36
CA LYS F 152 -1.88 -1.40 -29.65
C LYS F 152 -1.18 -2.21 -30.73
N GLY F 153 -1.12 -3.53 -30.54
CA GLY F 153 -0.46 -4.38 -31.50
C GLY F 153 -1.19 -4.62 -32.81
N GLY F 154 -0.45 -5.12 -33.80
CA GLY F 154 -1.02 -5.39 -35.09
C GLY F 154 -0.99 -6.85 -35.44
N TYR F 155 -1.32 -7.12 -36.69
CA TYR F 155 -1.36 -8.49 -37.22
C TYR F 155 0.01 -9.12 -37.19
N PHE F 156 0.14 -10.14 -36.35
CA PHE F 156 1.38 -10.90 -36.20
C PHE F 156 2.53 -10.14 -35.54
N ASP F 157 2.24 -8.94 -35.05
CA ASP F 157 3.27 -8.14 -34.40
C ASP F 157 3.68 -8.83 -33.10
N LEU F 158 4.79 -8.38 -32.54
CA LEU F 158 5.24 -8.96 -31.30
C LEU F 158 4.54 -8.14 -30.22
N ALA F 159 3.23 -8.34 -30.14
CA ALA F 159 2.36 -7.66 -29.18
C ALA F 159 2.94 -7.85 -27.80
N PRO F 160 2.68 -6.90 -26.89
CA PRO F 160 3.21 -6.97 -25.54
C PRO F 160 4.55 -7.64 -25.31
N THR F 161 5.52 -6.82 -24.89
CA THR F 161 6.87 -7.26 -24.59
C THR F 161 6.87 -8.44 -23.62
N ASP F 162 8.04 -9.06 -23.43
CA ASP F 162 8.16 -10.20 -22.50
C ASP F 162 8.24 -9.65 -21.09
N LEU F 163 7.35 -8.70 -20.80
CA LEU F 163 7.29 -8.06 -19.52
C LEU F 163 6.83 -9.05 -18.47
N GLY F 164 6.82 -8.62 -17.22
CA GLY F 164 6.39 -9.49 -16.13
C GLY F 164 5.06 -10.16 -16.43
N GLU F 165 4.12 -9.41 -17.02
CA GLU F 165 2.81 -9.95 -17.35
C GLU F 165 2.50 -9.86 -18.85
N ASN F 166 2.07 -10.98 -19.42
CA ASN F 166 1.72 -11.06 -20.83
C ASN F 166 0.68 -12.16 -20.99
N CYS F 167 -0.59 -11.77 -20.99
CA CYS F 167 -1.68 -12.73 -21.08
C CYS F 167 -1.55 -13.88 -22.08
N ARG F 168 -1.40 -13.55 -23.36
CA ARG F 168 -1.29 -14.57 -24.39
C ARG F 168 -0.19 -15.60 -24.07
N ARG F 169 1.00 -15.15 -23.71
CA ARG F 169 2.06 -16.10 -23.40
C ARG F 169 1.63 -16.97 -22.23
N ASP F 170 1.22 -16.30 -21.14
CA ASP F 170 0.78 -16.98 -19.91
C ASP F 170 -0.36 -17.98 -20.16
N ILE F 171 -1.20 -17.71 -21.16
CA ILE F 171 -2.31 -18.59 -21.51
C ILE F 171 -1.72 -19.85 -22.11
N VAL F 172 -0.92 -19.68 -23.15
CA VAL F 172 -0.32 -20.83 -23.81
C VAL F 172 0.49 -21.67 -22.84
N LEU F 173 1.18 -21.01 -21.92
CA LEU F 173 1.97 -21.74 -20.93
C LEU F 173 1.10 -22.62 -20.03
N GLU F 174 0.01 -22.04 -19.51
CA GLU F 174 -0.91 -22.77 -18.64
C GLU F 174 -1.57 -23.94 -19.35
N LEU F 175 -1.83 -23.77 -20.64
CA LEU F 175 -2.44 -24.82 -21.45
C LEU F 175 -1.46 -25.97 -21.68
N GLU F 176 -0.16 -25.67 -21.61
CA GLU F 176 0.84 -26.72 -21.81
C GLU F 176 0.84 -27.67 -20.62
N GLU F 177 0.65 -27.12 -19.43
CA GLU F 177 0.63 -27.92 -18.21
C GLU F 177 -0.63 -28.76 -18.13
N MET F 178 -1.65 -28.34 -18.88
CA MET F 178 -2.92 -29.05 -18.89
C MET F 178 -2.98 -30.08 -20.01
N GLY F 179 -1.85 -30.30 -20.68
CA GLY F 179 -1.83 -31.28 -21.76
C GLY F 179 -2.40 -30.77 -23.07
N PHE F 180 -2.48 -29.46 -23.21
CA PHE F 180 -3.00 -28.89 -24.44
C PHE F 180 -1.88 -28.76 -25.45
N GLU F 181 -2.11 -29.27 -26.66
CA GLU F 181 -1.11 -29.18 -27.72
C GLU F 181 -1.47 -28.04 -28.67
N ILE F 182 -0.86 -26.88 -28.46
CA ILE F 182 -1.15 -25.74 -29.31
C ILE F 182 -0.18 -25.65 -30.47
N GLU F 183 -0.69 -25.35 -31.65
CA GLU F 183 0.17 -25.23 -32.82
C GLU F 183 1.06 -24.01 -32.70
N ALA F 184 0.42 -22.85 -32.59
CA ALA F 184 1.11 -21.57 -32.49
C ALA F 184 0.10 -20.49 -32.13
N SER F 185 0.58 -19.30 -31.82
CA SER F 185 -0.31 -18.20 -31.48
C SER F 185 0.35 -16.90 -31.92
N HIS F 186 -0.47 -15.89 -32.19
CA HIS F 186 0.02 -14.58 -32.62
C HIS F 186 -0.95 -13.51 -32.20
N HIS F 187 -0.66 -12.28 -32.58
CA HIS F 187 -1.53 -11.15 -32.30
C HIS F 187 -2.31 -10.89 -33.60
N GLU F 188 -3.64 -10.76 -33.50
CA GLU F 188 -4.49 -10.54 -34.65
C GLU F 188 -4.46 -9.15 -35.24
N VAL F 189 -5.21 -8.95 -36.31
CA VAL F 189 -5.25 -7.66 -37.00
C VAL F 189 -5.54 -6.42 -36.19
N ALA F 190 -6.62 -6.49 -35.42
CA ALA F 190 -7.04 -5.36 -34.60
C ALA F 190 -6.28 -5.31 -33.28
N PRO F 191 -6.04 -4.11 -32.78
CA PRO F 191 -5.31 -3.98 -31.51
C PRO F 191 -6.06 -4.64 -30.37
N GLY F 192 -5.31 -5.35 -29.54
CA GLY F 192 -5.92 -6.03 -28.42
C GLY F 192 -6.58 -7.32 -28.83
N GLN F 193 -6.32 -7.78 -30.06
CA GLN F 193 -6.90 -9.03 -30.55
C GLN F 193 -5.84 -10.13 -30.59
N HIS F 194 -6.21 -11.33 -30.15
CA HIS F 194 -5.25 -12.44 -30.11
C HIS F 194 -5.82 -13.71 -30.66
N GLU F 195 -4.92 -14.61 -31.05
CA GLU F 195 -5.28 -15.90 -31.59
C GLU F 195 -4.32 -16.98 -31.12
N ILE F 196 -4.91 -18.14 -30.83
CA ILE F 196 -4.20 -19.33 -30.39
C ILE F 196 -4.81 -20.48 -31.19
N ASP F 197 -3.98 -21.15 -31.98
CA ASP F 197 -4.44 -22.24 -32.82
C ASP F 197 -4.06 -23.55 -32.19
N PHE F 198 -4.98 -24.52 -32.16
CA PHE F 198 -4.69 -25.84 -31.57
C PHE F 198 -4.27 -26.80 -32.67
N LYS F 199 -3.62 -27.89 -32.29
CA LYS F 199 -3.21 -28.89 -33.26
C LYS F 199 -4.52 -29.61 -33.57
N TYR F 200 -4.63 -30.19 -34.75
CA TYR F 200 -5.84 -30.88 -35.12
C TYR F 200 -6.16 -32.04 -34.18
N ALA F 201 -7.44 -32.32 -33.99
CA ALA F 201 -7.85 -33.44 -33.14
C ALA F 201 -9.22 -33.92 -33.57
N GLY F 202 -9.70 -34.98 -32.95
CA GLY F 202 -11.00 -35.53 -33.30
C GLY F 202 -12.15 -34.57 -33.08
N ALA F 203 -13.26 -34.77 -33.77
CA ALA F 203 -14.39 -33.87 -33.62
C ALA F 203 -14.68 -33.57 -32.16
N VAL F 204 -14.80 -34.61 -31.34
CA VAL F 204 -15.11 -34.38 -29.93
C VAL F 204 -13.97 -33.79 -29.13
N ARG F 205 -12.77 -34.34 -29.29
CA ARG F 205 -11.61 -33.84 -28.58
C ARG F 205 -11.46 -32.36 -28.85
N SER F 206 -11.56 -32.01 -30.13
CA SER F 206 -11.43 -30.62 -30.53
C SER F 206 -12.46 -29.73 -29.87
N CYS F 207 -13.74 -30.05 -30.03
CA CYS F 207 -14.81 -29.28 -29.40
C CYS F 207 -14.62 -29.14 -27.89
N ASP F 208 -14.37 -30.25 -27.20
CA ASP F 208 -14.17 -30.22 -25.75
C ASP F 208 -13.07 -29.24 -25.38
N ASP F 209 -12.10 -29.11 -26.27
CA ASP F 209 -10.99 -28.20 -26.05
C ASP F 209 -11.44 -26.76 -26.30
N ILE F 210 -12.20 -26.56 -27.37
CA ILE F 210 -12.71 -25.21 -27.65
C ILE F 210 -13.44 -24.74 -26.40
N GLN F 211 -14.12 -25.64 -25.72
CA GLN F 211 -14.81 -25.26 -24.51
C GLN F 211 -13.78 -24.94 -23.42
N THR F 212 -12.89 -25.88 -23.15
CA THR F 212 -11.89 -25.67 -22.12
C THR F 212 -11.02 -24.44 -22.35
N PHE F 213 -10.73 -24.18 -23.62
CA PHE F 213 -9.93 -23.02 -24.00
C PHE F 213 -10.64 -21.74 -23.54
N LYS F 214 -11.90 -21.58 -23.91
CA LYS F 214 -12.67 -20.39 -23.53
C LYS F 214 -12.62 -20.16 -22.02
N LEU F 215 -12.69 -21.25 -21.26
CA LEU F 215 -12.65 -21.20 -19.81
C LEU F 215 -11.28 -20.73 -19.34
N VAL F 216 -10.22 -21.45 -19.72
CA VAL F 216 -8.86 -21.08 -19.32
C VAL F 216 -8.55 -19.62 -19.66
N VAL F 217 -8.83 -19.23 -20.91
CA VAL F 217 -8.56 -17.88 -21.39
C VAL F 217 -9.22 -16.84 -20.50
N LYS F 218 -10.56 -16.88 -20.43
CA LYS F 218 -11.29 -15.94 -19.61
C LYS F 218 -10.77 -15.90 -18.19
N THR F 219 -10.45 -17.06 -17.65
CA THR F 219 -9.91 -17.20 -16.30
C THR F 219 -8.58 -16.49 -16.12
N ILE F 220 -7.58 -16.92 -16.89
CA ILE F 220 -6.27 -16.31 -16.79
C ILE F 220 -6.32 -14.83 -17.14
N ALA F 221 -7.23 -14.44 -18.02
CA ALA F 221 -7.34 -13.03 -18.40
C ALA F 221 -7.81 -12.18 -17.20
N ARG F 222 -8.69 -12.75 -16.39
CA ARG F 222 -9.22 -12.05 -15.22
C ARG F 222 -8.14 -11.91 -14.14
N LYS F 223 -7.22 -12.87 -14.11
CA LYS F 223 -6.13 -12.85 -13.15
C LYS F 223 -5.16 -11.72 -13.49
N HIS F 224 -5.14 -11.30 -14.75
CA HIS F 224 -4.26 -10.21 -15.17
C HIS F 224 -4.99 -8.87 -15.22
N GLY F 225 -6.13 -8.77 -14.55
CA GLY F 225 -6.86 -7.52 -14.57
C GLY F 225 -7.45 -7.19 -15.93
N LEU F 226 -7.61 -8.21 -16.76
CA LEU F 226 -8.17 -8.04 -18.10
C LEU F 226 -9.46 -8.83 -18.23
N HIS F 227 -10.16 -8.64 -19.34
CA HIS F 227 -11.40 -9.34 -19.62
C HIS F 227 -11.38 -9.93 -21.03
N ALA F 228 -11.48 -11.26 -21.11
CA ALA F 228 -11.46 -11.96 -22.39
C ALA F 228 -12.87 -12.10 -22.98
N THR F 229 -13.04 -11.79 -24.27
CA THR F 229 -14.36 -11.93 -24.88
C THR F 229 -14.31 -12.55 -26.26
N PHE F 230 -15.20 -13.51 -26.49
CA PHE F 230 -15.26 -14.21 -27.78
C PHE F 230 -16.42 -13.69 -28.62
N MET F 231 -16.91 -12.53 -28.25
CA MET F 231 -17.99 -11.86 -28.94
C MET F 231 -17.47 -11.60 -30.36
N PRO F 232 -18.17 -12.10 -31.40
CA PRO F 232 -17.76 -11.92 -32.80
C PRO F 232 -17.38 -10.51 -33.24
N LYS F 233 -18.06 -9.50 -32.72
CA LYS F 233 -17.75 -8.15 -33.13
C LYS F 233 -17.95 -7.16 -32.00
N PRO F 234 -16.96 -7.03 -31.10
CA PRO F 234 -16.97 -6.13 -29.95
C PRO F 234 -17.11 -4.65 -30.29
N LEU F 235 -16.29 -4.19 -31.23
CA LEU F 235 -16.27 -2.80 -31.63
C LEU F 235 -16.54 -2.60 -33.11
N PHE F 236 -17.18 -1.49 -33.39
CA PHE F 236 -17.51 -1.14 -34.75
C PHE F 236 -16.28 -0.60 -35.46
N GLY F 237 -16.19 -0.88 -36.75
CA GLY F 237 -15.07 -0.37 -37.52
C GLY F 237 -13.76 -1.07 -37.30
N VAL F 238 -13.71 -2.01 -36.36
CA VAL F 238 -12.47 -2.75 -36.15
C VAL F 238 -12.79 -4.16 -36.57
N ASN F 239 -11.77 -4.95 -36.82
CA ASN F 239 -11.96 -6.34 -37.22
C ASN F 239 -12.80 -7.09 -36.18
N GLY F 240 -13.55 -8.09 -36.62
CA GLY F 240 -14.31 -8.89 -35.68
C GLY F 240 -13.48 -10.12 -35.39
N SER F 241 -14.03 -11.08 -34.66
CA SER F 241 -13.30 -12.31 -34.35
C SER F 241 -14.00 -13.50 -34.98
N GLY F 242 -13.23 -14.44 -35.46
CA GLY F 242 -13.86 -15.57 -36.09
C GLY F 242 -13.12 -16.81 -35.70
N MET F 243 -13.84 -17.87 -35.39
CA MET F 243 -13.14 -19.10 -35.05
C MET F 243 -13.08 -20.00 -36.28
N HIS F 244 -12.14 -19.71 -37.19
CA HIS F 244 -12.01 -20.53 -38.41
C HIS F 244 -11.88 -22.01 -38.08
N CYS F 245 -12.59 -22.83 -38.82
CA CYS F 245 -12.56 -24.28 -38.62
C CYS F 245 -11.87 -25.01 -39.74
N ASN F 246 -10.75 -25.65 -39.43
CA ASN F 246 -10.08 -26.42 -40.46
C ASN F 246 -10.56 -27.84 -40.39
N LEU F 247 -11.48 -28.19 -41.29
CA LEU F 247 -12.07 -29.51 -41.35
C LEU F 247 -11.20 -30.48 -42.15
N SER F 248 -11.19 -31.74 -41.72
CA SER F 248 -10.40 -32.77 -42.37
C SER F 248 -11.03 -34.15 -42.18
N LEU F 249 -11.47 -34.75 -43.28
CA LEU F 249 -12.10 -36.06 -43.18
C LEU F 249 -11.11 -37.20 -43.36
N PHE F 250 -11.24 -38.24 -42.55
CA PHE F 250 -10.34 -39.36 -42.66
C PHE F 250 -11.07 -40.64 -43.05
N LYS F 251 -10.41 -41.47 -43.84
CA LYS F 251 -11.00 -42.73 -44.26
C LYS F 251 -9.93 -43.80 -44.16
N ASN F 252 -10.17 -44.78 -43.29
CA ASN F 252 -9.20 -45.87 -43.13
C ASN F 252 -7.89 -45.37 -42.52
N GLY F 253 -7.94 -44.21 -41.87
CA GLY F 253 -6.76 -43.65 -41.25
C GLY F 253 -5.98 -42.67 -42.12
N VAL F 254 -6.33 -42.58 -43.39
CA VAL F 254 -5.63 -41.66 -44.28
C VAL F 254 -6.51 -40.47 -44.63
N ASN F 255 -5.87 -39.44 -45.12
CA ASN F 255 -6.57 -38.22 -45.48
C ASN F 255 -7.37 -38.44 -46.77
N ALA F 256 -8.68 -38.59 -46.65
CA ALA F 256 -9.52 -38.82 -47.82
C ALA F 256 -9.68 -37.60 -48.70
N PHE F 257 -8.99 -36.51 -48.37
CA PHE F 257 -9.06 -35.26 -49.15
C PHE F 257 -7.91 -35.09 -50.12
N PHE F 258 -6.75 -35.61 -49.75
CA PHE F 258 -5.54 -35.54 -50.55
C PHE F 258 -5.54 -36.53 -51.71
N ASP F 259 -4.96 -36.11 -52.81
CA ASP F 259 -4.88 -36.94 -54.00
C ASP F 259 -3.57 -36.56 -54.70
N GLU F 260 -2.56 -37.40 -54.51
CA GLU F 260 -1.24 -37.20 -55.09
C GLU F 260 -1.34 -36.56 -56.47
N ASN F 261 -1.80 -37.34 -57.44
CA ASN F 261 -1.95 -36.86 -58.81
C ASN F 261 -3.37 -36.48 -59.16
N ALA F 262 -3.77 -35.27 -58.77
CA ALA F 262 -5.12 -34.78 -59.04
C ALA F 262 -5.10 -33.26 -59.10
N ASP F 263 -6.04 -32.68 -59.84
CA ASP F 263 -6.08 -31.23 -59.95
C ASP F 263 -6.18 -30.56 -58.57
N LEU F 264 -5.16 -29.76 -58.27
CA LEU F 264 -5.06 -29.05 -57.00
C LEU F 264 -4.75 -30.04 -55.89
N GLN F 265 -4.46 -31.28 -56.27
CA GLN F 265 -4.17 -32.35 -55.31
C GLN F 265 -5.31 -32.59 -54.35
N LEU F 266 -6.54 -32.35 -54.80
CA LEU F 266 -7.73 -32.58 -54.00
C LEU F 266 -8.51 -33.70 -54.64
N SER F 267 -8.66 -34.79 -53.92
CA SER F 267 -9.38 -35.96 -54.37
C SER F 267 -10.83 -35.67 -54.73
N GLU F 268 -11.53 -36.71 -55.19
CA GLU F 268 -12.93 -36.55 -55.55
C GLU F 268 -13.74 -36.28 -54.29
N THR F 269 -13.59 -37.15 -53.30
CA THR F 269 -14.29 -37.01 -52.04
C THR F 269 -14.15 -35.59 -51.50
N ALA F 270 -12.94 -35.06 -51.60
CA ALA F 270 -12.64 -33.70 -51.15
C ALA F 270 -13.57 -32.72 -51.86
N LYS F 271 -13.60 -32.78 -53.18
CA LYS F 271 -14.46 -31.89 -53.96
C LYS F 271 -15.93 -31.99 -53.52
N HIS F 272 -16.45 -33.20 -53.43
CA HIS F 272 -17.84 -33.39 -53.03
C HIS F 272 -18.12 -32.75 -51.68
N PHE F 273 -17.13 -32.84 -50.78
CA PHE F 273 -17.23 -32.26 -49.45
C PHE F 273 -17.44 -30.75 -49.64
N ILE F 274 -16.59 -30.13 -50.46
CA ILE F 274 -16.68 -28.69 -50.75
C ILE F 274 -18.09 -28.34 -51.24
N ALA F 275 -18.62 -29.13 -52.18
CA ALA F 275 -19.95 -28.88 -52.73
C ALA F 275 -21.01 -28.99 -51.65
N GLY F 276 -20.84 -29.98 -50.78
CA GLY F 276 -21.77 -30.22 -49.70
C GLY F 276 -21.89 -29.00 -48.81
N ILE F 277 -20.76 -28.35 -48.58
CA ILE F 277 -20.76 -27.16 -47.75
C ILE F 277 -21.29 -25.92 -48.42
N VAL F 278 -21.12 -25.81 -49.74
CA VAL F 278 -21.58 -24.64 -50.48
C VAL F 278 -23.11 -24.51 -50.56
N LYS F 279 -23.82 -25.60 -50.84
CA LYS F 279 -25.27 -25.52 -50.96
C LYS F 279 -25.97 -25.36 -49.62
N HIS F 280 -25.27 -25.72 -48.55
CA HIS F 280 -25.81 -25.63 -47.20
C HIS F 280 -25.30 -24.47 -46.37
N ALA F 281 -24.27 -23.78 -46.86
CA ALA F 281 -23.69 -22.64 -46.17
C ALA F 281 -24.72 -21.66 -45.61
N THR F 282 -25.50 -21.03 -46.51
CA THR F 282 -26.51 -20.05 -46.07
C THR F 282 -27.47 -20.60 -45.04
N SER F 283 -27.69 -21.91 -45.08
CA SER F 283 -28.60 -22.53 -44.13
C SER F 283 -28.00 -22.78 -42.76
N PHE F 284 -26.79 -23.32 -42.71
CA PHE F 284 -26.19 -23.60 -41.41
C PHE F 284 -25.52 -22.39 -40.79
N THR F 285 -25.66 -21.24 -41.43
CA THR F 285 -25.03 -20.04 -40.92
C THR F 285 -25.62 -19.62 -39.58
N ALA F 286 -26.88 -19.96 -39.35
CA ALA F 286 -27.52 -19.60 -38.09
C ALA F 286 -26.92 -20.34 -36.89
N VAL F 287 -26.23 -21.45 -37.15
CA VAL F 287 -25.61 -22.26 -36.09
C VAL F 287 -24.14 -21.92 -35.81
N THR F 288 -23.43 -21.56 -36.86
CA THR F 288 -22.02 -21.20 -36.77
C THR F 288 -21.84 -19.70 -36.46
N ASN F 289 -22.98 -19.01 -36.39
CA ASN F 289 -23.06 -17.56 -36.12
C ASN F 289 -24.44 -17.37 -35.43
N PRO F 290 -24.59 -17.97 -34.24
CA PRO F 290 -25.80 -17.95 -33.43
C PRO F 290 -26.28 -16.66 -32.79
N THR F 291 -25.49 -15.60 -32.87
CA THR F 291 -25.93 -14.37 -32.22
C THR F 291 -26.26 -13.27 -33.21
N VAL F 292 -26.95 -12.25 -32.70
CA VAL F 292 -27.30 -11.10 -33.50
C VAL F 292 -26.02 -10.42 -33.93
N ASN F 293 -25.11 -10.28 -32.97
CA ASN F 293 -23.83 -9.61 -33.19
C ASN F 293 -22.96 -10.33 -34.18
N SER F 294 -23.15 -11.63 -34.32
CA SER F 294 -22.34 -12.38 -35.26
C SER F 294 -22.41 -11.81 -36.65
N TYR F 295 -23.61 -11.39 -37.07
CA TYR F 295 -23.85 -10.84 -38.41
C TYR F 295 -23.30 -9.42 -38.61
N LYS F 296 -22.82 -8.81 -37.53
CA LYS F 296 -22.24 -7.48 -37.65
C LYS F 296 -20.77 -7.71 -38.01
N ARG F 297 -20.32 -8.94 -37.84
CA ARG F 297 -18.94 -9.35 -38.12
C ARG F 297 -18.86 -9.77 -39.57
N LEU F 298 -20.00 -10.27 -40.05
CA LEU F 298 -20.16 -10.74 -41.41
C LEU F 298 -20.48 -9.59 -42.33
N VAL F 299 -19.49 -8.71 -42.46
CA VAL F 299 -19.61 -7.53 -43.29
C VAL F 299 -18.32 -7.36 -44.11
N PRO F 300 -18.45 -6.83 -45.35
CA PRO F 300 -17.26 -6.64 -46.18
C PRO F 300 -16.25 -5.66 -45.60
N GLY F 301 -14.98 -5.90 -45.92
CA GLY F 301 -13.89 -5.03 -45.46
C GLY F 301 -13.17 -5.40 -44.17
N TYR F 302 -13.39 -6.60 -43.67
CA TYR F 302 -12.76 -7.03 -42.42
C TYR F 302 -12.31 -8.49 -42.44
N GLU F 303 -11.96 -9.01 -43.61
CA GLU F 303 -11.52 -10.40 -43.73
C GLU F 303 -12.54 -11.43 -43.24
N ALA F 304 -13.83 -11.10 -43.32
CA ALA F 304 -14.88 -12.03 -42.89
C ALA F 304 -15.73 -12.43 -44.09
N PRO F 305 -16.03 -13.74 -44.22
CA PRO F 305 -16.85 -14.26 -45.31
C PRO F 305 -18.18 -13.55 -45.49
N CYS F 306 -18.47 -13.10 -46.70
CA CYS F 306 -19.75 -12.42 -46.94
C CYS F 306 -20.50 -13.09 -48.08
N TYR F 307 -19.83 -14.00 -48.78
CA TYR F 307 -20.43 -14.71 -49.91
C TYR F 307 -20.06 -16.18 -49.86
N VAL F 308 -20.83 -17.02 -50.55
CA VAL F 308 -20.54 -18.44 -50.56
C VAL F 308 -19.64 -18.79 -51.73
N ALA F 309 -18.35 -18.96 -51.48
CA ALA F 309 -17.40 -19.32 -52.52
C ALA F 309 -16.14 -19.90 -51.90
N TRP F 310 -15.42 -20.71 -52.65
CA TRP F 310 -14.17 -21.28 -52.14
C TRP F 310 -13.01 -20.93 -53.06
N SER F 311 -11.80 -20.95 -52.52
CA SER F 311 -10.59 -20.62 -53.26
C SER F 311 -9.36 -20.94 -52.43
N ALA F 312 -8.20 -20.91 -53.06
CA ALA F 312 -6.94 -21.20 -52.36
C ALA F 312 -6.29 -19.87 -51.94
N GLN F 313 -6.58 -18.82 -52.71
CA GLN F 313 -6.05 -17.50 -52.45
C GLN F 313 -7.11 -16.47 -52.79
N ASN F 314 -7.52 -15.70 -51.80
CA ASN F 314 -8.52 -14.67 -52.04
C ASN F 314 -8.63 -13.74 -50.85
N ARG F 315 -9.30 -12.61 -51.06
CA ARG F 315 -9.47 -11.62 -50.01
C ARG F 315 -10.14 -12.16 -48.75
N SER F 316 -11.25 -12.87 -48.92
CA SER F 316 -11.95 -13.41 -47.76
C SER F 316 -12.95 -14.48 -48.20
N PRO F 317 -12.43 -15.63 -48.63
CA PRO F 317 -13.25 -16.76 -49.09
C PRO F 317 -13.97 -17.46 -47.95
N LEU F 318 -15.20 -17.87 -48.20
CA LEU F 318 -15.97 -18.56 -47.18
C LEU F 318 -15.28 -19.91 -46.95
N ILE F 319 -14.79 -20.51 -48.04
CA ILE F 319 -14.11 -21.78 -47.95
C ILE F 319 -12.71 -21.61 -48.54
N ARG F 320 -11.70 -21.76 -47.71
CA ARG F 320 -10.33 -21.63 -48.17
C ARG F 320 -9.65 -22.96 -48.00
N ILE F 321 -8.74 -23.29 -48.90
CA ILE F 321 -8.00 -24.54 -48.81
C ILE F 321 -6.52 -24.26 -48.63
N PRO F 322 -6.02 -24.31 -47.39
CA PRO F 322 -4.61 -24.04 -47.14
C PRO F 322 -3.65 -24.85 -48.04
N ALA F 323 -2.40 -24.40 -48.10
CA ALA F 323 -1.36 -25.04 -48.93
C ALA F 323 -1.07 -26.50 -48.62
N SER F 324 -0.43 -26.74 -47.48
CA SER F 324 -0.04 -28.08 -47.05
C SER F 324 -1.00 -29.14 -47.56
N ARG F 325 -0.46 -30.30 -47.89
CA ARG F 325 -1.27 -31.41 -48.37
C ARG F 325 -0.97 -32.67 -47.59
N GLY F 326 -1.27 -33.83 -48.17
CA GLY F 326 -1.01 -35.08 -47.48
C GLY F 326 -2.01 -35.25 -46.34
N ILE F 327 -1.57 -35.69 -45.16
CA ILE F 327 -2.53 -35.84 -44.06
C ILE F 327 -2.91 -34.47 -43.49
N SER F 328 -2.30 -33.43 -44.06
CA SER F 328 -2.54 -32.05 -43.66
C SER F 328 -3.50 -31.39 -44.64
N THR F 329 -4.01 -32.15 -45.60
CA THR F 329 -4.95 -31.63 -46.60
C THR F 329 -6.28 -31.35 -45.91
N ARG F 330 -6.66 -30.08 -45.84
CA ARG F 330 -7.90 -29.74 -45.16
C ARG F 330 -8.70 -28.65 -45.83
N VAL F 331 -9.97 -28.55 -45.42
CA VAL F 331 -10.90 -27.56 -45.92
C VAL F 331 -11.20 -26.58 -44.79
N GLU F 332 -11.02 -25.29 -45.03
CA GLU F 332 -11.26 -24.31 -43.98
C GLU F 332 -12.56 -23.55 -44.19
N VAL F 333 -13.38 -23.51 -43.14
CA VAL F 333 -14.63 -22.75 -43.17
C VAL F 333 -14.38 -21.55 -42.26
N ARG F 334 -14.32 -20.39 -42.88
CA ARG F 334 -14.02 -19.16 -42.18
C ARG F 334 -15.23 -18.39 -41.65
N SER F 335 -16.44 -18.81 -42.00
CA SER F 335 -17.63 -18.10 -41.55
C SER F 335 -17.97 -18.33 -40.07
N VAL F 336 -17.49 -19.45 -39.53
CA VAL F 336 -17.74 -19.80 -38.13
C VAL F 336 -17.07 -18.81 -37.19
N ASP F 337 -17.68 -18.55 -36.02
CA ASP F 337 -17.07 -17.64 -35.05
C ASP F 337 -17.02 -18.28 -33.64
N PRO F 338 -16.26 -17.68 -32.71
CA PRO F 338 -16.09 -18.17 -31.34
C PRO F 338 -17.33 -18.17 -30.43
N ALA F 339 -18.42 -17.55 -30.88
CA ALA F 339 -19.64 -17.53 -30.08
C ALA F 339 -20.46 -18.77 -30.39
N ALA F 340 -20.14 -19.42 -31.49
CA ALA F 340 -20.83 -20.64 -31.89
C ALA F 340 -20.63 -21.76 -30.89
N ASN F 341 -21.63 -22.64 -30.79
CA ASN F 341 -21.52 -23.77 -29.89
C ASN F 341 -20.72 -24.83 -30.66
N PRO F 342 -19.45 -25.07 -30.28
CA PRO F 342 -18.62 -26.06 -30.98
C PRO F 342 -19.31 -27.36 -31.35
N TYR F 343 -19.99 -27.99 -30.40
CA TYR F 343 -20.64 -29.25 -30.71
C TYR F 343 -21.72 -29.12 -31.79
N LEU F 344 -22.53 -28.06 -31.73
CA LEU F 344 -23.58 -27.85 -32.72
C LEU F 344 -23.03 -27.43 -34.08
N ALA F 345 -22.03 -26.53 -34.07
CA ALA F 345 -21.41 -26.04 -35.30
C ALA F 345 -20.74 -27.21 -36.05
N LEU F 346 -20.08 -28.09 -35.32
CA LEU F 346 -19.44 -29.22 -35.97
C LEU F 346 -20.45 -30.23 -36.51
N SER F 347 -21.59 -30.33 -35.83
CA SER F 347 -22.65 -31.26 -36.24
C SER F 347 -23.29 -30.78 -37.55
N VAL F 348 -23.46 -29.48 -37.67
CA VAL F 348 -24.09 -28.91 -38.86
C VAL F 348 -23.09 -28.90 -40.03
N LEU F 349 -21.82 -28.66 -39.73
CA LEU F 349 -20.80 -28.65 -40.77
C LEU F 349 -20.48 -30.06 -41.27
N LEU F 350 -20.52 -31.06 -40.37
CA LEU F 350 -20.24 -32.45 -40.74
C LEU F 350 -21.41 -32.97 -41.57
N ALA F 351 -22.62 -32.57 -41.17
CA ALA F 351 -23.81 -32.97 -41.87
C ALA F 351 -23.78 -32.45 -43.30
N ALA F 352 -23.51 -31.16 -43.46
CA ALA F 352 -23.47 -30.58 -44.79
C ALA F 352 -22.42 -31.31 -45.63
N GLY F 353 -21.22 -31.50 -45.08
CA GLY F 353 -20.19 -32.20 -45.83
C GLY F 353 -20.61 -33.60 -46.24
N LEU F 354 -21.24 -34.36 -45.34
CA LEU F 354 -21.66 -35.71 -45.68
C LEU F 354 -22.77 -35.71 -46.71
N ASP F 355 -23.49 -34.60 -46.79
CA ASP F 355 -24.56 -34.54 -47.76
C ASP F 355 -23.95 -34.51 -49.15
N GLY F 356 -22.88 -33.75 -49.27
CA GLY F 356 -22.22 -33.63 -50.55
C GLY F 356 -21.47 -34.87 -50.98
N ILE F 357 -21.02 -35.67 -50.03
CA ILE F 357 -20.28 -36.90 -50.33
C ILE F 357 -21.27 -37.99 -50.74
N LYS F 358 -22.26 -38.26 -49.91
CA LYS F 358 -23.21 -39.33 -50.22
C LYS F 358 -24.02 -39.08 -51.49
N ASN F 359 -24.24 -37.81 -51.86
CA ASN F 359 -25.03 -37.49 -53.06
C ASN F 359 -24.17 -37.04 -54.26
N LYS F 360 -22.87 -37.27 -54.17
CA LYS F 360 -21.96 -36.94 -55.25
C LYS F 360 -22.22 -35.56 -55.84
N LEU F 361 -22.36 -34.54 -55.01
CA LEU F 361 -22.60 -33.19 -55.52
C LEU F 361 -21.35 -32.65 -56.22
N GLU F 362 -21.57 -31.91 -57.30
CA GLU F 362 -20.47 -31.33 -58.07
C GLU F 362 -20.08 -29.98 -57.48
N ALA F 363 -18.78 -29.79 -57.25
CA ALA F 363 -18.27 -28.57 -56.69
C ALA F 363 -18.21 -27.49 -57.77
N PRO F 364 -18.57 -26.26 -57.40
CA PRO F 364 -18.54 -25.17 -58.37
C PRO F 364 -17.11 -24.71 -58.67
N ALA F 365 -16.97 -23.80 -59.63
CA ALA F 365 -15.66 -23.28 -59.99
C ALA F 365 -15.19 -22.36 -58.88
N PRO F 366 -13.92 -22.53 -58.47
CA PRO F 366 -13.37 -21.69 -57.41
C PRO F 366 -13.21 -20.23 -57.85
N ILE F 367 -13.63 -19.30 -57.00
CA ILE F 367 -13.51 -17.87 -57.30
C ILE F 367 -12.12 -17.41 -56.91
N ASP F 368 -11.33 -16.99 -57.91
CA ASP F 368 -9.99 -16.55 -57.61
C ASP F 368 -9.82 -15.05 -57.78
N ARG F 369 -10.89 -14.36 -58.14
CA ARG F 369 -10.81 -12.91 -58.30
C ARG F 369 -11.51 -12.18 -57.17
N ASN F 370 -11.39 -10.86 -57.17
CA ASN F 370 -12.00 -10.04 -56.13
C ASN F 370 -13.52 -10.02 -56.28
N ILE F 371 -14.18 -10.47 -55.23
CA ILE F 371 -15.64 -10.53 -55.19
C ILE F 371 -16.19 -9.23 -54.60
N TYR F 372 -15.34 -8.48 -53.90
CA TYR F 372 -15.76 -7.23 -53.28
C TYR F 372 -16.17 -6.20 -54.31
N VAL F 373 -15.42 -6.12 -55.41
CA VAL F 373 -15.70 -5.18 -56.49
C VAL F 373 -16.92 -5.53 -57.32
N MET F 374 -17.18 -6.82 -57.50
CA MET F 374 -18.36 -7.25 -58.28
C MET F 374 -19.65 -6.79 -57.63
N SER F 375 -20.37 -5.90 -58.31
CA SER F 375 -21.64 -5.39 -57.79
C SER F 375 -22.60 -6.54 -57.45
N LYS F 376 -23.62 -6.23 -56.66
CA LYS F 376 -24.63 -7.21 -56.25
C LYS F 376 -25.15 -7.94 -57.49
N GLU F 377 -25.33 -7.20 -58.57
CA GLU F 377 -25.83 -7.74 -59.84
C GLU F 377 -24.83 -8.74 -60.43
N GLU F 378 -23.56 -8.36 -60.48
CA GLU F 378 -22.49 -9.20 -61.02
C GLU F 378 -22.39 -10.55 -60.30
N ARG F 379 -22.40 -10.51 -58.97
CA ARG F 379 -22.32 -11.73 -58.18
C ARG F 379 -23.45 -12.67 -58.58
N MET F 380 -24.54 -12.10 -59.07
CA MET F 380 -25.71 -12.86 -59.50
C MET F 380 -25.41 -13.62 -60.80
N GLU F 381 -24.68 -12.98 -61.72
CA GLU F 381 -24.33 -13.60 -62.98
C GLU F 381 -23.58 -14.92 -62.77
N ASN F 382 -22.80 -15.00 -61.69
CA ASN F 382 -22.06 -16.22 -61.40
C ASN F 382 -22.59 -16.84 -60.12
N GLY F 383 -22.14 -18.05 -59.81
CA GLY F 383 -22.59 -18.72 -58.60
C GLY F 383 -22.12 -17.97 -57.37
N ILE F 384 -22.76 -16.85 -57.07
CA ILE F 384 -22.35 -16.06 -55.92
C ILE F 384 -23.54 -15.54 -55.15
N VAL F 385 -23.77 -16.09 -53.96
CA VAL F 385 -24.87 -15.67 -53.12
C VAL F 385 -24.37 -15.11 -51.80
N ASP F 386 -25.10 -14.17 -51.24
CA ASP F 386 -24.73 -13.58 -49.97
C ASP F 386 -25.23 -14.40 -48.81
N LEU F 387 -24.47 -14.41 -47.72
CA LEU F 387 -24.87 -15.15 -46.54
C LEU F 387 -25.96 -14.36 -45.86
N PRO F 388 -26.69 -14.96 -44.92
CA PRO F 388 -27.74 -14.18 -44.27
C PRO F 388 -27.19 -12.89 -43.65
N ALA F 389 -27.83 -11.75 -43.95
CA ALA F 389 -27.41 -10.44 -43.45
C ALA F 389 -27.68 -10.28 -41.96
N THR F 390 -28.83 -10.80 -41.50
CA THR F 390 -29.16 -10.68 -40.09
C THR F 390 -29.47 -12.05 -39.54
N LEU F 391 -29.55 -12.14 -38.22
CA LEU F 391 -29.86 -13.40 -37.56
C LEU F 391 -31.21 -13.90 -38.04
N ALA F 392 -32.19 -13.01 -38.09
CA ALA F 392 -33.51 -13.39 -38.55
C ALA F 392 -33.42 -14.10 -39.90
N GLU F 393 -32.67 -13.52 -40.83
CA GLU F 393 -32.57 -14.14 -42.15
C GLU F 393 -31.96 -15.52 -42.03
N ALA F 394 -30.89 -15.62 -41.27
CA ALA F 394 -30.22 -16.90 -41.11
C ALA F 394 -31.17 -17.95 -40.57
N LEU F 395 -32.03 -17.53 -39.64
CA LEU F 395 -32.96 -18.47 -39.04
C LEU F 395 -33.96 -19.04 -40.03
N GLU F 396 -34.67 -18.17 -40.72
CA GLU F 396 -35.65 -18.65 -41.69
C GLU F 396 -34.98 -19.60 -42.67
N GLU F 397 -33.77 -19.23 -43.08
CA GLU F 397 -32.97 -20.04 -44.01
C GLU F 397 -32.75 -21.44 -43.43
N PHE F 398 -32.33 -21.49 -42.17
CA PHE F 398 -32.08 -22.74 -41.49
C PHE F 398 -33.31 -23.67 -41.48
N LYS F 399 -34.50 -23.11 -41.22
CA LYS F 399 -35.71 -23.94 -41.20
C LYS F 399 -36.02 -24.48 -42.58
N SER F 400 -35.72 -23.69 -43.60
CA SER F 400 -35.98 -24.11 -44.97
C SER F 400 -35.17 -25.34 -45.40
N ASN F 401 -34.10 -25.61 -44.67
CA ASN F 401 -33.25 -26.73 -45.01
C ASN F 401 -33.57 -27.92 -44.14
N GLU F 402 -33.80 -29.08 -44.75
CA GLU F 402 -34.16 -30.29 -44.01
C GLU F 402 -32.98 -31.05 -43.44
N VAL F 403 -31.98 -31.30 -44.26
CA VAL F 403 -30.80 -32.04 -43.83
C VAL F 403 -30.12 -31.36 -42.65
N MET F 404 -30.21 -30.03 -42.62
CA MET F 404 -29.64 -29.23 -41.54
C MET F 404 -30.49 -29.37 -40.28
N VAL F 405 -31.80 -29.28 -40.42
CA VAL F 405 -32.72 -29.43 -39.29
C VAL F 405 -32.50 -30.82 -38.64
N LYS F 406 -32.34 -31.84 -39.46
CA LYS F 406 -32.13 -33.19 -38.96
C LYS F 406 -30.75 -33.33 -38.34
N ALA F 407 -29.87 -32.40 -38.69
CA ALA F 407 -28.53 -32.40 -38.15
C ALA F 407 -28.51 -32.07 -36.68
N LEU F 408 -29.54 -31.37 -36.18
CA LEU F 408 -29.58 -31.02 -34.77
C LEU F 408 -30.58 -31.85 -33.95
N GLY F 409 -31.52 -32.49 -34.64
CA GLY F 409 -32.51 -33.28 -33.95
C GLY F 409 -33.71 -32.44 -33.53
N GLU F 410 -34.90 -33.01 -33.68
CA GLU F 410 -36.12 -32.30 -33.32
C GLU F 410 -36.02 -31.56 -32.01
N HIS F 411 -35.60 -32.26 -30.97
CA HIS F 411 -35.48 -31.66 -29.65
C HIS F 411 -34.53 -30.46 -29.63
N LEU F 412 -33.27 -30.67 -30.05
CA LEU F 412 -32.29 -29.57 -30.09
C LEU F 412 -32.73 -28.45 -31.00
N PHE F 413 -33.28 -28.81 -32.16
CA PHE F 413 -33.74 -27.85 -33.14
C PHE F 413 -34.87 -26.95 -32.59
N GLU F 414 -35.87 -27.58 -31.99
CA GLU F 414 -37.00 -26.84 -31.45
C GLU F 414 -36.55 -25.76 -30.49
N HIS F 415 -35.65 -26.12 -29.58
CA HIS F 415 -35.20 -25.15 -28.61
C HIS F 415 -34.23 -24.12 -29.16
N PHE F 416 -33.41 -24.50 -30.13
CA PHE F 416 -32.50 -23.55 -30.69
C PHE F 416 -33.29 -22.39 -31.32
N ILE F 417 -34.24 -22.73 -32.19
CA ILE F 417 -35.04 -21.72 -32.85
C ILE F 417 -35.83 -20.88 -31.86
N GLU F 418 -36.27 -21.52 -30.78
CA GLU F 418 -37.04 -20.82 -29.78
C GLU F 418 -36.16 -19.75 -29.15
N ALA F 419 -34.99 -20.17 -28.67
CA ALA F 419 -34.08 -19.25 -28.02
C ALA F 419 -33.69 -18.09 -28.93
N LYS F 420 -33.35 -18.42 -30.17
CA LYS F 420 -32.91 -17.40 -31.11
C LYS F 420 -34.01 -16.47 -31.59
N GLU F 421 -35.22 -16.99 -31.68
CA GLU F 421 -36.34 -16.18 -32.14
C GLU F 421 -36.73 -15.14 -31.09
N ILE F 422 -36.70 -15.52 -29.82
CA ILE F 422 -37.03 -14.55 -28.78
C ILE F 422 -35.81 -13.63 -28.63
N GLU F 423 -34.63 -14.17 -28.89
CA GLU F 423 -33.40 -13.39 -28.80
C GLU F 423 -33.42 -12.24 -29.81
N TRP F 424 -33.70 -12.58 -31.05
CA TRP F 424 -33.77 -11.60 -32.10
C TRP F 424 -34.88 -10.60 -31.79
N ASP F 425 -36.00 -11.12 -31.32
CA ASP F 425 -37.15 -10.27 -31.03
C ASP F 425 -36.80 -9.16 -30.04
N MET F 426 -35.99 -9.49 -29.05
CA MET F 426 -35.56 -8.51 -28.07
C MET F 426 -34.76 -7.41 -28.77
N PHE F 427 -33.83 -7.83 -29.62
CA PHE F 427 -32.99 -6.90 -30.36
C PHE F 427 -33.80 -5.97 -31.29
N ARG F 428 -34.72 -6.60 -32.03
CA ARG F 428 -35.57 -5.91 -32.98
C ARG F 428 -36.42 -4.82 -32.32
N THR F 429 -36.88 -5.07 -31.10
CA THR F 429 -37.72 -4.10 -30.41
C THR F 429 -36.94 -3.07 -29.61
N GLN F 430 -35.64 -3.27 -29.54
CA GLN F 430 -34.76 -2.38 -28.80
C GLN F 430 -34.54 -1.05 -29.51
N VAL F 431 -34.35 0.01 -28.75
CA VAL F 431 -34.10 1.31 -29.37
C VAL F 431 -32.69 1.75 -29.01
N HIS F 432 -31.79 1.75 -29.98
CA HIS F 432 -30.41 2.08 -29.68
C HIS F 432 -30.04 3.57 -29.70
N PRO F 433 -28.95 3.94 -29.01
CA PRO F 433 -28.53 5.35 -29.00
C PRO F 433 -28.39 5.90 -30.43
N TRP F 434 -27.80 5.10 -31.31
CA TRP F 434 -27.58 5.46 -32.73
C TRP F 434 -28.85 6.05 -33.33
N GLU F 435 -29.95 5.32 -33.19
CA GLU F 435 -31.24 5.76 -33.71
C GLU F 435 -31.60 7.15 -33.21
N ARG F 436 -31.35 7.39 -31.93
CA ARG F 436 -31.64 8.69 -31.33
C ARG F 436 -30.66 9.74 -31.84
N GLU F 437 -29.41 9.35 -32.02
CA GLU F 437 -28.39 10.29 -32.52
C GLU F 437 -28.70 10.72 -33.94
N GLN F 438 -29.46 9.88 -34.63
CA GLN F 438 -29.82 10.11 -36.04
C GLN F 438 -31.22 10.60 -36.31
N TYR F 439 -32.08 10.58 -35.31
CA TYR F 439 -33.45 11.02 -35.59
C TYR F 439 -34.02 11.98 -34.59
N MET F 440 -33.40 12.03 -33.42
CA MET F 440 -33.86 12.91 -32.35
C MET F 440 -33.98 14.35 -32.83
N SER F 441 -32.96 14.86 -33.51
CA SER F 441 -33.00 16.23 -33.99
C SER F 441 -33.41 16.37 -35.45
N GLN F 442 -32.97 15.45 -36.30
CA GLN F 442 -33.30 15.49 -37.72
C GLN F 442 -34.81 15.47 -37.94
N TYR F 443 -35.52 14.80 -37.03
CA TYR F 443 -36.97 14.65 -37.06
C TYR F 443 -37.65 15.26 -35.81
#